data_8X93
#
_entry.id   8X93
#
_cell.length_a   1.00
_cell.length_b   1.00
_cell.length_c   1.00
_cell.angle_alpha   90.00
_cell.angle_beta   90.00
_cell.angle_gamma   90.00
#
_symmetry.space_group_name_H-M   'P 1'
#
loop_
_entity.id
_entity.type
_entity.pdbx_description
1 polymer 'Voltage-dependent L-type calcium channel subunit beta-3'
2 polymer 'Voltage-dependent calcium channel subunit alpha-2/delta-1'
3 polymer 'Voltage-dependent P/Q-type calcium channel subunit alpha-1A'
4 branched 2-acetamido-2-deoxy-beta-D-glucopyranose-(1-4)-2-acetamido-2-deoxy-beta-D-glucopyranose-(1-4)-2-acetamido-2-deoxy-beta-D-glucopyranose
5 branched 2-acetamido-2-deoxy-beta-D-glucopyranose-(1-4)-2-acetamido-2-deoxy-beta-D-glucopyranose
6 branched 2-acetamido-2-deoxy-beta-D-glucopyranose-(1-4)-2-acetamido-2-deoxy-beta-D-glucopyranose-(1-4)-2-acetamido-2-deoxy-beta-D-glucopyranose-(1-4)-2-acetamido-2-deoxy-beta-D-glucopyranose
7 non-polymer 'CALCIUM ION'
8 non-polymer 2-acetamido-2-deoxy-beta-D-glucopyranose
9 non-polymer CHOLESTEROL
10 non-polymer '[(2R)-1-octadecanoyloxy-3-[oxidanyl-[(1R,2R,3S,4R,5R,6S)-2,3,6-tris(oxidanyl)-4,5-diphosphonooxy-cyclohexyl]oxy-phospho ryl]oxy-propan-2-yl] (8Z)-icosa-5,8,11,14-tetraenoate'
11 non-polymer 'CHOLESTEROL HEMISUCCINATE'
12 non-polymer 1,2-Distearoyl-sn-glycerophosphoethanolamine
#
loop_
_entity_poly.entity_id
_entity_poly.type
_entity_poly.pdbx_seq_one_letter_code
_entity_poly.pdbx_strand_id
1 'polypeptide(L)'
;MYDDSYVPGFEDSEAGSADSYTSRPSLDSDVSLEEDRESARREVESQAQQQLERAKHKPVAFAVRTNVSYCGVLDEECPV
QGSGVNFEAKDFLHIKEKYSNDWWIGRLVKEGGDIAFIPSPQRLESIRLKQEQKARRSGNPSSLSDIGNRRSPPPSLAKQ
KQKQAEHVPPYDVVPSMRPVVLVGPSLKGYEVTDMMQKALFDFLKHRFDGRISITRVTADLSLAKRSVLNNPGKRTIIER
SSARSSIAEVQSEIERIFELAKSLQLVVLDADTINHPAQLAKTSLAPIIVFVKVSSPKVLQRLIRSRGKSQMKHLTVQMM
AYDKLVQCPPESFDVILDENQLEDACEHLAEYLEVYWRATHHPAPGPGLLGPPSAIPGLQNQQLLGERGEEHSPLERDSL
MPSDEASESSRQAWTGSSQRSSRHLEEDYADAYQDLYQPHRQHTSGLPSANGHDPQDRLLAQDSEHNHSDRNWQRNRPWP
KDSYLEHHHHHHHHHH
;
C
2 'polypeptide(L)'
;MAAGCLLALTLTLFQSLLIGPSSEEPFPSAVTIKSWVDKMQEDLVTLAKTASGVNQLVDIYEKYQDLYTVEPNNARQLVE
IAARDIEKLLSNRSKALVRLALEAEKVQAAHQWREDFASNEVVYYNAKDDLDPEKNDSEPGSQRIKPVFIEDANFGRQIS
YQHAAVHIPTDIYEGSTIVLNELNWTSALDEVFKKNREEDPSLLWQVFGSATGLARYYPASPWVDNSRTPNKIDLYDVRR
RPWYIQGAASPKDMLILVDVSGSVSGLTLKLIRTSVSEMLETLSDDDFVNVASFNSNAQDVSCFQHLVQANVRNKKVLKD
AVNNITAKGITDYKKGFSFAFEQLLNYNVSRANCNKIIMLFTDGGEERAQEIFNKYNKDKKVRVFTFSVGQHNYDRGPIQ
WMACENKGYYYEIPSIGAIRINTQEYLDVLGRPMVLAGDKAKQVQWTNVYLDALELGLVITGTLPVFNITGQFENKTNLK
NQLILGVMGVDVSLEDIKRLTPRFTLCPNGYYFAIDPNGYVLLHPNLQPKPIGVGIPTINLRKRRPNIQNPKSQEPVTLD
FLDAELENDIKVEIRNKMIDGESGEKTFRTLVKSQDERYIDKGNRTYTWTPVNGTDYSLALVLPTYSFYYIKAKLEETIT
QARYSETLKPDNFEESGYTFIAPRDYCNDLKISDNNTEFLLNFNEFIDRKTPNNPSCNADLINRVLLDAGFTNELVQNYW
SKQKNIKGVKARFVVTDGGITRVYPKEAGENWQENPETYEDSFYKRSLDNDNYVFTAPYFNKSGPGAYESGIMVSKAVEI
YIQGKLLKPAVVGIKIDVNSWIENFTKTSIRDPCAGPVCDCKRNSDVMDCVILDDGGFLLMANHDDYTNQIGRFFGEIDP
SLMRHLVNISVYAFNKSYDYQSVCEPGAAPKQGAGHRSAYVPSVADILQIGWWATAAAWSILQQFLLSLTFPRLLEAVEM
EDDDFTASLSKQSCITEQTQYFFDNDSKSFSGVLDCGNCSRIFHGEKLMNTNLIFIMVESKGTCPCDTRLLIQAEQTSDG
PNPCDMVKQPRYRKGPDVCFDNNVLEDYTDCGGVSGLNPSLWYIIGIQFLLLWLVSGSTHRLLLEHHHHHHHHHH
;
B
3 'polypeptide(L)'
;MASWSHPQFEKGGGARGGSGGGSWSHPQFEKGFDYKDDDDKGTMARFGDEMPARYGGGGSGAAAGVVVGSGGGRGAGGSR
QGGQPGAQRMYKQSMAQRARTMALYNPIPVRQNCLTVNRSLFLFSEDNVVRKYAKKITEWPPFEYMILATIIANCIVLAL
EQHLPDDDKTPMSERLDDTEPYFIGIFCFEAGIKIIALGFAFHKGSYLRNGWNVMDFVVVLTGILATVGTEFDLRTLRAV
RVLRPLKLVSGIPSLQVVLKSIMKAMIPLLQIGLLLFFAILIFAIIGLEFYMGKFHTTCFEEGTDDIQGESPAPCGTEEP
ARTCPNGTKCQPYWEGPNNGITQFDNILFAVLTVFQCITMEGWTDLLYNSNDASGNTWNWLYFIPLIIIGSFFMLNLVLG
VLSGEFAKERERVENRRAFLKLRRQQQIERELNGYMEWISKAEEVILAEDETDGEQRHPFDALRRTTIKKSKTDLLNPEE
AEDQLADIASVGSPFARASIKSAKLENSTFFHKKERRMRFYIRRMVKTQAFYWTVLSLVALNTLCVAIVHYNQPEWLSDF
LYYAEFIFLGLFMSEMFIKMYGLGTRPYFHSSFNCFDCGVIIGSIFEVIWAVIKPGTSFGISVLRALRLLRIFKVTKYWA
SLRNLVVSLLNSMKSIISLLFLLFLFIVVFALLGMQLFGGQFNFDEGTPPTNFDTFPAAIMTVFQILTGEDWNEVMYDGI
KSQGGVQGGMVFSIYFIVLTLFGNYTLLNVFLAIAVDNLANAQELTKDEQEEEEAANQKLALQKAKEVAEVSPLSAANMS
IAVKEQQKNQKPAKSVWEQRTSEMRKQNLLASREALYNEMDPDERWKAAYTRHLRPDMKTHLDRPLVVDPQENRNNNTNK
SRAAEPTVDQRLGQQRAEDFLRKQARYHDRARDPSGSAGLDARRPWAGSQEAELSREGPYGRESDHHAREGSLEQPGFWE
GEAERGKAGDPHRRHVHRQGGSRESRSGSPRTGADGEHRRHRAHRRPGEEGPEDKAERRARHREGSRPARGGEGEGEGPD
GGERRRRHRHGAPATYEGDARREDKERRHRRRKENQGSGVPVSGPNLSTTRPIQQDLGRQDPPLAEDIDNMKNNKLATAE
SAAPHGSLGHAGLPQSPAKMGNSTDPGPMLAIPAMATNPQNAASRRTPNNPGNPSNPGPPKTPENSLIVTNPSGTQTNSA
KTARKPDHTTVDIPPACPPPLNHTVVQVNKNANPDPLPKKEEEKKEEEEDDRGEDGPKPMPPYSSMFILSTTNPLRRLCH
YILNLRYFEMCILMVIAMSSIALAAEDPVQPNAPRNNVLRYFDYVFTGVFTFEMVIKMIDLGLVLHQGAYFRDLWNILDF
IVVSGALVAFAFTGNSKGKDINTIKSLRVLRVLRPLKTIKRLPKLKAVFDCVVNSLKNVFNILIVYMLFMFIFAVVAVQL
FKGKFFHCTDESKEFEKDCRGKYLLYEKNEVKARDREWKKYEFHYDNVLWALLTLFTVSTGEGWPQVLKHSVDATFENQG
PSPGYRMEMSIFYVVYFVVFPFFFVNIFVALIIITFQEQGDKMMEEYSLEKNERACIDFAISAKPLTRHMPQNKQSFQYR
MWQFVVSPPFEYTIMAMIALNTIVLMMKFYGASVAYENALRVFNIVFTSLFSLECVLKVMAFGILNYFRDAWNIFDFVTV
LGSITDILVTEFGNNFINLSFLRLFRAARLIKLLRQGYTIRILLWTFVQSFKALPYVCLLIAMLFFIYAIIGMQVFGNIG
IDVEDEDSDEDEFQITEHNNFRTFFQALMLLFRSATGEAWHNIMLSCLSGKPCDKNSGILTRECGNEFAYFYFVSFIFLC
SFLMLNLFVAVIMDNFEYLTRDSSILGPHHLDEYVRVWAEYDPAAWGRMPYLDMYQMLRHMSPPLGLGKKCPARVAYKRL
LRMDLPVADDNTVHFNSTLMALIRTALDIKIAKGGADKQQMDAELRKEMMAIWPNLSQKTLDLLVTPHKSTDLTVGKIYA
AMMIMEYYRQSKAKKLQAMREEQDRTPLMFQRMEPPSPTQEGGPGQNALPSTQLDPGGALMAHESGLKESPSWVTQRAQE
MFQKTGTWSPEQGPPTDMPNSQPNSQSVEMREMGRDGYSDSEHYLPMEGQGRAASMPRLPAENQRRRGRPRGNNLSTISD
TSPMKRSASVLGPKARRLDDYSLERVPPEENQRHHQRRRDRSHRASERSLGRYTDVDTGLGTDLSMTTQSGDLPSKERDQ
ERGRPKDRKHRQHHHHHHHHHHPPPPDKDRYAQERPDHGRARARDQRWSRSPSEGREHMAHRQGSSSVSGSPAPSTSGTS
TPRRGRRQLPQTPSTPRPHVSYSPVIRKAGGSGPPQQQQQQQQQQQQQAVARPGRAATSGPRRYPGPTAEPLAGDRPPTG
GHSSGRSPRMERRVPGPARSESPRACRHGGARWPASGPHVSEGPPGPRHHGYYRGSDYDEADGPGSGGGEEAMAGAYDAP
PPVRHASSGATGRSPRTPRASGPACASPSRHGRRLPNGYYPAHGLARPRGPGSRKGLHEPYSESDDDWC
;
A
#
loop_
_chem_comp.id
_chem_comp.type
_chem_comp.name
_chem_comp.formula
3PE non-polymer 1,2-Distearoyl-sn-glycerophosphoethanolamine 'C41 H82 N O8 P'
CA non-polymer 'CALCIUM ION' 'Ca 2'
CLR non-polymer CHOLESTEROL 'C27 H46 O'
NAG D-saccharide, beta linking 2-acetamido-2-deoxy-beta-D-glucopyranose 'C8 H15 N O6'
PT5 non-polymer '[(2R)-1-octadecanoyloxy-3-[oxidanyl-[(1R,2R,3S,4R,5R,6S)-2,3,6-tris(oxidanyl)-4,5-diphosphonooxy-cyclohexyl]oxy-phospho ryl]oxy-propan-2-yl] (8Z)-icosa-5,8,11,14-tetraenoate' 'C47 H85 O19 P3'
Y01 non-polymer 'CHOLESTEROL HEMISUCCINATE' 'C31 H50 O4'
#
# COMPACT_ATOMS: atom_id res chain seq x y z
N GLU A 38 -28.61 112.52 27.05
CA GLU A 38 -28.08 113.54 26.16
C GLU A 38 -28.33 113.19 24.70
N SER A 39 -28.72 114.19 23.90
CA SER A 39 -28.97 113.95 22.48
C SER A 39 -27.68 113.80 21.68
N ALA A 40 -26.57 114.36 22.18
CA ALA A 40 -25.32 114.29 21.44
C ALA A 40 -24.81 112.85 21.32
N ARG A 41 -24.86 112.08 22.41
CA ARG A 41 -24.38 110.71 22.36
C ARG A 41 -25.27 109.85 21.46
N ARG A 42 -26.58 110.08 21.49
CA ARG A 42 -27.49 109.31 20.64
C ARG A 42 -27.29 109.65 19.17
N GLU A 43 -27.06 110.93 18.86
CA GLU A 43 -26.87 111.32 17.46
C GLU A 43 -25.61 110.71 16.87
N VAL A 44 -24.50 110.75 17.62
CA VAL A 44 -23.27 110.12 17.14
C VAL A 44 -23.41 108.61 17.16
N GLU A 45 -24.30 108.08 17.99
CA GLU A 45 -24.59 106.65 17.97
C GLU A 45 -25.25 106.24 16.66
N SER A 46 -26.28 106.98 16.24
CA SER A 46 -26.97 106.67 15.00
C SER A 46 -26.06 106.88 13.79
N GLN A 47 -25.23 107.92 13.83
CA GLN A 47 -24.31 108.17 12.72
C GLN A 47 -23.31 107.04 12.58
N ALA A 48 -22.81 106.51 13.70
CA ALA A 48 -21.87 105.39 13.65
C ALA A 48 -22.54 104.15 13.06
N GLN A 49 -23.78 103.88 13.45
CA GLN A 49 -24.49 102.73 12.89
C GLN A 49 -24.72 102.89 11.39
N GLN A 50 -25.09 104.08 10.95
CA GLN A 50 -25.27 104.32 9.52
C GLN A 50 -23.95 104.17 8.77
N GLN A 51 -22.86 104.68 9.36
CA GLN A 51 -21.54 104.52 8.74
C GLN A 51 -21.15 103.05 8.67
N LEU A 52 -21.44 102.29 9.75
CA LEU A 52 -21.15 100.87 9.74
C LEU A 52 -21.98 100.13 8.70
N GLU A 53 -23.27 100.45 8.62
CA GLU A 53 -24.15 99.75 7.67
C GLU A 53 -23.71 99.98 6.23
N ARG A 54 -23.29 101.20 5.92
CA ARG A 54 -22.82 101.52 4.58
C ARG A 54 -21.46 100.91 4.28
N ALA A 55 -20.65 100.65 5.31
CA ALA A 55 -19.30 100.13 5.13
C ALA A 55 -19.23 98.62 5.28
N LYS A 56 -20.37 97.94 5.37
CA LYS A 56 -20.37 96.48 5.51
C LYS A 56 -19.84 95.80 4.25
N HIS A 57 -19.91 96.48 3.11
CA HIS A 57 -19.54 95.88 1.83
C HIS A 57 -18.42 96.64 1.15
N LYS A 58 -17.38 96.99 1.89
CA LYS A 58 -16.26 97.74 1.35
C LYS A 58 -14.96 97.00 1.60
N PRO A 59 -13.93 97.23 0.77
CA PRO A 59 -12.67 96.51 0.93
C PRO A 59 -11.97 96.86 2.24
N VAL A 60 -11.22 95.89 2.75
CA VAL A 60 -10.44 96.06 3.97
C VAL A 60 -9.20 96.88 3.68
N ALA A 61 -8.81 97.74 4.63
CA ALA A 61 -7.64 98.58 4.44
C ALA A 61 -6.34 97.81 4.70
N PHE A 62 -6.16 97.34 5.93
CA PHE A 62 -4.97 96.58 6.31
C PHE A 62 -5.28 95.84 7.61
N ALA A 63 -4.27 95.16 8.15
CA ALA A 63 -4.44 94.35 9.35
C ALA A 63 -3.34 94.65 10.35
N VAL A 64 -3.62 94.33 11.61
CA VAL A 64 -2.71 94.60 12.72
C VAL A 64 -2.48 93.31 13.48
N ARG A 65 -1.40 93.28 14.26
CA ARG A 65 -1.08 92.18 15.15
C ARG A 65 -1.03 92.69 16.58
N THR A 66 -1.65 91.95 17.49
CA THR A 66 -1.73 92.36 18.89
C THR A 66 -0.87 91.45 19.75
N ASN A 67 -0.52 91.95 20.93
CA ASN A 67 0.29 91.18 21.88
C ASN A 67 -0.23 91.28 23.30
N VAL A 68 -1.43 91.81 23.51
CA VAL A 68 -2.02 91.97 24.84
C VAL A 68 -3.45 91.45 24.80
N SER A 69 -3.86 90.77 25.87
CA SER A 69 -5.21 90.24 26.00
C SER A 69 -6.10 91.34 26.58
N TYR A 70 -6.68 92.15 25.69
CA TYR A 70 -7.55 93.24 26.08
C TYR A 70 -8.89 93.11 25.37
N CYS A 71 -9.96 93.46 26.07
CA CYS A 71 -11.31 93.39 25.52
C CYS A 71 -11.81 94.79 25.21
N GLY A 72 -12.27 95.00 23.99
CA GLY A 72 -12.80 96.27 23.54
C GLY A 72 -14.29 96.43 23.70
N VAL A 73 -14.95 95.53 24.43
CA VAL A 73 -16.39 95.59 24.62
C VAL A 73 -16.70 96.12 26.01
N LEU A 74 -15.75 95.94 26.93
CA LEU A 74 -15.92 96.36 28.32
C LEU A 74 -15.48 97.79 28.58
N ASP A 75 -14.88 98.46 27.60
CA ASP A 75 -14.44 99.84 27.79
C ASP A 75 -15.58 100.80 27.45
N GLU A 76 -15.90 101.69 28.39
CA GLU A 76 -17.03 102.59 28.24
C GLU A 76 -16.72 103.78 27.34
N GLU A 77 -15.46 104.00 26.97
CA GLU A 77 -15.08 105.12 26.13
C GLU A 77 -15.28 104.85 24.64
N CYS A 78 -15.70 103.64 24.28
CA CYS A 78 -15.94 103.33 22.88
C CYS A 78 -17.14 104.13 22.36
N PRO A 79 -17.11 104.52 21.08
CA PRO A 79 -18.23 105.30 20.54
C PRO A 79 -19.57 104.57 20.59
N VAL A 80 -19.57 103.25 20.41
CA VAL A 80 -20.79 102.46 20.41
C VAL A 80 -20.65 101.33 21.41
N GLN A 81 -21.59 101.25 22.35
CA GLN A 81 -21.59 100.19 23.34
C GLN A 81 -22.39 98.99 22.84
N GLY A 82 -21.93 97.80 23.21
CA GLY A 82 -22.56 96.56 22.78
C GLY A 82 -22.04 96.02 21.46
N SER A 83 -21.13 96.72 20.79
CA SER A 83 -20.54 96.28 19.54
C SER A 83 -19.02 96.27 19.63
N GLY A 84 -18.50 95.90 20.81
CA GLY A 84 -17.07 95.84 21.01
C GLY A 84 -16.47 94.51 20.61
N VAL A 85 -15.17 94.37 20.83
CA VAL A 85 -14.42 93.17 20.46
C VAL A 85 -13.80 92.58 21.72
N ASN A 86 -14.15 91.34 22.01
CA ASN A 86 -13.53 90.59 23.11
C ASN A 86 -12.50 89.62 22.56
N PHE A 87 -11.35 90.18 22.18
CA PHE A 87 -10.28 89.42 21.54
C PHE A 87 -9.14 89.18 22.52
N GLU A 88 -8.59 87.98 22.50
CA GLU A 88 -7.44 87.65 23.31
C GLU A 88 -6.15 87.91 22.52
N ALA A 89 -5.02 87.55 23.10
CA ALA A 89 -3.73 87.71 22.43
C ALA A 89 -3.62 86.68 21.30
N LYS A 90 -2.56 86.83 20.51
CA LYS A 90 -2.32 85.96 19.34
C LYS A 90 -3.51 85.97 18.40
N ASP A 91 -4.10 87.15 18.20
CA ASP A 91 -5.31 87.29 17.40
C ASP A 91 -5.10 88.35 16.33
N PHE A 92 -5.91 88.26 15.27
CA PHE A 92 -5.76 89.10 14.09
C PHE A 92 -6.96 90.03 13.98
N LEU A 93 -6.70 91.29 13.62
CA LEU A 93 -7.75 92.27 13.44
C LEU A 93 -7.63 92.89 12.05
N HIS A 94 -8.79 93.21 11.46
CA HIS A 94 -8.85 93.75 10.10
C HIS A 94 -9.57 95.09 10.13
N ILE A 95 -8.83 96.17 9.91
CA ILE A 95 -9.38 97.52 9.90
C ILE A 95 -9.71 97.91 8.46
N LYS A 96 -10.89 98.48 8.27
CA LYS A 96 -11.36 98.87 6.93
C LYS A 96 -11.46 100.37 6.77
N GLU A 97 -12.20 101.06 7.63
CA GLU A 97 -12.46 102.48 7.50
C GLU A 97 -11.74 103.26 8.59
N LYS A 98 -11.89 104.58 8.54
CA LYS A 98 -11.22 105.51 9.44
C LYS A 98 -12.25 106.13 10.37
N TYR A 99 -11.97 106.13 11.67
CA TYR A 99 -12.86 106.75 12.64
C TYR A 99 -12.24 107.96 13.34
N SER A 100 -11.12 107.77 14.02
CA SER A 100 -10.50 108.82 14.82
C SER A 100 -9.13 108.31 15.28
N ASN A 101 -8.46 109.09 16.11
CA ASN A 101 -7.15 108.73 16.63
C ASN A 101 -7.21 107.88 17.88
N ASP A 102 -8.40 107.60 18.41
CA ASP A 102 -8.56 106.81 19.62
C ASP A 102 -9.19 105.45 19.37
N TRP A 103 -10.11 105.35 18.41
CA TRP A 103 -10.78 104.09 18.11
C TRP A 103 -10.81 103.88 16.60
N TRP A 104 -10.98 102.62 16.21
CA TRP A 104 -11.04 102.24 14.81
C TRP A 104 -12.09 101.16 14.62
N ILE A 105 -12.62 101.07 13.41
CA ILE A 105 -13.55 100.01 13.05
C ILE A 105 -12.75 98.82 12.53
N GLY A 106 -12.96 97.66 13.15
CA GLY A 106 -12.26 96.46 12.74
C GLY A 106 -13.22 95.29 12.63
N ARG A 107 -12.69 94.19 12.11
CA ARG A 107 -13.41 92.93 12.02
C ARG A 107 -12.49 91.80 12.46
N LEU A 108 -13.08 90.72 12.94
CA LEU A 108 -12.32 89.60 13.46
C LEU A 108 -12.15 88.52 12.40
N VAL A 109 -11.08 87.74 12.55
CA VAL A 109 -10.84 86.61 11.65
C VAL A 109 -11.67 85.39 12.01
N LYS A 110 -12.42 85.42 13.10
CA LYS A 110 -13.36 84.36 13.39
C LYS A 110 -14.50 84.36 12.36
N GLU A 111 -14.98 83.17 12.04
CA GLU A 111 -16.12 83.02 11.14
C GLU A 111 -17.38 83.48 11.84
N GLY A 112 -18.14 84.35 11.19
CA GLY A 112 -19.30 84.94 11.81
C GLY A 112 -19.02 86.16 12.67
N GLY A 113 -17.75 86.53 12.83
CA GLY A 113 -17.41 87.72 13.60
C GLY A 113 -17.94 88.98 12.94
N ASP A 114 -18.75 89.73 13.68
CA ASP A 114 -19.37 90.93 13.14
C ASP A 114 -18.41 92.11 13.21
N ILE A 115 -18.85 93.25 12.67
CA ILE A 115 -18.04 94.46 12.68
C ILE A 115 -18.02 95.03 14.09
N ALA A 116 -16.82 95.30 14.61
CA ALA A 116 -16.63 95.81 15.95
C ALA A 116 -15.69 97.01 15.90
N PHE A 117 -15.36 97.53 17.08
CA PHE A 117 -14.49 98.68 17.24
C PHE A 117 -13.23 98.26 18.00
N ILE A 118 -12.08 98.68 17.48
CA ILE A 118 -10.78 98.30 18.02
C ILE A 118 -10.08 99.56 18.51
N PRO A 119 -9.35 99.51 19.63
CA PRO A 119 -8.63 100.69 20.10
C PRO A 119 -7.47 101.06 19.18
N SER A 120 -7.14 102.34 19.17
CA SER A 120 -5.96 102.82 18.49
C SER A 120 -4.71 102.40 19.27
N PRO A 121 -3.54 102.34 18.61
CA PRO A 121 -2.32 102.01 19.36
C PRO A 121 -2.01 103.03 20.45
N GLN A 122 -2.36 104.30 20.24
CA GLN A 122 -2.22 105.27 21.32
C GLN A 122 -3.19 104.99 22.46
N ARG A 123 -4.40 104.53 22.12
CA ARG A 123 -5.40 104.25 23.14
C ARG A 123 -4.95 103.12 24.07
N LEU A 124 -4.39 102.06 23.50
CA LEU A 124 -3.96 100.94 24.33
C LEU A 124 -2.79 101.32 25.23
N GLU A 125 -1.89 102.18 24.74
CA GLU A 125 -0.84 102.70 25.60
C GLU A 125 -1.41 103.51 26.75
N SER A 126 -2.44 104.30 26.48
CA SER A 126 -3.15 105.01 27.55
C SER A 126 -3.83 104.04 28.51
N ILE A 127 -4.49 103.01 27.97
CA ILE A 127 -5.19 102.07 28.84
C ILE A 127 -4.21 101.14 29.54
N ARG A 128 -3.03 100.90 28.94
CA ARG A 128 -2.00 100.15 29.63
C ARG A 128 -1.52 100.88 30.87
N LEU A 129 -1.37 102.20 30.78
CA LEU A 129 -1.09 103.00 31.97
C LEU A 129 -2.29 102.97 32.92
N LYS A 130 -3.50 102.81 32.37
CA LYS A 130 -4.69 102.70 33.22
C LYS A 130 -4.77 101.33 33.90
N GLN A 131 -4.19 100.29 33.29
CA GLN A 131 -4.19 98.98 33.93
C GLN A 131 -3.34 98.98 35.20
N GLU A 132 -2.18 99.64 35.16
CA GLU A 132 -1.20 99.57 36.24
C GLU A 132 -1.39 100.67 37.28
N GLN A 133 -2.39 101.54 37.11
CA GLN A 133 -2.62 102.61 38.07
C GLN A 133 -3.64 102.25 39.14
N LYS A 134 -4.44 101.21 38.93
CA LYS A 134 -5.39 100.78 39.95
C LYS A 134 -4.71 100.19 41.17
N ALA A 135 -3.47 99.72 41.03
CA ALA A 135 -2.76 99.14 42.16
C ALA A 135 -2.41 100.22 43.18
N ARG A 136 -2.01 99.77 44.37
CA ARG A 136 -1.69 100.70 45.45
C ARG A 136 -0.51 101.60 45.08
N ARG A 137 0.55 101.03 44.50
CA ARG A 137 1.73 101.79 44.13
C ARG A 137 2.22 101.33 42.77
N SER A 138 2.85 102.26 42.05
CA SER A 138 3.37 102.00 40.71
C SER A 138 4.79 102.50 40.48
N GLY A 139 5.26 103.47 41.25
CA GLY A 139 6.60 104.02 41.11
C GLY A 139 7.55 103.46 42.12
N ASN A 140 8.51 104.29 42.55
CA ASN A 140 9.48 103.91 43.56
C ASN A 140 8.97 103.80 44.99
N PRO A 141 7.99 104.63 45.47
CA PRO A 141 7.69 104.62 46.91
C PRO A 141 6.80 103.45 47.29
N SER A 142 7.36 102.53 48.07
CA SER A 142 6.60 101.37 48.53
C SER A 142 5.65 101.76 49.66
N SER A 143 4.58 100.98 49.80
CA SER A 143 3.57 101.18 50.83
C SER A 143 3.77 100.25 52.03
N LEU A 144 5.02 99.92 52.36
CA LEU A 144 5.32 99.05 53.50
C LEU A 144 5.32 99.89 54.79
N SER A 145 4.10 100.28 55.19
CA SER A 145 3.89 101.09 56.38
C SER A 145 4.69 102.39 56.32
N ASP A 146 4.74 103.00 55.14
CA ASP A 146 5.44 104.26 54.91
C ASP A 146 4.45 105.23 54.26
N ILE A 147 3.68 105.93 55.09
CA ILE A 147 2.70 106.90 54.63
C ILE A 147 2.97 108.22 55.34
N GLY A 148 3.08 109.31 54.57
CA GLY A 148 3.32 110.62 55.13
C GLY A 148 4.77 110.95 55.40
N ASN A 149 5.70 110.03 55.13
CA ASN A 149 7.13 110.26 55.35
C ASN A 149 7.84 110.66 54.06
N ARG A 150 7.74 109.84 53.03
CA ARG A 150 8.37 110.10 51.73
C ARG A 150 7.26 110.17 50.68
N ARG A 151 6.85 111.39 50.34
CA ARG A 151 5.80 111.56 49.34
C ARG A 151 6.24 111.04 47.98
N SER A 152 7.49 111.32 47.59
CA SER A 152 8.10 110.81 46.38
C SER A 152 7.25 111.12 45.14
N PRO A 153 7.21 112.36 44.67
CA PRO A 153 6.43 112.68 43.47
C PRO A 153 6.92 111.87 42.28
N PRO A 154 6.02 111.46 41.39
CA PRO A 154 6.40 110.58 40.28
C PRO A 154 7.36 111.26 39.32
N PRO A 155 8.57 110.73 39.18
CA PRO A 155 9.53 111.32 38.23
C PRO A 155 9.32 110.81 36.82
N SER A 156 10.23 111.15 35.91
CA SER A 156 10.14 110.65 34.55
C SER A 156 10.30 109.13 34.47
N LEU A 157 10.81 108.51 35.54
CA LEU A 157 10.94 107.05 35.58
C LEU A 157 9.60 106.35 35.67
N ALA A 158 8.59 106.98 36.27
CA ALA A 158 7.31 106.32 36.51
C ALA A 158 6.36 106.41 35.32
N LYS A 159 6.74 107.11 34.26
CA LYS A 159 5.91 107.24 33.07
C LYS A 159 6.45 106.29 31.99
N GLN A 160 5.78 106.22 30.85
CA GLN A 160 6.20 105.36 29.76
C GLN A 160 7.41 105.90 29.01
N LYS A 161 7.91 107.08 29.39
CA LYS A 161 9.10 107.62 28.74
C LYS A 161 10.30 106.71 28.94
N GLN A 162 10.45 106.14 30.13
CA GLN A 162 11.53 105.22 30.43
C GLN A 162 11.15 103.83 29.93
N LYS A 163 11.94 102.82 30.31
CA LYS A 163 11.75 101.44 29.87
C LYS A 163 11.75 101.36 28.34
N GLN A 164 12.66 102.12 27.71
CA GLN A 164 12.74 102.20 26.27
C GLN A 164 13.83 101.33 25.67
N ALA A 165 14.39 100.41 26.46
CA ALA A 165 15.41 99.50 25.94
C ALA A 165 14.85 98.62 24.84
N GLU A 166 13.65 98.08 25.05
CA GLU A 166 12.93 97.35 24.01
C GLU A 166 11.65 98.06 23.60
N HIS A 167 10.75 98.30 24.56
CA HIS A 167 9.52 99.06 24.34
C HIS A 167 8.75 98.55 23.12
N VAL A 168 8.28 97.31 23.22
CA VAL A 168 7.57 96.68 22.11
C VAL A 168 6.21 97.36 21.90
N PRO A 169 5.88 97.79 20.68
CA PRO A 169 4.58 98.41 20.46
C PRO A 169 3.46 97.44 20.77
N PRO A 170 2.30 97.94 21.22
CA PRO A 170 1.13 97.06 21.35
C PRO A 170 0.66 96.46 20.04
N TYR A 171 0.85 97.17 18.92
CA TYR A 171 0.49 96.68 17.60
C TYR A 171 1.73 96.40 16.77
N ASP A 172 1.65 95.38 15.93
CA ASP A 172 2.67 95.06 14.97
C ASP A 172 2.06 95.01 13.57
N VAL A 173 2.80 95.50 12.59
CA VAL A 173 2.33 95.51 11.21
C VAL A 173 2.59 94.14 10.61
N VAL A 174 1.52 93.48 10.19
CA VAL A 174 1.61 92.16 9.56
C VAL A 174 0.80 92.21 8.27
N PRO A 175 1.08 91.31 7.34
CA PRO A 175 0.23 91.22 6.15
C PRO A 175 -1.21 90.94 6.54
N SER A 176 -2.13 91.53 5.79
CA SER A 176 -3.55 91.29 6.03
C SER A 176 -3.88 89.82 5.83
N MET A 177 -3.28 89.21 4.81
CA MET A 177 -3.45 87.80 4.52
C MET A 177 -2.17 87.06 4.91
N ARG A 178 -2.31 85.97 5.67
CA ARG A 178 -1.16 85.23 6.16
C ARG A 178 -0.48 84.43 5.05
N PRO A 179 0.80 84.68 4.76
CA PRO A 179 1.53 83.77 3.87
C PRO A 179 1.78 82.44 4.54
N VAL A 180 1.95 81.40 3.73
CA VAL A 180 2.08 80.03 4.21
C VAL A 180 3.49 79.55 3.90
N VAL A 181 4.20 79.08 4.92
CA VAL A 181 5.54 78.52 4.77
C VAL A 181 5.51 77.07 5.24
N LEU A 182 6.06 76.18 4.42
CA LEU A 182 6.09 74.75 4.72
C LEU A 182 7.51 74.36 5.12
N VAL A 183 7.65 73.83 6.34
CA VAL A 183 8.94 73.40 6.86
C VAL A 183 9.12 71.92 6.54
N GLY A 184 10.20 71.60 5.84
CA GLY A 184 10.46 70.24 5.40
C GLY A 184 10.80 69.32 6.55
N PRO A 185 10.83 68.02 6.27
CA PRO A 185 11.22 67.07 7.32
C PRO A 185 12.61 67.32 7.88
N SER A 186 13.64 67.38 7.02
CA SER A 186 15.00 67.57 7.52
C SER A 186 15.65 68.86 7.06
N LEU A 187 15.76 69.05 5.75
CA LEU A 187 16.51 70.17 5.18
C LEU A 187 16.02 70.46 3.77
N LYS A 188 15.71 71.72 3.50
CA LYS A 188 15.29 72.11 2.17
C LYS A 188 16.48 72.13 1.21
N GLY A 189 16.17 72.13 -0.08
CA GLY A 189 17.21 72.07 -1.10
C GLY A 189 17.72 70.69 -1.41
N TYR A 190 17.16 69.65 -0.80
CA TYR A 190 17.58 68.28 -1.03
C TYR A 190 16.41 67.47 -1.57
N GLU A 191 16.74 66.37 -2.25
CA GLU A 191 15.73 65.62 -3.00
C GLU A 191 14.58 65.19 -2.11
N VAL A 192 14.89 64.56 -0.97
CA VAL A 192 13.85 63.99 -0.12
C VAL A 192 12.84 65.07 0.28
N THR A 193 13.34 66.23 0.72
CA THR A 193 12.45 67.32 1.08
C THR A 193 11.77 67.93 -0.15
N ASP A 194 12.50 68.01 -1.27
CA ASP A 194 12.00 68.77 -2.41
C ASP A 194 10.74 68.14 -2.99
N MET A 195 10.76 66.83 -3.26
CA MET A 195 9.53 66.17 -3.68
C MET A 195 8.53 66.12 -2.54
N MET A 196 9.02 66.06 -1.30
CA MET A 196 8.14 66.10 -0.15
C MET A 196 7.38 67.42 -0.08
N GLN A 197 7.93 68.48 -0.66
CA GLN A 197 7.26 69.76 -0.77
C GLN A 197 6.55 69.95 -2.10
N LYS A 198 7.10 69.39 -3.17
CA LYS A 198 6.62 69.69 -4.52
C LYS A 198 5.19 69.20 -4.71
N ALA A 199 4.87 68.02 -4.19
CA ALA A 199 3.54 67.46 -4.36
C ALA A 199 2.48 68.36 -3.71
N LEU A 200 2.78 68.88 -2.53
CA LEU A 200 1.85 69.80 -1.87
C LEU A 200 1.71 71.09 -2.65
N PHE A 201 2.82 71.57 -3.24
CA PHE A 201 2.76 72.79 -4.04
C PHE A 201 1.87 72.61 -5.26
N ASP A 202 1.96 71.44 -5.91
CA ASP A 202 1.11 71.18 -7.06
C ASP A 202 -0.36 71.22 -6.68
N PHE A 203 -0.74 70.54 -5.58
CA PHE A 203 -2.14 70.50 -5.18
C PHE A 203 -2.65 71.89 -4.84
N LEU A 204 -1.80 72.73 -4.25
CA LEU A 204 -2.18 74.12 -4.02
C LEU A 204 -2.45 74.84 -5.33
N LYS A 205 -1.66 74.54 -6.36
CA LYS A 205 -1.87 75.14 -7.67
C LYS A 205 -3.17 74.68 -8.31
N HIS A 206 -3.45 73.37 -8.23
CA HIS A 206 -4.54 72.79 -9.01
C HIS A 206 -5.89 73.01 -8.35
N ARG A 207 -6.06 72.52 -7.11
CA ARG A 207 -7.35 72.59 -6.46
C ARG A 207 -7.81 74.03 -6.27
N PHE A 208 -6.89 74.91 -5.87
CA PHE A 208 -7.21 76.31 -5.58
C PHE A 208 -6.74 77.22 -6.71
N ASP A 209 -6.85 76.76 -7.95
CA ASP A 209 -6.44 77.57 -9.09
C ASP A 209 -7.35 78.78 -9.25
N GLY A 210 -6.76 79.91 -9.62
CA GLY A 210 -7.50 81.15 -9.78
C GLY A 210 -7.66 81.96 -8.52
N ARG A 211 -7.22 81.44 -7.37
CA ARG A 211 -7.31 82.18 -6.12
C ARG A 211 -6.03 82.12 -5.29
N ILE A 212 -5.02 81.37 -5.73
CA ILE A 212 -3.77 81.23 -4.99
C ILE A 212 -2.61 81.50 -5.93
N SER A 213 -1.72 82.38 -5.51
CA SER A 213 -0.50 82.70 -6.25
C SER A 213 0.70 82.22 -5.44
N ILE A 214 1.65 81.58 -6.12
CA ILE A 214 2.82 80.99 -5.47
C ILE A 214 4.03 81.85 -5.82
N THR A 215 4.78 82.27 -4.80
CA THR A 215 6.00 83.03 -4.99
C THR A 215 7.17 82.26 -4.39
N ARG A 216 8.25 82.17 -5.15
CA ARG A 216 9.47 81.51 -4.71
C ARG A 216 10.54 82.56 -4.48
N VAL A 217 11.21 82.50 -3.34
CA VAL A 217 12.27 83.44 -3.00
C VAL A 217 13.53 82.61 -2.75
N THR A 218 14.51 82.76 -3.64
CA THR A 218 15.81 82.13 -3.42
C THR A 218 16.60 82.88 -2.35
N ALA A 219 16.29 84.15 -2.13
CA ALA A 219 17.02 84.97 -1.17
C ALA A 219 16.64 84.57 0.26
N ASP A 220 17.46 84.99 1.22
CA ASP A 220 17.22 84.70 2.61
C ASP A 220 16.08 85.58 3.15
N LEU A 221 15.46 85.12 4.23
CA LEU A 221 14.38 85.86 4.87
C LEU A 221 14.54 85.95 6.39
N SER A 222 15.60 85.41 6.97
CA SER A 222 15.77 85.36 8.41
C SER A 222 16.35 86.64 9.00
N LEU A 223 16.82 87.57 8.16
CA LEU A 223 17.40 88.82 8.62
C LEU A 223 16.38 89.96 8.63
N ALA A 224 15.11 89.64 8.88
CA ALA A 224 14.03 90.63 8.88
C ALA A 224 13.93 91.24 10.27
N LYS A 225 14.59 92.37 10.48
CA LYS A 225 14.58 93.05 11.77
C LYS A 225 13.98 94.44 11.62
N ARG A 226 13.31 94.88 12.68
CA ARG A 226 12.64 96.18 12.70
C ARG A 226 13.14 97.13 13.77
N SER A 227 13.93 96.65 14.73
CA SER A 227 14.45 97.48 15.82
C SER A 227 15.97 97.46 15.86
N VAL A 228 16.60 97.49 14.68
CA VAL A 228 18.06 97.53 14.61
C VAL A 228 18.56 98.95 14.38
N LEU A 229 18.01 99.64 13.37
CA LEU A 229 18.39 101.01 13.08
C LEU A 229 17.29 101.64 12.24
N ASN A 230 17.34 102.96 12.12
CA ASN A 230 16.35 103.68 11.32
C ASN A 230 16.40 103.27 9.86
N ASN A 231 17.62 103.16 9.29
CA ASN A 231 17.78 102.80 7.89
C ASN A 231 19.17 102.27 7.63
N PRO A 232 19.44 100.99 7.92
CA PRO A 232 20.76 100.41 7.63
C PRO A 232 20.93 100.19 6.14
N GLY A 233 21.90 100.88 5.55
CA GLY A 233 22.18 100.73 4.13
C GLY A 233 21.06 101.21 3.24
N LYS A 234 20.70 102.49 3.36
CA LYS A 234 19.59 103.02 2.57
C LYS A 234 19.92 103.08 1.08
N ARG A 235 21.17 103.34 0.73
CA ARG A 235 21.58 103.50 -0.66
C ARG A 235 22.73 102.54 -0.98
N THR A 236 22.81 102.13 -2.23
CA THR A 236 23.86 101.22 -2.67
C THR A 236 25.17 101.92 -2.97
N ILE A 237 25.19 103.25 -2.97
CA ILE A 237 26.41 104.00 -3.27
C ILE A 237 27.18 104.38 -2.02
N ILE A 238 26.67 104.06 -0.83
CA ILE A 238 27.39 104.36 0.40
C ILE A 238 28.66 103.52 0.54
N GLU A 239 28.71 102.37 -0.13
CA GLU A 239 29.83 101.43 -0.01
C GLU A 239 30.03 100.96 1.43
N ARG A 240 28.93 100.86 2.17
CA ARG A 240 28.97 100.41 3.55
C ARG A 240 29.03 98.88 3.61
N SER A 241 29.28 98.36 4.81
CA SER A 241 29.32 96.91 4.99
C SER A 241 27.97 96.28 4.69
N SER A 242 26.88 96.89 5.15
CA SER A 242 25.54 96.40 4.86
C SER A 242 24.99 96.90 3.54
N ALA A 243 25.53 97.99 3.00
CA ALA A 243 25.05 98.50 1.72
C ALA A 243 25.31 97.51 0.60
N ARG A 244 26.50 96.90 0.59
CA ARG A 244 26.84 95.90 -0.41
C ARG A 244 26.55 94.48 0.05
N SER A 245 26.01 94.30 1.25
CA SER A 245 25.70 92.98 1.76
C SER A 245 24.35 92.52 1.21
N SER A 246 23.86 91.39 1.70
CA SER A 246 22.60 90.81 1.25
C SER A 246 21.39 91.35 1.99
N ILE A 247 21.58 92.22 2.98
CA ILE A 247 20.44 92.74 3.75
C ILE A 247 19.57 93.62 2.87
N ALA A 248 20.12 94.18 1.79
CA ALA A 248 19.35 95.09 0.94
C ALA A 248 18.17 94.38 0.28
N GLU A 249 18.44 93.25 -0.37
CA GLU A 249 17.37 92.55 -1.08
C GLU A 249 16.44 91.81 -0.14
N VAL A 250 16.94 91.36 1.01
CA VAL A 250 16.08 90.70 2.00
C VAL A 250 15.03 91.68 2.51
N GLN A 251 15.44 92.91 2.82
CA GLN A 251 14.48 93.92 3.26
C GLN A 251 13.54 94.30 2.13
N SER A 252 14.02 94.32 0.89
CA SER A 252 13.16 94.66 -0.25
C SER A 252 12.13 93.58 -0.51
N GLU A 253 12.43 92.32 -0.18
CA GLU A 253 11.46 91.25 -0.37
C GLU A 253 10.45 91.18 0.77
N ILE A 254 10.71 91.87 1.88
CA ILE A 254 9.80 91.81 3.02
C ILE A 254 8.45 92.43 2.66
N GLU A 255 8.46 93.61 2.05
CA GLU A 255 7.20 94.23 1.68
C GLU A 255 6.59 93.62 0.43
N ARG A 256 7.38 92.90 -0.38
CA ARG A 256 6.85 92.23 -1.55
C ARG A 256 5.70 91.30 -1.18
N ILE A 257 5.77 90.68 -0.01
CA ILE A 257 4.68 89.82 0.46
C ILE A 257 3.45 90.65 0.76
N PHE A 258 3.64 91.89 1.25
CA PHE A 258 2.51 92.70 1.70
C PHE A 258 1.52 92.99 0.58
N GLU A 259 2.02 93.37 -0.61
CA GLU A 259 1.10 93.68 -1.71
C GLU A 259 0.31 92.44 -2.11
N LEU A 260 0.95 91.26 -2.11
CA LEU A 260 0.23 90.03 -2.41
C LEU A 260 -0.87 89.78 -1.36
N ALA A 261 -0.60 90.10 -0.10
CA ALA A 261 -1.59 89.90 0.95
C ALA A 261 -2.76 90.88 0.80
N LYS A 262 -2.48 92.12 0.40
CA LYS A 262 -3.55 93.08 0.19
C LYS A 262 -4.43 92.74 -1.01
N SER A 263 -3.96 91.88 -1.90
CA SER A 263 -4.74 91.45 -3.05
C SER A 263 -5.65 90.26 -2.76
N LEU A 264 -5.63 89.76 -1.51
CA LEU A 264 -6.55 88.73 -1.03
C LEU A 264 -6.30 87.37 -1.68
N GLN A 265 -5.44 87.33 -2.70
CA GLN A 265 -5.11 86.06 -3.33
C GLN A 265 -4.02 85.37 -2.52
N LEU A 266 -4.29 84.13 -2.11
CA LEU A 266 -3.44 83.48 -1.12
C LEU A 266 -2.04 83.25 -1.70
N VAL A 267 -1.02 83.40 -0.85
CA VAL A 267 0.37 83.29 -1.26
C VAL A 267 1.10 82.39 -0.26
N VAL A 268 2.18 81.77 -0.73
CA VAL A 268 3.03 80.93 0.09
C VAL A 268 4.46 81.46 0.02
N LEU A 269 5.32 80.92 0.86
CA LEU A 269 6.73 81.29 0.89
C LEU A 269 7.56 80.05 0.58
N ASP A 270 8.17 80.04 -0.60
CA ASP A 270 9.05 78.95 -1.00
C ASP A 270 10.49 79.27 -0.64
N ALA A 271 10.70 79.62 0.63
CA ALA A 271 12.02 80.00 1.09
C ALA A 271 12.89 78.76 1.28
N ASP A 272 14.06 78.75 0.65
CA ASP A 272 14.96 77.60 0.66
C ASP A 272 15.98 77.67 1.79
N THR A 273 15.89 78.67 2.66
CA THR A 273 16.86 78.87 3.72
C THR A 273 16.31 78.60 5.11
N ILE A 274 15.02 78.86 5.33
CA ILE A 274 14.42 78.65 6.65
C ILE A 274 14.04 77.18 6.80
N ASN A 275 14.45 76.59 7.93
CA ASN A 275 14.11 75.20 8.24
C ASN A 275 13.70 75.02 9.70
N HIS A 276 13.30 76.08 10.39
CA HIS A 276 12.88 75.96 11.78
C HIS A 276 11.87 77.06 12.09
N PRO A 277 10.81 76.75 12.86
CA PRO A 277 9.71 77.72 13.01
C PRO A 277 10.11 79.04 13.67
N ALA A 278 10.96 79.00 14.70
CA ALA A 278 11.31 80.24 15.40
C ALA A 278 12.25 81.12 14.57
N GLN A 279 12.83 80.58 13.50
CA GLN A 279 13.74 81.39 12.68
C GLN A 279 13.02 82.54 12.00
N LEU A 280 11.72 82.40 11.76
CA LEU A 280 10.93 83.41 11.06
C LEU A 280 9.72 83.80 11.90
N ALA A 281 9.84 83.65 13.22
CA ALA A 281 8.74 83.95 14.14
C ALA A 281 8.84 85.32 14.77
N LYS A 282 10.03 85.87 14.94
CA LYS A 282 10.21 87.19 15.52
C LYS A 282 10.07 88.30 14.49
N THR A 283 10.00 87.96 13.20
CA THR A 283 9.87 88.96 12.15
C THR A 283 8.43 89.43 12.04
N SER A 284 8.19 90.36 11.12
CA SER A 284 6.85 90.90 10.93
C SER A 284 5.98 90.04 10.01
N LEU A 285 6.56 88.99 9.43
CA LEU A 285 5.77 88.10 8.58
C LEU A 285 4.80 87.28 9.41
N ALA A 286 5.29 86.65 10.48
CA ALA A 286 4.48 85.79 11.35
C ALA A 286 3.58 84.85 10.56
N PRO A 287 4.15 84.07 9.65
CA PRO A 287 3.32 83.35 8.66
C PRO A 287 2.80 82.03 9.20
N ILE A 288 1.89 81.44 8.42
CA ILE A 288 1.37 80.11 8.74
C ILE A 288 2.45 79.08 8.45
N ILE A 289 2.85 78.33 9.47
CA ILE A 289 3.90 77.33 9.34
C ILE A 289 3.23 75.96 9.25
N VAL A 290 3.50 75.26 8.15
CA VAL A 290 2.96 73.92 7.91
C VAL A 290 4.09 72.93 8.14
N PHE A 291 3.87 72.00 9.06
CA PHE A 291 4.88 71.02 9.45
C PHE A 291 4.55 69.68 8.80
N VAL A 292 5.43 69.25 7.90
CA VAL A 292 5.39 67.89 7.35
C VAL A 292 6.51 67.09 8.01
N LYS A 293 6.15 65.99 8.65
CA LYS A 293 7.13 65.21 9.40
C LYS A 293 6.87 63.73 9.20
N VAL A 294 7.96 62.98 9.18
CA VAL A 294 7.87 61.52 9.21
C VAL A 294 7.63 61.09 10.65
N SER A 295 6.89 60.00 10.84
CA SER A 295 6.52 59.58 12.19
C SER A 295 7.73 59.24 13.03
N SER A 296 8.71 58.57 12.45
CA SER A 296 9.89 58.12 13.17
C SER A 296 11.12 58.38 12.34
N PRO A 297 12.29 58.57 12.98
CA PRO A 297 13.53 58.70 12.21
C PRO A 297 13.92 57.44 11.45
N LYS A 298 13.43 56.27 11.87
CA LYS A 298 13.82 55.02 11.21
C LYS A 298 13.34 54.99 9.77
N VAL A 299 12.10 55.39 9.52
CA VAL A 299 11.58 55.38 8.15
C VAL A 299 12.28 56.45 7.32
N LEU A 300 12.60 57.59 7.93
CA LEU A 300 13.24 58.68 7.19
C LEU A 300 14.60 58.26 6.64
N GLN A 301 15.36 57.51 7.43
CA GLN A 301 16.70 57.08 6.98
C GLN A 301 16.60 56.22 5.73
N ARG A 302 15.69 55.25 5.73
CA ARG A 302 15.52 54.41 4.54
C ARG A 302 14.81 55.17 3.43
N LEU A 303 14.05 56.21 3.79
CA LEU A 303 13.45 57.07 2.77
C LEU A 303 14.53 57.81 1.99
N ILE A 304 15.58 58.28 2.68
CA ILE A 304 16.70 58.91 2.00
C ILE A 304 17.42 57.90 1.11
N ARG A 305 17.51 56.65 1.58
CA ARG A 305 18.24 55.63 0.84
C ARG A 305 17.66 55.38 -0.54
N SER A 306 16.37 55.65 -0.72
CA SER A 306 15.73 55.38 -2.00
C SER A 306 16.16 56.34 -3.09
N ARG A 307 16.70 57.50 -2.75
CA ARG A 307 17.08 58.48 -3.77
C ARG A 307 18.32 58.03 -4.54
N GLY A 308 19.34 57.56 -3.84
CA GLY A 308 20.54 57.06 -4.48
C GLY A 308 21.76 57.33 -3.63
N LYS A 309 22.92 57.02 -4.22
CA LYS A 309 24.20 57.20 -3.55
C LYS A 309 24.55 58.67 -3.34
N SER A 310 23.94 59.57 -4.12
CA SER A 310 24.26 60.99 -3.99
C SER A 310 23.89 61.52 -2.61
N GLN A 311 22.73 61.12 -2.10
CA GLN A 311 22.32 61.55 -0.77
C GLN A 311 23.06 60.82 0.34
N MET A 312 23.75 59.72 0.03
CA MET A 312 24.48 58.97 1.05
C MET A 312 25.68 59.74 1.56
N LYS A 313 26.26 60.61 0.72
CA LYS A 313 27.35 61.46 1.18
C LYS A 313 26.86 62.43 2.25
N HIS A 314 25.63 62.91 2.10
CA HIS A 314 25.09 64.01 2.89
C HIS A 314 24.10 63.54 3.95
N LEU A 315 23.98 62.23 4.18
CA LEU A 315 22.90 61.72 5.01
C LEU A 315 23.06 62.12 6.47
N THR A 316 24.30 62.15 6.97
CA THR A 316 24.52 62.27 8.41
C THR A 316 23.93 63.55 8.98
N VAL A 317 24.21 64.68 8.33
CA VAL A 317 23.69 65.96 8.81
C VAL A 317 22.21 66.10 8.50
N GLN A 318 21.68 65.25 7.62
CA GLN A 318 20.25 65.29 7.34
C GLN A 318 19.41 64.70 8.46
N MET A 319 20.02 63.97 9.40
CA MET A 319 19.28 63.47 10.56
C MET A 319 19.33 64.41 11.75
N MET A 320 20.46 65.12 11.93
CA MET A 320 20.53 66.09 13.02
C MET A 320 19.57 67.25 12.80
N ALA A 321 19.34 67.65 11.55
CA ALA A 321 18.38 68.71 11.28
C ALA A 321 16.96 68.25 11.53
N TYR A 322 16.71 66.94 11.59
CA TYR A 322 15.35 66.44 11.75
C TYR A 322 14.91 66.50 13.21
N ASP A 323 15.68 65.90 14.11
CA ASP A 323 15.26 65.81 15.50
C ASP A 323 15.30 67.17 16.20
N LYS A 324 16.19 68.07 15.76
CA LYS A 324 16.17 69.43 16.28
C LYS A 324 14.86 70.13 15.94
N LEU A 325 14.35 69.88 14.74
CA LEU A 325 13.03 70.39 14.39
C LEU A 325 11.92 69.62 15.10
N VAL A 326 12.15 68.33 15.36
CA VAL A 326 11.15 67.53 16.05
C VAL A 326 11.03 67.94 17.52
N GLN A 327 12.16 68.17 18.18
CA GLN A 327 12.14 68.51 19.60
C GLN A 327 11.47 69.86 19.86
N CYS A 328 11.27 70.67 18.83
CA CYS A 328 10.52 71.90 18.98
C CYS A 328 9.10 71.57 19.43
N PRO A 329 8.55 72.31 20.39
CA PRO A 329 7.19 72.01 20.86
C PRO A 329 6.17 72.12 19.74
N PRO A 330 5.20 71.22 19.71
CA PRO A 330 4.19 71.26 18.63
C PRO A 330 3.43 72.58 18.56
N GLU A 331 3.26 73.26 19.68
CA GLU A 331 2.50 74.51 19.69
C GLU A 331 3.14 75.59 18.82
N SER A 332 4.45 75.48 18.56
CA SER A 332 5.11 76.46 17.70
C SER A 332 4.54 76.44 16.28
N PHE A 333 4.33 75.26 15.72
CA PHE A 333 3.76 75.15 14.39
C PHE A 333 2.27 75.44 14.42
N ASP A 334 1.71 75.77 13.26
CA ASP A 334 0.28 76.05 13.17
C ASP A 334 -0.50 74.79 12.81
N VAL A 335 0.00 74.01 11.84
CA VAL A 335 -0.62 72.75 11.46
C VAL A 335 0.48 71.70 11.36
N ILE A 336 0.09 70.44 11.57
CA ILE A 336 1.00 69.31 11.52
C ILE A 336 0.46 68.30 10.52
N LEU A 337 1.33 67.84 9.63
CA LEU A 337 1.01 66.76 8.70
C LEU A 337 1.86 65.56 9.12
N ASP A 338 1.32 64.78 10.06
CA ASP A 338 2.03 63.66 10.66
C ASP A 338 1.68 62.32 10.03
N GLU A 339 0.90 62.32 8.95
CA GLU A 339 0.43 61.10 8.34
C GLU A 339 1.23 60.79 7.08
N ASN A 340 1.14 59.53 6.66
CA ASN A 340 1.90 59.01 5.53
C ASN A 340 1.15 59.01 4.21
N GLN A 341 -0.16 58.80 4.24
CA GLN A 341 -0.94 58.80 3.01
C GLN A 341 -0.97 60.19 2.40
N LEU A 342 -0.73 60.26 1.09
CA LEU A 342 -0.71 61.55 0.42
C LEU A 342 -2.11 62.18 0.40
N GLU A 343 -3.11 61.42 -0.04
CA GLU A 343 -4.46 61.97 -0.19
C GLU A 343 -5.04 62.41 1.14
N ASP A 344 -4.90 61.58 2.17
CA ASP A 344 -5.40 61.96 3.50
C ASP A 344 -4.67 63.18 4.02
N ALA A 345 -3.35 63.26 3.80
CA ALA A 345 -2.62 64.48 4.13
C ALA A 345 -3.01 65.61 3.19
N CYS A 346 -3.30 65.30 1.93
CA CYS A 346 -3.65 66.32 0.96
C CYS A 346 -4.93 67.06 1.37
N GLU A 347 -5.94 66.32 1.84
CA GLU A 347 -7.17 66.96 2.30
C GLU A 347 -6.99 67.62 3.65
N HIS A 348 -6.02 67.16 4.45
CA HIS A 348 -5.76 67.78 5.75
C HIS A 348 -5.41 69.25 5.59
N LEU A 349 -4.50 69.56 4.66
CA LEU A 349 -4.17 70.95 4.39
C LEU A 349 -5.29 71.64 3.62
N ALA A 350 -6.07 70.90 2.84
CA ALA A 350 -7.16 71.49 2.08
C ALA A 350 -8.23 72.06 3.00
N GLU A 351 -8.74 71.23 3.92
CA GLU A 351 -9.82 71.67 4.80
C GLU A 351 -9.38 72.81 5.72
N TYR A 352 -8.08 72.92 6.01
CA TYR A 352 -7.59 74.02 6.83
C TYR A 352 -7.54 75.32 6.03
N LEU A 353 -7.57 75.23 4.70
CA LEU A 353 -7.47 76.44 3.89
C LEU A 353 -8.81 77.09 3.59
N GLU A 354 -9.85 76.32 3.23
CA GLU A 354 -11.15 76.94 3.01
C GLU A 354 -11.65 77.60 4.29
N VAL A 355 -11.28 77.08 5.46
CA VAL A 355 -11.70 77.70 6.71
C VAL A 355 -11.06 79.07 6.85
N TYR A 356 -9.83 79.23 6.35
CA TYR A 356 -9.22 80.55 6.31
C TYR A 356 -9.93 81.48 5.34
N TRP A 357 -10.36 80.97 4.19
CA TRP A 357 -11.12 81.77 3.23
C TRP A 357 -12.47 82.21 3.81
N ARG A 358 -13.23 81.27 4.36
CA ARG A 358 -14.54 81.62 4.90
C ARG A 358 -14.42 82.41 6.20
N ALA A 359 -13.25 82.36 6.84
CA ALA A 359 -13.03 83.15 8.05
C ALA A 359 -13.03 84.65 7.73
N THR A 360 -12.42 85.04 6.62
CA THR A 360 -12.29 86.43 6.22
C THR A 360 -13.21 86.80 5.06
N HIS A 361 -14.37 86.16 4.96
CA HIS A 361 -15.31 86.45 3.89
C HIS A 361 -16.75 86.32 4.38
N PRO B 26 11.99 -90.75 10.32
CA PRO B 26 13.38 -90.94 9.89
C PRO B 26 13.61 -90.44 8.46
N PHE B 27 14.86 -90.46 8.02
CA PHE B 27 15.21 -90.02 6.66
C PHE B 27 15.60 -91.22 5.82
N PRO B 28 14.78 -91.66 4.88
CA PRO B 28 15.08 -92.86 4.11
C PRO B 28 16.22 -92.63 3.11
N SER B 29 16.72 -93.76 2.59
CA SER B 29 17.91 -93.74 1.75
C SER B 29 17.63 -93.11 0.39
N ALA B 30 18.68 -92.49 -0.18
CA ALA B 30 18.57 -91.87 -1.49
C ALA B 30 18.05 -92.85 -2.54
N VAL B 31 18.46 -94.11 -2.45
CA VAL B 31 17.94 -95.12 -3.34
C VAL B 31 16.44 -95.30 -3.11
N THR B 32 16.00 -95.17 -1.86
CA THR B 32 14.57 -95.31 -1.58
C THR B 32 13.78 -94.15 -2.18
N ILE B 33 14.26 -92.92 -2.03
CA ILE B 33 13.55 -91.80 -2.68
C ILE B 33 13.55 -91.97 -4.19
N LYS B 34 14.66 -92.43 -4.76
CA LYS B 34 14.70 -92.65 -6.20
C LYS B 34 13.73 -93.74 -6.64
N SER B 35 13.52 -94.75 -5.80
CA SER B 35 12.53 -95.78 -6.11
C SER B 35 11.11 -95.23 -6.02
N TRP B 36 10.86 -94.38 -5.01
CA TRP B 36 9.53 -93.78 -4.87
C TRP B 36 9.18 -92.89 -6.05
N VAL B 37 10.13 -92.06 -6.49
CA VAL B 37 9.81 -91.07 -7.52
C VAL B 37 9.50 -91.74 -8.84
N ASP B 38 10.08 -92.92 -9.09
CA ASP B 38 9.85 -93.60 -10.36
C ASP B 38 8.39 -93.98 -10.55
N LYS B 39 7.73 -94.46 -9.48
CA LYS B 39 6.33 -94.84 -9.61
C LYS B 39 5.46 -93.64 -9.97
N MET B 40 5.66 -92.51 -9.28
CA MET B 40 4.85 -91.34 -9.56
C MET B 40 5.17 -90.76 -10.93
N GLN B 41 6.45 -90.85 -11.34
CA GLN B 41 6.83 -90.37 -12.66
C GLN B 41 6.16 -91.19 -13.76
N GLU B 42 6.20 -92.52 -13.62
CA GLU B 42 5.53 -93.39 -14.58
C GLU B 42 4.03 -93.12 -14.60
N ASP B 43 3.42 -92.96 -13.42
CA ASP B 43 1.99 -92.69 -13.36
C ASP B 43 1.63 -91.41 -14.10
N LEU B 44 2.35 -90.31 -13.80
CA LEU B 44 2.05 -89.04 -14.44
C LEU B 44 2.29 -89.09 -15.95
N VAL B 45 3.44 -89.63 -16.37
CA VAL B 45 3.77 -89.65 -17.78
C VAL B 45 2.77 -90.50 -18.56
N THR B 46 2.45 -91.69 -18.05
CA THR B 46 1.49 -92.55 -18.73
C THR B 46 0.12 -91.91 -18.78
N LEU B 47 -0.32 -91.30 -17.68
CA LEU B 47 -1.65 -90.70 -17.65
C LEU B 47 -1.75 -89.54 -18.62
N ALA B 48 -0.74 -88.67 -18.65
CA ALA B 48 -0.77 -87.53 -19.57
C ALA B 48 -0.64 -87.98 -21.02
N LYS B 49 0.15 -89.03 -21.26
CA LYS B 49 0.31 -89.55 -22.61
C LYS B 49 -1.00 -90.13 -23.14
N THR B 50 -1.66 -90.97 -22.33
CA THR B 50 -2.87 -91.64 -22.81
C THR B 50 -4.05 -90.69 -22.85
N ALA B 51 -4.21 -89.85 -21.82
CA ALA B 51 -5.42 -89.04 -21.71
C ALA B 51 -5.53 -88.03 -22.86
N SER B 52 -4.44 -87.34 -23.18
CA SER B 52 -4.39 -86.43 -24.30
C SER B 52 -3.57 -87.07 -25.40
N GLY B 53 -4.21 -87.32 -26.55
CA GLY B 53 -3.54 -88.04 -27.62
C GLY B 53 -2.32 -87.30 -28.11
N VAL B 54 -1.16 -87.96 -28.00
CA VAL B 54 0.09 -87.42 -28.53
C VAL B 54 0.59 -88.22 -29.72
N ASN B 55 0.49 -89.55 -29.66
CA ASN B 55 0.79 -90.38 -30.82
C ASN B 55 -0.33 -90.33 -31.84
N GLN B 56 -1.57 -90.16 -31.37
CA GLN B 56 -2.71 -90.11 -32.27
C GLN B 56 -2.66 -88.91 -33.21
N LEU B 57 -2.28 -87.74 -32.70
CA LEU B 57 -2.14 -86.58 -33.58
C LEU B 57 -1.02 -86.77 -34.59
N VAL B 58 0.11 -87.33 -34.19
CA VAL B 58 1.17 -87.58 -35.16
C VAL B 58 0.68 -88.52 -36.25
N ASP B 59 0.02 -89.61 -35.86
CA ASP B 59 -0.52 -90.56 -36.83
C ASP B 59 -1.52 -89.89 -37.74
N ILE B 60 -2.37 -89.02 -37.19
CA ILE B 60 -3.30 -88.26 -38.02
C ILE B 60 -2.55 -87.42 -39.04
N TYR B 61 -1.48 -86.76 -38.60
CA TYR B 61 -0.74 -85.87 -39.49
C TYR B 61 -0.07 -86.63 -40.62
N GLU B 62 0.45 -87.83 -40.36
CA GLU B 62 0.99 -88.62 -41.47
C GLU B 62 -0.11 -89.18 -42.35
N LYS B 63 -1.16 -89.73 -41.74
CA LYS B 63 -2.16 -90.49 -42.47
C LYS B 63 -3.09 -89.61 -43.29
N TYR B 64 -3.22 -88.33 -42.93
CA TYR B 64 -3.87 -87.34 -43.79
C TYR B 64 -2.85 -86.45 -44.48
N GLN B 65 -1.76 -87.02 -44.95
CA GLN B 65 -0.90 -86.34 -45.88
C GLN B 65 -1.65 -86.12 -47.20
N ASP B 66 -0.99 -85.45 -48.14
CA ASP B 66 -1.53 -85.16 -49.46
C ASP B 66 -2.62 -84.09 -49.40
N LEU B 67 -3.00 -83.68 -48.18
CA LEU B 67 -3.90 -82.56 -47.98
C LEU B 67 -3.15 -81.28 -47.63
N TYR B 68 -1.83 -81.34 -47.54
CA TYR B 68 -1.01 -80.19 -47.22
C TYR B 68 0.41 -80.46 -47.69
N THR B 69 1.18 -79.39 -47.81
CA THR B 69 2.56 -79.48 -48.25
C THR B 69 3.44 -78.65 -47.32
N VAL B 70 4.69 -79.08 -47.19
CA VAL B 70 5.67 -78.45 -46.30
C VAL B 70 6.51 -77.50 -47.12
N GLU B 71 6.48 -76.22 -46.75
CA GLU B 71 7.22 -75.21 -47.50
C GLU B 71 8.30 -74.59 -46.64
N PRO B 72 9.44 -74.21 -47.21
CA PRO B 72 10.53 -73.65 -46.42
C PRO B 72 10.26 -72.22 -45.98
N ASN B 73 10.97 -71.83 -44.92
CA ASN B 73 11.08 -70.45 -44.47
C ASN B 73 12.53 -70.05 -44.63
N ASN B 74 12.87 -69.51 -45.80
CA ASN B 74 14.22 -69.03 -46.05
C ASN B 74 14.34 -67.66 -45.38
N ALA B 75 15.02 -67.64 -44.23
CA ALA B 75 15.08 -66.42 -43.42
C ALA B 75 15.75 -65.30 -44.19
N ARG B 76 16.77 -65.61 -44.97
CA ARG B 76 17.45 -64.60 -45.77
C ARG B 76 16.50 -63.92 -46.75
N GLN B 77 15.63 -64.68 -47.40
CA GLN B 77 14.67 -64.08 -48.32
C GLN B 77 13.56 -63.35 -47.58
N LEU B 78 13.08 -63.92 -46.48
CA LEU B 78 11.98 -63.31 -45.74
C LEU B 78 12.36 -61.93 -45.21
N VAL B 79 13.54 -61.83 -44.59
CA VAL B 79 13.96 -60.55 -44.04
C VAL B 79 14.19 -59.53 -45.13
N GLU B 80 14.71 -59.94 -46.30
CA GLU B 80 14.92 -58.99 -47.38
C GLU B 80 13.61 -58.52 -48.02
N ILE B 81 12.64 -59.42 -48.18
CA ILE B 81 11.33 -59.02 -48.66
C ILE B 81 10.72 -57.99 -47.71
N ALA B 82 10.76 -58.28 -46.41
CA ALA B 82 10.18 -57.35 -45.44
C ALA B 82 10.93 -56.02 -45.44
N ALA B 83 12.25 -56.06 -45.57
CA ALA B 83 13.04 -54.83 -45.60
C ALA B 83 12.70 -53.97 -46.81
N ARG B 84 12.57 -54.58 -47.98
CA ARG B 84 12.19 -53.81 -49.16
C ARG B 84 10.77 -53.28 -49.05
N ASP B 85 9.87 -54.04 -48.42
CA ASP B 85 8.51 -53.55 -48.23
C ASP B 85 8.50 -52.32 -47.32
N ILE B 86 9.26 -52.36 -46.22
CA ILE B 86 9.33 -51.19 -45.34
C ILE B 86 9.98 -50.02 -46.07
N GLU B 87 10.99 -50.30 -46.89
CA GLU B 87 11.62 -49.24 -47.67
C GLU B 87 10.63 -48.58 -48.61
N LYS B 88 9.82 -49.37 -49.31
CA LYS B 88 8.83 -48.81 -50.22
C LYS B 88 7.78 -48.00 -49.47
N LEU B 89 7.34 -48.50 -48.30
CA LEU B 89 6.38 -47.75 -47.50
C LEU B 89 6.94 -46.39 -47.11
N LEU B 90 8.17 -46.37 -46.61
CA LEU B 90 8.76 -45.11 -46.17
C LEU B 90 9.06 -44.18 -47.34
N SER B 91 9.39 -44.72 -48.52
CA SER B 91 9.59 -43.87 -49.69
C SER B 91 8.27 -43.27 -50.19
N ASN B 92 7.20 -44.07 -50.18
CA ASN B 92 5.87 -43.52 -50.43
C ASN B 92 5.56 -42.38 -49.48
N ARG B 93 5.86 -42.57 -48.20
CA ARG B 93 5.62 -41.53 -47.21
C ARG B 93 6.48 -40.30 -47.46
N SER B 94 7.70 -40.49 -47.95
CA SER B 94 8.63 -39.37 -48.15
C SER B 94 8.28 -38.55 -49.39
N LYS B 95 7.73 -39.19 -50.42
CA LYS B 95 7.33 -38.44 -51.60
C LYS B 95 6.26 -37.39 -51.27
N ALA B 96 5.31 -37.75 -50.41
CA ALA B 96 4.30 -36.79 -49.98
C ALA B 96 4.93 -35.60 -49.27
N LEU B 97 5.89 -35.86 -48.38
CA LEU B 97 6.57 -34.77 -47.70
C LEU B 97 7.30 -33.86 -48.69
N VAL B 98 7.96 -34.46 -49.68
CA VAL B 98 8.69 -33.66 -50.66
C VAL B 98 7.74 -32.74 -51.41
N ARG B 99 6.60 -33.27 -51.86
CA ARG B 99 5.70 -32.43 -52.66
C ARG B 99 4.99 -31.39 -51.80
N LEU B 100 4.66 -31.73 -50.54
CA LEU B 100 4.17 -30.71 -49.62
C LEU B 100 5.17 -29.58 -49.42
N ALA B 101 6.44 -29.92 -49.21
CA ALA B 101 7.44 -28.88 -48.99
C ALA B 101 7.60 -28.00 -50.21
N LEU B 102 7.65 -28.60 -51.40
CA LEU B 102 7.79 -27.79 -52.61
C LEU B 102 6.60 -26.84 -52.78
N GLU B 103 5.38 -27.36 -52.62
CA GLU B 103 4.21 -26.52 -52.83
C GLU B 103 4.14 -25.41 -51.77
N ALA B 104 4.44 -25.73 -50.52
CA ALA B 104 4.41 -24.71 -49.48
C ALA B 104 5.42 -23.61 -49.74
N GLU B 105 6.65 -23.99 -50.12
CA GLU B 105 7.67 -23.00 -50.42
C GLU B 105 7.23 -22.10 -51.55
N LYS B 106 6.72 -22.67 -52.64
CA LYS B 106 6.32 -21.86 -53.78
C LYS B 106 5.17 -20.92 -53.42
N VAL B 107 4.16 -21.44 -52.72
CA VAL B 107 2.99 -20.63 -52.41
C VAL B 107 3.36 -19.50 -51.47
N GLN B 108 4.20 -19.76 -50.47
CA GLN B 108 4.64 -18.68 -49.59
C GLN B 108 5.49 -17.66 -50.36
N ALA B 109 6.31 -18.13 -51.30
CA ALA B 109 7.10 -17.20 -52.08
C ALA B 109 6.22 -16.27 -52.91
N ALA B 110 5.11 -16.78 -53.43
CA ALA B 110 4.21 -15.96 -54.22
C ALA B 110 3.24 -15.13 -53.37
N HIS B 111 3.28 -15.27 -52.05
CA HIS B 111 2.35 -14.57 -51.18
C HIS B 111 2.61 -13.07 -51.18
N GLN B 112 1.55 -12.31 -50.96
CA GLN B 112 1.62 -10.87 -50.77
C GLN B 112 1.16 -10.53 -49.37
N TRP B 113 1.97 -9.77 -48.64
CA TRP B 113 1.72 -9.49 -47.23
C TRP B 113 0.60 -8.47 -47.09
N ARG B 114 -0.62 -8.96 -46.91
CA ARG B 114 -1.71 -8.10 -46.51
C ARG B 114 -1.61 -7.76 -45.04
N GLU B 115 -2.15 -6.61 -44.67
CA GLU B 115 -2.14 -6.16 -43.28
C GLU B 115 -3.53 -5.92 -42.72
N ASP B 116 -4.57 -5.93 -43.55
CA ASP B 116 -5.92 -5.67 -43.08
C ASP B 116 -6.88 -6.65 -43.75
N PHE B 117 -7.70 -7.30 -42.95
CA PHE B 117 -8.69 -8.25 -43.44
C PHE B 117 -10.08 -7.78 -43.03
N ALA B 118 -10.97 -7.67 -44.02
CA ALA B 118 -12.29 -7.07 -43.83
C ALA B 118 -13.34 -8.18 -43.77
N SER B 119 -13.95 -8.34 -42.59
CA SER B 119 -15.01 -9.34 -42.34
C SER B 119 -14.44 -10.71 -42.73
N ASN B 120 -15.17 -11.52 -43.48
CA ASN B 120 -14.67 -12.84 -43.88
C ASN B 120 -13.66 -12.65 -45.00
N GLU B 121 -12.40 -12.99 -44.73
CA GLU B 121 -11.36 -13.02 -45.74
C GLU B 121 -10.53 -14.29 -45.73
N VAL B 122 -10.41 -14.96 -44.59
CA VAL B 122 -9.76 -16.26 -44.50
C VAL B 122 -10.79 -17.23 -43.92
N VAL B 123 -10.98 -18.35 -44.61
CA VAL B 123 -11.99 -19.34 -44.24
C VAL B 123 -11.26 -20.60 -43.81
N TYR B 124 -11.44 -20.98 -42.55
CA TYR B 124 -10.72 -22.12 -41.99
C TYR B 124 -11.54 -22.72 -40.87
N TYR B 125 -11.24 -23.97 -40.54
CA TYR B 125 -11.90 -24.69 -39.47
C TYR B 125 -10.97 -24.72 -38.26
N ASN B 126 -11.32 -23.99 -37.21
CA ASN B 126 -10.54 -24.03 -35.98
C ASN B 126 -10.87 -25.30 -35.21
N ALA B 127 -9.86 -26.10 -34.92
CA ALA B 127 -10.04 -27.46 -34.41
C ALA B 127 -10.54 -27.49 -32.97
N LYS B 128 -10.58 -26.36 -32.28
CA LYS B 128 -11.02 -26.31 -30.89
C LYS B 128 -12.34 -25.59 -30.75
N ASP B 129 -13.08 -25.41 -31.84
CA ASP B 129 -14.35 -24.71 -31.82
C ASP B 129 -15.49 -25.67 -31.51
N ASP B 130 -16.49 -25.16 -30.78
CA ASP B 130 -17.67 -25.96 -30.49
C ASP B 130 -18.44 -26.23 -31.77
N LEU B 131 -18.92 -27.47 -31.92
CA LEU B 131 -19.61 -27.85 -33.15
C LEU B 131 -21.00 -27.24 -33.26
N ASP B 132 -21.62 -26.86 -32.14
CA ASP B 132 -22.95 -26.25 -32.12
C ASP B 132 -22.93 -24.99 -31.27
N PRO B 133 -22.32 -23.91 -31.76
CA PRO B 133 -22.42 -22.62 -31.04
C PRO B 133 -23.70 -21.86 -31.35
N GLU B 134 -24.18 -21.99 -32.60
CA GLU B 134 -25.35 -21.26 -33.10
C GLU B 134 -25.21 -19.76 -32.84
N LYS B 135 -24.20 -19.16 -33.45
CA LYS B 135 -23.97 -17.73 -33.34
C LYS B 135 -24.37 -17.01 -34.62
N GLU B 139 -12.80 -14.38 -36.51
CA GLU B 139 -13.93 -13.46 -36.51
C GLU B 139 -13.57 -12.05 -37.03
N PRO B 140 -12.46 -11.46 -36.57
CA PRO B 140 -12.07 -10.16 -37.15
C PRO B 140 -11.79 -10.24 -38.63
N GLY B 141 -11.23 -11.35 -39.11
CA GLY B 141 -10.95 -11.51 -40.52
C GLY B 141 -11.19 -12.93 -40.98
N SER B 142 -11.75 -13.76 -40.10
CA SER B 142 -11.89 -15.18 -40.35
C SER B 142 -13.36 -15.59 -40.33
N GLN B 143 -13.69 -16.56 -41.19
CA GLN B 143 -15.02 -17.15 -41.25
C GLN B 143 -14.88 -18.65 -41.00
N ARG B 144 -15.59 -19.15 -39.99
CA ARG B 144 -15.47 -20.54 -39.61
C ARG B 144 -16.17 -21.44 -40.64
N ILE B 145 -15.74 -22.69 -40.68
CA ILE B 145 -16.34 -23.73 -41.50
C ILE B 145 -17.08 -24.69 -40.59
N LYS B 146 -18.29 -25.06 -40.98
CA LYS B 146 -19.03 -26.09 -40.27
C LYS B 146 -18.82 -27.40 -41.00
N PRO B 147 -17.99 -28.31 -40.50
CA PRO B 147 -17.68 -29.53 -41.23
C PRO B 147 -18.62 -30.67 -40.86
N VAL B 148 -18.64 -31.68 -41.72
CA VAL B 148 -19.41 -32.90 -41.49
C VAL B 148 -18.40 -34.03 -41.26
N PHE B 149 -18.45 -34.59 -40.06
CA PHE B 149 -17.60 -35.72 -39.68
C PHE B 149 -18.46 -36.97 -39.76
N ILE B 150 -18.01 -37.96 -40.54
CA ILE B 150 -18.83 -39.15 -40.68
C ILE B 150 -18.33 -40.26 -39.76
N GLU B 151 -17.18 -40.84 -40.08
CA GLU B 151 -16.48 -41.83 -39.27
C GLU B 151 -15.29 -42.28 -40.09
N ASP B 152 -14.36 -42.97 -39.44
CA ASP B 152 -13.34 -43.70 -40.18
C ASP B 152 -12.70 -44.70 -39.24
N ALA B 153 -12.87 -45.99 -39.51
CA ALA B 153 -12.26 -47.01 -38.68
C ALA B 153 -10.75 -47.02 -38.78
N ASN B 154 -10.19 -46.40 -39.82
CA ASN B 154 -8.74 -46.33 -39.95
C ASN B 154 -8.14 -45.39 -38.91
N PHE B 155 -8.90 -44.39 -38.48
CA PHE B 155 -8.44 -43.42 -37.50
C PHE B 155 -8.99 -43.65 -36.11
N GLY B 156 -10.25 -44.07 -36.00
CA GLY B 156 -10.91 -44.22 -34.72
C GLY B 156 -11.69 -43.00 -34.28
N ARG B 157 -11.35 -41.83 -34.79
CA ARG B 157 -12.04 -40.59 -34.47
C ARG B 157 -13.11 -40.33 -35.54
N GLN B 158 -13.66 -39.12 -35.55
CA GLN B 158 -14.55 -38.65 -36.60
C GLN B 158 -13.81 -37.60 -37.40
N ILE B 159 -13.73 -37.79 -38.71
CA ILE B 159 -12.89 -36.96 -39.56
C ILE B 159 -13.73 -36.40 -40.71
N SER B 160 -13.20 -35.35 -41.33
CA SER B 160 -13.76 -34.80 -42.56
C SER B 160 -12.63 -34.72 -43.58
N TYR B 161 -12.81 -35.41 -44.70
CA TYR B 161 -11.81 -35.42 -45.77
C TYR B 161 -11.90 -34.20 -46.67
N GLN B 162 -12.84 -33.30 -46.40
CA GLN B 162 -13.13 -32.19 -47.30
C GLN B 162 -12.14 -31.04 -47.17
N HIS B 163 -11.57 -30.84 -45.99
CA HIS B 163 -10.67 -29.72 -45.76
C HIS B 163 -9.77 -30.03 -44.58
N ALA B 164 -8.76 -29.18 -44.38
CA ALA B 164 -7.82 -29.30 -43.28
C ALA B 164 -8.30 -28.53 -42.07
N ALA B 165 -7.79 -28.92 -40.90
CA ALA B 165 -8.14 -28.32 -39.63
C ALA B 165 -6.94 -27.60 -39.06
N VAL B 166 -7.19 -26.49 -38.38
CA VAL B 166 -6.13 -25.64 -37.85
C VAL B 166 -6.18 -25.66 -36.33
N HIS B 167 -5.03 -25.91 -35.71
CA HIS B 167 -4.85 -25.78 -34.27
C HIS B 167 -4.03 -24.52 -34.00
N ILE B 168 -4.60 -23.60 -33.24
CA ILE B 168 -3.90 -22.42 -32.77
C ILE B 168 -3.84 -22.50 -31.24
N PRO B 169 -2.67 -22.54 -30.64
CA PRO B 169 -2.58 -22.71 -29.18
C PRO B 169 -3.19 -21.55 -28.43
N THR B 170 -3.37 -21.76 -27.13
CA THR B 170 -4.19 -20.87 -26.32
C THR B 170 -3.62 -19.45 -26.26
N ASP B 171 -2.30 -19.34 -26.10
CA ASP B 171 -1.69 -18.02 -25.93
C ASP B 171 -1.84 -17.17 -27.19
N ILE B 172 -1.60 -17.76 -28.36
CA ILE B 172 -1.54 -16.99 -29.59
C ILE B 172 -2.95 -16.63 -30.04
N TYR B 173 -3.18 -15.33 -30.22
CA TYR B 173 -4.45 -14.83 -30.72
C TYR B 173 -4.61 -15.15 -32.20
N GLU B 174 -5.83 -15.51 -32.60
CA GLU B 174 -6.12 -15.91 -33.95
C GLU B 174 -6.53 -14.74 -34.84
N GLY B 175 -6.45 -13.51 -34.34
CA GLY B 175 -6.76 -12.35 -35.15
C GLY B 175 -5.53 -11.52 -35.45
N SER B 176 -4.36 -12.02 -35.09
CA SER B 176 -3.12 -11.29 -35.33
C SER B 176 -2.86 -11.16 -36.82
N THR B 177 -2.10 -10.13 -37.19
CA THR B 177 -1.72 -9.98 -38.59
C THR B 177 -0.74 -11.06 -39.05
N ILE B 178 0.07 -11.62 -38.14
CA ILE B 178 0.97 -12.70 -38.53
C ILE B 178 0.29 -14.05 -38.54
N VAL B 179 -0.86 -14.18 -37.89
CA VAL B 179 -1.63 -15.43 -37.92
C VAL B 179 -2.59 -15.46 -39.10
N LEU B 180 -3.20 -14.32 -39.43
CA LEU B 180 -4.12 -14.30 -40.56
C LEU B 180 -3.39 -14.51 -41.88
N ASN B 181 -2.17 -14.00 -42.00
CA ASN B 181 -1.40 -14.25 -43.21
C ASN B 181 -1.04 -15.72 -43.34
N GLU B 182 -0.67 -16.36 -42.24
CA GLU B 182 -0.45 -17.80 -42.28
C GLU B 182 -1.71 -18.53 -42.67
N LEU B 183 -2.84 -18.15 -42.07
CA LEU B 183 -4.10 -18.82 -42.36
C LEU B 183 -4.54 -18.62 -43.80
N ASN B 184 -4.08 -17.54 -44.43
CA ASN B 184 -4.39 -17.35 -45.84
C ASN B 184 -3.47 -18.16 -46.72
N TRP B 185 -2.15 -17.96 -46.61
CA TRP B 185 -1.24 -18.57 -47.56
C TRP B 185 -1.17 -20.08 -47.37
N THR B 186 -1.44 -20.59 -46.16
CA THR B 186 -1.42 -22.03 -45.95
C THR B 186 -2.67 -22.72 -46.45
N SER B 187 -3.69 -21.96 -46.84
CA SER B 187 -4.90 -22.58 -47.37
C SER B 187 -4.66 -23.27 -48.70
N ALA B 188 -3.53 -22.99 -49.36
CA ALA B 188 -3.19 -23.67 -50.60
C ALA B 188 -2.72 -25.09 -50.37
N LEU B 189 -2.45 -25.47 -49.12
CA LEU B 189 -1.95 -26.81 -48.83
C LEU B 189 -3.04 -27.86 -48.90
N ASP B 190 -4.32 -27.47 -48.85
CA ASP B 190 -5.39 -28.46 -48.83
C ASP B 190 -5.48 -29.25 -50.11
N GLU B 191 -5.23 -28.62 -51.27
CA GLU B 191 -5.23 -29.37 -52.52
C GLU B 191 -4.15 -30.44 -52.52
N VAL B 192 -2.96 -30.11 -52.04
CA VAL B 192 -1.88 -31.09 -52.01
C VAL B 192 -2.18 -32.18 -50.97
N PHE B 193 -2.77 -31.80 -49.84
CA PHE B 193 -3.20 -32.80 -48.87
C PHE B 193 -4.16 -33.80 -49.51
N LYS B 194 -5.15 -33.29 -50.23
CA LYS B 194 -6.12 -34.14 -50.91
C LYS B 194 -5.44 -35.02 -51.95
N LYS B 195 -4.51 -34.45 -52.73
CA LYS B 195 -3.83 -35.23 -53.75
C LYS B 195 -3.02 -36.36 -53.14
N ASN B 196 -2.32 -36.07 -52.03
CA ASN B 196 -1.58 -37.11 -51.33
C ASN B 196 -2.51 -38.21 -50.83
N ARG B 197 -3.65 -37.83 -50.25
CA ARG B 197 -4.56 -38.85 -49.74
C ARG B 197 -5.15 -39.68 -50.88
N GLU B 198 -5.42 -39.04 -52.03
CA GLU B 198 -6.02 -39.75 -53.14
C GLU B 198 -5.03 -40.65 -53.87
N GLU B 199 -3.74 -40.30 -53.86
CA GLU B 199 -2.74 -41.18 -54.43
C GLU B 199 -2.42 -42.36 -53.52
N ASP B 200 -2.35 -42.11 -52.21
CA ASP B 200 -2.08 -43.16 -51.22
C ASP B 200 -3.15 -43.09 -50.15
N PRO B 201 -4.26 -43.82 -50.31
CA PRO B 201 -5.36 -43.73 -49.34
C PRO B 201 -5.03 -44.23 -47.95
N SER B 202 -3.80 -44.64 -47.68
CA SER B 202 -3.42 -45.15 -46.36
C SER B 202 -2.72 -44.11 -45.50
N LEU B 203 -2.62 -42.87 -45.96
CA LEU B 203 -1.96 -41.82 -45.19
C LEU B 203 -2.78 -41.50 -43.95
N LEU B 204 -2.12 -41.44 -42.79
CA LEU B 204 -2.82 -41.13 -41.54
C LEU B 204 -2.95 -39.62 -41.32
N TRP B 205 -1.83 -38.94 -41.10
CA TRP B 205 -1.86 -37.52 -40.82
C TRP B 205 -0.86 -36.80 -41.72
N GLN B 206 -1.17 -35.54 -42.02
CA GLN B 206 -0.27 -34.67 -42.79
C GLN B 206 -0.34 -33.30 -42.13
N VAL B 207 0.56 -33.07 -41.19
CA VAL B 207 0.57 -31.84 -40.44
C VAL B 207 1.65 -30.91 -40.99
N PHE B 208 1.36 -29.61 -40.95
CA PHE B 208 2.37 -28.58 -41.24
C PHE B 208 2.49 -27.73 -39.99
N GLY B 209 3.43 -28.09 -39.12
CA GLY B 209 3.74 -27.24 -37.98
C GLY B 209 4.42 -25.97 -38.45
N SER B 210 3.85 -24.83 -38.05
CA SER B 210 4.30 -23.55 -38.53
C SER B 210 5.09 -22.83 -37.44
N ALA B 211 6.01 -21.98 -37.87
CA ALA B 211 6.84 -21.24 -36.94
C ALA B 211 6.07 -20.21 -36.13
N THR B 212 4.81 -19.93 -36.51
CA THR B 212 3.98 -19.02 -35.75
C THR B 212 3.16 -19.70 -34.68
N GLY B 213 3.03 -21.03 -34.74
CA GLY B 213 2.36 -21.77 -33.70
C GLY B 213 1.25 -22.65 -34.20
N LEU B 214 0.60 -22.24 -35.28
CA LEU B 214 -0.55 -22.97 -35.79
C LEU B 214 -0.12 -24.20 -36.57
N ALA B 215 -0.98 -25.21 -36.58
CA ALA B 215 -0.73 -26.46 -37.26
C ALA B 215 -1.91 -26.80 -38.15
N ARG B 216 -1.63 -27.36 -39.33
CA ARG B 216 -2.65 -27.77 -40.28
C ARG B 216 -2.48 -29.25 -40.60
N TYR B 217 -3.39 -30.07 -40.11
CA TYR B 217 -3.40 -31.49 -40.44
C TYR B 217 -4.62 -31.80 -41.31
N TYR B 218 -4.43 -32.67 -42.30
CA TYR B 218 -5.42 -32.71 -43.39
C TYR B 218 -6.75 -33.29 -42.95
N PRO B 219 -6.85 -34.52 -42.43
CA PRO B 219 -8.19 -35.01 -42.10
C PRO B 219 -8.74 -34.21 -40.93
N ALA B 220 -9.65 -33.29 -41.24
CA ALA B 220 -10.16 -32.37 -40.23
C ALA B 220 -10.86 -33.15 -39.13
N SER B 221 -10.29 -33.10 -37.93
CA SER B 221 -10.84 -33.82 -36.81
C SER B 221 -10.78 -32.89 -35.60
N PRO B 222 -11.76 -32.95 -34.71
CA PRO B 222 -11.75 -32.08 -33.54
C PRO B 222 -10.53 -32.34 -32.67
N TRP B 223 -10.07 -31.28 -32.01
CA TRP B 223 -8.92 -31.44 -31.13
C TRP B 223 -9.30 -32.32 -29.94
N VAL B 224 -8.27 -32.89 -29.30
CA VAL B 224 -8.48 -33.93 -28.31
C VAL B 224 -9.38 -33.42 -27.19
N ASP B 225 -10.46 -34.16 -26.93
CA ASP B 225 -11.43 -33.83 -25.90
C ASP B 225 -11.95 -32.39 -26.04
N ASN B 231 -10.14 -27.65 -15.57
CA ASN B 231 -9.29 -28.67 -16.16
C ASN B 231 -9.40 -28.67 -17.67
N LYS B 232 -8.73 -29.63 -18.32
CA LYS B 232 -8.72 -29.77 -19.77
C LYS B 232 -8.31 -28.47 -20.45
N ILE B 233 -7.10 -28.01 -20.10
CA ILE B 233 -6.55 -26.80 -20.70
C ILE B 233 -5.54 -27.23 -21.76
N ASP B 234 -5.78 -26.82 -23.00
CA ASP B 234 -4.89 -27.19 -24.10
C ASP B 234 -3.55 -26.50 -23.96
N LEU B 235 -2.52 -27.26 -23.61
CA LEU B 235 -1.17 -26.75 -23.50
C LEU B 235 -0.31 -27.15 -24.69
N TYR B 236 -0.91 -27.71 -25.73
CA TYR B 236 -0.16 -28.16 -26.90
C TYR B 236 0.45 -26.99 -27.64
N ASP B 237 1.69 -27.17 -28.09
CA ASP B 237 2.38 -26.22 -28.93
C ASP B 237 3.18 -27.01 -29.95
N VAL B 238 2.87 -26.82 -31.24
CA VAL B 238 3.49 -27.64 -32.27
C VAL B 238 4.99 -27.40 -32.36
N ARG B 239 5.46 -26.27 -31.82
CA ARG B 239 6.88 -25.93 -31.92
C ARG B 239 7.73 -26.63 -30.88
N ARG B 240 7.12 -27.41 -29.99
CA ARG B 240 7.86 -28.17 -28.99
C ARG B 240 7.74 -29.67 -29.16
N ARG B 241 6.92 -30.14 -30.10
CA ARG B 241 6.80 -31.57 -30.31
C ARG B 241 8.11 -32.12 -30.85
N PRO B 242 8.45 -33.37 -30.51
CA PRO B 242 9.76 -33.90 -30.90
C PRO B 242 10.00 -33.92 -32.39
N TRP B 243 8.97 -34.10 -33.22
CA TRP B 243 9.20 -34.12 -34.66
C TRP B 243 9.57 -32.74 -35.17
N TYR B 244 8.91 -31.69 -34.67
CA TYR B 244 9.27 -30.34 -35.08
C TYR B 244 10.70 -30.00 -34.67
N ILE B 245 11.07 -30.33 -33.42
CA ILE B 245 12.42 -30.03 -32.95
C ILE B 245 13.44 -30.83 -33.74
N GLN B 246 13.10 -32.06 -34.11
CA GLN B 246 13.99 -32.86 -34.94
C GLN B 246 14.20 -32.22 -36.30
N GLY B 247 13.13 -31.73 -36.92
CA GLY B 247 13.26 -31.17 -38.24
C GLY B 247 13.69 -29.72 -38.31
N ALA B 248 13.80 -29.04 -37.18
CA ALA B 248 14.10 -27.60 -37.18
C ALA B 248 15.56 -27.28 -36.96
N ALA B 249 16.39 -28.27 -36.61
CA ALA B 249 17.80 -28.01 -36.33
C ALA B 249 18.54 -29.34 -36.40
N SER B 250 19.78 -29.34 -35.93
CA SER B 250 20.66 -30.49 -35.93
C SER B 250 21.04 -30.87 -34.51
N PRO B 251 21.55 -32.08 -34.28
CA PRO B 251 21.89 -32.49 -32.92
C PRO B 251 22.85 -31.52 -32.25
N LYS B 252 22.66 -31.31 -30.95
CA LYS B 252 23.35 -30.29 -30.18
C LYS B 252 24.26 -30.92 -29.13
N ASP B 253 25.17 -30.10 -28.62
CA ASP B 253 25.98 -30.37 -27.44
C ASP B 253 25.76 -29.22 -26.47
N MET B 254 24.69 -29.31 -25.69
CA MET B 254 24.24 -28.20 -24.87
C MET B 254 24.82 -28.33 -23.46
N LEU B 255 25.25 -27.20 -22.91
CA LEU B 255 25.75 -27.15 -21.53
C LEU B 255 25.05 -25.98 -20.84
N ILE B 256 24.08 -26.30 -19.98
CA ILE B 256 23.36 -25.28 -19.26
C ILE B 256 24.20 -24.80 -18.08
N LEU B 257 24.40 -23.49 -18.00
CA LEU B 257 25.19 -22.86 -16.94
C LEU B 257 24.25 -22.05 -16.07
N VAL B 258 23.98 -22.55 -14.87
CA VAL B 258 23.00 -21.95 -13.97
C VAL B 258 23.73 -21.10 -12.94
N ASP B 259 23.24 -19.88 -12.74
CA ASP B 259 23.78 -18.99 -11.73
C ASP B 259 23.08 -19.25 -10.40
N VAL B 260 23.86 -19.60 -9.38
CA VAL B 260 23.29 -19.90 -8.08
C VAL B 260 23.92 -19.02 -7.01
N SER B 261 24.32 -17.80 -7.38
CA SER B 261 24.78 -16.86 -6.39
C SER B 261 23.61 -16.44 -5.50
N GLY B 262 23.90 -15.59 -4.51
CA GLY B 262 22.87 -15.25 -3.54
C GLY B 262 21.72 -14.48 -4.15
N SER B 263 22.01 -13.60 -5.11
CA SER B 263 21.03 -12.65 -5.61
C SER B 263 19.88 -13.31 -6.36
N VAL B 264 20.01 -14.58 -6.75
CA VAL B 264 18.95 -15.25 -7.49
C VAL B 264 17.99 -15.94 -6.54
N SER B 265 18.12 -15.65 -5.25
CA SER B 265 17.27 -16.29 -4.25
C SER B 265 15.83 -15.82 -4.40
N GLY B 266 14.90 -16.72 -4.09
CA GLY B 266 13.49 -16.38 -4.06
C GLY B 266 12.77 -16.80 -5.34
N LEU B 267 12.05 -15.86 -5.95
CA LEU B 267 11.30 -16.16 -7.16
C LEU B 267 12.21 -16.51 -8.32
N THR B 268 13.34 -15.81 -8.44
CA THR B 268 14.23 -16.03 -9.58
C THR B 268 14.72 -17.47 -9.59
N LEU B 269 14.94 -18.07 -8.43
CA LEU B 269 15.39 -19.46 -8.40
C LEU B 269 14.32 -20.41 -8.91
N LYS B 270 13.07 -20.21 -8.51
CA LYS B 270 12.00 -21.07 -9.01
C LYS B 270 11.85 -20.92 -10.52
N LEU B 271 11.90 -19.69 -11.01
CA LEU B 271 11.83 -19.47 -12.44
C LEU B 271 12.99 -20.14 -13.16
N ILE B 272 14.19 -20.09 -12.56
CA ILE B 272 15.36 -20.71 -13.16
C ILE B 272 15.20 -22.23 -13.23
N ARG B 273 14.73 -22.85 -12.15
CA ARG B 273 14.58 -24.30 -12.16
C ARG B 273 13.51 -24.73 -13.16
N THR B 274 12.39 -24.01 -13.20
CA THR B 274 11.35 -24.34 -14.16
C THR B 274 11.85 -24.15 -15.60
N SER B 275 12.59 -23.07 -15.84
CA SER B 275 13.14 -22.82 -17.17
C SER B 275 14.11 -23.91 -17.58
N VAL B 276 14.97 -24.34 -16.67
CA VAL B 276 15.94 -25.37 -17.00
C VAL B 276 15.24 -26.68 -17.30
N SER B 277 14.21 -27.02 -16.52
CA SER B 277 13.46 -28.24 -16.81
C SER B 277 12.80 -28.16 -18.18
N GLU B 278 12.14 -27.04 -18.48
CA GLU B 278 11.48 -26.90 -19.77
C GLU B 278 12.48 -26.92 -20.93
N MET B 279 13.68 -26.36 -20.73
CA MET B 279 14.70 -26.47 -21.76
C MET B 279 15.16 -27.91 -21.94
N LEU B 280 15.28 -28.66 -20.83
CA LEU B 280 15.64 -30.06 -20.94
C LEU B 280 14.58 -30.86 -21.66
N GLU B 281 13.32 -30.43 -21.59
CA GLU B 281 12.29 -31.16 -22.33
C GLU B 281 12.44 -31.05 -23.84
N THR B 282 13.13 -30.03 -24.34
CA THR B 282 13.35 -29.87 -25.77
C THR B 282 14.66 -30.50 -26.22
N LEU B 283 14.89 -31.76 -25.84
CA LEU B 283 16.13 -32.44 -26.20
C LEU B 283 15.81 -33.88 -26.57
N SER B 284 16.43 -34.34 -27.65
CA SER B 284 16.20 -35.68 -28.18
C SER B 284 17.31 -36.61 -27.71
N ASP B 285 17.25 -37.85 -28.17
CA ASP B 285 18.27 -38.82 -27.79
C ASP B 285 19.55 -38.63 -28.59
N ASP B 286 19.49 -37.88 -29.69
CA ASP B 286 20.70 -37.53 -30.42
C ASP B 286 21.42 -36.34 -29.81
N ASP B 287 20.87 -35.74 -28.77
CA ASP B 287 21.43 -34.55 -28.14
C ASP B 287 22.10 -34.92 -26.83
N PHE B 288 23.22 -34.26 -26.55
CA PHE B 288 23.98 -34.50 -25.34
C PHE B 288 23.99 -33.23 -24.50
N VAL B 289 23.76 -33.38 -23.20
CA VAL B 289 23.54 -32.25 -22.31
C VAL B 289 24.18 -32.53 -20.96
N ASN B 290 24.69 -31.47 -20.33
CA ASN B 290 25.12 -31.52 -18.94
C ASN B 290 24.85 -30.17 -18.31
N VAL B 291 24.42 -30.18 -17.05
CA VAL B 291 24.05 -28.98 -16.32
C VAL B 291 25.07 -28.70 -15.24
N ALA B 292 25.62 -27.49 -15.25
CA ALA B 292 26.56 -27.04 -14.23
C ALA B 292 26.01 -25.79 -13.55
N SER B 293 26.59 -25.46 -12.40
CA SER B 293 26.17 -24.28 -11.66
C SER B 293 27.41 -23.62 -11.09
N PHE B 294 27.28 -22.34 -10.75
CA PHE B 294 28.43 -21.61 -10.21
C PHE B 294 27.93 -20.46 -9.35
N ASN B 295 28.35 -20.43 -8.09
CA ASN B 295 28.29 -19.21 -7.30
C ASN B 295 29.64 -18.50 -7.32
N SER B 296 30.66 -19.14 -6.78
CA SER B 296 32.03 -18.64 -6.85
C SER B 296 33.02 -19.67 -7.38
N ASN B 297 32.74 -20.95 -7.24
CA ASN B 297 33.47 -22.02 -7.90
C ASN B 297 32.44 -22.86 -8.65
N ALA B 298 32.71 -23.15 -9.91
CA ALA B 298 31.78 -23.96 -10.69
C ALA B 298 31.82 -25.42 -10.25
N GLN B 299 30.66 -26.07 -10.31
CA GLN B 299 30.60 -27.50 -10.01
C GLN B 299 29.48 -28.10 -10.85
N ASP B 300 29.50 -29.42 -10.97
CA ASP B 300 28.42 -30.12 -11.64
C ASP B 300 27.23 -30.26 -10.70
N VAL B 301 26.03 -30.09 -11.24
CA VAL B 301 24.83 -30.18 -10.42
C VAL B 301 24.54 -31.62 -10.01
N SER B 302 24.82 -32.59 -10.88
CA SER B 302 24.49 -33.98 -10.63
C SER B 302 25.75 -34.85 -10.60
N CYS B 303 25.58 -36.17 -10.58
CA CYS B 303 26.74 -37.06 -10.56
C CYS B 303 27.48 -37.04 -11.89
N PHE B 304 26.81 -36.69 -12.98
CA PHE B 304 27.47 -36.64 -14.28
C PHE B 304 28.56 -35.60 -14.28
N GLN B 305 29.65 -35.89 -15.00
CA GLN B 305 30.82 -35.04 -14.93
C GLN B 305 31.20 -34.46 -16.28
N HIS B 306 30.83 -35.12 -17.38
CA HIS B 306 31.27 -34.67 -18.70
C HIS B 306 30.11 -34.24 -19.61
N LEU B 307 29.28 -35.18 -20.06
CA LEU B 307 28.16 -34.95 -20.96
C LEU B 307 27.39 -36.25 -21.13
N VAL B 308 26.07 -36.19 -21.10
CA VAL B 308 25.25 -37.38 -21.16
C VAL B 308 24.20 -37.18 -22.24
N GLN B 309 23.86 -38.25 -22.98
CA GLN B 309 22.81 -38.08 -23.97
C GLN B 309 21.49 -37.89 -23.24
N ALA B 310 20.60 -37.13 -23.87
CA ALA B 310 19.33 -36.77 -23.24
C ALA B 310 18.35 -37.93 -23.38
N ASN B 311 18.63 -38.99 -22.64
CA ASN B 311 17.67 -40.07 -22.48
C ASN B 311 16.47 -39.56 -21.67
N VAL B 312 15.46 -40.40 -21.52
CA VAL B 312 14.35 -40.07 -20.63
C VAL B 312 14.75 -40.19 -19.17
N ARG B 313 15.90 -40.79 -18.87
CA ARG B 313 16.34 -41.05 -17.51
C ARG B 313 17.51 -40.18 -17.09
N ASN B 314 18.47 -39.93 -17.98
CA ASN B 314 19.50 -38.94 -17.70
C ASN B 314 18.87 -37.58 -17.47
N LYS B 315 17.86 -37.25 -18.27
CA LYS B 315 17.14 -36.00 -18.09
C LYS B 315 16.42 -35.96 -16.76
N LYS B 316 15.87 -37.09 -16.31
CA LYS B 316 15.26 -37.12 -14.99
C LYS B 316 16.28 -36.86 -13.89
N VAL B 317 17.46 -37.46 -14.01
CA VAL B 317 18.50 -37.24 -13.01
C VAL B 317 18.87 -35.77 -12.96
N LEU B 318 19.05 -35.15 -14.14
CA LEU B 318 19.40 -33.74 -14.18
C LEU B 318 18.28 -32.87 -13.61
N LYS B 319 17.02 -33.19 -13.91
CA LYS B 319 15.92 -32.41 -13.37
C LYS B 319 15.85 -32.50 -11.86
N ASP B 320 16.03 -33.72 -11.33
CA ASP B 320 15.99 -33.90 -9.87
C ASP B 320 17.15 -33.16 -9.21
N ALA B 321 18.33 -33.18 -9.82
CA ALA B 321 19.45 -32.45 -9.28
C ALA B 321 19.22 -30.94 -9.32
N VAL B 322 18.59 -30.45 -10.40
CA VAL B 322 18.32 -29.02 -10.51
C VAL B 322 17.27 -28.59 -9.49
N ASN B 323 16.26 -29.40 -9.25
CA ASN B 323 15.21 -29.05 -8.30
C ASN B 323 15.67 -29.03 -6.85
N ASN B 324 16.97 -29.23 -6.60
CA ASN B 324 17.52 -29.26 -5.25
C ASN B 324 18.80 -28.44 -5.18
N ILE B 325 18.75 -27.24 -5.74
CA ILE B 325 19.87 -26.32 -5.66
C ILE B 325 19.46 -25.11 -4.83
N THR B 326 20.42 -24.52 -4.13
CA THR B 326 20.19 -23.38 -3.28
C THR B 326 21.14 -22.25 -3.68
N ALA B 327 20.71 -21.02 -3.42
CA ALA B 327 21.41 -19.83 -3.86
C ALA B 327 22.20 -19.23 -2.72
N LYS B 328 23.53 -19.19 -2.86
CA LYS B 328 24.39 -18.56 -1.87
C LYS B 328 25.78 -18.29 -2.44
N GLY B 329 26.21 -17.04 -2.46
CA GLY B 329 27.57 -16.73 -2.85
C GLY B 329 27.64 -15.45 -3.66
N ILE B 330 28.79 -15.25 -4.30
CA ILE B 330 29.08 -14.07 -5.10
C ILE B 330 29.49 -14.54 -6.49
N THR B 331 28.78 -14.05 -7.52
CA THR B 331 28.95 -14.54 -8.88
C THR B 331 30.39 -14.36 -9.37
N ASP B 332 30.89 -15.38 -10.08
CA ASP B 332 32.20 -15.34 -10.74
C ASP B 332 32.04 -15.91 -12.15
N TYR B 333 31.85 -15.02 -13.12
CA TYR B 333 31.61 -15.47 -14.50
C TYR B 333 32.85 -16.11 -15.10
N LYS B 334 34.03 -15.57 -14.80
CA LYS B 334 35.26 -16.10 -15.37
C LYS B 334 35.58 -17.50 -14.87
N LYS B 335 34.92 -17.98 -13.82
CA LYS B 335 35.10 -19.33 -13.34
C LYS B 335 34.01 -20.29 -13.79
N GLY B 336 32.85 -19.78 -14.20
CA GLY B 336 31.80 -20.63 -14.72
C GLY B 336 31.96 -20.84 -16.22
N PHE B 337 32.37 -19.80 -16.93
CA PHE B 337 32.58 -19.95 -18.36
C PHE B 337 33.82 -20.78 -18.65
N SER B 338 34.85 -20.64 -17.83
CA SER B 338 36.04 -21.48 -17.97
C SER B 338 35.75 -22.94 -17.65
N PHE B 339 34.65 -23.21 -16.95
CA PHE B 339 34.21 -24.58 -16.68
C PHE B 339 33.38 -25.13 -17.83
N ALA B 340 32.46 -24.30 -18.33
CA ALA B 340 31.63 -24.71 -19.46
C ALA B 340 32.48 -25.00 -20.69
N PHE B 341 33.42 -24.11 -21.01
CA PHE B 341 34.25 -24.29 -22.19
C PHE B 341 35.15 -25.51 -22.07
N GLU B 342 35.55 -25.87 -20.86
CA GLU B 342 36.39 -27.06 -20.69
C GLU B 342 35.56 -28.34 -20.76
N GLN B 343 34.31 -28.33 -20.30
CA GLN B 343 33.48 -29.50 -20.53
C GLN B 343 33.01 -29.62 -21.97
N LEU B 344 33.02 -28.53 -22.73
CA LEU B 344 32.70 -28.62 -24.14
C LEU B 344 33.91 -29.02 -24.99
N LEU B 345 35.05 -29.25 -24.35
CA LEU B 345 36.26 -29.71 -25.03
C LEU B 345 36.61 -31.14 -24.71
N ASN B 346 35.81 -31.81 -23.88
CA ASN B 346 36.10 -33.18 -23.46
C ASN B 346 35.68 -34.12 -24.59
N TYR B 347 36.67 -34.83 -25.16
CA TYR B 347 36.40 -35.73 -26.27
C TYR B 347 36.66 -37.18 -25.93
N ASN B 348 36.95 -37.48 -24.66
CA ASN B 348 37.03 -38.88 -24.26
C ASN B 348 35.67 -39.56 -24.27
N VAL B 349 34.59 -38.79 -24.24
CA VAL B 349 33.25 -39.33 -24.10
C VAL B 349 32.52 -39.18 -25.43
N SER B 350 31.42 -39.92 -25.56
CA SER B 350 30.61 -39.86 -26.77
C SER B 350 29.75 -38.61 -26.74
N ARG B 351 29.63 -37.96 -27.90
CA ARG B 351 28.91 -36.71 -27.99
C ARG B 351 28.39 -36.53 -29.40
N ALA B 352 27.48 -35.55 -29.56
CA ALA B 352 26.94 -35.25 -30.88
C ALA B 352 27.99 -34.64 -31.80
N ASN B 353 29.04 -34.04 -31.23
CA ASN B 353 30.19 -33.53 -31.99
C ASN B 353 29.79 -32.45 -32.98
N CYS B 354 28.71 -31.72 -32.68
CA CYS B 354 28.35 -30.56 -33.47
C CYS B 354 27.32 -29.75 -32.70
N ASN B 355 27.19 -28.48 -33.08
CA ASN B 355 26.29 -27.53 -32.42
C ASN B 355 26.61 -27.43 -30.93
N LYS B 356 27.82 -26.94 -30.64
CA LYS B 356 28.28 -26.75 -29.28
C LYS B 356 27.79 -25.40 -28.77
N ILE B 357 26.90 -25.42 -27.78
CA ILE B 357 26.24 -24.21 -27.29
C ILE B 357 26.31 -24.17 -25.77
N ILE B 358 26.32 -22.96 -25.21
CA ILE B 358 26.25 -22.73 -23.78
C ILE B 358 25.03 -21.88 -23.49
N MET B 359 24.18 -22.33 -22.58
CA MET B 359 22.99 -21.60 -22.20
C MET B 359 23.18 -21.07 -20.78
N LEU B 360 23.26 -19.76 -20.64
CA LEU B 360 23.54 -19.12 -19.37
C LEU B 360 22.23 -18.63 -18.76
N PHE B 361 21.86 -19.19 -17.61
CA PHE B 361 20.67 -18.77 -16.88
C PHE B 361 21.11 -17.94 -15.69
N THR B 362 20.93 -16.62 -15.80
CA THR B 362 21.32 -15.69 -14.77
C THR B 362 20.23 -14.64 -14.64
N ASP B 363 20.50 -13.59 -13.89
CA ASP B 363 19.59 -12.46 -13.80
C ASP B 363 20.20 -11.17 -14.32
N GLY B 364 21.41 -10.85 -13.89
CA GLY B 364 22.08 -9.64 -14.35
C GLY B 364 23.38 -9.44 -13.61
N GLY B 365 24.33 -8.77 -14.24
CA GLY B 365 25.62 -8.57 -13.64
C GLY B 365 26.35 -7.42 -14.27
N GLU B 366 27.64 -7.32 -13.93
CA GLU B 366 28.50 -6.27 -14.45
C GLU B 366 29.71 -6.77 -15.20
N GLU B 367 30.07 -8.03 -15.08
CA GLU B 367 31.26 -8.57 -15.74
C GLU B 367 30.89 -9.19 -17.07
N ARG B 368 31.64 -8.84 -18.10
CA ARG B 368 31.46 -9.44 -19.42
C ARG B 368 32.51 -10.49 -19.75
N ALA B 369 33.68 -10.43 -19.09
CA ALA B 369 34.70 -11.47 -19.20
C ALA B 369 35.16 -11.67 -20.64
N GLN B 370 35.73 -10.60 -21.20
CA GLN B 370 36.23 -10.68 -22.57
C GLN B 370 37.43 -11.61 -22.69
N GLU B 371 38.25 -11.69 -21.63
CA GLU B 371 39.44 -12.53 -21.68
C GLU B 371 39.08 -14.00 -21.84
N ILE B 372 38.04 -14.46 -21.14
CA ILE B 372 37.65 -15.86 -21.23
C ILE B 372 37.21 -16.21 -22.65
N PHE B 373 36.43 -15.33 -23.27
CA PHE B 373 35.98 -15.60 -24.64
C PHE B 373 37.14 -15.53 -25.61
N ASN B 374 38.05 -14.55 -25.44
CA ASN B 374 39.21 -14.50 -26.33
C ASN B 374 40.11 -15.70 -26.16
N LYS B 375 40.11 -16.31 -24.98
CA LYS B 375 40.98 -17.46 -24.74
C LYS B 375 40.35 -18.75 -25.27
N TYR B 376 39.08 -18.97 -24.98
CA TYR B 376 38.44 -20.24 -25.30
C TYR B 376 37.72 -20.22 -26.63
N ASN B 377 36.95 -19.18 -26.92
CA ASN B 377 36.14 -19.10 -28.13
C ASN B 377 36.51 -17.82 -28.88
N LYS B 378 37.59 -17.90 -29.66
CA LYS B 378 38.04 -16.78 -30.47
C LYS B 378 37.74 -16.97 -31.96
N ASP B 379 37.75 -18.21 -32.44
CA ASP B 379 37.28 -18.51 -33.78
C ASP B 379 35.78 -18.70 -33.84
N LYS B 380 35.09 -18.52 -32.71
CA LYS B 380 33.63 -18.52 -32.63
C LYS B 380 33.05 -19.83 -33.14
N LYS B 381 33.43 -20.92 -32.47
CA LYS B 381 32.88 -22.23 -32.76
C LYS B 381 31.82 -22.64 -31.75
N VAL B 382 31.54 -21.82 -30.74
CA VAL B 382 30.56 -22.13 -29.72
C VAL B 382 29.60 -20.95 -29.62
N ARG B 383 28.30 -21.22 -29.77
CA ARG B 383 27.29 -20.21 -29.55
C ARG B 383 27.03 -20.05 -28.06
N VAL B 384 26.60 -18.85 -27.67
CA VAL B 384 26.27 -18.56 -26.27
C VAL B 384 24.89 -17.92 -26.25
N PHE B 385 23.95 -18.54 -25.53
CA PHE B 385 22.61 -18.02 -25.35
C PHE B 385 22.47 -17.60 -23.89
N THR B 386 22.11 -16.35 -23.66
CA THR B 386 22.00 -15.81 -22.31
C THR B 386 20.54 -15.51 -21.99
N PHE B 387 20.10 -15.94 -20.82
CA PHE B 387 18.74 -15.73 -20.34
C PHE B 387 18.78 -14.85 -19.12
N SER B 388 17.94 -13.82 -19.09
CA SER B 388 17.83 -12.92 -17.94
C SER B 388 16.53 -13.29 -17.23
N VAL B 389 16.63 -14.24 -16.32
CA VAL B 389 15.46 -14.83 -15.68
C VAL B 389 15.05 -13.98 -14.48
N GLY B 390 13.74 -13.87 -14.28
CA GLY B 390 13.19 -13.24 -13.10
C GLY B 390 12.77 -11.81 -13.33
N GLN B 391 12.11 -11.26 -12.31
CA GLN B 391 11.65 -9.88 -12.31
C GLN B 391 12.53 -9.12 -11.33
N HIS B 392 13.39 -8.24 -11.84
CA HIS B 392 14.41 -7.60 -11.03
C HIS B 392 14.84 -6.33 -11.74
N ASN B 393 15.92 -5.72 -11.24
CA ASN B 393 16.51 -4.54 -11.88
C ASN B 393 18.02 -4.62 -11.68
N TYR B 394 18.70 -5.19 -12.66
CA TYR B 394 20.16 -5.30 -12.67
C TYR B 394 20.64 -4.96 -14.08
N ASP B 395 21.93 -4.69 -14.19
CA ASP B 395 22.51 -4.43 -15.50
C ASP B 395 22.36 -5.66 -16.39
N ARG B 396 21.85 -5.45 -17.59
CA ARG B 396 21.64 -6.53 -18.55
C ARG B 396 22.48 -6.36 -19.81
N GLY B 397 23.29 -5.30 -19.86
CA GLY B 397 24.14 -5.05 -21.00
C GLY B 397 25.19 -6.11 -21.25
N PRO B 398 25.95 -6.50 -20.21
CA PRO B 398 26.97 -7.53 -20.43
C PRO B 398 26.43 -8.85 -20.94
N ILE B 399 25.27 -9.30 -20.45
CA ILE B 399 24.76 -10.59 -20.87
C ILE B 399 24.18 -10.50 -22.28
N GLN B 400 23.70 -9.32 -22.66
CA GLN B 400 23.35 -9.12 -24.07
C GLN B 400 24.60 -9.10 -24.94
N TRP B 401 25.69 -8.51 -24.46
CA TRP B 401 26.92 -8.49 -25.23
C TRP B 401 27.50 -9.89 -25.40
N MET B 402 27.34 -10.75 -24.39
CA MET B 402 27.81 -12.12 -24.50
C MET B 402 27.12 -12.84 -25.65
N ALA B 403 25.80 -12.66 -25.78
CA ALA B 403 25.07 -13.27 -26.88
C ALA B 403 25.45 -12.63 -28.21
N CYS B 404 25.58 -11.30 -28.24
CA CYS B 404 25.88 -10.61 -29.49
C CYS B 404 27.24 -11.01 -30.04
N GLU B 405 28.24 -11.11 -29.18
CA GLU B 405 29.59 -11.41 -29.64
C GLU B 405 29.72 -12.85 -30.13
N ASN B 406 29.05 -13.78 -29.46
CA ASN B 406 29.29 -15.21 -29.65
C ASN B 406 28.21 -15.89 -30.47
N LYS B 407 27.66 -15.22 -31.47
CA LYS B 407 26.72 -15.84 -32.41
C LYS B 407 25.51 -16.44 -31.70
N GLY B 408 25.02 -15.75 -30.68
CA GLY B 408 23.92 -16.28 -29.89
C GLY B 408 22.71 -15.37 -29.89
N TYR B 409 21.84 -15.53 -28.90
CA TYR B 409 20.64 -14.74 -28.79
C TYR B 409 20.38 -14.46 -27.32
N TYR B 410 19.63 -13.40 -27.02
CA TYR B 410 19.38 -13.00 -25.65
C TYR B 410 17.89 -13.06 -25.37
N TYR B 411 17.51 -13.70 -24.27
CA TYR B 411 16.13 -13.98 -23.95
C TYR B 411 15.83 -13.49 -22.53
N GLU B 412 14.55 -13.19 -22.27
CA GLU B 412 14.11 -12.70 -20.98
C GLU B 412 12.90 -13.50 -20.51
N ILE B 413 12.96 -14.02 -19.30
CA ILE B 413 11.85 -14.76 -18.71
C ILE B 413 11.41 -14.05 -17.43
N PRO B 414 10.42 -13.14 -17.51
CA PRO B 414 9.99 -12.42 -16.31
C PRO B 414 8.91 -13.11 -15.49
N SER B 415 8.30 -14.17 -16.00
CA SER B 415 7.25 -14.87 -15.26
C SER B 415 7.14 -16.29 -15.80
N ILE B 416 6.25 -17.07 -15.19
CA ILE B 416 6.09 -18.47 -15.58
C ILE B 416 5.53 -18.58 -16.99
N GLY B 417 4.67 -17.65 -17.38
CA GLY B 417 4.04 -17.72 -18.68
C GLY B 417 4.96 -17.54 -19.86
N ALA B 418 6.16 -17.00 -19.65
CA ALA B 418 7.12 -16.77 -20.72
C ALA B 418 8.12 -17.91 -20.88
N ILE B 419 8.11 -18.87 -19.96
CA ILE B 419 9.13 -19.92 -19.95
C ILE B 419 9.07 -20.75 -21.21
N ARG B 420 7.87 -21.19 -21.59
CA ARG B 420 7.74 -22.10 -22.75
C ARG B 420 8.26 -21.44 -24.02
N ILE B 421 7.76 -20.23 -24.31
CA ILE B 421 8.13 -19.55 -25.54
C ILE B 421 9.61 -19.21 -25.53
N ASN B 422 10.13 -18.71 -24.41
CA ASN B 422 11.53 -18.28 -24.41
C ASN B 422 12.51 -19.43 -24.28
N THR B 423 12.05 -20.64 -23.97
CA THR B 423 12.92 -21.80 -24.00
C THR B 423 12.81 -22.61 -25.28
N GLN B 424 11.81 -22.36 -26.12
CA GLN B 424 11.72 -23.07 -27.39
C GLN B 424 12.29 -22.30 -28.59
N GLU B 425 12.82 -21.08 -28.39
CA GLU B 425 13.18 -20.22 -29.51
C GLU B 425 14.61 -20.38 -30.02
N TYR B 426 15.52 -20.99 -29.27
CA TYR B 426 16.90 -21.08 -29.74
C TYR B 426 17.03 -21.93 -30.99
N LEU B 427 16.01 -22.72 -31.32
CA LEU B 427 16.07 -23.50 -32.55
C LEU B 427 15.98 -22.61 -33.78
N ASP B 428 15.35 -21.44 -33.66
CA ASP B 428 15.37 -20.49 -34.77
C ASP B 428 16.79 -20.05 -35.09
N VAL B 429 17.59 -19.79 -34.05
CA VAL B 429 18.99 -19.47 -34.26
C VAL B 429 19.75 -20.68 -34.81
N LEU B 430 19.46 -21.87 -34.27
CA LEU B 430 20.21 -23.05 -34.69
C LEU B 430 19.90 -23.48 -36.12
N GLY B 431 18.77 -23.08 -36.68
CA GLY B 431 18.43 -23.47 -38.02
C GLY B 431 18.97 -22.61 -39.14
N ARG B 432 19.71 -21.55 -38.84
CA ARG B 432 20.26 -20.70 -39.91
C ARG B 432 21.24 -21.43 -40.81
N PRO B 433 22.26 -22.12 -40.32
CA PRO B 433 23.21 -22.78 -41.23
C PRO B 433 22.58 -23.82 -42.14
N MET B 434 21.55 -24.54 -41.68
CA MET B 434 20.89 -25.51 -42.55
C MET B 434 19.96 -24.84 -43.56
N VAL B 435 19.42 -23.67 -43.24
CA VAL B 435 18.67 -22.92 -44.24
C VAL B 435 19.60 -22.44 -45.34
N LEU B 436 20.76 -21.91 -44.96
CA LEU B 436 21.73 -21.50 -45.97
C LEU B 436 22.33 -22.68 -46.72
N ALA B 437 22.13 -23.91 -46.25
CA ALA B 437 22.62 -25.07 -46.97
C ALA B 437 21.84 -25.36 -48.25
N GLY B 438 20.72 -24.66 -48.47
CA GLY B 438 19.98 -24.85 -49.70
C GLY B 438 19.29 -26.20 -49.75
N ASP B 439 19.18 -26.73 -50.97
CA ASP B 439 18.50 -28.01 -51.17
C ASP B 439 19.47 -29.16 -50.88
N LYS B 440 20.10 -29.11 -49.71
CA LYS B 440 20.93 -30.18 -49.21
C LYS B 440 20.63 -30.53 -47.76
N ALA B 441 20.02 -29.63 -47.00
CA ALA B 441 19.53 -29.90 -45.66
C ALA B 441 18.12 -30.48 -45.66
N LYS B 442 17.51 -30.65 -46.83
CA LYS B 442 16.16 -31.18 -46.92
C LYS B 442 16.25 -32.70 -47.09
N GLN B 443 16.33 -33.41 -45.97
CA GLN B 443 16.29 -34.85 -45.94
C GLN B 443 15.22 -35.32 -44.97
N VAL B 444 14.48 -36.34 -45.36
CA VAL B 444 13.42 -36.86 -44.50
C VAL B 444 14.03 -37.63 -43.35
N GLN B 445 13.55 -37.35 -42.13
CA GLN B 445 14.07 -37.96 -40.91
C GLN B 445 12.91 -38.50 -40.10
N TRP B 446 13.07 -39.70 -39.57
CA TRP B 446 12.00 -40.37 -38.83
C TRP B 446 12.30 -40.34 -37.34
N THR B 447 11.27 -40.04 -36.55
CA THR B 447 11.45 -39.83 -35.12
C THR B 447 11.43 -41.14 -34.36
N ASN B 448 11.55 -41.04 -33.04
CA ASN B 448 11.38 -42.19 -32.17
C ASN B 448 9.90 -42.57 -32.09
N VAL B 449 9.65 -43.78 -31.64
CA VAL B 449 8.28 -44.22 -31.43
C VAL B 449 7.68 -43.42 -30.29
N TYR B 450 6.52 -42.82 -30.53
CA TYR B 450 5.84 -42.03 -29.52
C TYR B 450 4.34 -42.16 -29.72
N LEU B 451 3.60 -41.85 -28.65
CA LEU B 451 2.15 -41.91 -28.68
C LEU B 451 1.60 -40.69 -29.40
N ASP B 452 0.72 -40.93 -30.37
CA ASP B 452 0.18 -39.83 -31.16
C ASP B 452 -0.65 -38.90 -30.29
N ALA B 453 -0.66 -37.61 -30.65
CA ALA B 453 -1.42 -36.63 -29.89
C ALA B 453 -2.92 -36.87 -29.99
N LEU B 454 -3.39 -37.37 -31.13
CA LEU B 454 -4.82 -37.54 -31.38
C LEU B 454 -5.30 -38.96 -31.15
N GLU B 455 -4.75 -39.65 -30.14
CA GLU B 455 -5.15 -41.00 -29.76
C GLU B 455 -5.18 -41.93 -30.97
N LEU B 456 -4.02 -42.15 -31.55
CA LEU B 456 -3.88 -43.07 -32.68
C LEU B 456 -2.94 -44.22 -32.36
N GLY B 457 -2.24 -44.17 -31.24
CA GLY B 457 -1.36 -45.26 -30.84
C GLY B 457 0.09 -44.96 -31.05
N LEU B 458 0.90 -46.00 -31.27
CA LEU B 458 2.33 -45.85 -31.50
C LEU B 458 2.57 -45.46 -32.95
N VAL B 459 3.16 -44.28 -33.16
CA VAL B 459 3.45 -43.77 -34.50
C VAL B 459 4.86 -43.20 -34.51
N ILE B 460 5.41 -43.11 -35.71
CA ILE B 460 6.65 -42.37 -35.97
C ILE B 460 6.34 -41.37 -37.07
N THR B 461 7.11 -40.29 -37.10
CA THR B 461 6.83 -39.17 -37.98
C THR B 461 8.04 -38.86 -38.85
N GLY B 462 7.79 -38.68 -40.14
CA GLY B 462 8.81 -38.20 -41.06
C GLY B 462 8.67 -36.70 -41.24
N THR B 463 9.80 -36.00 -41.19
CA THR B 463 9.83 -34.55 -41.16
C THR B 463 10.69 -33.98 -42.27
N LEU B 464 10.33 -32.80 -42.75
CA LEU B 464 11.06 -32.09 -43.79
C LEU B 464 10.93 -30.58 -43.55
N PRO B 465 12.03 -29.86 -43.38
CA PRO B 465 11.93 -28.42 -43.13
C PRO B 465 11.45 -27.66 -44.36
N VAL B 466 10.79 -26.53 -44.11
CA VAL B 466 10.25 -25.67 -45.16
C VAL B 466 10.94 -24.32 -45.06
N PHE B 467 11.55 -23.89 -46.17
CA PHE B 467 12.38 -22.69 -46.18
C PHE B 467 11.60 -21.50 -46.73
N ASN B 468 12.10 -20.30 -46.43
CA ASN B 468 11.53 -19.06 -46.92
C ASN B 468 12.35 -18.57 -48.11
N ILE B 469 11.70 -18.44 -49.27
CA ILE B 469 12.43 -18.17 -50.51
C ILE B 469 11.84 -16.98 -51.25
N THR B 470 11.17 -16.08 -50.54
CA THR B 470 10.73 -14.84 -51.16
C THR B 470 11.94 -13.99 -51.54
N GLY B 471 11.90 -13.43 -52.74
CA GLY B 471 13.04 -12.65 -53.21
C GLY B 471 14.29 -13.48 -53.45
N GLN B 472 14.12 -14.69 -53.97
CA GLN B 472 15.23 -15.52 -54.41
C GLN B 472 15.30 -15.67 -55.91
N PHE B 473 14.14 -15.60 -56.59
CA PHE B 473 14.13 -15.61 -58.05
C PHE B 473 14.89 -14.41 -58.60
N GLU B 474 14.67 -13.24 -58.01
CA GLU B 474 15.53 -12.09 -58.19
C GLU B 474 16.28 -11.83 -56.89
N ASN B 475 17.54 -11.44 -57.02
CA ASN B 475 18.44 -11.38 -55.87
C ASN B 475 18.04 -10.19 -55.01
N LYS B 476 17.04 -10.39 -54.14
CA LYS B 476 16.44 -9.31 -53.38
C LYS B 476 16.68 -9.42 -51.87
N THR B 477 16.27 -10.53 -51.24
CA THR B 477 16.33 -10.62 -49.80
C THR B 477 17.00 -11.91 -49.36
N ASN B 478 17.88 -11.77 -48.38
CA ASN B 478 18.46 -12.91 -47.68
C ASN B 478 18.56 -12.69 -46.17
N LEU B 479 18.16 -11.53 -45.67
CA LEU B 479 18.37 -11.22 -44.25
C LEU B 479 17.44 -12.02 -43.35
N LYS B 480 16.15 -12.04 -43.65
CA LYS B 480 15.19 -12.82 -42.89
C LYS B 480 14.95 -14.20 -43.49
N ASN B 481 15.40 -14.44 -44.72
CA ASN B 481 15.18 -15.72 -45.37
C ASN B 481 15.94 -16.85 -44.69
N GLN B 482 16.85 -16.54 -43.77
CA GLN B 482 17.55 -17.59 -43.04
C GLN B 482 16.74 -18.03 -41.82
N LEU B 483 15.47 -18.36 -42.02
CA LEU B 483 14.62 -18.91 -40.98
C LEU B 483 13.60 -19.83 -41.65
N ILE B 484 13.43 -21.03 -41.10
CA ILE B 484 12.47 -21.96 -41.67
C ILE B 484 11.05 -21.43 -41.47
N LEU B 485 10.18 -21.73 -42.44
CA LEU B 485 8.77 -21.43 -42.28
C LEU B 485 8.12 -22.37 -41.28
N GLY B 486 8.58 -23.62 -41.26
CA GLY B 486 8.00 -24.64 -40.41
C GLY B 486 8.55 -25.99 -40.81
N VAL B 487 7.86 -27.03 -40.35
CA VAL B 487 8.25 -28.41 -40.62
C VAL B 487 7.03 -29.18 -41.11
N MET B 488 7.19 -29.89 -42.23
CA MET B 488 6.19 -30.85 -42.68
C MET B 488 6.27 -32.11 -41.85
N GLY B 489 5.19 -32.89 -41.86
CA GLY B 489 5.17 -34.12 -41.11
C GLY B 489 4.07 -35.07 -41.49
N VAL B 490 4.41 -36.34 -41.71
CA VAL B 490 3.44 -37.39 -42.00
C VAL B 490 3.64 -38.50 -40.98
N ASP B 491 2.54 -39.07 -40.50
CA ASP B 491 2.60 -40.12 -39.50
C ASP B 491 2.39 -41.48 -40.16
N VAL B 492 3.26 -42.43 -39.81
CA VAL B 492 3.06 -43.83 -40.16
C VAL B 492 2.97 -44.61 -38.86
N SER B 493 1.89 -45.37 -38.71
CA SER B 493 1.66 -46.13 -37.49
C SER B 493 2.46 -47.42 -37.50
N LEU B 494 2.84 -47.88 -36.30
CA LEU B 494 3.56 -49.14 -36.20
C LEU B 494 2.73 -50.32 -36.65
N GLU B 495 1.41 -50.19 -36.65
CA GLU B 495 0.58 -51.27 -37.18
C GLU B 495 0.80 -51.47 -38.67
N ASP B 496 1.13 -50.40 -39.40
CA ASP B 496 1.48 -50.55 -40.81
C ASP B 496 2.74 -51.38 -40.96
N ILE B 497 3.78 -51.06 -40.21
CA ILE B 497 5.03 -51.82 -40.29
C ILE B 497 4.78 -53.26 -39.87
N LYS B 498 3.92 -53.49 -38.89
CA LYS B 498 3.59 -54.85 -38.48
C LYS B 498 2.80 -55.58 -39.56
N ARG B 499 1.97 -54.86 -40.32
CA ARG B 499 1.29 -55.48 -41.46
C ARG B 499 2.29 -55.90 -42.52
N LEU B 500 3.34 -55.11 -42.73
CA LEU B 500 4.31 -55.48 -43.76
C LEU B 500 5.19 -56.66 -43.37
N THR B 501 5.09 -57.16 -42.14
CA THR B 501 5.88 -58.29 -41.66
C THR B 501 4.94 -59.37 -41.13
N PRO B 502 4.38 -60.21 -42.00
CA PRO B 502 3.47 -61.26 -41.55
C PRO B 502 4.18 -62.27 -40.67
N ARG B 503 3.45 -62.81 -39.68
CA ARG B 503 4.07 -63.67 -38.69
C ARG B 503 3.35 -65.00 -38.51
N PHE B 504 2.46 -65.38 -39.42
CA PHE B 504 1.68 -66.60 -39.24
C PHE B 504 2.22 -67.77 -40.04
N THR B 505 3.27 -67.58 -40.82
CA THR B 505 4.04 -68.68 -41.37
C THR B 505 5.18 -69.09 -40.45
N LEU B 506 5.33 -68.41 -39.31
CA LEU B 506 6.34 -68.71 -38.32
C LEU B 506 5.69 -69.46 -37.15
N CYS B 507 6.53 -70.03 -36.30
CA CYS B 507 6.02 -70.63 -35.09
C CYS B 507 5.66 -69.52 -34.11
N PRO B 508 4.96 -69.84 -33.03
CA PRO B 508 4.69 -68.81 -32.02
C PRO B 508 5.95 -68.19 -31.43
N ASN B 509 7.09 -68.86 -31.53
CA ASN B 509 8.33 -68.39 -30.93
C ASN B 509 9.16 -67.51 -31.86
N GLY B 510 8.74 -67.33 -33.11
CA GLY B 510 9.47 -66.53 -34.07
C GLY B 510 8.84 -65.16 -34.20
N TYR B 511 9.66 -64.15 -34.48
CA TYR B 511 9.16 -62.78 -34.57
C TYR B 511 10.15 -61.93 -35.35
N TYR B 512 9.70 -60.73 -35.72
CA TYR B 512 10.52 -59.69 -36.30
C TYR B 512 10.80 -58.63 -35.24
N PHE B 513 11.86 -57.86 -35.46
CA PHE B 513 12.10 -56.66 -34.68
C PHE B 513 13.08 -55.77 -35.44
N ALA B 514 13.01 -54.47 -35.14
CA ALA B 514 13.78 -53.49 -35.89
C ALA B 514 14.48 -52.55 -34.92
N ILE B 515 15.67 -52.09 -35.32
CA ILE B 515 16.56 -51.32 -34.47
C ILE B 515 16.99 -50.06 -35.22
N ASP B 516 16.91 -48.92 -34.55
CA ASP B 516 17.45 -47.68 -35.10
C ASP B 516 18.87 -47.50 -34.57
N PRO B 517 19.61 -46.50 -35.07
CA PRO B 517 21.02 -46.36 -34.66
C PRO B 517 21.25 -46.25 -33.16
N ASN B 518 20.31 -45.67 -32.41
CA ASN B 518 20.44 -45.60 -30.96
C ASN B 518 20.22 -46.93 -30.28
N GLY B 519 19.77 -47.95 -31.00
CA GLY B 519 19.50 -49.24 -30.43
C GLY B 519 18.08 -49.45 -29.99
N TYR B 520 17.23 -48.43 -30.03
CA TYR B 520 15.85 -48.60 -29.62
C TYR B 520 15.08 -49.45 -30.63
N VAL B 521 13.99 -50.05 -30.17
CA VAL B 521 13.22 -50.94 -31.02
C VAL B 521 12.12 -50.16 -31.71
N LEU B 522 12.00 -50.36 -33.03
CA LEU B 522 10.85 -49.90 -33.78
C LEU B 522 9.76 -50.97 -33.83
N LEU B 523 10.17 -52.23 -33.88
CA LEU B 523 9.27 -53.36 -33.76
C LEU B 523 9.77 -54.27 -32.65
N HIS B 524 8.86 -54.77 -31.83
CA HIS B 524 9.18 -55.84 -30.90
C HIS B 524 7.89 -56.40 -30.33
N PRO B 525 7.80 -57.71 -30.13
CA PRO B 525 6.64 -58.26 -29.43
C PRO B 525 6.49 -57.75 -28.02
N ASN B 526 7.57 -57.25 -27.42
CA ASN B 526 7.61 -56.83 -26.03
C ASN B 526 7.47 -55.32 -25.87
N LEU B 527 7.08 -54.62 -26.93
CA LEU B 527 6.87 -53.17 -26.90
C LEU B 527 5.39 -52.91 -26.78
N GLN B 528 4.96 -52.32 -25.67
CA GLN B 528 3.54 -52.05 -25.43
C GLN B 528 3.25 -50.56 -25.59
N PRO B 529 2.02 -50.21 -25.96
CA PRO B 529 1.67 -48.80 -26.12
C PRO B 529 1.50 -48.07 -24.79
N LYS B 530 2.55 -48.05 -23.99
CA LYS B 530 2.54 -47.40 -22.69
C LYS B 530 3.82 -46.60 -22.55
N PRO B 531 3.79 -45.48 -21.83
CA PRO B 531 4.99 -44.66 -21.68
C PRO B 531 6.08 -45.40 -20.91
N ILE B 532 7.32 -45.10 -21.26
CA ILE B 532 8.46 -45.75 -20.62
C ILE B 532 8.58 -45.29 -19.18
N GLY B 533 8.60 -46.24 -18.26
CA GLY B 533 8.80 -45.89 -16.86
C GLY B 533 10.21 -45.39 -16.63
N VAL B 534 10.34 -44.39 -15.76
CA VAL B 534 11.60 -43.72 -15.53
C VAL B 534 12.15 -43.94 -14.14
N GLY B 535 11.32 -44.36 -13.19
CA GLY B 535 11.81 -44.61 -11.85
C GLY B 535 10.67 -45.03 -10.94
N ILE B 536 10.99 -45.18 -9.67
CA ILE B 536 9.99 -45.54 -8.66
C ILE B 536 8.95 -44.42 -8.58
N PRO B 537 7.65 -44.73 -8.56
CA PRO B 537 6.65 -43.66 -8.61
C PRO B 537 6.48 -42.96 -7.27
N THR B 538 6.84 -41.68 -7.23
CA THR B 538 6.75 -40.90 -6.00
C THR B 538 5.30 -40.78 -5.55
N ILE B 539 5.11 -40.79 -4.23
CA ILE B 539 3.78 -40.69 -3.64
C ILE B 539 3.25 -39.29 -3.89
N ASN B 540 1.94 -39.11 -3.81
CA ASN B 540 1.29 -37.82 -4.04
C ASN B 540 1.60 -37.28 -5.44
N SER B 553 2.30 -39.03 -21.76
CA SER B 553 1.99 -39.31 -23.15
C SER B 553 2.79 -38.41 -24.08
N GLN B 554 3.59 -37.51 -23.49
CA GLN B 554 4.43 -36.60 -24.25
C GLN B 554 5.84 -37.13 -24.46
N GLU B 555 6.30 -38.06 -23.62
CA GLU B 555 7.62 -38.62 -23.79
C GLU B 555 7.60 -39.73 -24.86
N PRO B 556 8.70 -39.91 -25.58
CA PRO B 556 8.76 -41.01 -26.54
C PRO B 556 8.86 -42.35 -25.85
N VAL B 557 8.40 -43.39 -26.54
CA VAL B 557 8.49 -44.76 -26.05
C VAL B 557 9.81 -45.30 -26.59
N THR B 558 10.90 -44.99 -25.89
CA THR B 558 12.23 -45.39 -26.30
C THR B 558 12.66 -46.59 -25.47
N LEU B 559 12.58 -47.78 -26.06
CA LEU B 559 12.92 -49.01 -25.40
C LEU B 559 14.08 -49.65 -26.15
N ASP B 560 15.20 -49.84 -25.46
CA ASP B 560 16.37 -50.42 -26.10
C ASP B 560 16.13 -51.89 -26.39
N PHE B 561 16.89 -52.42 -27.35
CA PHE B 561 16.80 -53.85 -27.65
C PHE B 561 17.17 -54.67 -26.43
N LEU B 562 18.23 -54.29 -25.73
CA LEU B 562 18.67 -55.06 -24.58
C LEU B 562 17.68 -54.99 -23.44
N ASP B 563 16.90 -53.92 -23.35
CA ASP B 563 15.87 -53.77 -22.33
C ASP B 563 14.55 -54.43 -22.72
N ALA B 564 14.40 -54.84 -23.98
CA ALA B 564 13.21 -55.54 -24.43
C ALA B 564 13.35 -57.06 -24.36
N GLU B 565 14.58 -57.55 -24.27
CA GLU B 565 14.84 -58.98 -24.18
C GLU B 565 15.76 -59.25 -23.00
N LEU B 566 16.24 -60.48 -22.86
CA LEU B 566 17.23 -60.82 -21.84
C LEU B 566 18.61 -60.59 -22.43
N GLU B 567 19.37 -59.68 -21.81
CA GLU B 567 20.68 -59.33 -22.33
C GLU B 567 21.60 -60.55 -22.33
N ASN B 568 22.43 -60.63 -23.36
CA ASN B 568 23.38 -61.72 -23.52
C ASN B 568 24.63 -61.18 -24.20
N ASP B 569 25.76 -61.85 -23.94
CA ASP B 569 27.02 -61.39 -24.53
C ASP B 569 26.95 -61.41 -26.06
N ILE B 570 26.33 -62.45 -26.62
CA ILE B 570 26.16 -62.52 -28.08
C ILE B 570 25.16 -61.50 -28.59
N LYS B 571 24.12 -61.20 -27.84
CA LYS B 571 23.14 -60.19 -28.21
C LYS B 571 23.74 -58.80 -28.25
N VAL B 572 24.66 -58.48 -27.34
CA VAL B 572 25.34 -57.19 -27.36
C VAL B 572 26.18 -57.02 -28.61
N GLU B 573 26.60 -58.11 -29.25
CA GLU B 573 27.36 -58.09 -30.49
C GLU B 573 26.44 -58.00 -31.70
N ILE B 574 25.35 -58.75 -31.67
CA ILE B 574 24.36 -58.72 -32.75
C ILE B 574 23.78 -57.32 -32.87
N ARG B 575 23.48 -56.70 -31.73
CA ARG B 575 22.91 -55.35 -31.75
C ARG B 575 23.89 -54.34 -32.34
N ASN B 576 25.18 -54.45 -31.98
CA ASN B 576 26.17 -53.55 -32.55
C ASN B 576 26.31 -53.75 -34.06
N LYS B 577 26.28 -55.00 -34.50
CA LYS B 577 26.37 -55.25 -35.94
C LYS B 577 25.15 -54.69 -36.67
N MET B 578 23.96 -54.80 -36.08
CA MET B 578 22.78 -54.20 -36.69
C MET B 578 22.89 -52.69 -36.73
N ILE B 579 23.41 -52.06 -35.68
CA ILE B 579 23.57 -50.61 -35.67
C ILE B 579 24.55 -50.18 -36.73
N ASP B 580 25.66 -50.91 -36.88
CA ASP B 580 26.68 -50.57 -37.88
C ASP B 580 26.14 -50.65 -39.30
N GLY B 581 25.05 -51.39 -39.53
CA GLY B 581 24.52 -51.55 -40.86
C GLY B 581 25.12 -52.72 -41.61
N GLU B 582 25.11 -53.90 -40.99
CA GLU B 582 25.61 -55.11 -41.61
C GLU B 582 24.51 -56.16 -41.63
N SER B 583 24.76 -57.25 -42.34
CA SER B 583 23.81 -58.35 -42.44
C SER B 583 24.54 -59.67 -42.22
N GLY B 584 23.86 -60.60 -41.53
CA GLY B 584 24.47 -61.88 -41.26
C GLY B 584 23.52 -62.80 -40.54
N GLU B 585 24.03 -63.98 -40.19
CA GLU B 585 23.28 -64.97 -39.43
C GLU B 585 24.05 -65.34 -38.18
N LYS B 586 23.34 -65.79 -37.14
CA LYS B 586 23.97 -66.18 -35.90
C LYS B 586 23.05 -67.18 -35.19
N THR B 587 23.40 -68.45 -35.27
CA THR B 587 22.67 -69.51 -34.57
C THR B 587 23.37 -69.80 -33.25
N PHE B 588 22.63 -69.68 -32.16
CA PHE B 588 23.26 -69.85 -30.86
C PHE B 588 22.21 -70.23 -29.83
N ARG B 589 22.70 -70.76 -28.71
CA ARG B 589 21.86 -71.18 -27.60
C ARG B 589 21.67 -70.03 -26.63
N THR B 590 20.45 -69.51 -26.58
CA THR B 590 20.10 -68.33 -25.79
C THR B 590 19.17 -68.73 -24.64
N LEU B 591 18.68 -67.71 -23.94
CA LEU B 591 17.91 -67.89 -22.71
C LEU B 591 16.63 -67.07 -22.84
N VAL B 592 15.53 -67.71 -23.21
CA VAL B 592 14.28 -67.03 -23.56
C VAL B 592 13.35 -67.04 -22.35
N LYS B 593 12.62 -65.94 -22.18
CA LYS B 593 11.67 -65.80 -21.08
C LYS B 593 10.25 -66.04 -21.57
N SER B 594 9.45 -66.72 -20.74
CA SER B 594 8.12 -67.13 -21.13
C SER B 594 7.17 -65.94 -21.23
N GLN B 595 6.03 -66.18 -21.88
CA GLN B 595 5.03 -65.14 -22.08
C GLN B 595 4.48 -64.64 -20.74
N ASP B 596 4.18 -65.55 -19.82
CA ASP B 596 3.57 -65.17 -18.54
C ASP B 596 4.56 -64.59 -17.55
N GLU B 597 5.85 -64.60 -17.87
CA GLU B 597 6.89 -63.94 -17.07
C GLU B 597 7.06 -64.61 -15.71
N ARG B 598 7.09 -65.94 -15.70
CA ARG B 598 7.42 -66.68 -14.49
C ARG B 598 8.46 -67.77 -14.70
N TYR B 599 8.75 -68.15 -15.94
CA TYR B 599 9.68 -69.23 -16.24
C TYR B 599 10.74 -68.74 -17.22
N ILE B 600 11.76 -69.55 -17.41
CA ILE B 600 12.78 -69.32 -18.43
C ILE B 600 13.12 -70.65 -19.09
N ASP B 601 13.22 -70.64 -20.42
CA ASP B 601 13.61 -71.82 -21.19
C ASP B 601 14.92 -71.55 -21.90
N LYS B 602 15.66 -72.63 -22.15
CA LYS B 602 16.99 -72.54 -22.75
C LYS B 602 16.89 -72.97 -24.21
N GLY B 603 16.41 -72.05 -25.03
CA GLY B 603 16.17 -72.35 -26.43
C GLY B 603 17.36 -72.04 -27.32
N ASN B 604 17.33 -72.63 -28.51
CA ASN B 604 18.37 -72.46 -29.53
C ASN B 604 17.75 -71.73 -30.70
N ARG B 605 18.21 -70.50 -30.95
CA ARG B 605 17.57 -69.60 -31.91
C ARG B 605 18.56 -69.15 -32.96
N THR B 606 18.02 -68.57 -34.03
CA THR B 606 18.79 -68.13 -35.19
C THR B 606 18.40 -66.69 -35.53
N TYR B 607 19.33 -65.76 -35.37
CA TYR B 607 19.08 -64.37 -35.70
C TYR B 607 19.59 -64.07 -37.10
N THR B 608 18.69 -63.62 -37.98
CA THR B 608 19.06 -63.21 -39.33
C THR B 608 18.65 -61.76 -39.53
N TRP B 609 19.60 -60.91 -39.89
CA TRP B 609 19.30 -59.48 -39.95
C TRP B 609 19.86 -58.90 -41.24
N THR B 610 19.28 -57.77 -41.64
CA THR B 610 19.71 -57.03 -42.82
C THR B 610 19.36 -55.58 -42.58
N PRO B 611 20.15 -54.64 -43.11
CA PRO B 611 19.78 -53.23 -43.00
C PRO B 611 18.61 -52.89 -43.90
N VAL B 612 17.73 -52.02 -43.40
CA VAL B 612 16.63 -51.50 -44.21
C VAL B 612 17.26 -50.45 -45.11
N ASN B 613 17.75 -50.91 -46.26
CA ASN B 613 18.42 -50.03 -47.21
C ASN B 613 17.50 -48.88 -47.60
N GLY B 614 18.07 -47.67 -47.62
CA GLY B 614 17.34 -46.45 -47.82
C GLY B 614 17.17 -45.62 -46.56
N THR B 615 16.96 -46.27 -45.42
CA THR B 615 16.81 -45.62 -44.13
C THR B 615 17.92 -46.11 -43.19
N ASP B 616 17.83 -45.69 -41.92
CA ASP B 616 18.82 -46.07 -40.93
C ASP B 616 18.41 -47.28 -40.07
N TYR B 617 17.22 -47.83 -40.29
CA TYR B 617 16.76 -48.97 -39.51
C TYR B 617 17.43 -50.25 -39.98
N SER B 618 17.37 -51.27 -39.11
CA SER B 618 17.85 -52.61 -39.43
C SER B 618 16.79 -53.61 -38.99
N LEU B 619 16.41 -54.51 -39.89
CA LEU B 619 15.43 -55.53 -39.60
C LEU B 619 16.12 -56.84 -39.22
N ALA B 620 15.50 -57.58 -38.29
CA ALA B 620 16.00 -58.89 -37.90
C ALA B 620 14.82 -59.84 -37.77
N LEU B 621 15.10 -61.12 -37.98
CA LEU B 621 14.08 -62.17 -37.89
C LEU B 621 14.61 -63.28 -37.00
N VAL B 622 13.94 -63.51 -35.88
CA VAL B 622 14.33 -64.54 -34.93
C VAL B 622 13.54 -65.81 -35.23
N LEU B 623 14.23 -66.93 -35.39
CA LEU B 623 13.58 -68.20 -35.66
C LEU B 623 14.28 -69.35 -34.93
N PRO B 624 13.54 -70.18 -34.21
CA PRO B 624 14.14 -71.39 -33.66
C PRO B 624 14.43 -72.41 -34.75
N THR B 625 15.12 -73.47 -34.36
CA THR B 625 15.51 -74.50 -35.32
C THR B 625 14.32 -75.24 -35.91
N TYR B 626 13.30 -75.54 -35.11
CA TYR B 626 12.17 -76.30 -35.59
C TYR B 626 11.23 -75.50 -36.47
N SER B 627 11.42 -74.19 -36.59
CA SER B 627 10.53 -73.32 -37.35
C SER B 627 11.05 -73.01 -38.74
N PHE B 628 11.93 -73.85 -39.28
CA PHE B 628 12.41 -73.67 -40.64
C PHE B 628 11.44 -74.19 -41.69
N TYR B 629 10.36 -74.85 -41.29
CA TYR B 629 9.38 -75.37 -42.21
C TYR B 629 7.98 -75.19 -41.62
N TYR B 630 7.01 -75.00 -42.50
CA TYR B 630 5.63 -74.79 -42.08
C TYR B 630 4.70 -75.55 -43.01
N ILE B 631 3.50 -75.81 -42.51
CA ILE B 631 2.49 -76.56 -43.26
C ILE B 631 1.68 -75.58 -44.11
N LYS B 632 1.63 -75.83 -45.41
CA LYS B 632 0.82 -75.05 -46.34
C LYS B 632 -0.35 -75.89 -46.79
N ALA B 633 -1.57 -75.42 -46.54
CA ALA B 633 -2.76 -76.20 -46.85
C ALA B 633 -3.01 -76.24 -48.34
N LYS B 634 -3.72 -77.28 -48.77
CA LYS B 634 -4.00 -77.51 -50.19
C LYS B 634 -5.31 -76.83 -50.58
N LEU B 635 -5.52 -76.72 -51.89
CA LEU B 635 -6.78 -76.17 -52.39
C LEU B 635 -7.95 -77.08 -52.06
N GLU B 636 -7.76 -78.39 -52.13
CA GLU B 636 -8.77 -79.41 -51.79
C GLU B 636 -9.95 -79.22 -52.72
N GLU B 637 -11.19 -79.27 -52.23
CA GLU B 637 -12.37 -79.12 -53.08
C GLU B 637 -13.52 -78.64 -52.22
N THR B 638 -14.57 -78.16 -52.88
CA THR B 638 -15.73 -77.63 -52.17
C THR B 638 -16.41 -78.68 -51.30
N ILE B 639 -16.20 -79.96 -51.58
CA ILE B 639 -16.76 -81.01 -50.73
C ILE B 639 -16.10 -81.00 -49.35
N THR B 640 -14.77 -80.89 -49.32
CA THR B 640 -14.05 -80.98 -48.05
C THR B 640 -14.25 -79.73 -47.19
N GLN B 641 -14.45 -78.58 -47.83
CA GLN B 641 -14.62 -77.34 -47.07
C GLN B 641 -15.84 -77.43 -46.17
N ALA B 642 -16.96 -77.92 -46.70
CA ALA B 642 -18.18 -78.03 -45.92
C ALA B 642 -18.03 -79.03 -44.78
N ARG B 643 -17.39 -80.18 -45.07
CA ARG B 643 -17.26 -81.21 -44.04
C ARG B 643 -16.35 -80.76 -42.91
N TYR B 644 -15.31 -79.98 -43.23
CA TYR B 644 -14.47 -79.43 -42.16
C TYR B 644 -15.17 -78.30 -41.43
N SER B 645 -15.95 -77.47 -42.12
CA SER B 645 -16.55 -76.30 -41.49
C SER B 645 -17.83 -76.62 -40.73
N GLU B 646 -18.44 -77.78 -40.95
CA GLU B 646 -19.59 -78.17 -40.16
C GLU B 646 -19.21 -78.62 -38.76
N THR B 647 -17.92 -78.79 -38.48
CA THR B 647 -17.45 -79.23 -37.18
C THR B 647 -17.49 -78.13 -36.13
N LEU B 648 -17.15 -76.90 -36.51
CA LEU B 648 -17.08 -75.79 -35.57
C LEU B 648 -18.38 -75.00 -35.51
N LYS B 649 -19.52 -75.63 -35.79
CA LYS B 649 -20.79 -74.98 -35.59
C LYS B 649 -21.05 -74.81 -34.08
N PRO B 650 -21.60 -73.67 -33.67
CA PRO B 650 -21.82 -73.42 -32.24
C PRO B 650 -22.68 -74.47 -31.56
N ASP B 651 -23.70 -74.97 -32.25
CA ASP B 651 -24.49 -76.07 -31.68
C ASP B 651 -23.76 -77.40 -31.73
N ASN B 652 -22.65 -77.49 -32.47
CA ASN B 652 -22.00 -78.76 -32.72
C ASN B 652 -20.85 -79.08 -31.78
N PHE B 653 -20.41 -78.14 -30.94
CA PHE B 653 -19.35 -78.51 -29.99
C PHE B 653 -19.90 -79.11 -28.71
N GLU B 654 -20.75 -80.12 -28.89
CA GLU B 654 -21.17 -81.02 -27.81
C GLU B 654 -20.62 -82.42 -28.01
N GLU B 655 -20.63 -82.91 -29.24
CA GLU B 655 -19.95 -84.14 -29.62
C GLU B 655 -18.54 -83.88 -30.12
N SER B 656 -18.11 -82.62 -30.17
CA SER B 656 -16.80 -82.25 -30.70
C SER B 656 -15.95 -81.45 -29.73
N GLY B 657 -16.53 -80.89 -28.68
CA GLY B 657 -15.78 -80.14 -27.69
C GLY B 657 -15.73 -78.66 -28.00
N TYR B 658 -15.83 -77.86 -26.94
CA TYR B 658 -16.01 -76.42 -27.07
C TYR B 658 -14.83 -75.82 -27.80
N THR B 659 -15.11 -75.09 -28.87
CA THR B 659 -14.10 -74.70 -29.85
C THR B 659 -13.87 -73.19 -29.80
N PHE B 660 -12.60 -72.79 -29.87
CA PHE B 660 -12.20 -71.40 -29.98
C PHE B 660 -11.59 -71.16 -31.35
N ILE B 661 -11.62 -69.91 -31.80
CA ILE B 661 -11.02 -69.52 -33.06
C ILE B 661 -10.22 -68.24 -32.85
N ALA B 662 -9.04 -68.17 -33.45
CA ALA B 662 -8.14 -67.04 -33.24
C ALA B 662 -8.63 -65.81 -33.98
N PRO B 663 -8.66 -64.65 -33.35
CA PRO B 663 -9.13 -63.44 -34.02
C PRO B 663 -8.10 -62.86 -34.99
N ARG B 664 -7.69 -63.65 -35.97
CA ARG B 664 -6.82 -63.16 -37.05
C ARG B 664 -7.68 -62.73 -38.22
N ASP B 665 -7.27 -61.66 -38.89
CA ASP B 665 -8.05 -61.14 -40.01
C ASP B 665 -7.93 -62.08 -41.21
N TYR B 666 -8.99 -62.83 -41.47
CA TYR B 666 -9.06 -63.69 -42.64
C TYR B 666 -9.59 -62.95 -43.87
N CYS B 667 -10.53 -62.03 -43.67
CA CYS B 667 -11.08 -61.21 -44.75
C CYS B 667 -11.19 -59.77 -44.29
N ASN B 668 -11.27 -58.86 -45.26
CA ASN B 668 -11.45 -57.45 -44.94
C ASN B 668 -12.77 -57.19 -44.24
N ASP B 669 -13.84 -57.90 -44.65
CA ASP B 669 -15.16 -57.66 -44.11
C ASP B 669 -15.33 -58.24 -42.70
N LEU B 670 -14.70 -59.38 -42.43
CA LEU B 670 -14.82 -60.01 -41.12
C LEU B 670 -14.16 -59.13 -40.07
N LYS B 671 -14.90 -58.84 -39.00
CA LYS B 671 -14.47 -57.87 -38.00
C LYS B 671 -14.01 -58.56 -36.72
N ILE B 672 -12.88 -58.10 -36.19
CA ILE B 672 -12.30 -58.71 -34.99
C ILE B 672 -13.09 -58.27 -33.77
N SER B 673 -13.35 -59.22 -32.87
CA SER B 673 -14.08 -58.95 -31.64
C SER B 673 -13.35 -59.56 -30.47
N ASP B 674 -13.53 -58.94 -29.30
CA ASP B 674 -12.90 -59.42 -28.07
C ASP B 674 -13.67 -60.56 -27.42
N ASN B 675 -14.90 -60.81 -27.84
CA ASN B 675 -15.70 -61.92 -27.34
C ASN B 675 -15.67 -63.01 -28.42
N ASN B 676 -15.09 -64.16 -28.06
CA ASN B 676 -14.81 -65.15 -29.10
C ASN B 676 -16.10 -65.80 -29.60
N THR B 677 -17.17 -65.77 -28.82
CA THR B 677 -18.45 -66.27 -29.31
C THR B 677 -18.94 -65.44 -30.49
N GLU B 678 -18.87 -64.11 -30.37
CA GLU B 678 -19.31 -63.24 -31.45
C GLU B 678 -18.47 -63.47 -32.71
N PHE B 679 -17.16 -63.54 -32.54
CA PHE B 679 -16.28 -63.74 -33.69
C PHE B 679 -16.50 -65.11 -34.31
N LEU B 680 -16.74 -66.13 -33.50
CA LEU B 680 -16.98 -67.47 -34.04
C LEU B 680 -18.29 -67.50 -34.83
N LEU B 681 -19.33 -66.84 -34.32
CA LEU B 681 -20.57 -66.74 -35.06
C LEU B 681 -20.37 -66.02 -36.39
N ASN B 682 -19.64 -64.90 -36.36
CA ASN B 682 -19.39 -64.15 -37.59
C ASN B 682 -18.60 -64.98 -38.59
N PHE B 683 -17.59 -65.70 -38.11
CA PHE B 683 -16.78 -66.55 -38.98
C PHE B 683 -17.61 -67.64 -39.60
N ASN B 684 -18.48 -68.27 -38.79
CA ASN B 684 -19.33 -69.34 -39.32
C ASN B 684 -20.30 -68.81 -40.36
N GLU B 685 -20.95 -67.67 -40.10
CA GLU B 685 -21.90 -67.14 -41.06
C GLU B 685 -21.19 -66.69 -42.33
N PHE B 686 -19.97 -66.16 -42.20
CA PHE B 686 -19.23 -65.77 -43.40
C PHE B 686 -18.86 -66.98 -44.23
N ILE B 687 -18.40 -68.06 -43.60
CA ILE B 687 -18.06 -69.26 -44.35
C ILE B 687 -19.30 -69.85 -45.01
N ASP B 688 -20.44 -69.80 -44.32
CA ASP B 688 -21.69 -70.22 -44.92
C ASP B 688 -22.03 -69.37 -46.13
N ARG B 689 -21.83 -68.06 -46.02
CA ARG B 689 -22.10 -67.15 -47.14
C ARG B 689 -21.07 -67.33 -48.24
N LYS B 690 -21.56 -67.40 -49.48
CA LYS B 690 -20.72 -67.51 -50.69
C LYS B 690 -19.87 -68.78 -50.55
N THR B 691 -18.56 -68.71 -50.75
CA THR B 691 -17.68 -69.86 -50.70
C THR B 691 -16.53 -69.58 -49.75
N PRO B 692 -15.91 -70.64 -49.20
CA PRO B 692 -14.72 -70.41 -48.37
C PRO B 692 -13.60 -69.67 -49.09
N ASN B 693 -13.44 -69.90 -50.39
CA ASN B 693 -12.43 -69.21 -51.19
C ASN B 693 -13.11 -68.10 -51.99
N ASN B 694 -12.79 -66.86 -51.65
CA ASN B 694 -13.40 -65.69 -52.27
C ASN B 694 -12.35 -64.59 -52.35
N PRO B 695 -12.53 -63.61 -53.23
CA PRO B 695 -11.64 -62.45 -53.19
C PRO B 695 -11.89 -61.61 -51.95
N SER B 696 -10.99 -60.67 -51.65
CA SER B 696 -10.98 -59.88 -50.43
C SER B 696 -10.76 -60.72 -49.18
N CYS B 697 -10.08 -61.87 -49.33
CA CYS B 697 -9.74 -62.74 -48.20
C CYS B 697 -8.31 -63.25 -48.38
N ASN B 698 -7.87 -64.04 -47.42
CA ASN B 698 -6.58 -64.71 -47.47
C ASN B 698 -6.84 -66.20 -47.60
N ALA B 699 -6.53 -66.76 -48.76
CA ALA B 699 -6.81 -68.16 -49.01
C ALA B 699 -6.00 -69.07 -48.10
N ASP B 700 -4.73 -68.72 -47.88
CA ASP B 700 -3.85 -69.57 -47.07
C ASP B 700 -4.34 -69.63 -45.63
N LEU B 701 -4.72 -68.50 -45.05
CA LEU B 701 -5.17 -68.49 -43.66
C LEU B 701 -6.43 -69.33 -43.49
N ILE B 702 -7.40 -69.14 -44.38
CA ILE B 702 -8.66 -69.88 -44.31
C ILE B 702 -8.41 -71.37 -44.49
N ASN B 703 -7.60 -71.74 -45.49
CA ASN B 703 -7.32 -73.15 -45.72
C ASN B 703 -6.59 -73.78 -44.55
N ARG B 704 -5.65 -73.06 -43.95
CA ARG B 704 -4.96 -73.58 -42.77
C ARG B 704 -5.92 -73.81 -41.61
N VAL B 705 -6.82 -72.84 -41.37
CA VAL B 705 -7.77 -72.98 -40.27
C VAL B 705 -8.69 -74.18 -40.53
N LEU B 706 -9.17 -74.34 -41.76
CA LEU B 706 -10.06 -75.45 -42.06
C LEU B 706 -9.35 -76.79 -41.93
N LEU B 707 -8.10 -76.87 -42.40
CA LEU B 707 -7.33 -78.10 -42.24
C LEU B 707 -7.14 -78.44 -40.77
N ASP B 708 -6.80 -77.44 -39.96
CA ASP B 708 -6.61 -77.68 -38.54
C ASP B 708 -7.92 -78.13 -37.89
N ALA B 709 -9.04 -77.52 -38.30
CA ALA B 709 -10.33 -77.92 -37.76
C ALA B 709 -10.64 -79.37 -38.09
N GLY B 710 -10.35 -79.79 -39.33
CA GLY B 710 -10.59 -81.16 -39.70
C GLY B 710 -9.74 -82.14 -38.92
N PHE B 711 -8.44 -81.84 -38.80
CA PHE B 711 -7.55 -82.72 -38.04
C PHE B 711 -7.98 -82.82 -36.59
N THR B 712 -8.30 -81.68 -35.99
CA THR B 712 -8.70 -81.66 -34.58
C THR B 712 -10.01 -82.41 -34.37
N ASN B 713 -10.98 -82.22 -35.27
CA ASN B 713 -12.25 -82.92 -35.13
C ASN B 713 -12.06 -84.43 -35.25
N GLU B 714 -11.25 -84.87 -36.21
CA GLU B 714 -11.01 -86.30 -36.34
C GLU B 714 -10.37 -86.85 -35.08
N LEU B 715 -9.38 -86.14 -34.54
CA LEU B 715 -8.78 -86.52 -33.27
C LEU B 715 -9.83 -86.66 -32.18
N VAL B 716 -10.56 -85.57 -31.91
CA VAL B 716 -11.44 -85.55 -30.75
C VAL B 716 -12.49 -86.65 -30.86
N GLN B 717 -13.15 -86.75 -32.02
CA GLN B 717 -14.11 -87.82 -32.18
C GLN B 717 -13.46 -89.19 -31.98
N ASN B 718 -12.57 -89.58 -32.91
CA ASN B 718 -12.16 -90.96 -32.98
C ASN B 718 -11.43 -91.43 -31.73
N TYR B 719 -10.78 -90.51 -31.00
CA TYR B 719 -10.07 -90.95 -29.81
C TYR B 719 -10.80 -90.56 -28.52
N TRP B 720 -11.08 -89.28 -28.33
CA TRP B 720 -11.62 -88.84 -27.04
C TRP B 720 -13.07 -89.29 -26.86
N SER B 721 -13.80 -89.48 -27.97
CA SER B 721 -15.19 -89.90 -27.82
C SER B 721 -15.32 -91.33 -27.32
N LYS B 722 -14.29 -92.16 -27.53
CA LYS B 722 -14.34 -93.53 -27.02
C LYS B 722 -14.32 -93.56 -25.51
N GLN B 723 -13.51 -92.72 -24.88
CA GLN B 723 -13.37 -92.66 -23.44
C GLN B 723 -13.98 -91.34 -22.96
N LYS B 724 -15.23 -91.39 -22.52
CA LYS B 724 -15.92 -90.18 -22.10
C LYS B 724 -15.32 -89.60 -20.83
N ASN B 725 -15.07 -90.44 -19.84
CA ASN B 725 -14.56 -90.00 -18.55
C ASN B 725 -13.34 -90.83 -18.16
N ILE B 726 -12.34 -90.17 -17.57
CA ILE B 726 -11.15 -90.84 -17.07
C ILE B 726 -10.98 -90.45 -15.61
N LYS B 727 -10.37 -91.35 -14.85
CA LYS B 727 -10.28 -91.20 -13.40
C LYS B 727 -9.51 -89.95 -13.00
N GLY B 728 -8.38 -89.68 -13.64
CA GLY B 728 -7.48 -88.66 -13.14
C GLY B 728 -7.40 -87.36 -13.91
N VAL B 729 -8.31 -87.13 -14.85
CA VAL B 729 -8.26 -85.94 -15.70
C VAL B 729 -9.55 -85.15 -15.53
N LYS B 730 -9.46 -83.83 -15.71
CA LYS B 730 -10.64 -82.99 -15.72
C LYS B 730 -11.02 -82.53 -17.11
N ALA B 731 -10.02 -82.21 -17.94
CA ALA B 731 -10.29 -81.71 -19.28
C ALA B 731 -9.10 -82.04 -20.16
N ARG B 732 -9.37 -82.48 -21.39
CA ARG B 732 -8.36 -82.64 -22.41
C ARG B 732 -8.51 -81.50 -23.40
N PHE B 733 -7.40 -80.88 -23.78
CA PHE B 733 -7.42 -79.77 -24.72
C PHE B 733 -6.44 -79.98 -25.86
N VAL B 734 -6.63 -79.21 -26.92
CA VAL B 734 -5.71 -79.19 -28.06
C VAL B 734 -5.64 -77.76 -28.58
N VAL B 735 -4.42 -77.28 -28.75
CA VAL B 735 -4.16 -75.97 -29.33
C VAL B 735 -3.20 -76.18 -30.51
N THR B 736 -3.68 -75.63 -31.62
CA THR B 736 -2.98 -75.78 -32.85
C THR B 736 -2.65 -74.47 -33.49
N ASP B 737 -1.68 -74.44 -34.38
CA ASP B 737 -1.18 -73.22 -34.99
C ASP B 737 -2.17 -72.46 -35.77
N GLY B 738 -3.09 -73.13 -36.44
CA GLY B 738 -4.09 -72.50 -37.26
C GLY B 738 -4.98 -71.57 -36.54
N GLY B 739 -5.37 -71.83 -35.32
CA GLY B 739 -6.15 -70.86 -34.61
C GLY B 739 -7.13 -71.53 -33.76
N ILE B 740 -7.27 -72.82 -33.89
CA ILE B 740 -8.29 -73.55 -33.18
C ILE B 740 -8.05 -74.18 -31.77
N THR B 741 -8.81 -73.82 -30.74
CA THR B 741 -8.64 -74.46 -29.44
C THR B 741 -9.89 -75.25 -29.13
N ARG B 742 -9.71 -76.51 -28.73
CA ARG B 742 -10.84 -77.39 -28.41
C ARG B 742 -10.60 -78.04 -27.06
N VAL B 743 -11.58 -77.91 -26.17
CA VAL B 743 -11.58 -78.63 -24.89
C VAL B 743 -12.71 -79.64 -24.92
N TYR B 744 -12.40 -80.90 -24.61
CA TYR B 744 -13.38 -81.96 -24.83
C TYR B 744 -14.63 -81.83 -23.97
N PRO B 745 -14.56 -81.67 -22.65
CA PRO B 745 -15.79 -81.49 -21.88
C PRO B 745 -16.41 -80.13 -22.16
N LYS B 746 -17.66 -80.15 -22.62
CA LYS B 746 -18.37 -78.91 -22.91
C LYS B 746 -18.43 -78.01 -21.68
N GLU B 747 -18.64 -78.61 -20.51
CA GLU B 747 -18.66 -77.83 -19.27
C GLU B 747 -17.29 -77.26 -18.94
N ALA B 748 -16.21 -77.88 -19.41
CA ALA B 748 -14.87 -77.41 -19.11
C ALA B 748 -14.48 -76.18 -19.93
N GLY B 749 -15.24 -75.83 -20.95
CA GLY B 749 -14.91 -74.66 -21.76
C GLY B 749 -15.02 -73.36 -21.00
N GLU B 750 -15.84 -73.30 -19.96
CA GLU B 750 -15.98 -72.08 -19.19
C GLU B 750 -14.76 -71.83 -18.30
N ASN B 751 -14.01 -72.88 -17.96
CA ASN B 751 -12.81 -72.73 -17.16
C ASN B 751 -11.57 -72.38 -17.97
N TRP B 752 -11.64 -72.47 -19.30
CA TRP B 752 -10.48 -72.19 -20.15
C TRP B 752 -10.21 -70.69 -20.16
N GLN B 753 -9.16 -70.27 -19.47
CA GLN B 753 -8.82 -68.86 -19.34
C GLN B 753 -7.71 -68.43 -20.29
N GLU B 754 -7.29 -69.29 -21.20
CA GLU B 754 -6.20 -68.97 -22.10
C GLU B 754 -6.65 -68.01 -23.20
N ASN B 755 -5.69 -67.35 -23.82
CA ASN B 755 -5.98 -66.44 -24.91
C ASN B 755 -6.47 -67.23 -26.12
N PRO B 756 -7.60 -66.84 -26.72
CA PRO B 756 -8.04 -67.55 -27.94
C PRO B 756 -7.04 -67.48 -29.07
N GLU B 757 -6.22 -66.43 -29.12
CA GLU B 757 -5.12 -66.40 -30.08
C GLU B 757 -4.10 -67.48 -29.75
N THR B 758 -3.86 -68.38 -30.68
CA THR B 758 -2.97 -69.50 -30.43
C THR B 758 -1.52 -69.04 -30.30
N TYR B 759 -1.13 -68.00 -31.02
CA TYR B 759 0.23 -67.49 -31.01
C TYR B 759 0.54 -66.66 -29.77
N GLU B 760 -0.33 -66.65 -28.76
CA GLU B 760 -0.11 -65.84 -27.57
C GLU B 760 -0.34 -66.64 -26.29
N ASP B 761 -0.28 -67.97 -26.39
CA ASP B 761 -0.48 -68.84 -25.25
C ASP B 761 0.88 -69.17 -24.66
N SER B 762 1.07 -68.86 -23.38
CA SER B 762 2.37 -69.07 -22.76
C SER B 762 2.75 -70.54 -22.73
N PHE B 763 1.79 -71.41 -22.42
CA PHE B 763 2.12 -72.83 -22.33
C PHE B 763 2.49 -73.41 -23.69
N TYR B 764 1.86 -72.93 -24.76
CA TYR B 764 2.23 -73.38 -26.10
C TYR B 764 3.68 -73.04 -26.41
N LYS B 765 4.07 -71.79 -26.13
CA LYS B 765 5.42 -71.35 -26.41
C LYS B 765 6.44 -72.07 -25.54
N ARG B 766 6.11 -72.31 -24.27
CA ARG B 766 6.99 -73.08 -23.40
C ARG B 766 7.14 -74.51 -23.89
N SER B 767 6.03 -75.15 -24.25
CA SER B 767 6.05 -76.55 -24.67
C SER B 767 6.76 -76.74 -26.00
N LEU B 768 6.80 -75.70 -26.84
CA LEU B 768 7.51 -75.83 -28.10
C LEU B 768 9.01 -76.02 -27.89
N ASP B 769 9.58 -75.37 -26.87
CA ASP B 769 11.01 -75.41 -26.61
C ASP B 769 11.47 -76.65 -25.86
N ASN B 770 10.54 -77.50 -25.43
CA ASN B 770 10.87 -78.65 -24.60
C ASN B 770 10.43 -79.92 -25.30
N ASP B 771 11.36 -80.88 -25.42
CA ASP B 771 11.05 -82.18 -26.02
C ASP B 771 10.45 -83.15 -25.02
N ASN B 772 9.90 -82.66 -23.92
CA ASN B 772 9.29 -83.50 -22.90
C ASN B 772 8.02 -82.81 -22.41
N TYR B 773 7.42 -83.37 -21.36
CA TYR B 773 6.19 -82.81 -20.81
C TYR B 773 6.50 -81.57 -19.98
N VAL B 774 5.59 -80.60 -20.02
CA VAL B 774 5.74 -79.35 -19.29
C VAL B 774 4.54 -79.19 -18.36
N PHE B 775 4.82 -79.01 -17.07
CA PHE B 775 3.79 -78.71 -16.09
C PHE B 775 3.71 -77.20 -15.90
N THR B 776 2.54 -76.64 -16.16
CA THR B 776 2.29 -75.21 -15.97
C THR B 776 1.57 -75.03 -14.63
N ALA B 777 2.25 -74.39 -13.69
CA ALA B 777 1.67 -74.19 -12.37
C ALA B 777 0.46 -73.26 -12.47
N PRO B 778 -0.57 -73.51 -11.69
CA PRO B 778 -1.75 -72.64 -11.71
C PRO B 778 -1.45 -71.35 -10.96
N TYR B 779 -2.42 -70.45 -10.99
CA TYR B 779 -2.27 -69.15 -10.34
C TYR B 779 -2.79 -69.23 -8.92
N PHE B 780 -2.15 -68.46 -8.04
CA PHE B 780 -2.43 -68.50 -6.61
C PHE B 780 -3.09 -67.19 -6.19
N ASN B 781 -4.16 -67.31 -5.40
CA ASN B 781 -4.89 -66.17 -4.86
C ASN B 781 -5.40 -65.26 -5.97
N LYS B 782 -6.13 -65.85 -6.91
CA LYS B 782 -6.74 -65.11 -8.01
C LYS B 782 -8.25 -65.28 -7.98
N SER B 783 -8.94 -64.31 -8.56
CA SER B 783 -10.40 -64.31 -8.57
C SER B 783 -10.98 -65.49 -9.34
N GLY B 784 -10.24 -66.04 -10.29
CA GLY B 784 -10.72 -67.18 -11.06
C GLY B 784 -10.64 -68.45 -10.26
N PRO B 785 -11.16 -69.52 -10.85
CA PRO B 785 -11.13 -70.83 -10.18
C PRO B 785 -9.70 -71.35 -10.05
N GLY B 786 -9.31 -71.67 -8.83
CA GLY B 786 -7.97 -72.14 -8.56
C GLY B 786 -7.78 -73.59 -8.98
N ALA B 787 -6.73 -74.20 -8.45
CA ALA B 787 -6.43 -75.58 -8.78
C ALA B 787 -7.27 -76.55 -7.96
N TYR B 788 -8.57 -76.27 -7.88
CA TYR B 788 -9.54 -77.17 -7.26
C TYR B 788 -10.76 -77.39 -8.13
N GLU B 789 -11.06 -76.51 -9.08
CA GLU B 789 -12.19 -76.69 -9.99
C GLU B 789 -11.78 -76.82 -11.44
N SER B 790 -10.56 -76.42 -11.81
CA SER B 790 -10.05 -76.56 -13.16
C SER B 790 -8.93 -77.58 -13.26
N GLY B 791 -7.99 -77.57 -12.33
CA GLY B 791 -6.92 -78.53 -12.28
C GLY B 791 -5.57 -77.92 -12.59
N ILE B 792 -4.58 -78.80 -12.69
CA ILE B 792 -3.20 -78.42 -13.01
C ILE B 792 -2.89 -78.88 -14.43
N MET B 793 -2.38 -77.98 -15.25
CA MET B 793 -2.21 -78.20 -16.68
C MET B 793 -0.84 -78.81 -16.97
N VAL B 794 -0.84 -79.89 -17.73
CA VAL B 794 0.38 -80.45 -18.31
C VAL B 794 0.20 -80.48 -19.83
N SER B 795 1.23 -80.05 -20.55
CA SER B 795 1.15 -79.93 -21.99
C SER B 795 2.36 -80.59 -22.65
N LYS B 796 2.12 -81.22 -23.79
CA LYS B 796 3.17 -81.85 -24.58
C LYS B 796 3.03 -81.44 -26.03
N ALA B 797 4.15 -81.06 -26.65
CA ALA B 797 4.13 -80.56 -28.01
C ALA B 797 4.10 -81.71 -29.00
N VAL B 798 3.29 -81.57 -30.04
CA VAL B 798 3.19 -82.57 -31.08
C VAL B 798 4.35 -82.39 -32.05
N GLU B 799 5.11 -83.45 -32.28
CA GLU B 799 6.24 -83.43 -33.19
C GLU B 799 6.01 -84.46 -34.30
N ILE B 800 6.01 -83.99 -35.54
CA ILE B 800 5.74 -84.83 -36.69
C ILE B 800 6.97 -84.82 -37.59
N TYR B 801 7.30 -85.98 -38.15
CA TYR B 801 8.40 -86.12 -39.08
C TYR B 801 7.83 -86.40 -40.46
N ILE B 802 7.82 -85.37 -41.30
CA ILE B 802 7.33 -85.46 -42.67
C ILE B 802 8.52 -85.32 -43.61
N GLN B 803 8.70 -86.31 -44.48
CA GLN B 803 9.90 -86.41 -45.32
C GLN B 803 11.10 -86.41 -44.36
N GLY B 804 12.12 -85.60 -44.60
CA GLY B 804 13.18 -85.44 -43.62
C GLY B 804 12.96 -84.24 -42.74
N LYS B 805 11.85 -83.53 -42.98
CA LYS B 805 11.58 -82.28 -42.27
C LYS B 805 11.10 -82.55 -40.85
N LEU B 806 11.26 -81.53 -40.00
CA LEU B 806 10.78 -81.57 -38.63
C LEU B 806 9.80 -80.42 -38.42
N LEU B 807 8.62 -80.73 -37.88
CA LEU B 807 7.60 -79.72 -37.65
C LEU B 807 6.93 -79.95 -36.31
N LYS B 808 6.48 -78.86 -35.70
CA LYS B 808 5.74 -78.89 -34.44
C LYS B 808 4.45 -78.09 -34.59
N PRO B 809 3.38 -78.68 -35.09
CA PRO B 809 2.20 -77.89 -35.45
C PRO B 809 1.13 -77.74 -34.37
N ALA B 810 1.22 -78.46 -33.27
CA ALA B 810 0.18 -78.38 -32.26
C ALA B 810 0.70 -78.83 -30.90
N VAL B 811 -0.05 -78.48 -29.86
CA VAL B 811 0.22 -78.89 -28.49
C VAL B 811 -1.07 -79.37 -27.85
N VAL B 812 -1.03 -80.56 -27.24
CA VAL B 812 -2.15 -81.11 -26.50
C VAL B 812 -1.78 -81.16 -25.03
N GLY B 813 -2.77 -81.43 -24.19
CA GLY B 813 -2.54 -81.57 -22.77
C GLY B 813 -3.83 -81.85 -22.04
N ILE B 814 -3.71 -82.00 -20.73
CA ILE B 814 -4.83 -82.27 -19.85
C ILE B 814 -4.67 -81.42 -18.60
N LYS B 815 -5.78 -81.21 -17.90
CA LYS B 815 -5.77 -80.54 -16.60
C LYS B 815 -6.04 -81.59 -15.53
N ILE B 816 -4.99 -82.03 -14.86
CA ILE B 816 -5.10 -83.10 -13.88
C ILE B 816 -5.85 -82.56 -12.66
N ASP B 817 -6.86 -83.30 -12.21
CA ASP B 817 -7.60 -82.91 -11.02
C ASP B 817 -6.73 -83.12 -9.79
N VAL B 818 -6.84 -82.21 -8.82
CA VAL B 818 -5.98 -82.26 -7.65
C VAL B 818 -6.33 -83.45 -6.77
N ASN B 819 -7.61 -83.84 -6.72
CA ASN B 819 -8.03 -84.86 -5.75
C ASN B 819 -7.46 -86.23 -6.08
N SER B 820 -7.55 -86.65 -7.34
CA SER B 820 -7.04 -87.96 -7.71
C SER B 820 -5.54 -88.04 -7.46
N TRP B 821 -4.80 -86.97 -7.77
CA TRP B 821 -3.36 -87.01 -7.63
C TRP B 821 -2.93 -86.89 -6.17
N ILE B 822 -3.68 -86.14 -5.35
CA ILE B 822 -3.37 -86.08 -3.93
C ILE B 822 -3.67 -87.42 -3.27
N GLU B 823 -4.69 -88.13 -3.76
CA GLU B 823 -4.95 -89.48 -3.29
C GLU B 823 -3.89 -90.46 -3.75
N ASN B 824 -3.36 -90.29 -4.96
CA ASN B 824 -2.32 -91.16 -5.48
C ASN B 824 -0.94 -90.85 -4.92
N PHE B 825 -0.79 -89.68 -4.31
CA PHE B 825 0.49 -89.25 -3.76
C PHE B 825 0.77 -89.79 -2.37
N THR B 826 -0.27 -90.08 -1.58
CA THR B 826 -0.11 -90.48 -0.20
C THR B 826 -0.06 -92.00 -0.02
N LYS B 827 0.00 -92.75 -1.12
CA LYS B 827 0.09 -94.21 -1.05
C LYS B 827 1.24 -94.80 -1.85
N THR B 828 1.80 -94.07 -2.82
CA THR B 828 2.85 -94.60 -3.67
C THR B 828 4.25 -94.28 -3.16
N SER B 829 4.36 -93.61 -2.02
CA SER B 829 5.67 -93.24 -1.46
C SER B 829 5.87 -93.73 -0.03
N ILE B 830 4.80 -94.01 0.72
CA ILE B 830 4.90 -94.44 2.10
C ILE B 830 4.82 -95.95 2.16
N ARG B 831 5.75 -96.57 2.88
CA ARG B 831 5.69 -98.01 3.14
C ARG B 831 4.81 -98.26 4.35
N ASP B 832 3.93 -99.27 4.23
CA ASP B 832 2.99 -99.54 5.31
C ASP B 832 3.68 -100.20 6.52
N PRO B 833 4.38 -101.35 6.37
CA PRO B 833 4.93 -102.00 7.56
C PRO B 833 6.32 -101.49 7.94
N CYS B 834 6.70 -100.33 7.39
CA CYS B 834 8.05 -99.83 7.60
C CYS B 834 8.34 -99.59 9.08
N ALA B 835 7.43 -98.92 9.78
CA ALA B 835 7.61 -98.65 11.20
C ALA B 835 6.29 -98.20 11.79
N GLY B 836 6.25 -98.16 13.13
CA GLY B 836 5.12 -97.59 13.84
C GLY B 836 4.95 -96.14 13.47
N PRO B 837 5.94 -95.31 13.79
CA PRO B 837 5.97 -93.96 13.23
C PRO B 837 6.15 -93.99 11.72
N VAL B 838 5.54 -93.01 11.06
CA VAL B 838 5.55 -93.01 9.60
C VAL B 838 6.96 -92.73 9.09
N CYS B 839 7.42 -93.57 8.17
CA CYS B 839 8.72 -93.40 7.53
C CYS B 839 8.70 -92.37 6.42
N ASP B 840 7.52 -91.95 5.99
CA ASP B 840 7.35 -90.93 4.97
C ASP B 840 6.15 -90.09 5.40
N CYS B 841 5.61 -89.29 4.48
CA CYS B 841 4.54 -88.36 4.80
C CYS B 841 3.20 -89.10 4.91
N LYS B 842 2.45 -88.79 5.95
CA LYS B 842 1.06 -89.20 6.03
C LYS B 842 0.20 -88.05 5.52
N ARG B 843 -1.12 -88.14 5.69
CA ARG B 843 -2.03 -87.10 5.26
C ARG B 843 -1.61 -85.74 5.81
N ASN B 844 -1.35 -85.66 7.11
CA ASN B 844 -0.78 -84.47 7.74
C ASN B 844 0.37 -84.94 8.63
N SER B 845 1.57 -85.03 8.06
CA SER B 845 2.73 -85.49 8.81
C SER B 845 3.34 -84.35 9.61
N ASP B 846 3.55 -84.59 10.90
CA ASP B 846 4.17 -83.58 11.75
C ASP B 846 5.62 -83.33 11.32
N VAL B 847 6.37 -84.39 11.05
CA VAL B 847 7.79 -84.27 10.79
C VAL B 847 8.09 -84.25 9.29
N MET B 848 7.60 -85.24 8.55
CA MET B 848 7.92 -85.35 7.13
C MET B 848 7.21 -84.28 6.33
N ASP B 849 7.90 -83.75 5.31
CA ASP B 849 7.46 -82.58 4.54
C ASP B 849 7.58 -82.84 3.04
N CYS B 850 7.02 -83.95 2.56
CA CYS B 850 7.10 -84.27 1.14
C CYS B 850 6.45 -83.16 0.34
N VAL B 851 7.14 -82.71 -0.71
CA VAL B 851 6.65 -81.61 -1.52
C VAL B 851 7.34 -81.65 -2.87
N ILE B 852 6.56 -81.39 -3.93
CA ILE B 852 7.00 -81.51 -5.31
C ILE B 852 6.79 -80.19 -6.02
N LEU B 853 7.83 -79.72 -6.71
CA LEU B 853 7.88 -78.40 -7.32
C LEU B 853 8.04 -78.53 -8.83
N ASP B 854 8.04 -77.39 -9.51
CA ASP B 854 8.19 -77.33 -10.96
C ASP B 854 9.50 -76.64 -11.32
N ASP B 855 9.67 -76.38 -12.62
CA ASP B 855 10.88 -75.81 -13.18
C ASP B 855 11.06 -74.32 -12.84
N GLY B 856 10.12 -73.74 -12.10
CA GLY B 856 10.22 -72.34 -11.76
C GLY B 856 10.10 -72.08 -10.28
N GLY B 857 10.06 -73.16 -9.49
CA GLY B 857 10.02 -73.05 -8.06
C GLY B 857 8.65 -72.83 -7.46
N PHE B 858 7.58 -73.02 -8.22
CA PHE B 858 6.22 -72.83 -7.73
C PHE B 858 5.69 -74.12 -7.11
N LEU B 859 4.74 -73.97 -6.20
CA LEU B 859 4.12 -75.14 -5.56
C LEU B 859 3.13 -75.81 -6.50
N LEU B 860 3.19 -77.13 -6.56
CA LEU B 860 2.18 -77.90 -7.28
C LEU B 860 1.41 -78.86 -6.39
N MET B 861 2.07 -79.50 -5.44
CA MET B 861 1.39 -80.39 -4.51
C MET B 861 2.31 -80.74 -3.35
N ALA B 862 1.71 -80.94 -2.18
CA ALA B 862 2.46 -81.35 -1.00
C ALA B 862 1.54 -82.16 -0.09
N ASN B 863 2.16 -82.83 0.89
CA ASN B 863 1.42 -83.68 1.81
C ASN B 863 0.49 -82.89 2.71
N HIS B 864 0.99 -81.82 3.32
CA HIS B 864 0.24 -81.08 4.31
C HIS B 864 -1.01 -80.45 3.69
N ASP B 865 -2.08 -80.38 4.50
CA ASP B 865 -3.28 -79.71 4.05
C ASP B 865 -3.03 -78.21 3.85
N ASP B 866 -2.27 -77.61 4.75
CA ASP B 866 -1.94 -76.20 4.61
C ASP B 866 -1.12 -75.93 3.36
N TYR B 867 -0.15 -76.80 3.07
CA TYR B 867 0.63 -76.66 1.84
C TYR B 867 -0.26 -76.83 0.62
N THR B 868 -1.12 -77.86 0.63
CA THR B 868 -1.99 -78.13 -0.51
C THR B 868 -2.98 -77.00 -0.71
N ASN B 869 -3.28 -76.22 0.33
CA ASN B 869 -4.14 -75.06 0.13
C ASN B 869 -3.43 -73.94 -0.61
N GLN B 870 -2.12 -74.04 -0.83
CA GLN B 870 -1.34 -72.99 -1.48
C GLN B 870 -0.74 -73.49 -2.79
N ILE B 871 -1.55 -74.15 -3.61
CA ILE B 871 -1.05 -74.65 -4.89
C ILE B 871 -0.81 -73.47 -5.82
N GLY B 872 0.33 -73.48 -6.49
CA GLY B 872 0.67 -72.41 -7.41
C GLY B 872 1.38 -71.22 -6.79
N ARG B 873 1.96 -71.38 -5.60
CA ARG B 873 2.70 -70.31 -4.94
C ARG B 873 4.18 -70.63 -4.99
N PHE B 874 4.99 -69.58 -5.09
CA PHE B 874 6.43 -69.75 -5.09
C PHE B 874 6.90 -70.36 -3.77
N PHE B 875 7.84 -71.31 -3.85
CA PHE B 875 8.31 -71.99 -2.66
C PHE B 875 9.11 -71.07 -1.75
N GLY B 876 9.62 -69.95 -2.27
CA GLY B 876 10.34 -69.02 -1.43
C GLY B 876 9.46 -68.37 -0.38
N GLU B 877 8.21 -68.11 -0.73
CA GLU B 877 7.27 -67.48 0.19
C GLU B 877 6.61 -68.49 1.13
N ILE B 878 6.87 -69.78 0.94
CA ILE B 878 6.37 -70.80 1.86
C ILE B 878 7.48 -71.18 2.82
N ASP B 879 8.57 -71.74 2.29
CA ASP B 879 9.69 -72.16 3.11
C ASP B 879 10.89 -71.34 2.68
N PRO B 880 11.17 -70.21 3.32
CA PRO B 880 12.16 -69.28 2.78
C PRO B 880 13.59 -69.63 3.16
N SER B 881 13.83 -70.85 3.61
CA SER B 881 15.18 -71.32 3.89
C SER B 881 15.62 -72.44 2.97
N LEU B 882 14.76 -73.45 2.80
CA LEU B 882 15.05 -74.49 1.82
C LEU B 882 15.20 -73.89 0.43
N MET B 883 14.41 -72.87 0.12
CA MET B 883 14.49 -72.23 -1.19
C MET B 883 15.86 -71.61 -1.43
N ARG B 884 16.33 -70.79 -0.49
CA ARG B 884 17.61 -70.15 -0.67
C ARG B 884 18.75 -71.15 -0.64
N HIS B 885 18.62 -72.22 0.15
CA HIS B 885 19.67 -73.24 0.11
C HIS B 885 19.67 -73.97 -1.23
N LEU B 886 18.49 -74.22 -1.80
CA LEU B 886 18.42 -74.83 -3.11
C LEU B 886 19.10 -73.96 -4.15
N VAL B 887 18.90 -72.65 -4.07
CA VAL B 887 19.59 -71.74 -4.98
C VAL B 887 21.10 -71.81 -4.74
N ASN B 888 21.52 -71.83 -3.47
CA ASN B 888 22.94 -71.77 -3.15
C ASN B 888 23.68 -73.02 -3.61
N ILE B 889 23.08 -74.20 -3.45
CA ILE B 889 23.75 -75.44 -3.82
C ILE B 889 23.42 -75.71 -5.29
N SER B 890 22.84 -74.70 -5.95
CA SER B 890 22.59 -74.71 -7.39
C SER B 890 21.62 -75.83 -7.80
N VAL B 891 20.58 -76.00 -6.99
CA VAL B 891 19.39 -76.74 -7.41
C VAL B 891 18.60 -75.93 -8.44
N TYR B 892 18.51 -74.62 -8.20
CA TYR B 892 17.86 -73.66 -9.08
C TYR B 892 18.89 -72.64 -9.52
N ALA B 893 18.44 -71.73 -10.38
CA ALA B 893 19.23 -70.57 -10.77
C ALA B 893 18.27 -69.43 -11.02
N PHE B 894 18.77 -68.22 -10.86
CA PHE B 894 17.94 -67.05 -11.08
C PHE B 894 18.65 -66.14 -12.05
N ASN B 895 17.86 -65.32 -12.73
CA ASN B 895 18.41 -64.34 -13.67
C ASN B 895 17.40 -63.21 -13.76
N LYS B 896 17.82 -62.04 -13.30
CA LYS B 896 16.92 -60.93 -13.00
C LYS B 896 17.00 -59.86 -14.09
N SER B 897 15.86 -59.29 -14.43
CA SER B 897 15.78 -58.27 -15.47
C SER B 897 14.90 -57.13 -14.99
N TYR B 898 14.73 -56.13 -15.84
CA TYR B 898 13.98 -54.93 -15.55
C TYR B 898 12.82 -54.79 -16.52
N ASP B 899 11.67 -54.38 -16.01
CA ASP B 899 10.52 -54.05 -16.83
C ASP B 899 10.30 -52.54 -16.78
N TYR B 900 10.34 -51.90 -17.94
CA TYR B 900 10.18 -50.45 -18.00
C TYR B 900 8.78 -50.01 -18.35
N GLN B 901 8.00 -50.86 -19.01
CA GLN B 901 6.61 -50.57 -19.32
C GLN B 901 5.70 -51.34 -18.36
N SER B 902 5.66 -50.86 -17.11
CA SER B 902 4.87 -51.47 -16.07
C SER B 902 4.18 -50.39 -15.27
N VAL B 903 2.99 -50.69 -14.75
CA VAL B 903 2.20 -49.75 -13.99
C VAL B 903 2.20 -50.15 -12.52
N CYS B 904 2.22 -49.15 -11.65
CA CYS B 904 2.27 -49.38 -10.21
C CYS B 904 1.10 -48.69 -9.55
N GLU B 905 0.77 -49.15 -8.34
CA GLU B 905 -0.34 -48.56 -7.60
C GLU B 905 0.01 -47.18 -7.03
N PRO B 906 1.10 -47.00 -6.25
CA PRO B 906 1.28 -45.68 -5.65
C PRO B 906 1.93 -44.67 -6.59
N CYS B 974 6.30 -46.92 -14.20
CA CYS B 974 7.23 -47.29 -13.15
C CYS B 974 8.10 -48.46 -13.56
N ILE B 975 9.39 -48.39 -13.24
CA ILE B 975 10.28 -49.52 -13.50
C ILE B 975 10.01 -50.61 -12.48
N THR B 976 10.07 -51.86 -12.92
CA THR B 976 9.79 -52.98 -12.04
C THR B 976 10.81 -54.09 -12.26
N GLU B 977 11.27 -54.67 -11.16
CA GLU B 977 12.24 -55.74 -11.17
C GLU B 977 11.54 -57.09 -11.28
N GLN B 978 12.06 -57.96 -12.13
CA GLN B 978 11.47 -59.29 -12.34
C GLN B 978 12.52 -60.37 -12.09
N THR B 979 12.05 -61.51 -11.60
CA THR B 979 12.92 -62.64 -11.30
C THR B 979 12.29 -63.92 -11.80
N GLN B 980 13.10 -64.77 -12.45
CA GLN B 980 12.65 -66.07 -12.92
C GLN B 980 13.69 -67.11 -12.56
N TYR B 981 13.24 -68.27 -12.10
CA TYR B 981 14.11 -69.35 -11.67
C TYR B 981 14.01 -70.52 -12.63
N PHE B 982 15.13 -71.17 -12.88
CA PHE B 982 15.18 -72.28 -13.83
C PHE B 982 16.24 -73.30 -13.44
N PHE B 983 16.02 -74.54 -13.85
CA PHE B 983 16.99 -75.61 -13.65
C PHE B 983 18.31 -75.27 -14.33
N ASP B 984 19.42 -75.47 -13.62
CA ASP B 984 20.73 -75.14 -14.15
C ASP B 984 21.60 -76.37 -14.39
N ASN B 985 21.87 -77.17 -13.36
CA ASN B 985 22.81 -78.28 -13.53
C ASN B 985 22.16 -79.48 -14.21
N ASP B 986 20.83 -79.51 -14.28
CA ASP B 986 20.06 -80.56 -14.96
C ASP B 986 20.57 -81.97 -14.65
N SER B 987 21.05 -82.16 -13.43
CA SER B 987 21.37 -83.49 -12.93
C SER B 987 20.33 -83.89 -11.89
N LYS B 988 20.30 -85.18 -11.54
CA LYS B 988 19.12 -85.76 -10.90
C LYS B 988 19.17 -85.71 -9.38
N SER B 989 20.10 -86.43 -8.75
CA SER B 989 20.06 -86.64 -7.31
C SER B 989 20.69 -85.46 -6.59
N PHE B 990 19.88 -84.76 -5.79
CA PHE B 990 20.30 -83.57 -5.07
C PHE B 990 20.01 -83.79 -3.59
N SER B 991 21.03 -84.21 -2.84
CA SER B 991 20.89 -84.48 -1.42
C SER B 991 21.96 -83.72 -0.64
N GLY B 992 21.58 -83.23 0.54
CA GLY B 992 22.50 -82.47 1.35
C GLY B 992 21.98 -82.31 2.76
N VAL B 993 22.60 -81.39 3.49
CA VAL B 993 22.25 -81.10 4.88
C VAL B 993 22.08 -79.59 5.03
N LEU B 994 20.85 -79.14 5.17
CA LEU B 994 20.58 -77.73 5.40
C LEU B 994 20.81 -77.38 6.86
N ASP B 995 21.42 -76.24 7.11
CA ASP B 995 21.79 -75.82 8.45
C ASP B 995 20.91 -74.65 8.91
N CYS B 996 20.08 -74.89 9.92
CA CYS B 996 19.37 -73.84 10.64
C CYS B 996 20.23 -73.34 11.80
N GLY B 997 19.67 -72.37 12.52
CA GLY B 997 20.30 -71.90 13.75
C GLY B 997 20.30 -73.01 14.79
N ASN B 998 21.49 -73.41 15.24
CA ASN B 998 21.70 -74.46 16.24
C ASN B 998 20.91 -75.74 15.96
N CYS B 999 20.57 -75.99 14.69
CA CYS B 999 19.90 -77.23 14.32
C CYS B 999 20.18 -77.50 12.85
N SER B 1000 20.01 -78.76 12.45
CA SER B 1000 20.34 -79.20 11.10
C SER B 1000 19.14 -79.91 10.48
N ARG B 1001 18.75 -79.46 9.30
CA ARG B 1001 17.70 -80.09 8.50
C ARG B 1001 18.35 -80.81 7.33
N ILE B 1002 18.08 -82.11 7.21
CA ILE B 1002 18.65 -82.93 6.15
C ILE B 1002 17.58 -83.15 5.08
N PHE B 1003 17.96 -82.97 3.82
CA PHE B 1003 17.00 -83.01 2.74
C PHE B 1003 17.55 -83.81 1.57
N HIS B 1004 16.64 -84.35 0.76
CA HIS B 1004 16.98 -85.05 -0.47
C HIS B 1004 16.06 -84.56 -1.57
N GLY B 1005 16.65 -84.27 -2.74
CA GLY B 1005 15.87 -83.83 -3.88
C GLY B 1005 16.12 -84.67 -5.13
N GLU B 1006 15.05 -85.15 -5.74
CA GLU B 1006 15.14 -85.97 -6.94
C GLU B 1006 14.27 -85.36 -8.03
N LYS B 1007 14.73 -85.44 -9.27
CA LYS B 1007 14.10 -84.80 -10.40
C LYS B 1007 13.56 -85.84 -11.37
N LEU B 1008 12.31 -85.69 -11.76
CA LEU B 1008 11.71 -86.56 -12.76
C LEU B 1008 12.31 -86.25 -14.12
N MET B 1009 12.66 -87.29 -14.88
CA MET B 1009 13.39 -87.05 -16.12
C MET B 1009 12.47 -86.61 -17.25
N ASN B 1010 11.25 -87.14 -17.30
CA ASN B 1010 10.39 -86.88 -18.46
C ASN B 1010 9.59 -85.60 -18.30
N THR B 1011 9.56 -85.03 -17.11
CA THR B 1011 8.83 -83.79 -16.84
C THR B 1011 9.75 -82.79 -16.15
N ASN B 1012 9.37 -81.51 -16.22
CA ASN B 1012 10.09 -80.46 -15.53
C ASN B 1012 9.65 -80.39 -14.06
N LEU B 1013 9.82 -81.50 -13.36
CA LEU B 1013 9.38 -81.63 -11.98
C LEU B 1013 10.54 -82.06 -11.09
N ILE B 1014 10.55 -81.55 -9.88
CA ILE B 1014 11.53 -81.91 -8.86
C ILE B 1014 10.79 -82.35 -7.61
N PHE B 1015 11.19 -83.50 -7.06
CA PHE B 1015 10.67 -83.97 -5.79
C PHE B 1015 11.72 -83.68 -4.72
N ILE B 1016 11.42 -82.72 -3.85
CA ILE B 1016 12.32 -82.32 -2.78
C ILE B 1016 11.77 -82.85 -1.46
N MET B 1017 12.59 -83.61 -0.74
CA MET B 1017 12.23 -84.22 0.53
C MET B 1017 13.11 -83.62 1.61
N VAL B 1018 12.52 -82.85 2.52
CA VAL B 1018 13.23 -82.23 3.62
C VAL B 1018 12.77 -82.89 4.91
N GLU B 1019 13.68 -83.03 5.87
CA GLU B 1019 13.41 -83.81 7.06
C GLU B 1019 12.21 -83.26 7.83
N SER B 1020 12.26 -81.97 8.17
CA SER B 1020 11.18 -81.34 8.91
C SER B 1020 11.39 -79.84 8.94
N LYS B 1021 10.30 -79.08 8.87
CA LYS B 1021 10.40 -77.63 8.96
C LYS B 1021 10.40 -77.16 10.41
N GLY B 1022 9.54 -77.74 11.24
CA GLY B 1022 9.38 -77.23 12.59
C GLY B 1022 10.55 -77.56 13.50
N THR B 1023 11.25 -78.66 13.22
CA THR B 1023 12.28 -79.14 14.13
C THR B 1023 13.42 -78.14 14.29
N CYS B 1024 13.92 -77.59 13.19
CA CYS B 1024 15.05 -76.69 13.22
C CYS B 1024 14.62 -75.31 12.75
N PRO B 1025 14.77 -74.28 13.59
CA PRO B 1025 14.35 -72.93 13.17
C PRO B 1025 15.44 -72.23 12.36
N CYS B 1026 15.10 -71.87 11.12
CA CYS B 1026 15.92 -70.99 10.31
C CYS B 1026 15.27 -69.62 10.25
N ASP B 1027 16.09 -68.60 9.96
CA ASP B 1027 15.59 -67.25 9.81
C ASP B 1027 14.69 -67.15 8.59
N THR B 1028 13.53 -66.51 8.75
CA THR B 1028 12.50 -66.49 7.72
C THR B 1028 12.55 -65.20 6.91
N ARG B 1029 13.62 -65.08 6.12
CA ARG B 1029 13.73 -64.02 5.12
C ARG B 1029 13.02 -64.50 3.86
N LEU B 1030 11.81 -64.01 3.63
CA LEU B 1030 11.03 -64.46 2.49
C LEU B 1030 11.75 -64.13 1.19
N LEU B 1031 11.80 -65.13 0.30
CA LEU B 1031 12.34 -64.96 -1.04
C LEU B 1031 11.14 -64.81 -1.99
N ILE B 1032 10.89 -63.59 -2.44
CA ILE B 1032 9.72 -63.28 -3.26
C ILE B 1032 10.14 -63.25 -4.72
N GLN B 1033 9.46 -64.05 -5.54
CA GLN B 1033 9.68 -64.08 -6.97
C GLN B 1033 8.86 -63.03 -7.71
N ALA B 1034 7.81 -62.51 -7.08
CA ALA B 1034 6.92 -61.59 -7.76
C ALA B 1034 7.64 -60.32 -8.14
N GLU B 1035 7.06 -59.60 -9.10
CA GLU B 1035 7.68 -58.37 -9.57
C GLU B 1035 7.62 -57.29 -8.49
N GLN B 1036 8.73 -56.63 -8.26
CA GLN B 1036 8.88 -55.65 -7.21
C GLN B 1036 9.18 -54.29 -7.82
N THR B 1037 8.44 -53.27 -7.41
CA THR B 1037 8.73 -51.91 -7.84
C THR B 1037 10.13 -51.53 -7.42
N SER B 1038 10.87 -50.90 -8.33
CA SER B 1038 12.24 -50.52 -8.04
C SER B 1038 12.67 -49.41 -8.98
N ASP B 1039 13.65 -48.63 -8.54
CA ASP B 1039 14.36 -47.76 -9.44
C ASP B 1039 15.19 -48.59 -10.41
N GLY B 1040 15.42 -48.06 -11.60
CA GLY B 1040 16.19 -48.76 -12.59
C GLY B 1040 17.65 -48.87 -12.19
N PRO B 1041 18.50 -49.23 -13.14
CA PRO B 1041 19.94 -49.21 -12.86
C PRO B 1041 20.39 -47.79 -12.56
N ASN B 1042 21.45 -47.69 -11.77
CA ASN B 1042 21.94 -46.37 -11.40
C ASN B 1042 22.45 -45.67 -12.64
N PRO B 1043 21.90 -44.51 -13.01
CA PRO B 1043 22.33 -43.86 -14.26
C PRO B 1043 23.79 -43.49 -14.28
N CYS B 1044 24.39 -43.21 -13.12
CA CYS B 1044 25.77 -42.78 -13.08
C CYS B 1044 26.70 -43.86 -13.62
N ASP B 1045 26.49 -45.10 -13.17
CA ASP B 1045 27.33 -46.20 -13.62
C ASP B 1045 27.10 -46.52 -15.09
N MET B 1046 25.84 -46.49 -15.53
CA MET B 1046 25.56 -46.75 -16.94
C MET B 1046 26.21 -45.72 -17.84
N VAL B 1047 26.16 -44.45 -17.44
CA VAL B 1047 26.76 -43.42 -18.28
C VAL B 1047 28.28 -43.43 -18.19
N LYS B 1048 28.84 -44.03 -17.15
CA LYS B 1048 30.29 -44.27 -17.16
C LYS B 1048 30.68 -45.27 -18.24
N GLN B 1049 29.80 -46.23 -18.55
CA GLN B 1049 30.04 -47.26 -19.56
C GLN B 1049 28.85 -47.31 -20.51
N PRO B 1050 28.73 -46.33 -21.40
CA PRO B 1050 27.52 -46.24 -22.23
C PRO B 1050 27.47 -47.33 -23.29
N ARG B 1051 26.25 -47.61 -23.76
CA ARG B 1051 26.07 -48.56 -24.84
C ARG B 1051 26.49 -47.95 -26.17
N TYR B 1052 26.78 -48.83 -27.12
CA TYR B 1052 27.23 -48.41 -28.44
C TYR B 1052 26.09 -47.81 -29.23
N ARG B 1053 26.34 -46.67 -29.89
CA ARG B 1053 25.37 -46.01 -30.74
C ARG B 1053 26.12 -45.29 -31.86
N LYS B 1054 25.46 -45.11 -32.99
CA LYS B 1054 26.04 -44.40 -34.14
C LYS B 1054 25.17 -43.18 -34.42
N GLY B 1055 25.68 -42.01 -34.06
CA GLY B 1055 24.94 -40.79 -34.25
C GLY B 1055 24.89 -40.37 -35.71
N PRO B 1056 23.99 -39.42 -36.02
CA PRO B 1056 23.91 -38.93 -37.40
C PRO B 1056 25.22 -38.28 -37.83
N ASP B 1057 25.56 -38.46 -39.10
CA ASP B 1057 26.81 -37.94 -39.63
C ASP B 1057 26.67 -36.55 -40.24
N VAL B 1058 25.46 -36.16 -40.62
CA VAL B 1058 25.23 -34.85 -41.22
C VAL B 1058 24.91 -33.83 -40.13
N CYS B 1059 25.55 -32.67 -40.19
CA CYS B 1059 25.27 -31.60 -39.26
C CYS B 1059 25.61 -30.27 -39.92
N PHE B 1060 24.71 -29.30 -39.78
CA PHE B 1060 24.88 -27.95 -40.31
C PHE B 1060 24.98 -27.02 -39.12
N ASP B 1061 26.21 -26.76 -38.67
CA ASP B 1061 26.44 -26.00 -37.45
C ASP B 1061 27.19 -24.70 -37.67
N ASN B 1062 27.67 -24.42 -38.87
CA ASN B 1062 28.35 -23.16 -39.13
C ASN B 1062 28.24 -22.82 -40.60
N ASN B 1063 28.21 -21.53 -40.91
CA ASN B 1063 28.17 -21.04 -42.28
C ASN B 1063 28.71 -19.63 -42.31
N VAL B 1064 29.65 -19.38 -43.22
CA VAL B 1064 30.29 -18.07 -43.31
C VAL B 1064 29.30 -16.99 -43.71
N LEU B 1065 28.27 -17.34 -44.48
CA LEU B 1065 27.31 -16.36 -44.96
C LEU B 1065 26.30 -15.96 -43.90
N GLU B 1066 26.28 -16.63 -42.74
CA GLU B 1066 25.26 -16.37 -41.74
C GLU B 1066 25.38 -14.96 -41.20
N ASP B 1067 24.23 -14.33 -40.98
CA ASP B 1067 24.15 -12.98 -40.44
C ASP B 1067 23.85 -13.08 -38.94
N TYR B 1068 24.78 -12.59 -38.11
CA TYR B 1068 24.63 -12.63 -36.67
C TYR B 1068 24.05 -11.35 -36.11
N THR B 1069 23.57 -10.45 -36.98
CA THR B 1069 23.06 -9.16 -36.53
C THR B 1069 21.86 -9.29 -35.61
N ASP B 1070 21.02 -10.30 -35.82
CA ASP B 1070 19.84 -10.49 -34.99
C ASP B 1070 20.24 -11.08 -33.64
N CYS B 1071 20.92 -10.28 -32.82
CA CYS B 1071 21.41 -10.75 -31.53
C CYS B 1071 20.29 -10.85 -30.51
N GLY B 1072 19.26 -10.01 -30.61
CA GLY B 1072 18.12 -10.05 -29.74
C GLY B 1072 18.09 -8.94 -28.70
N GLY B 1073 19.21 -8.25 -28.47
CA GLY B 1073 19.23 -7.15 -27.53
C GLY B 1073 18.73 -5.86 -28.12
N VAL B 1074 19.25 -5.49 -29.30
CA VAL B 1074 18.80 -4.29 -29.98
C VAL B 1074 17.40 -4.46 -30.54
N SER B 1075 16.91 -5.70 -30.65
CA SER B 1075 15.59 -5.98 -31.18
C SER B 1075 14.51 -5.97 -30.10
N GLY B 1076 14.75 -5.26 -28.99
CA GLY B 1076 13.78 -5.18 -27.91
C GLY B 1076 14.35 -4.63 -26.63
N VAL C 129 40.91 13.88 32.09
CA VAL C 129 42.08 13.06 32.32
C VAL C 129 43.18 13.47 31.35
N VAL C 130 43.91 14.53 31.72
CA VAL C 130 44.99 15.06 30.90
C VAL C 130 46.16 15.43 31.80
N ARG C 131 47.23 15.95 31.21
CA ARG C 131 48.39 16.41 31.96
C ARG C 131 48.20 17.87 32.38
N LYS C 132 47.07 18.13 33.03
CA LYS C 132 46.67 19.47 33.49
C LYS C 132 46.71 20.40 32.28
N TYR C 133 47.32 21.58 32.39
CA TYR C 133 47.46 22.48 31.25
C TYR C 133 48.91 22.48 30.81
N ALA C 134 49.16 21.95 29.61
CA ALA C 134 50.50 21.93 29.04
C ALA C 134 50.43 22.03 27.52
N LYS C 135 50.50 23.27 27.01
CA LYS C 135 50.41 23.54 25.57
C LYS C 135 49.16 22.91 24.95
N LYS C 136 48.04 23.04 25.65
CA LYS C 136 46.77 22.54 25.11
C LYS C 136 46.28 23.47 24.01
N ILE C 137 46.02 22.90 22.83
CA ILE C 137 45.66 23.67 21.66
C ILE C 137 44.20 23.45 21.34
N THR C 138 43.48 24.54 21.04
CA THR C 138 42.06 24.51 20.82
C THR C 138 41.74 24.58 19.32
N GLU C 139 40.46 24.70 19.01
CA GLU C 139 39.97 24.57 17.64
C GLU C 139 39.91 25.92 16.94
N TRP C 140 39.85 25.86 15.61
CA TRP C 140 39.79 27.01 14.72
C TRP C 140 38.76 26.72 13.65
N PRO C 141 38.10 27.75 13.11
CA PRO C 141 36.79 27.56 12.44
C PRO C 141 36.80 26.54 11.32
N PRO C 142 37.85 26.47 10.49
CA PRO C 142 37.82 25.43 9.44
C PRO C 142 37.80 24.00 9.96
N PHE C 143 38.19 23.78 11.22
CA PHE C 143 38.23 22.41 11.74
C PHE C 143 36.84 21.79 11.79
N GLU C 144 35.88 22.50 12.39
CA GLU C 144 34.53 21.94 12.49
C GLU C 144 33.88 21.85 11.13
N TYR C 145 34.26 22.73 10.20
CA TYR C 145 33.75 22.59 8.83
C TYR C 145 34.30 21.35 8.14
N MET C 146 35.57 21.02 8.37
CA MET C 146 36.11 19.77 7.83
C MET C 146 35.40 18.57 8.44
N ILE C 147 35.11 18.63 9.74
CA ILE C 147 34.34 17.57 10.38
C ILE C 147 32.96 17.45 9.74
N LEU C 148 32.31 18.58 9.49
CA LEU C 148 31.00 18.57 8.86
C LEU C 148 31.07 17.94 7.48
N ALA C 149 32.10 18.28 6.71
CA ALA C 149 32.26 17.71 5.38
C ALA C 149 32.44 16.21 5.44
N THR C 150 33.26 15.73 6.38
CA THR C 150 33.48 14.28 6.45
C THR C 150 32.22 13.56 6.92
N ILE C 151 31.41 14.19 7.77
CA ILE C 151 30.14 13.58 8.15
C ILE C 151 29.20 13.48 6.95
N ILE C 152 29.13 14.53 6.14
CA ILE C 152 28.26 14.46 4.95
C ILE C 152 28.76 13.40 3.98
N ALA C 153 30.08 13.28 3.83
CA ALA C 153 30.63 12.24 2.97
C ALA C 153 30.29 10.85 3.49
N ASN C 154 30.36 10.66 4.81
CA ASN C 154 30.00 9.38 5.39
C ASN C 154 28.52 9.07 5.17
N CYS C 155 27.67 10.09 5.27
CA CYS C 155 26.25 9.87 5.01
C CYS C 155 26.01 9.44 3.56
N ILE C 156 26.70 10.07 2.62
CA ILE C 156 26.55 9.67 1.22
C ILE C 156 27.03 8.23 1.02
N VAL C 157 28.16 7.88 1.63
CA VAL C 157 28.68 6.53 1.51
C VAL C 157 27.68 5.52 2.07
N LEU C 158 27.06 5.85 3.20
CA LEU C 158 26.03 4.96 3.75
C LEU C 158 24.82 4.87 2.81
N ALA C 159 24.46 5.97 2.17
CA ALA C 159 23.32 5.97 1.26
C ALA C 159 23.60 5.26 -0.05
N LEU C 160 24.85 4.99 -0.39
CA LEU C 160 25.19 4.35 -1.66
C LEU C 160 25.29 2.83 -1.56
N GLU C 161 24.93 2.24 -0.43
CA GLU C 161 25.11 0.81 -0.21
C GLU C 161 23.83 0.06 -0.57
N GLN C 162 23.99 -1.06 -1.28
CA GLN C 162 22.89 -1.94 -1.66
C GLN C 162 23.10 -3.30 -1.00
N HIS C 163 22.02 -3.85 -0.46
CA HIS C 163 22.07 -5.13 0.25
C HIS C 163 21.47 -6.21 -0.63
N LEU C 164 22.19 -7.32 -0.77
CA LEU C 164 21.76 -8.44 -1.59
C LEU C 164 21.59 -9.68 -0.73
N PRO C 165 20.66 -10.56 -1.09
CA PRO C 165 20.37 -11.72 -0.25
C PRO C 165 21.51 -12.73 -0.22
N ASP C 166 21.62 -13.44 0.89
CA ASP C 166 22.44 -14.64 1.03
C ASP C 166 23.90 -14.40 0.64
N ASP C 167 24.56 -13.53 1.40
CA ASP C 167 26.01 -13.34 1.30
C ASP C 167 26.45 -13.00 -0.12
N ASP C 168 25.69 -12.16 -0.79
CA ASP C 168 26.06 -11.68 -2.13
C ASP C 168 26.39 -10.20 -2.04
N LYS C 169 27.47 -9.81 -2.70
CA LYS C 169 27.96 -8.44 -2.66
C LYS C 169 27.99 -7.85 -4.06
N THR C 170 27.64 -6.58 -4.17
CA THR C 170 27.81 -5.85 -5.42
C THR C 170 29.26 -5.38 -5.55
N PRO C 171 29.75 -5.20 -6.78
CA PRO C 171 31.16 -4.79 -6.95
C PRO C 171 31.51 -3.49 -6.25
N MET C 172 30.60 -2.52 -6.21
CA MET C 172 30.87 -1.26 -5.54
C MET C 172 30.87 -1.41 -4.02
N SER C 173 30.31 -2.50 -3.49
CA SER C 173 30.24 -2.67 -2.05
C SER C 173 31.62 -2.73 -1.41
N GLU C 174 32.55 -3.45 -2.03
CA GLU C 174 33.90 -3.52 -1.46
C GLU C 174 34.58 -2.16 -1.45
N ARG C 175 34.43 -1.41 -2.54
CA ARG C 175 35.03 -0.08 -2.62
C ARG C 175 34.43 0.85 -1.57
N LEU C 176 33.12 0.78 -1.36
CA LEU C 176 32.50 1.61 -0.32
C LEU C 176 32.93 1.15 1.06
N ASP C 177 33.10 -0.17 1.26
CA ASP C 177 33.39 -0.69 2.58
C ASP C 177 34.82 -0.33 3.01
N ASP C 178 35.76 -0.33 2.07
CA ASP C 178 37.14 -0.05 2.47
C ASP C 178 37.36 1.40 2.89
N THR C 179 36.37 2.28 2.69
CA THR C 179 36.51 3.67 3.12
C THR C 179 36.30 3.84 4.61
N GLU C 180 35.72 2.85 5.29
CA GLU C 180 35.42 2.99 6.71
C GLU C 180 36.62 3.35 7.57
N PRO C 181 37.82 2.77 7.38
CA PRO C 181 38.96 3.19 8.21
C PRO C 181 39.23 4.68 8.16
N TYR C 182 39.10 5.32 7.00
CA TYR C 182 39.39 6.74 6.90
C TYR C 182 38.42 7.56 7.75
N PHE C 183 37.11 7.28 7.63
CA PHE C 183 36.12 8.01 8.40
C PHE C 183 36.30 7.79 9.89
N ILE C 184 36.52 6.54 10.29
CA ILE C 184 36.65 6.26 11.72
C ILE C 184 37.92 6.89 12.27
N GLY C 185 38.98 6.93 11.47
CA GLY C 185 40.19 7.59 11.92
C GLY C 185 40.02 9.09 12.09
N ILE C 186 39.31 9.74 11.16
CA ILE C 186 39.07 11.17 11.29
C ILE C 186 38.23 11.44 12.54
N PHE C 187 37.18 10.63 12.75
CA PHE C 187 36.33 10.83 13.93
C PHE C 187 37.10 10.60 15.22
N CYS C 188 37.96 9.57 15.24
CA CYS C 188 38.80 9.32 16.41
C CYS C 188 39.75 10.47 16.66
N PHE C 189 40.31 11.05 15.60
CA PHE C 189 41.23 12.17 15.76
C PHE C 189 40.51 13.38 16.37
N GLU C 190 39.33 13.72 15.84
CA GLU C 190 38.64 14.89 16.38
C GLU C 190 38.19 14.65 17.81
N ALA C 191 37.75 13.42 18.11
CA ALA C 191 37.39 13.09 19.49
C ALA C 191 38.62 13.20 20.39
N GLY C 192 39.79 12.80 19.90
CA GLY C 192 41.00 12.94 20.71
C GLY C 192 41.35 14.38 20.98
N ILE C 193 41.26 15.23 19.96
CA ILE C 193 41.53 16.65 20.14
C ILE C 193 40.59 17.23 21.19
N LYS C 194 39.30 16.95 21.05
CA LYS C 194 38.33 17.51 21.99
C LYS C 194 38.55 16.96 23.40
N ILE C 195 38.89 15.68 23.52
CA ILE C 195 39.01 15.07 24.84
C ILE C 195 40.24 15.60 25.57
N ILE C 196 41.33 15.83 24.82
CA ILE C 196 42.53 16.37 25.48
C ILE C 196 42.33 17.86 25.79
N ALA C 197 41.66 18.60 24.90
CA ALA C 197 41.47 20.02 25.16
C ALA C 197 40.54 20.25 26.33
N LEU C 198 39.39 19.58 26.35
CA LEU C 198 38.45 19.74 27.46
C LEU C 198 38.92 18.99 28.70
N GLY C 199 39.49 17.80 28.52
CA GLY C 199 40.02 17.05 29.63
C GLY C 199 39.13 15.96 30.18
N PHE C 200 38.18 15.46 29.40
CA PHE C 200 37.27 14.40 29.83
C PHE C 200 36.50 14.84 31.08
N SER C 206 35.55 17.73 30.47
CA SER C 206 34.16 18.15 30.26
C SER C 206 33.60 17.60 28.96
N TYR C 207 34.33 16.69 28.34
CA TYR C 207 33.89 16.11 27.07
C TYR C 207 32.56 15.38 27.23
N LEU C 208 32.48 14.45 28.20
CA LEU C 208 31.27 13.67 28.37
C LEU C 208 30.15 14.45 29.05
N ARG C 209 30.38 15.70 29.45
CA ARG C 209 29.30 16.50 30.00
C ARG C 209 28.22 16.76 28.96
N ASN C 210 28.61 17.07 27.73
CA ASN C 210 27.65 17.33 26.68
C ASN C 210 27.02 16.04 26.19
N GLY C 211 25.70 16.03 26.07
CA GLY C 211 25.02 14.83 25.58
C GLY C 211 25.38 14.49 24.15
N TRP C 212 25.63 15.51 23.33
CA TRP C 212 26.02 15.26 21.94
C TRP C 212 27.37 14.57 21.86
N ASN C 213 28.32 14.99 22.70
CA ASN C 213 29.63 14.35 22.70
C ASN C 213 29.54 12.91 23.17
N VAL C 214 28.62 12.61 24.10
CA VAL C 214 28.43 11.23 24.52
C VAL C 214 27.97 10.37 23.35
N MET C 215 27.05 10.89 22.54
CA MET C 215 26.61 10.17 21.35
C MET C 215 27.77 10.03 20.36
N ASP C 216 28.61 11.05 20.25
CA ASP C 216 29.78 10.94 19.40
C ASP C 216 30.75 9.88 19.93
N PHE C 217 30.93 9.83 21.25
CA PHE C 217 31.88 8.88 21.81
C PHE C 217 31.46 7.44 21.56
N VAL C 218 30.17 7.14 21.74
CA VAL C 218 29.71 5.76 21.54
C VAL C 218 29.79 5.37 20.08
N VAL C 219 29.59 6.33 19.17
CA VAL C 219 29.75 6.04 17.74
C VAL C 219 31.19 5.64 17.45
N VAL C 220 32.16 6.37 18.00
CA VAL C 220 33.57 6.03 17.79
C VAL C 220 33.90 4.69 18.43
N LEU C 221 33.42 4.46 19.65
CA LEU C 221 33.77 3.24 20.37
C LEU C 221 33.28 1.99 19.65
N THR C 222 32.01 1.98 19.27
CA THR C 222 31.45 0.79 18.61
C THR C 222 32.12 0.52 17.27
N GLY C 223 32.47 1.58 16.55
CA GLY C 223 33.14 1.40 15.27
C GLY C 223 34.48 0.71 15.41
N ILE C 224 35.29 1.15 16.37
CA ILE C 224 36.63 0.60 16.53
C ILE C 224 36.58 -0.87 16.91
N LEU C 225 35.61 -1.26 17.74
CA LEU C 225 35.50 -2.66 18.13
C LEU C 225 35.24 -3.54 16.91
N ALA C 226 34.34 -3.11 16.02
CA ALA C 226 34.07 -3.89 14.82
C ALA C 226 35.20 -3.77 13.80
N THR C 227 35.71 -2.56 13.59
CA THR C 227 36.73 -2.35 12.56
C THR C 227 38.03 -3.07 12.90
N VAL C 228 38.46 -2.99 14.16
CA VAL C 228 39.70 -3.60 14.61
C VAL C 228 39.34 -4.90 15.32
N GLY C 229 39.75 -6.02 14.75
CA GLY C 229 39.40 -7.31 15.32
C GLY C 229 38.06 -7.81 14.84
N THR C 230 37.98 -9.13 14.64
CA THR C 230 36.73 -9.74 14.20
C THR C 230 36.44 -11.06 14.92
N GLU C 231 37.17 -11.39 15.99
CA GLU C 231 37.02 -12.70 16.63
C GLU C 231 35.62 -12.90 17.18
N PHE C 232 35.09 -11.89 17.85
CA PHE C 232 33.71 -11.95 18.31
C PHE C 232 32.75 -11.65 17.17
N ASP C 233 31.49 -12.01 17.36
CA ASP C 233 30.47 -11.69 16.38
C ASP C 233 30.23 -10.18 16.36
N LEU C 234 30.61 -9.54 15.26
CA LEU C 234 30.57 -8.09 15.19
C LEU C 234 29.76 -7.55 14.02
N ARG C 235 29.01 -8.41 13.31
CA ARG C 235 28.11 -7.91 12.27
C ARG C 235 27.01 -7.05 12.87
N THR C 236 26.60 -7.35 14.10
CA THR C 236 25.55 -6.57 14.76
C THR C 236 26.02 -5.14 15.04
N LEU C 237 27.29 -4.97 15.40
CA LEU C 237 27.80 -3.65 15.74
C LEU C 237 27.84 -2.69 14.55
N ARG C 238 27.72 -3.20 13.33
CA ARG C 238 27.65 -2.31 12.18
C ARG C 238 26.35 -1.51 12.17
N ALA C 239 25.32 -1.99 12.87
CA ALA C 239 24.04 -1.29 12.88
C ALA C 239 24.13 0.06 13.57
N VAL C 240 25.15 0.26 14.42
CA VAL C 240 25.32 1.53 15.11
C VAL C 240 25.70 2.66 14.17
N ARG C 241 26.19 2.34 12.97
CA ARG C 241 26.57 3.38 12.02
C ARG C 241 25.40 4.24 11.59
N VAL C 242 24.16 3.79 11.80
CA VAL C 242 23.00 4.55 11.35
C VAL C 242 22.91 5.88 12.08
N LEU C 243 23.50 5.96 13.27
CA LEU C 243 23.42 7.17 14.08
C LEU C 243 24.36 8.26 13.59
N ARG C 244 25.29 7.96 12.68
CA ARG C 244 26.26 8.95 12.24
C ARG C 244 25.62 10.17 11.57
N PRO C 245 24.56 10.06 10.76
CA PRO C 245 23.91 11.28 10.28
C PRO C 245 23.46 12.21 11.39
N LEU C 246 23.18 11.70 12.58
CA LEU C 246 22.77 12.55 13.69
C LEU C 246 23.89 13.46 14.15
N LYS C 247 25.14 13.18 13.77
CA LYS C 247 26.24 14.07 14.11
C LYS C 247 26.13 15.42 13.43
N LEU C 248 25.27 15.54 12.41
CA LEU C 248 25.01 16.85 11.83
C LEU C 248 24.38 17.79 12.84
N VAL C 249 23.49 17.26 13.69
CA VAL C 249 22.85 18.08 14.70
C VAL C 249 23.86 18.57 15.72
N SER C 250 24.77 17.70 16.15
CA SER C 250 25.78 18.09 17.12
C SER C 250 26.71 19.14 16.56
N GLY C 251 27.12 18.98 15.30
CA GLY C 251 28.04 19.94 14.71
C GLY C 251 27.44 21.32 14.53
N ILE C 252 26.21 21.39 14.03
CA ILE C 252 25.56 22.66 13.73
C ILE C 252 24.80 23.11 14.98
N PRO C 253 25.25 24.15 15.68
CA PRO C 253 24.54 24.55 16.91
C PRO C 253 23.13 25.05 16.66
N SER C 254 22.85 25.57 15.47
CA SER C 254 21.50 26.06 15.18
C SER C 254 20.47 24.95 15.23
N LEU C 255 20.82 23.77 14.70
CA LEU C 255 19.88 22.65 14.72
C LEU C 255 19.59 22.19 16.13
N GLN C 256 20.53 22.37 17.06
CA GLN C 256 20.29 21.95 18.44
C GLN C 256 19.18 22.78 19.07
N VAL C 257 19.16 24.09 18.81
CA VAL C 257 18.12 24.94 19.38
C VAL C 257 16.75 24.55 18.86
N VAL C 258 16.64 24.27 17.56
CA VAL C 258 15.36 23.84 17.00
C VAL C 258 14.96 22.48 17.57
N LEU C 259 15.93 21.58 17.73
CA LEU C 259 15.62 20.26 18.28
C LEU C 259 15.15 20.37 19.72
N LYS C 260 15.69 21.34 20.48
CA LYS C 260 15.21 21.56 21.84
C LYS C 260 13.74 21.95 21.85
N SER C 261 13.31 22.73 20.85
CA SER C 261 11.92 23.16 20.81
C SER C 261 10.97 21.98 20.64
N ILE C 262 11.33 21.02 19.79
CA ILE C 262 10.44 19.89 19.51
C ILE C 262 10.29 19.00 20.73
N MET C 263 11.41 18.63 21.35
CA MET C 263 11.35 17.76 22.52
C MET C 263 10.66 18.43 23.71
N LYS C 264 10.74 19.76 23.80
CA LYS C 264 10.14 20.46 24.94
C LYS C 264 8.63 20.29 24.94
N ALA C 265 8.01 20.28 23.76
CA ALA C 265 6.56 20.21 23.67
C ALA C 265 6.05 18.81 24.00
N MET C 266 6.84 17.78 23.70
CA MET C 266 6.37 16.41 23.91
C MET C 266 6.65 15.88 25.30
N ILE C 267 7.23 16.69 26.20
CA ILE C 267 7.34 16.28 27.59
C ILE C 267 5.96 16.08 28.24
N PRO C 268 5.00 17.00 28.08
CA PRO C 268 3.65 16.71 28.59
C PRO C 268 2.99 15.51 27.94
N LEU C 269 3.32 15.20 26.70
CA LEU C 269 2.63 14.13 25.98
C LEU C 269 2.95 12.75 26.56
N LEU C 270 4.00 12.65 27.38
CA LEU C 270 4.32 11.35 27.98
C LEU C 270 3.20 10.88 28.88
N GLN C 271 2.55 11.80 29.58
CA GLN C 271 1.44 11.41 30.46
C GLN C 271 0.26 10.90 29.65
N ILE C 272 0.09 11.39 28.42
CA ILE C 272 -0.92 10.83 27.54
C ILE C 272 -0.55 9.40 27.17
N GLY C 273 0.73 9.15 26.90
CA GLY C 273 1.16 7.80 26.56
C GLY C 273 0.91 6.82 27.68
N LEU C 274 0.93 7.29 28.93
CA LEU C 274 0.63 6.42 30.06
C LEU C 274 -0.86 6.06 30.08
N LEU C 275 -1.72 7.00 29.70
CA LEU C 275 -3.13 6.65 29.51
C LEU C 275 -3.30 5.69 28.35
N LEU C 276 -2.58 5.92 27.26
CA LEU C 276 -2.70 5.04 26.09
C LEU C 276 -2.27 3.62 26.43
N PHE C 277 -1.18 3.46 27.18
CA PHE C 277 -0.72 2.12 27.52
C PHE C 277 -1.73 1.41 28.42
N PHE C 278 -2.31 2.13 29.39
CA PHE C 278 -3.32 1.52 30.25
C PHE C 278 -4.54 1.11 29.45
N ALA C 279 -4.96 1.94 28.49
CA ALA C 279 -6.10 1.58 27.66
C ALA C 279 -5.80 0.34 26.84
N ILE C 280 -4.60 0.25 26.27
CA ILE C 280 -4.22 -0.93 25.49
C ILE C 280 -4.16 -2.16 26.39
N LEU C 281 -3.61 -2.00 27.60
CA LEU C 281 -3.49 -3.14 28.50
C LEU C 281 -4.86 -3.69 28.88
N ILE C 282 -5.80 -2.80 29.20
CA ILE C 282 -7.13 -3.26 29.62
C ILE C 282 -7.85 -3.96 28.47
N PHE C 283 -7.78 -3.39 27.27
CA PHE C 283 -8.47 -4.00 26.14
C PHE C 283 -7.78 -5.29 25.69
N ALA C 284 -6.48 -5.41 25.93
CA ALA C 284 -5.78 -6.65 25.62
C ALA C 284 -6.23 -7.78 26.54
N ILE C 285 -6.45 -7.48 27.81
CA ILE C 285 -6.97 -8.48 28.74
C ILE C 285 -8.36 -8.92 28.32
N ILE C 286 -9.22 -7.95 27.99
CA ILE C 286 -10.59 -8.28 27.59
C ILE C 286 -10.59 -9.09 26.30
N GLY C 287 -9.76 -8.70 25.33
CA GLY C 287 -9.66 -9.48 24.12
C GLY C 287 -9.08 -10.87 24.36
N LEU C 288 -8.18 -10.99 25.33
CA LEU C 288 -7.63 -12.29 25.68
C LEU C 288 -8.71 -13.22 26.21
N GLU C 289 -9.61 -12.70 27.03
CA GLU C 289 -10.66 -13.54 27.61
C GLU C 289 -11.60 -14.08 26.54
N PHE C 290 -11.97 -13.24 25.56
CA PHE C 290 -12.99 -13.63 24.60
C PHE C 290 -12.39 -14.35 23.39
N TYR C 291 -11.29 -13.85 22.84
CA TYR C 291 -10.83 -14.27 21.53
C TYR C 291 -9.60 -15.17 21.57
N MET C 292 -9.35 -15.83 22.70
CA MET C 292 -8.14 -16.64 22.81
C MET C 292 -8.26 -17.91 21.99
N GLY C 293 -7.43 -18.03 20.95
CA GLY C 293 -7.35 -19.24 20.17
C GLY C 293 -8.50 -19.51 19.23
N LYS C 294 -9.37 -18.53 18.99
CA LYS C 294 -10.55 -18.78 18.18
C LYS C 294 -10.26 -18.87 16.69
N PHE C 295 -9.12 -18.34 16.23
CA PHE C 295 -8.89 -18.18 14.81
C PHE C 295 -8.03 -19.29 14.21
N HIS C 296 -7.93 -20.44 14.87
CA HIS C 296 -7.07 -21.51 14.38
C HIS C 296 -7.82 -22.61 13.62
N THR C 297 -9.14 -22.48 13.45
CA THR C 297 -9.93 -23.48 12.74
C THR C 297 -10.38 -22.91 11.40
N THR C 298 -10.38 -23.76 10.37
CA THR C 298 -10.76 -23.33 9.03
C THR C 298 -11.46 -24.46 8.31
N CYS C 299 -11.79 -24.21 7.03
CA CYS C 299 -12.49 -25.17 6.18
C CYS C 299 -11.46 -26.09 5.53
N PHE C 300 -11.12 -27.17 6.23
CA PHE C 300 -10.28 -28.20 5.66
C PHE C 300 -11.10 -29.14 4.79
N GLU C 301 -10.44 -29.73 3.80
CA GLU C 301 -11.07 -30.74 2.96
C GLU C 301 -11.50 -31.93 3.82
N GLU C 302 -12.64 -32.53 3.44
CA GLU C 302 -13.14 -33.66 4.20
C GLU C 302 -12.17 -34.83 4.17
N GLY C 303 -11.64 -35.15 2.99
CA GLY C 303 -10.79 -36.33 2.86
C GLY C 303 -9.38 -36.12 3.38
N THR C 304 -8.79 -34.97 3.10
CA THR C 304 -7.38 -34.73 3.40
C THR C 304 -7.24 -33.57 4.39
N ASP C 305 -6.04 -33.46 4.96
CA ASP C 305 -5.70 -32.35 5.84
C ASP C 305 -5.14 -31.21 5.00
N ASP C 306 -5.99 -30.68 4.12
CA ASP C 306 -5.60 -29.67 3.16
C ASP C 306 -6.59 -28.51 3.19
N ILE C 307 -6.07 -27.29 3.05
CA ILE C 307 -6.93 -26.11 3.00
C ILE C 307 -7.74 -26.14 1.70
N GLN C 308 -9.03 -25.84 1.82
CA GLN C 308 -9.91 -25.93 0.65
C GLN C 308 -9.53 -24.92 -0.42
N GLY C 309 -9.28 -23.67 -0.03
CA GLY C 309 -9.01 -22.63 -0.98
C GLY C 309 -7.71 -21.92 -0.69
N GLU C 310 -7.25 -21.13 -1.65
CA GLU C 310 -6.01 -20.38 -1.48
C GLU C 310 -6.16 -19.33 -0.37
N SER C 311 -7.33 -18.72 -0.26
CA SER C 311 -7.59 -17.74 0.79
C SER C 311 -8.52 -18.35 1.82
N PRO C 312 -8.03 -18.75 2.99
CA PRO C 312 -8.91 -19.32 4.00
C PRO C 312 -9.45 -18.27 4.96
N ALA C 313 -10.54 -18.58 5.63
CA ALA C 313 -11.16 -17.72 6.62
C ALA C 313 -11.57 -18.53 7.84
N PRO C 314 -11.66 -17.90 9.00
CA PRO C 314 -12.12 -18.63 10.19
C PRO C 314 -13.52 -19.20 9.98
N CYS C 315 -13.75 -20.37 10.55
CA CYS C 315 -15.00 -21.11 10.39
C CYS C 315 -15.53 -21.51 11.75
N GLY C 316 -16.76 -22.06 11.75
CA GLY C 316 -17.37 -22.54 12.96
C GLY C 316 -18.24 -23.75 12.67
N THR C 317 -18.55 -24.48 13.73
CA THR C 317 -19.39 -25.67 13.63
C THR C 317 -20.86 -25.38 13.93
N GLU C 318 -21.23 -24.13 14.14
CA GLU C 318 -22.59 -23.75 14.50
C GLU C 318 -23.13 -22.75 13.48
N GLU C 319 -24.45 -22.56 13.52
CA GLU C 319 -25.09 -21.65 12.58
C GLU C 319 -24.66 -20.19 12.73
N PRO C 320 -24.59 -19.60 13.93
CA PRO C 320 -24.16 -18.19 14.00
C PRO C 320 -22.79 -17.95 13.40
N ALA C 321 -21.87 -18.90 13.56
CA ALA C 321 -20.56 -18.78 12.94
C ALA C 321 -20.63 -19.17 11.48
N ARG C 322 -19.55 -18.89 10.76
CA ARG C 322 -19.47 -19.28 9.36
C ARG C 322 -19.40 -20.81 9.26
N THR C 323 -20.14 -21.36 8.32
CA THR C 323 -20.23 -22.80 8.14
C THR C 323 -19.53 -23.24 6.88
N CYS C 324 -18.81 -24.36 6.96
CA CYS C 324 -18.10 -24.87 5.80
C CYS C 324 -19.08 -25.42 4.77
N PRO C 325 -18.71 -25.42 3.49
CA PRO C 325 -19.59 -25.98 2.46
C PRO C 325 -19.75 -27.49 2.59
N ASN C 326 -20.45 -28.06 1.61
CA ASN C 326 -20.63 -29.51 1.55
C ASN C 326 -19.30 -30.25 1.63
N GLY C 327 -18.32 -29.87 0.81
CA GLY C 327 -17.15 -30.70 0.64
C GLY C 327 -16.12 -30.62 1.75
N THR C 328 -16.38 -29.85 2.80
CA THR C 328 -15.36 -29.55 3.80
C THR C 328 -15.93 -29.71 5.21
N LYS C 329 -15.05 -29.62 6.20
CA LYS C 329 -15.43 -29.58 7.61
C LYS C 329 -14.47 -28.65 8.34
N CYS C 330 -14.84 -28.27 9.56
CA CYS C 330 -14.02 -27.40 10.40
C CYS C 330 -13.08 -28.26 11.23
N GLN C 331 -11.79 -28.25 10.90
CA GLN C 331 -10.79 -29.04 11.61
C GLN C 331 -9.96 -28.18 12.57
N PRO C 332 -9.30 -28.79 13.55
CA PRO C 332 -8.78 -27.99 14.68
C PRO C 332 -7.76 -26.94 14.31
N TYR C 333 -6.64 -27.29 13.69
CA TYR C 333 -5.51 -26.37 13.62
C TYR C 333 -5.31 -25.78 12.23
N TRP C 334 -5.23 -24.45 12.18
CA TRP C 334 -4.77 -23.68 11.03
C TRP C 334 -4.00 -22.51 11.60
N GLU C 335 -2.99 -22.04 10.86
CA GLU C 335 -2.08 -21.04 11.41
C GLU C 335 -2.82 -19.78 11.84
N GLY C 336 -3.73 -19.30 11.01
CA GLY C 336 -4.54 -18.15 11.36
C GLY C 336 -4.43 -17.03 10.35
N PRO C 337 -5.12 -15.93 10.62
CA PRO C 337 -5.03 -14.76 9.74
C PRO C 337 -3.64 -14.16 9.75
N ASN C 338 -3.27 -13.59 8.60
CA ASN C 338 -2.01 -12.88 8.43
C ASN C 338 -0.82 -13.76 8.84
N ASN C 339 -0.89 -15.03 8.47
CA ASN C 339 0.15 -16.02 8.77
C ASN C 339 0.38 -16.17 10.28
N GLY C 340 -0.68 -15.97 11.07
CA GLY C 340 -0.60 -16.17 12.50
C GLY C 340 -0.04 -15.01 13.29
N ILE C 341 0.28 -13.89 12.64
CA ILE C 341 0.82 -12.74 13.35
C ILE C 341 -0.29 -12.03 14.14
N THR C 342 -1.48 -11.95 13.58
CA THR C 342 -2.59 -11.22 14.19
C THR C 342 -3.52 -12.20 14.88
N GLN C 343 -3.61 -12.10 16.20
CA GLN C 343 -4.39 -13.04 17.01
C GLN C 343 -4.44 -12.55 18.44
N PHE C 344 -5.14 -13.31 19.28
CA PHE C 344 -5.17 -13.10 20.73
C PHE C 344 -4.79 -14.43 21.40
N ASP C 345 -3.50 -14.72 21.50
CA ASP C 345 -3.06 -15.94 22.15
C ASP C 345 -2.22 -15.71 23.39
N ASN C 346 -1.41 -14.67 23.40
CA ASN C 346 -0.64 -14.27 24.57
C ASN C 346 -1.12 -12.89 24.97
N ILE C 347 -0.69 -12.44 26.15
CA ILE C 347 -0.89 -11.03 26.44
C ILE C 347 -0.04 -10.19 25.51
N LEU C 348 1.13 -10.69 25.12
CA LEU C 348 1.98 -9.95 24.19
C LEU C 348 1.34 -9.87 22.81
N PHE C 349 0.77 -10.98 22.34
CA PHE C 349 0.06 -10.94 21.05
C PHE C 349 -1.17 -10.06 21.11
N ALA C 350 -1.90 -10.09 22.24
CA ALA C 350 -3.08 -9.26 22.37
C ALA C 350 -2.73 -7.78 22.39
N VAL C 351 -1.66 -7.42 23.10
CA VAL C 351 -1.27 -6.02 23.18
C VAL C 351 -0.86 -5.50 21.80
N LEU C 352 -0.09 -6.29 21.06
CA LEU C 352 0.29 -5.89 19.71
C LEU C 352 -0.94 -5.80 18.80
N THR C 353 -1.86 -6.75 18.93
CA THR C 353 -3.07 -6.73 18.11
C THR C 353 -3.94 -5.51 18.43
N VAL C 354 -4.05 -5.17 19.71
CA VAL C 354 -4.84 -3.99 20.10
C VAL C 354 -4.19 -2.72 19.57
N PHE C 355 -2.87 -2.61 19.67
CA PHE C 355 -2.18 -1.42 19.19
C PHE C 355 -2.43 -1.19 17.71
N GLN C 356 -2.53 -2.28 16.94
CA GLN C 356 -2.83 -2.15 15.52
C GLN C 356 -4.20 -1.55 15.28
N CYS C 357 -5.18 -1.94 16.08
CA CYS C 357 -6.53 -1.39 15.93
C CYS C 357 -6.59 0.06 16.37
N ILE C 358 -5.77 0.44 17.35
CA ILE C 358 -5.75 1.82 17.81
C ILE C 358 -5.34 2.76 16.68
N THR C 359 -4.37 2.33 15.87
CA THR C 359 -3.97 3.11 14.71
C THR C 359 -4.99 3.05 13.58
N MET C 360 -6.12 2.38 13.79
CA MET C 360 -7.22 2.32 12.83
C MET C 360 -6.80 1.69 11.51
N GLU C 361 -5.82 0.79 11.56
CA GLU C 361 -5.27 0.20 10.34
C GLU C 361 -5.46 -1.30 10.41
N GLY C 362 -6.37 -1.83 9.59
CA GLY C 362 -6.66 -3.24 9.56
C GLY C 362 -7.61 -3.73 10.63
N TRP C 363 -8.29 -2.82 11.34
CA TRP C 363 -9.15 -3.23 12.44
C TRP C 363 -10.43 -3.91 11.94
N THR C 364 -10.91 -3.55 10.76
CA THR C 364 -12.14 -4.15 10.25
C THR C 364 -11.94 -5.61 9.89
N ASP C 365 -10.73 -5.98 9.49
CA ASP C 365 -10.47 -7.38 9.15
C ASP C 365 -10.62 -8.27 10.38
N LEU C 366 -10.17 -7.79 11.55
CA LEU C 366 -10.42 -8.52 12.79
C LEU C 366 -11.91 -8.62 13.09
N LEU C 367 -12.64 -7.53 12.88
CA LEU C 367 -14.06 -7.55 13.16
C LEU C 367 -14.76 -8.60 12.29
N TYR C 368 -14.37 -8.69 11.03
CA TYR C 368 -14.99 -9.67 10.13
C TYR C 368 -14.53 -11.08 10.47
N ASN C 369 -13.26 -11.25 10.83
CA ASN C 369 -12.77 -12.57 11.21
C ASN C 369 -13.45 -13.08 12.46
N SER C 370 -13.55 -12.23 13.49
CA SER C 370 -14.19 -12.66 14.73
C SER C 370 -15.68 -12.91 14.52
N ASN C 371 -16.28 -12.22 13.55
CA ASN C 371 -17.68 -12.49 13.21
C ASN C 371 -17.84 -13.86 12.61
N ASP C 372 -16.88 -14.29 11.79
CA ASP C 372 -16.91 -15.63 11.23
C ASP C 372 -16.80 -16.69 12.31
N ALA C 373 -15.95 -16.45 13.31
CA ALA C 373 -15.71 -17.45 14.34
C ALA C 373 -16.86 -17.53 15.34
N SER C 374 -17.45 -16.39 15.69
CA SER C 374 -18.36 -16.32 16.83
C SER C 374 -19.73 -15.74 16.52
N GLY C 375 -19.96 -15.21 15.32
CA GLY C 375 -21.19 -14.51 15.04
C GLY C 375 -21.10 -13.03 15.34
N ASN C 376 -21.91 -12.25 14.65
CA ASN C 376 -21.77 -10.80 14.67
C ASN C 376 -22.63 -10.11 15.72
N THR C 377 -23.19 -10.88 16.67
CA THR C 377 -24.12 -10.28 17.62
C THR C 377 -23.43 -9.27 18.54
N TRP C 378 -22.24 -9.61 19.05
CA TRP C 378 -21.61 -8.80 20.08
C TRP C 378 -20.23 -8.27 19.73
N ASN C 379 -19.64 -8.69 18.61
CA ASN C 379 -18.25 -8.32 18.34
C ASN C 379 -18.10 -6.82 18.13
N TRP C 380 -19.14 -6.15 17.66
CA TRP C 380 -19.07 -4.69 17.53
C TRP C 380 -18.95 -3.99 18.88
N LEU C 381 -19.28 -4.66 19.98
CA LEU C 381 -19.15 -4.03 21.29
C LEU C 381 -17.71 -3.98 21.76
N TYR C 382 -16.83 -4.79 21.17
CA TYR C 382 -15.42 -4.73 21.54
C TYR C 382 -14.67 -3.72 20.70
N PHE C 383 -14.96 -3.67 19.39
CA PHE C 383 -14.13 -2.91 18.48
C PHE C 383 -14.56 -1.45 18.38
N ILE C 384 -15.86 -1.19 18.37
CA ILE C 384 -16.35 0.18 18.26
C ILE C 384 -15.89 0.99 19.48
N PRO C 385 -16.08 0.51 20.72
CA PRO C 385 -15.47 1.24 21.85
C PRO C 385 -13.97 1.33 21.78
N LEU C 386 -13.30 0.31 21.22
CA LEU C 386 -11.84 0.34 21.13
C LEU C 386 -11.37 1.51 20.26
N ILE C 387 -12.07 1.76 19.15
CA ILE C 387 -11.67 2.84 18.25
C ILE C 387 -11.98 4.20 18.87
N ILE C 388 -13.15 4.33 19.50
CA ILE C 388 -13.56 5.63 20.04
C ILE C 388 -12.66 6.04 21.19
N ILE C 389 -12.46 5.14 22.15
CA ILE C 389 -11.61 5.45 23.29
C ILE C 389 -10.15 5.47 22.88
N GLY C 390 -9.70 4.43 22.19
CA GLY C 390 -8.28 4.32 21.88
C GLY C 390 -7.79 5.36 20.89
N SER C 391 -8.58 5.65 19.86
CA SER C 391 -8.11 6.46 18.75
C SER C 391 -8.66 7.88 18.75
N PHE C 392 -9.97 8.07 18.94
CA PHE C 392 -10.54 9.40 18.87
C PHE C 392 -10.43 10.18 20.18
N PHE C 393 -10.52 9.50 21.32
CA PHE C 393 -10.41 10.20 22.59
C PHE C 393 -8.97 10.59 22.88
N MET C 394 -8.01 9.71 22.59
CA MET C 394 -6.61 10.06 22.81
C MET C 394 -6.17 11.17 21.87
N LEU C 395 -6.64 11.16 20.63
CA LEU C 395 -6.34 12.25 19.70
C LEU C 395 -6.88 13.57 20.22
N ASN C 396 -7.99 13.53 20.95
CA ASN C 396 -8.53 14.76 21.51
C ASN C 396 -7.62 15.32 22.60
N LEU C 397 -7.11 14.46 23.49
CA LEU C 397 -6.20 14.93 24.52
C LEU C 397 -4.91 15.45 23.93
N VAL C 398 -4.37 14.76 22.92
CA VAL C 398 -3.11 15.17 22.33
C VAL C 398 -3.22 16.56 21.72
N LEU C 399 -4.30 16.82 20.99
CA LEU C 399 -4.53 18.16 20.49
C LEU C 399 -4.72 19.15 21.63
N GLY C 400 -5.43 18.74 22.68
CA GLY C 400 -5.68 19.64 23.79
C GLY C 400 -4.42 20.01 24.53
N VAL C 401 -3.58 19.02 24.84
CA VAL C 401 -2.36 19.28 25.59
C VAL C 401 -1.38 20.09 24.76
N LEU C 402 -1.22 19.73 23.49
CA LEU C 402 -0.29 20.45 22.63
C LEU C 402 -0.71 21.90 22.44
N SER C 403 -2.01 22.13 22.23
CA SER C 403 -2.48 23.49 22.01
C SER C 403 -2.25 24.37 23.24
N GLY C 404 -2.45 23.81 24.42
CA GLY C 404 -2.15 24.55 25.63
C GLY C 404 -0.68 24.89 25.74
N GLU C 405 0.19 23.96 25.36
CA GLU C 405 1.63 24.21 25.42
C GLU C 405 2.05 25.29 24.43
N PHE C 406 1.44 25.30 23.24
CA PHE C 406 1.81 26.31 22.25
C PHE C 406 1.36 27.69 22.68
N ALA C 407 0.22 27.78 23.38
CA ALA C 407 -0.23 29.07 23.89
C ALA C 407 0.72 29.61 24.94
N LYS C 408 1.22 28.74 25.82
CA LYS C 408 2.17 29.18 26.83
C LYS C 408 3.51 29.56 26.24
N GLU C 409 3.92 28.87 25.17
CA GLU C 409 5.21 29.18 24.55
C GLU C 409 5.19 30.55 23.88
N ARG C 410 4.04 30.94 23.34
CA ARG C 410 3.95 32.24 22.67
C ARG C 410 4.20 33.39 23.63
N GLU C 411 3.70 33.28 24.85
CA GLU C 411 3.82 34.37 25.81
C GLU C 411 5.12 34.33 26.59
N ARG C 412 6.08 33.51 26.18
CA ARG C 412 7.41 33.54 26.77
C ARG C 412 8.09 34.85 26.45
N VAL C 413 8.96 35.30 27.35
CA VAL C 413 9.60 36.60 27.22
C VAL C 413 10.42 36.67 25.94
N GLU C 414 11.20 35.62 25.67
CA GLU C 414 12.04 35.62 24.48
C GLU C 414 11.21 35.57 23.20
N ASN C 415 10.05 34.91 23.25
CA ASN C 415 9.21 34.82 22.06
C ASN C 415 8.43 36.12 21.84
N ARG C 416 8.01 36.77 22.92
CA ARG C 416 7.29 38.03 22.77
C ARG C 416 8.17 39.11 22.15
N ARG C 417 9.45 39.15 22.54
CA ARG C 417 10.34 40.17 22.03
C ARG C 417 10.52 40.03 20.52
N ALA C 418 10.56 38.79 20.02
CA ALA C 418 10.67 38.59 18.58
C ALA C 418 9.43 39.10 17.86
N PHE C 419 8.25 38.89 18.45
CA PHE C 419 7.03 39.42 17.84
C PHE C 419 7.00 40.94 17.88
N LEU C 420 7.42 41.54 19.00
CA LEU C 420 7.44 42.99 19.09
C LEU C 420 8.35 43.59 18.03
N LYS C 421 9.48 42.94 17.75
CA LYS C 421 10.33 43.36 16.66
C LYS C 421 9.60 43.23 15.32
N LEU C 422 8.82 42.16 15.15
CA LEU C 422 8.07 41.98 13.91
C LEU C 422 7.02 43.07 13.75
N ARG C 423 6.31 43.42 14.83
CA ARG C 423 5.28 44.44 14.73
C ARG C 423 5.87 45.80 14.37
N ARG C 424 6.97 46.18 15.00
CA ARG C 424 7.61 47.45 14.70
C ARG C 424 8.10 47.49 13.26
N GLN C 425 8.69 46.40 12.78
CA GLN C 425 9.22 46.37 11.43
C GLN C 425 8.11 46.50 10.40
N GLN C 426 6.92 45.97 10.71
CA GLN C 426 5.80 46.14 9.80
C GLN C 426 5.28 47.57 9.80
N GLN C 427 5.28 48.23 10.96
CA GLN C 427 4.81 49.61 11.02
C GLN C 427 5.68 50.53 10.18
N ILE C 428 6.98 50.27 10.15
CA ILE C 428 7.88 51.05 9.31
C ILE C 428 7.52 50.87 7.85
N GLU C 429 7.26 49.62 7.44
CA GLU C 429 6.98 49.35 6.03
C GLU C 429 5.70 50.04 5.56
N ARG C 430 4.67 50.06 6.41
CA ARG C 430 3.44 50.75 6.04
C ARG C 430 3.68 52.25 5.84
N GLU C 431 4.34 52.89 6.79
CA GLU C 431 4.59 54.32 6.68
C GLU C 431 5.53 54.62 5.52
N LEU C 432 6.54 53.78 5.31
CA LEU C 432 7.48 54.02 4.23
C LEU C 432 6.82 53.93 2.87
N ASN C 433 5.89 52.99 2.71
CA ASN C 433 5.18 52.87 1.44
C ASN C 433 4.40 54.14 1.12
N GLY C 434 3.81 54.76 2.14
CA GLY C 434 3.10 56.00 1.93
C GLY C 434 4.00 57.13 1.46
N TYR C 435 5.20 57.21 2.03
CA TYR C 435 6.10 58.31 1.66
C TYR C 435 6.71 58.08 0.29
N MET C 436 6.96 56.82 -0.09
CA MET C 436 7.53 56.54 -1.40
C MET C 436 6.60 56.99 -2.52
N GLU C 437 5.30 56.74 -2.39
CA GLU C 437 4.35 57.17 -3.41
C GLU C 437 4.22 58.69 -3.42
N TRP C 438 4.38 59.32 -2.26
CA TRP C 438 4.28 60.78 -2.19
C TRP C 438 5.37 61.43 -3.03
N ILE C 439 6.62 61.04 -2.83
CA ILE C 439 7.72 61.65 -3.58
C ILE C 439 7.64 61.26 -5.05
N SER C 440 7.13 60.05 -5.34
CA SER C 440 7.06 59.59 -6.72
C SER C 440 6.11 60.45 -7.54
N LYS C 441 4.96 60.81 -6.98
CA LYS C 441 4.03 61.67 -7.69
C LYS C 441 4.62 63.06 -7.90
N ALA C 442 5.30 63.59 -6.89
CA ALA C 442 5.91 64.91 -7.02
C ALA C 442 7.05 64.88 -8.04
N GLU C 443 7.77 63.77 -8.12
CA GLU C 443 8.87 63.67 -9.08
C GLU C 443 8.34 63.75 -10.51
N GLU C 444 7.19 63.13 -10.77
CA GLU C 444 6.59 63.24 -12.10
C GLU C 444 6.11 64.66 -12.37
N VAL C 445 5.72 65.39 -11.33
CA VAL C 445 5.35 66.79 -11.48
C VAL C 445 6.53 67.61 -12.00
N ILE C 446 7.74 67.29 -11.52
CA ILE C 446 8.93 67.95 -12.03
C ILE C 446 9.09 67.71 -13.52
N LEU C 447 8.87 66.48 -13.95
CA LEU C 447 8.93 66.17 -15.38
C LEU C 447 7.78 66.84 -16.11
N ALA C 448 8.12 67.69 -17.07
CA ALA C 448 7.11 68.43 -17.83
C ALA C 448 7.65 68.84 -19.20
N SER C 508 17.98 59.50 -27.16
CA SER C 508 18.06 60.95 -27.21
C SER C 508 16.96 61.59 -26.36
N THR C 509 17.18 61.64 -25.04
CA THR C 509 16.17 62.19 -24.14
C THR C 509 16.02 63.70 -24.34
N PHE C 510 17.10 64.39 -24.68
CA PHE C 510 17.03 65.84 -24.84
C PHE C 510 16.14 66.23 -26.02
N PHE C 511 16.37 65.61 -27.19
CA PHE C 511 15.48 65.85 -28.32
C PHE C 511 14.12 65.20 -28.11
N HIS C 512 14.11 63.94 -27.70
CA HIS C 512 12.87 63.25 -27.39
C HIS C 512 12.53 63.45 -25.91
N LYS C 513 12.09 64.68 -25.61
CA LYS C 513 11.51 64.92 -24.29
C LYS C 513 10.32 64.00 -24.05
N LYS C 514 9.63 63.59 -25.12
CA LYS C 514 8.56 62.61 -25.02
C LYS C 514 9.08 61.24 -24.61
N GLU C 515 10.32 60.92 -24.97
CA GLU C 515 10.89 59.63 -24.61
C GLU C 515 10.90 59.45 -23.09
N ARG C 516 11.24 60.51 -22.36
CA ARG C 516 11.04 60.52 -20.93
C ARG C 516 9.56 60.44 -20.57
N ARG C 517 8.68 61.00 -21.42
CA ARG C 517 7.25 61.00 -21.10
C ARG C 517 6.59 59.65 -21.40
N MET C 518 7.00 58.95 -22.47
CA MET C 518 6.49 57.59 -22.65
C MET C 518 6.89 56.70 -21.49
N ARG C 519 8.12 56.84 -20.99
CA ARG C 519 8.46 56.17 -19.74
C ARG C 519 7.53 56.61 -18.63
N PHE C 520 7.13 57.88 -18.62
CA PHE C 520 6.14 58.33 -17.67
C PHE C 520 4.74 57.90 -18.07
N TYR C 521 4.43 57.90 -19.36
CA TYR C 521 3.08 57.55 -19.80
C TYR C 521 2.74 56.09 -19.51
N ILE C 522 3.61 55.16 -19.89
CA ILE C 522 3.29 53.77 -19.64
C ILE C 522 3.49 53.43 -18.16
N ARG C 523 4.23 54.26 -17.42
CA ARG C 523 4.25 54.13 -15.97
C ARG C 523 2.86 54.39 -15.40
N ARG C 524 2.16 55.38 -15.94
CA ARG C 524 0.79 55.65 -15.51
C ARG C 524 -0.11 54.47 -15.81
N MET C 525 -0.04 53.94 -17.04
CA MET C 525 -0.96 52.90 -17.47
C MET C 525 -0.79 51.63 -16.64
N VAL C 526 0.45 51.33 -16.25
CA VAL C 526 0.71 50.17 -15.39
C VAL C 526 -0.07 50.29 -14.08
N LYS C 527 -0.08 51.49 -13.50
CA LYS C 527 -0.78 51.69 -12.23
C LYS C 527 -2.29 51.60 -12.39
N THR C 528 -2.81 51.92 -13.57
CA THR C 528 -4.25 52.04 -13.75
C THR C 528 -4.96 50.73 -13.49
N GLN C 529 -6.17 50.83 -12.91
CA GLN C 529 -6.96 49.64 -12.61
C GLN C 529 -7.36 48.91 -13.88
N ALA C 530 -7.43 49.62 -15.01
CA ALA C 530 -7.76 48.96 -16.27
C ALA C 530 -6.68 47.95 -16.65
N PHE C 531 -5.41 48.32 -16.51
CA PHE C 531 -4.33 47.37 -16.75
C PHE C 531 -4.35 46.24 -15.74
N TYR C 532 -4.55 46.57 -14.46
CA TYR C 532 -4.50 45.55 -13.42
C TYR C 532 -5.58 44.50 -13.61
N TRP C 533 -6.79 44.93 -13.96
CA TRP C 533 -7.89 43.99 -14.14
C TRP C 533 -7.78 43.25 -15.47
N THR C 534 -7.22 43.91 -16.50
CA THR C 534 -7.15 43.28 -17.81
C THR C 534 -6.16 42.13 -17.83
N VAL C 535 -4.97 42.33 -17.27
CA VAL C 535 -3.99 41.25 -17.21
C VAL C 535 -4.50 40.12 -16.33
N LEU C 536 -5.23 40.46 -15.26
CA LEU C 536 -5.78 39.44 -14.38
C LEU C 536 -6.82 38.60 -15.11
N SER C 537 -7.62 39.23 -15.98
CA SER C 537 -8.59 38.48 -16.78
C SER C 537 -7.90 37.55 -17.76
N LEU C 538 -6.74 37.96 -18.28
CA LEU C 538 -5.97 37.08 -19.14
C LEU C 538 -5.51 35.83 -18.39
N VAL C 539 -5.16 35.98 -17.11
CA VAL C 539 -4.71 34.84 -16.33
C VAL C 539 -5.85 33.84 -16.15
N ALA C 540 -7.08 34.33 -16.00
CA ALA C 540 -8.23 33.44 -15.89
C ALA C 540 -8.40 32.61 -17.17
N LEU C 541 -8.22 33.24 -18.33
CA LEU C 541 -8.30 32.50 -19.58
C LEU C 541 -7.20 31.46 -19.68
N ASN C 542 -5.97 31.83 -19.28
CA ASN C 542 -4.87 30.87 -19.34
C ASN C 542 -5.08 29.73 -18.36
N THR C 543 -5.61 30.02 -17.18
CA THR C 543 -5.92 28.96 -16.23
C THR C 543 -6.99 28.03 -16.76
N LEU C 544 -8.00 28.59 -17.44
CA LEU C 544 -9.02 27.74 -18.06
C LEU C 544 -8.44 26.87 -19.16
N CYS C 545 -7.51 27.43 -19.96
CA CYS C 545 -6.97 26.70 -21.10
C CYS C 545 -6.22 25.45 -20.67
N VAL C 546 -5.44 25.53 -19.59
CA VAL C 546 -4.66 24.37 -19.16
C VAL C 546 -5.53 23.33 -18.47
N ALA C 547 -6.76 23.68 -18.09
CA ALA C 547 -7.64 22.73 -17.44
C ALA C 547 -8.45 21.89 -18.42
N ILE C 548 -8.62 22.36 -19.65
CA ILE C 548 -9.45 21.66 -20.62
C ILE C 548 -8.82 20.34 -21.04
N VAL C 549 -7.50 20.23 -20.96
CA VAL C 549 -6.78 19.08 -21.51
C VAL C 549 -7.27 17.79 -20.87
N HIS C 550 -7.56 16.79 -21.71
CA HIS C 550 -7.96 15.48 -21.24
C HIS C 550 -7.33 14.41 -22.12
N TYR C 551 -7.63 13.15 -21.82
CA TYR C 551 -6.93 12.03 -22.44
C TYR C 551 -7.17 11.96 -23.94
N ASN C 552 -8.44 11.95 -24.36
CA ASN C 552 -8.78 12.00 -25.79
C ASN C 552 -9.51 13.31 -26.06
N GLN C 553 -8.74 14.35 -26.28
CA GLN C 553 -9.32 15.59 -26.74
C GLN C 553 -9.32 15.62 -28.26
N PRO C 554 -10.34 16.22 -28.87
CA PRO C 554 -10.39 16.26 -30.34
C PRO C 554 -9.20 17.00 -30.91
N GLU C 555 -8.81 16.62 -32.13
CA GLU C 555 -7.60 17.16 -32.72
C GLU C 555 -7.69 18.67 -32.88
N TRP C 556 -8.88 19.20 -33.16
CA TRP C 556 -9.02 20.65 -33.28
C TRP C 556 -8.73 21.34 -31.95
N LEU C 557 -9.09 20.68 -30.84
CA LEU C 557 -8.79 21.25 -29.53
C LEU C 557 -7.28 21.30 -29.29
N SER C 558 -6.56 20.24 -29.67
CA SER C 558 -5.13 20.22 -29.45
C SER C 558 -4.43 21.32 -30.24
N ASP C 559 -4.84 21.52 -31.49
CA ASP C 559 -4.24 22.57 -32.31
C ASP C 559 -4.50 23.95 -31.74
N PHE C 560 -5.73 24.19 -31.28
CA PHE C 560 -6.06 25.48 -30.68
C PHE C 560 -5.21 25.72 -29.44
N LEU C 561 -5.14 24.72 -28.55
CA LEU C 561 -4.39 24.91 -27.31
C LEU C 561 -2.90 25.00 -27.57
N TYR C 562 -2.41 24.33 -28.62
CA TYR C 562 -0.99 24.42 -28.95
C TYR C 562 -0.61 25.84 -29.32
N TYR C 563 -1.43 26.50 -30.14
CA TYR C 563 -1.13 27.88 -30.51
C TYR C 563 -1.44 28.84 -29.37
N ALA C 564 -2.50 28.54 -28.61
CA ALA C 564 -2.93 29.46 -27.57
C ALA C 564 -1.87 29.62 -26.49
N GLU C 565 -1.09 28.57 -26.22
CA GLU C 565 -0.03 28.68 -25.24
C GLU C 565 1.00 29.72 -25.67
N PHE C 566 1.37 29.72 -26.95
CA PHE C 566 2.32 30.72 -27.44
C PHE C 566 1.72 32.12 -27.36
N ILE C 567 0.43 32.26 -27.68
CA ILE C 567 -0.22 33.56 -27.61
C ILE C 567 -0.23 34.07 -26.17
N PHE C 568 -0.60 33.21 -25.22
CA PHE C 568 -0.59 33.62 -23.83
C PHE C 568 0.83 33.89 -23.34
N LEU C 569 1.78 33.04 -23.75
CA LEU C 569 3.17 33.26 -23.36
C LEU C 569 3.69 34.58 -23.92
N GLY C 570 3.34 34.90 -25.18
CA GLY C 570 3.79 36.15 -25.76
C GLY C 570 3.24 37.36 -25.03
N LEU C 571 1.95 37.32 -24.68
CA LEU C 571 1.33 38.46 -24.01
C LEU C 571 1.96 38.71 -22.64
N PHE C 572 2.25 37.64 -21.90
CA PHE C 572 2.79 37.82 -20.56
C PHE C 572 4.27 38.23 -20.60
N MET C 573 5.02 37.76 -21.59
CA MET C 573 6.38 38.27 -21.77
C MET C 573 6.36 39.74 -22.13
N SER C 574 5.45 40.16 -23.00
CA SER C 574 5.31 41.57 -23.31
C SER C 574 4.87 42.36 -22.09
N GLU C 575 3.96 41.79 -21.30
CA GLU C 575 3.55 42.44 -20.06
C GLU C 575 4.72 42.58 -19.10
N MET C 576 5.67 41.64 -19.16
CA MET C 576 6.92 41.78 -18.42
C MET C 576 7.73 42.99 -18.91
N PHE C 577 7.86 43.14 -20.22
CA PHE C 577 8.74 44.17 -20.76
C PHE C 577 8.14 45.56 -20.60
N ILE C 578 6.81 45.68 -20.65
CA ILE C 578 6.18 46.99 -20.47
C ILE C 578 6.43 47.50 -19.06
N LYS C 579 6.26 46.63 -18.06
CA LYS C 579 6.56 47.03 -16.69
C LYS C 579 8.05 47.32 -16.51
N MET C 580 8.90 46.51 -17.15
CA MET C 580 10.34 46.69 -17.02
C MET C 580 10.78 48.05 -17.54
N TYR C 581 10.31 48.42 -18.74
CA TYR C 581 10.65 49.73 -19.28
C TYR C 581 9.81 50.82 -18.63
N GLY C 582 8.55 50.53 -18.32
CA GLY C 582 7.68 51.54 -17.76
C GLY C 582 8.08 51.96 -16.36
N LEU C 583 8.51 51.00 -15.54
CA LEU C 583 8.89 51.28 -14.16
C LEU C 583 10.39 51.28 -13.92
N GLY C 584 11.19 50.91 -14.92
CA GLY C 584 12.63 50.81 -14.70
C GLY C 584 13.03 49.41 -14.28
N THR C 585 14.24 49.02 -14.71
CA THR C 585 14.71 47.67 -14.43
C THR C 585 14.89 47.42 -12.94
N ARG C 586 15.50 48.37 -12.23
CA ARG C 586 15.68 48.20 -10.79
C ARG C 586 14.37 48.20 -10.03
N PRO C 587 13.45 49.17 -10.21
CA PRO C 587 12.18 49.10 -9.47
C PRO C 587 11.36 47.86 -9.78
N TYR C 588 11.40 47.37 -11.03
CA TYR C 588 10.60 46.21 -11.39
C TYR C 588 11.11 44.96 -10.69
N PHE C 589 12.40 44.68 -10.79
CA PHE C 589 12.94 43.44 -10.26
C PHE C 589 12.88 43.40 -8.74
N HIS C 590 13.01 44.55 -8.09
CA HIS C 590 12.99 44.58 -6.63
C HIS C 590 11.61 44.22 -6.08
N SER C 591 10.57 44.40 -6.87
CA SER C 591 9.24 43.98 -6.45
C SER C 591 9.16 42.47 -6.37
N SER C 592 8.64 41.96 -5.25
CA SER C 592 8.56 40.51 -5.06
C SER C 592 7.58 39.87 -6.03
N PHE C 593 6.45 40.52 -6.29
CA PHE C 593 5.45 39.95 -7.18
C PHE C 593 6.01 39.77 -8.59
N ASN C 594 6.75 40.76 -9.08
CA ASN C 594 7.27 40.70 -10.44
C ASN C 594 8.31 39.60 -10.59
N CYS C 595 9.10 39.34 -9.55
CA CYS C 595 10.08 38.27 -9.62
C CYS C 595 9.41 36.93 -9.80
N PHE C 596 8.27 36.72 -9.14
CA PHE C 596 7.51 35.49 -9.33
C PHE C 596 7.02 35.36 -10.77
N ASP C 597 6.56 36.46 -11.36
CA ASP C 597 6.15 36.43 -12.76
C ASP C 597 7.32 36.09 -13.66
N CYS C 598 8.53 36.55 -13.30
CA CYS C 598 9.72 36.19 -14.07
C CYS C 598 9.95 34.69 -14.06
N GLY C 599 9.84 34.06 -12.89
CA GLY C 599 10.14 32.64 -12.79
C GLY C 599 9.22 31.78 -13.64
N VAL C 600 7.92 32.06 -13.61
CA VAL C 600 6.98 31.31 -14.44
C VAL C 600 7.22 31.59 -15.91
N ILE C 601 7.57 32.83 -16.26
CA ILE C 601 7.88 33.15 -17.66
C ILE C 601 9.13 32.41 -18.12
N ILE C 602 10.18 32.43 -17.30
CA ILE C 602 11.39 31.69 -17.64
C ILE C 602 11.12 30.19 -17.68
N GLY C 603 10.37 29.69 -16.69
CA GLY C 603 10.04 28.28 -16.67
C GLY C 603 9.23 27.85 -17.88
N SER C 604 8.32 28.71 -18.34
CA SER C 604 7.50 28.36 -19.51
C SER C 604 8.37 28.21 -20.76
N ILE C 605 9.37 29.08 -20.91
CA ILE C 605 10.30 28.95 -22.03
C ILE C 605 11.08 27.65 -21.93
N PHE C 606 11.48 27.27 -20.72
CA PHE C 606 12.22 26.03 -20.53
C PHE C 606 11.40 24.82 -20.97
N GLU C 607 10.10 24.83 -20.69
CA GLU C 607 9.28 23.67 -21.02
C GLU C 607 9.15 23.48 -22.52
N VAL C 608 8.92 24.56 -23.27
CA VAL C 608 8.66 24.42 -24.70
C VAL C 608 9.89 23.88 -25.42
N ILE C 609 11.08 24.39 -25.06
CA ILE C 609 12.30 23.85 -25.67
C ILE C 609 12.54 22.43 -25.21
N TRP C 610 12.22 22.13 -23.96
CA TRP C 610 12.38 20.76 -23.45
C TRP C 610 11.50 19.79 -24.21
N ALA C 611 10.31 20.22 -24.61
CA ALA C 611 9.41 19.34 -25.35
C ALA C 611 10.01 18.92 -26.68
N VAL C 612 10.66 19.85 -27.38
CA VAL C 612 11.27 19.53 -28.66
C VAL C 612 12.43 18.55 -28.49
N ILE C 613 13.29 18.80 -27.50
CA ILE C 613 14.46 17.95 -27.30
C ILE C 613 14.05 16.55 -26.88
N LYS C 614 13.14 16.44 -25.92
CA LYS C 614 12.72 15.15 -25.38
C LYS C 614 11.20 15.07 -25.38
N PRO C 615 10.59 14.81 -26.53
CA PRO C 615 9.13 14.72 -26.59
C PRO C 615 8.60 13.58 -25.72
N GLY C 616 7.43 13.81 -25.14
CA GLY C 616 6.78 12.80 -24.33
C GLY C 616 6.53 13.24 -22.90
N THR C 617 7.20 14.31 -22.46
CA THR C 617 7.11 14.77 -21.09
C THR C 617 6.74 16.25 -21.08
N SER C 618 5.62 16.57 -20.45
CA SER C 618 5.19 17.95 -20.25
C SER C 618 4.75 18.12 -18.80
N PHE C 619 5.24 19.18 -18.15
CA PHE C 619 4.99 19.40 -16.74
C PHE C 619 3.90 20.42 -16.47
N GLY C 620 3.45 21.15 -17.49
CA GLY C 620 2.42 22.15 -17.30
C GLY C 620 2.84 23.25 -16.36
N ILE C 621 4.05 23.79 -16.56
CA ILE C 621 4.58 24.81 -15.66
C ILE C 621 3.76 26.09 -15.72
N SER C 622 3.06 26.32 -16.84
CA SER C 622 2.31 27.55 -17.01
C SER C 622 1.14 27.67 -16.03
N VAL C 623 0.77 26.57 -15.36
CA VAL C 623 -0.37 26.62 -14.45
C VAL C 623 -0.03 27.44 -13.21
N LEU C 624 1.27 27.58 -12.89
CA LEU C 624 1.65 28.35 -11.72
C LEU C 624 1.26 29.81 -11.85
N ARG C 625 0.98 30.28 -13.06
CA ARG C 625 0.47 31.64 -13.24
C ARG C 625 -0.87 31.83 -12.57
N ALA C 626 -1.60 30.74 -12.28
CA ALA C 626 -2.89 30.86 -11.62
C ALA C 626 -2.78 31.37 -10.20
N LEU C 627 -1.58 31.31 -9.60
CA LEU C 627 -1.41 31.83 -8.25
C LEU C 627 -1.63 33.35 -8.19
N ARG C 628 -1.56 34.03 -9.33
CA ARG C 628 -1.86 35.46 -9.35
C ARG C 628 -3.31 35.75 -9.05
N LEU C 629 -4.19 34.75 -9.14
CA LEU C 629 -5.60 34.97 -8.81
C LEU C 629 -5.80 35.25 -7.33
N LEU C 630 -4.83 34.93 -6.48
CA LEU C 630 -4.98 35.21 -5.06
C LEU C 630 -4.92 36.71 -4.77
N ARG C 631 -4.48 37.52 -5.72
CA ARG C 631 -4.48 38.97 -5.55
C ARG C 631 -5.87 39.55 -5.55
N ILE C 632 -6.89 38.77 -5.94
CA ILE C 632 -8.26 39.28 -5.93
C ILE C 632 -8.71 39.54 -4.50
N PHE C 633 -8.07 38.90 -3.52
CA PHE C 633 -8.44 39.12 -2.13
C PHE C 633 -8.21 40.56 -1.68
N LYS C 634 -7.44 41.34 -2.43
CA LYS C 634 -7.17 42.72 -2.03
C LYS C 634 -8.44 43.55 -2.00
N VAL C 635 -9.36 43.33 -2.96
CA VAL C 635 -10.57 44.12 -2.99
C VAL C 635 -11.46 43.82 -1.79
N THR C 636 -11.36 42.61 -1.23
CA THR C 636 -12.17 42.24 -0.08
C THR C 636 -11.50 42.72 1.20
N LYS C 637 -12.23 42.55 2.32
CA LYS C 637 -11.68 42.89 3.62
C LYS C 637 -10.75 41.83 4.16
N TYR C 638 -10.62 40.70 3.47
CA TYR C 638 -9.86 39.56 3.96
C TYR C 638 -8.39 39.64 3.61
N TRP C 639 -7.94 40.71 2.95
CA TRP C 639 -6.54 40.80 2.55
C TRP C 639 -5.62 40.91 3.76
N ALA C 640 -6.05 41.66 4.78
CA ALA C 640 -5.19 41.91 5.93
C ALA C 640 -4.85 40.61 6.66
N SER C 641 -5.85 39.73 6.82
CA SER C 641 -5.60 38.46 7.48
C SER C 641 -4.67 37.58 6.64
N LEU C 642 -4.90 37.53 5.33
CA LEU C 642 -4.11 36.64 4.48
C LEU C 642 -2.70 37.17 4.28
N ARG C 643 -2.55 38.48 4.10
CA ARG C 643 -1.22 39.04 3.92
C ARG C 643 -0.38 38.85 5.18
N ASN C 644 -0.98 39.04 6.35
CA ASN C 644 -0.23 38.92 7.60
C ASN C 644 0.25 37.50 7.82
N LEU C 645 -0.54 36.52 7.41
CA LEU C 645 -0.11 35.13 7.53
C LEU C 645 1.13 34.86 6.70
N VAL C 646 1.16 35.37 5.47
CA VAL C 646 2.33 35.20 4.62
C VAL C 646 3.52 35.98 5.17
N VAL C 647 3.24 37.16 5.75
CA VAL C 647 4.30 37.95 6.35
C VAL C 647 4.95 37.19 7.50
N SER C 648 4.14 36.55 8.34
CA SER C 648 4.69 35.80 9.47
C SER C 648 5.40 34.54 9.02
N LEU C 649 4.91 33.90 7.96
CA LEU C 649 5.59 32.71 7.44
C LEU C 649 6.96 33.06 6.89
N LEU C 650 7.07 34.17 6.16
CA LEU C 650 8.36 34.57 5.62
C LEU C 650 9.30 35.04 6.72
N ASN C 651 8.75 35.57 7.81
CA ASN C 651 9.59 35.99 8.92
C ASN C 651 10.32 34.81 9.54
N SER C 652 9.62 33.69 9.74
CA SER C 652 10.19 32.50 10.34
C SER C 652 10.56 31.44 9.31
N MET C 653 11.05 31.87 8.15
CA MET C 653 11.44 30.90 7.12
C MET C 653 12.64 30.07 7.58
N LYS C 654 13.57 30.69 8.31
CA LYS C 654 14.73 29.96 8.80
C LYS C 654 14.32 28.83 9.73
N SER C 655 13.35 29.09 10.62
CA SER C 655 12.91 28.06 11.56
C SER C 655 12.20 26.91 10.84
N ILE C 656 11.36 27.24 9.86
CA ILE C 656 10.59 26.22 9.16
C ILE C 656 11.52 25.30 8.38
N ILE C 657 12.52 25.86 7.71
CA ILE C 657 13.46 25.06 6.93
C ILE C 657 14.25 24.13 7.85
N SER C 658 14.67 24.64 9.01
CA SER C 658 15.38 23.79 9.97
C SER C 658 14.48 22.68 10.49
N LEU C 659 13.20 22.97 10.72
CA LEU C 659 12.29 21.95 11.21
C LEU C 659 12.13 20.82 10.21
N LEU C 660 12.01 21.15 8.92
CA LEU C 660 11.87 20.11 7.91
C LEU C 660 13.15 19.31 7.75
N PHE C 661 14.30 19.97 7.88
CA PHE C 661 15.57 19.25 7.79
C PHE C 661 15.72 18.24 8.91
N LEU C 662 15.41 18.64 10.14
CA LEU C 662 15.48 17.70 11.26
C LEU C 662 14.50 16.56 11.06
N LEU C 663 13.30 16.87 10.57
CA LEU C 663 12.33 15.82 10.26
C LEU C 663 12.86 14.90 9.16
N PHE C 664 13.55 15.48 8.18
CA PHE C 664 14.16 14.67 7.12
C PHE C 664 15.30 13.82 7.67
N LEU C 665 16.08 14.35 8.61
CA LEU C 665 17.20 13.59 9.16
C LEU C 665 16.73 12.33 9.87
N PHE C 666 15.63 12.42 10.62
CA PHE C 666 15.14 11.26 11.35
C PHE C 666 14.59 10.20 10.41
N ILE C 667 14.08 10.62 9.25
CA ILE C 667 13.68 9.65 8.23
C ILE C 667 14.90 8.91 7.70
N VAL C 668 15.99 9.64 7.45
CA VAL C 668 17.20 9.00 6.93
C VAL C 668 17.75 8.00 7.94
N VAL C 669 17.76 8.35 9.21
CA VAL C 669 18.26 7.44 10.24
C VAL C 669 17.41 6.19 10.29
N PHE C 670 16.09 6.34 10.25
CA PHE C 670 15.22 5.16 10.26
C PHE C 670 15.30 4.39 8.96
N ALA C 671 15.53 5.08 7.84
CA ALA C 671 15.75 4.38 6.58
C ALA C 671 17.02 3.55 6.61
N LEU C 672 18.10 4.12 7.17
CA LEU C 672 19.35 3.38 7.28
C LEU C 672 19.20 2.20 8.23
N LEU C 673 18.45 2.37 9.32
CA LEU C 673 18.21 1.28 10.25
C LEU C 673 17.39 0.17 9.61
N GLY C 674 16.44 0.52 8.74
CA GLY C 674 15.64 -0.49 8.08
C GLY C 674 16.45 -1.35 7.13
N MET C 675 17.41 -0.73 6.43
CA MET C 675 18.27 -1.49 5.54
C MET C 675 19.11 -2.50 6.31
N GLN C 676 19.61 -2.12 7.48
CA GLN C 676 20.42 -3.03 8.28
C GLN C 676 19.59 -4.19 8.80
N LEU C 677 18.40 -3.89 9.34
CA LEU C 677 17.56 -4.95 9.89
C LEU C 677 16.96 -5.82 8.79
N PHE C 678 16.43 -5.19 7.74
CA PHE C 678 15.81 -5.90 6.64
C PHE C 678 16.55 -5.53 5.36
N GLY C 679 17.61 -6.26 5.06
CA GLY C 679 18.38 -5.99 3.87
C GLY C 679 17.83 -6.77 2.71
N GLY C 680 18.63 -7.67 2.14
CA GLY C 680 18.11 -8.55 1.12
C GLY C 680 17.30 -9.68 1.71
N GLN C 681 16.39 -9.37 2.62
CA GLN C 681 15.58 -10.37 3.30
C GLN C 681 14.17 -10.43 2.76
N PHE C 682 13.81 -9.55 1.84
CA PHE C 682 12.46 -9.47 1.31
C PHE C 682 12.30 -10.22 -0.01
N ASN C 683 13.27 -11.07 -0.36
CA ASN C 683 13.18 -11.89 -1.56
C ASN C 683 12.37 -13.14 -1.23
N PHE C 684 11.05 -12.97 -1.12
CA PHE C 684 10.18 -14.09 -0.85
C PHE C 684 9.97 -14.91 -2.12
N ASP C 685 9.43 -16.12 -1.93
CA ASP C 685 9.19 -16.99 -3.07
C ASP C 685 8.17 -16.39 -4.03
N GLU C 686 7.11 -15.80 -3.50
CA GLU C 686 6.11 -15.17 -4.35
C GLU C 686 6.71 -14.00 -5.12
N GLY C 687 7.50 -13.18 -4.46
CA GLY C 687 8.17 -12.08 -5.12
C GLY C 687 8.58 -11.04 -4.11
N THR C 688 9.38 -10.10 -4.57
CA THR C 688 9.84 -9.02 -3.70
C THR C 688 8.78 -7.95 -3.62
N PRO C 689 8.31 -7.58 -2.43
CA PRO C 689 7.25 -6.59 -2.33
C PRO C 689 7.74 -5.24 -2.84
N PRO C 690 6.83 -4.41 -3.33
CA PRO C 690 7.24 -3.05 -3.73
C PRO C 690 7.83 -2.25 -2.59
N THR C 691 7.36 -2.48 -1.36
CA THR C 691 7.90 -1.82 -0.18
C THR C 691 8.98 -2.71 0.43
N ASN C 692 10.22 -2.46 0.06
CA ASN C 692 11.36 -3.20 0.59
C ASN C 692 12.47 -2.22 0.94
N PHE C 693 13.43 -2.71 1.72
CA PHE C 693 14.53 -1.90 2.21
C PHE C 693 15.84 -2.22 1.51
N ASP C 694 15.78 -2.73 0.28
CA ASP C 694 17.01 -3.16 -0.40
C ASP C 694 17.91 -1.98 -0.74
N THR C 695 17.33 -0.88 -1.21
CA THR C 695 18.10 0.27 -1.65
C THR C 695 17.63 1.52 -0.91
N PHE C 696 18.50 2.52 -0.86
CA PHE C 696 18.18 3.74 -0.14
C PHE C 696 16.97 4.47 -0.69
N PRO C 697 16.80 4.68 -2.00
CA PRO C 697 15.55 5.27 -2.48
C PRO C 697 14.33 4.45 -2.11
N ALA C 698 14.46 3.13 -2.06
CA ALA C 698 13.33 2.28 -1.68
C ALA C 698 13.11 2.32 -0.17
N ALA C 699 14.18 2.47 0.61
CA ALA C 699 14.04 2.51 2.05
C ALA C 699 13.36 3.79 2.51
N ILE C 700 13.67 4.93 1.88
CA ILE C 700 13.04 6.18 2.26
C ILE C 700 11.54 6.13 2.02
N MET C 701 11.13 5.67 0.84
CA MET C 701 9.71 5.65 0.52
C MET C 701 8.95 4.62 1.34
N THR C 702 9.62 3.56 1.81
CA THR C 702 8.98 2.62 2.71
C THR C 702 8.84 3.21 4.11
N VAL C 703 9.88 3.91 4.58
CA VAL C 703 9.81 4.59 5.88
C VAL C 703 8.78 5.70 5.82
N PHE C 704 8.74 6.45 4.73
CA PHE C 704 7.78 7.53 4.59
C PHE C 704 6.35 7.01 4.66
N GLN C 705 6.10 5.84 4.07
CA GLN C 705 4.76 5.28 4.10
C GLN C 705 4.34 4.91 5.52
N ILE C 706 5.26 4.38 6.32
CA ILE C 706 4.93 4.02 7.69
C ILE C 706 4.64 5.27 8.53
N LEU C 707 5.33 6.37 8.25
CA LEU C 707 5.04 7.61 8.97
C LEU C 707 3.61 8.07 8.71
N THR C 708 3.17 8.04 7.45
CA THR C 708 1.78 8.39 7.17
C THR C 708 0.82 7.36 7.68
N GLY C 709 1.31 6.19 8.12
CA GLY C 709 0.46 5.22 8.76
C GLY C 709 -0.45 4.44 7.84
N GLU C 710 -0.15 4.40 6.55
CA GLU C 710 -0.98 3.66 5.60
C GLU C 710 -0.33 2.31 5.31
N ASP C 711 -1.07 1.24 5.61
CA ASP C 711 -0.57 -0.13 5.42
C ASP C 711 0.75 -0.35 6.15
N TRP C 712 0.91 0.30 7.29
CA TRP C 712 2.10 0.06 8.10
C TRP C 712 2.11 -1.37 8.64
N ASN C 713 0.91 -1.93 8.88
CA ASN C 713 0.84 -3.29 9.38
C ASN C 713 1.25 -4.29 8.30
N GLU C 714 0.90 -4.02 7.05
CA GLU C 714 1.28 -4.93 5.97
C GLU C 714 2.80 -5.01 5.84
N VAL C 715 3.48 -3.87 5.97
CA VAL C 715 4.95 -3.88 5.94
C VAL C 715 5.51 -4.60 7.16
N MET C 716 4.83 -4.47 8.30
CA MET C 716 5.28 -5.16 9.51
C MET C 716 5.23 -6.68 9.32
N TYR C 717 4.20 -7.17 8.66
CA TYR C 717 4.09 -8.62 8.43
C TYR C 717 5.24 -9.12 7.58
N ASP C 718 5.64 -8.33 6.56
CA ASP C 718 6.79 -8.71 5.75
C ASP C 718 8.08 -8.71 6.56
N GLY C 719 8.25 -7.71 7.42
CA GLY C 719 9.44 -7.67 8.26
C GLY C 719 9.50 -8.82 9.24
N ILE C 720 8.36 -9.20 9.81
CA ILE C 720 8.30 -10.36 10.67
C ILE C 720 8.53 -11.64 9.86
N LYS C 721 7.92 -11.72 8.67
CA LYS C 721 8.07 -12.90 7.84
C LYS C 721 9.51 -13.09 7.38
N SER C 722 10.21 -12.00 7.08
CA SER C 722 11.57 -12.10 6.58
C SER C 722 12.50 -12.75 7.60
N GLN C 723 12.37 -12.37 8.86
CA GLN C 723 13.20 -12.90 9.93
C GLN C 723 12.46 -14.10 10.53
N GLY C 724 12.72 -15.29 10.01
CA GLY C 724 12.01 -16.45 10.49
C GLY C 724 10.54 -16.37 10.14
N GLY C 725 9.72 -16.19 11.17
CA GLY C 725 8.29 -16.05 10.99
C GLY C 725 7.67 -15.53 12.27
N VAL C 726 6.45 -16.01 12.54
CA VAL C 726 5.80 -15.76 13.82
C VAL C 726 6.60 -16.45 14.92
N GLN C 727 7.29 -17.53 14.56
CA GLN C 727 8.04 -18.29 15.56
C GLN C 727 9.26 -17.52 16.04
N GLY C 728 10.02 -16.91 15.13
CA GLY C 728 11.30 -16.35 15.51
C GLY C 728 11.50 -14.87 15.24
N GLY C 729 10.58 -14.25 14.52
CA GLY C 729 10.78 -12.87 14.13
C GLY C 729 9.83 -11.87 14.74
N MET C 730 9.21 -12.23 15.87
CA MET C 730 8.24 -11.34 16.48
C MET C 730 8.88 -10.18 17.22
N VAL C 731 10.18 -10.24 17.50
CA VAL C 731 10.85 -9.13 18.17
C VAL C 731 11.12 -7.98 17.22
N PHE C 732 11.02 -8.21 15.92
CA PHE C 732 11.27 -7.16 14.93
C PHE C 732 10.07 -6.24 14.75
N SER C 733 8.95 -6.51 15.41
CA SER C 733 7.82 -5.59 15.34
C SER C 733 8.09 -4.29 16.08
N ILE C 734 9.13 -4.27 16.93
CA ILE C 734 9.42 -3.07 17.70
C ILE C 734 9.90 -1.95 16.79
N TYR C 735 10.61 -2.28 15.71
CA TYR C 735 11.01 -1.26 14.75
C TYR C 735 9.80 -0.55 14.17
N PHE C 736 8.76 -1.31 13.83
CA PHE C 736 7.59 -0.71 13.21
C PHE C 736 6.72 0.02 14.24
N ILE C 737 6.62 -0.54 15.45
CA ILE C 737 5.82 0.11 16.48
C ILE C 737 6.42 1.46 16.86
N VAL C 738 7.74 1.51 17.06
CA VAL C 738 8.39 2.76 17.43
C VAL C 738 8.28 3.79 16.31
N LEU C 739 8.44 3.34 15.07
CA LEU C 739 8.41 4.26 13.94
C LEU C 739 7.04 4.89 13.77
N THR C 740 5.97 4.10 13.88
CA THR C 740 4.65 4.65 13.66
C THR C 740 4.17 5.44 14.88
N LEU C 741 4.56 5.02 16.08
CA LEU C 741 4.16 5.73 17.28
C LEU C 741 4.85 7.08 17.37
N PHE C 742 6.17 7.11 17.16
CA PHE C 742 6.89 8.37 17.21
C PHE C 742 6.59 9.23 16.00
N GLY C 743 6.52 8.61 14.82
CA GLY C 743 6.27 9.38 13.60
C GLY C 743 4.90 10.02 13.59
N ASN C 744 3.90 9.35 14.16
CA ASN C 744 2.55 9.89 14.18
C ASN C 744 2.50 11.20 14.94
N TYR C 745 3.15 11.26 16.10
CA TYR C 745 3.02 12.43 16.96
C TYR C 745 4.12 13.45 16.70
N THR C 746 5.27 13.00 16.20
CA THR C 746 6.30 13.96 15.79
C THR C 746 5.82 14.81 14.62
N LEU C 747 5.14 14.20 13.65
CA LEU C 747 4.57 14.96 12.55
C LEU C 747 3.53 15.95 13.06
N LEU C 748 2.68 15.52 14.00
CA LEU C 748 1.68 16.43 14.55
C LEU C 748 2.34 17.58 15.29
N ASN C 749 3.38 17.30 16.08
CA ASN C 749 4.03 18.35 16.85
C ASN C 749 4.68 19.39 15.94
N VAL C 750 5.38 18.93 14.90
CA VAL C 750 6.12 19.85 14.04
C VAL C 750 5.16 20.75 13.27
N PHE C 751 4.14 20.16 12.63
CA PHE C 751 3.32 20.92 11.70
C PHE C 751 2.25 21.72 12.42
N LEU C 752 1.74 21.23 13.55
CA LEU C 752 0.76 22.00 14.30
C LEU C 752 1.40 23.20 14.99
N ALA C 753 2.65 23.05 15.45
CA ALA C 753 3.36 24.18 16.03
C ALA C 753 3.59 25.27 14.99
N ILE C 754 3.93 24.87 13.76
CA ILE C 754 4.09 25.84 12.67
C ILE C 754 2.78 26.57 12.42
N ALA C 755 1.68 25.83 12.35
CA ALA C 755 0.39 26.42 12.00
C ALA C 755 -0.12 27.32 13.11
N VAL C 756 -0.03 26.87 14.36
CA VAL C 756 -0.56 27.64 15.48
C VAL C 756 0.22 28.94 15.65
N ASP C 757 1.54 28.85 15.65
CA ASP C 757 2.37 30.03 15.91
C ASP C 757 2.20 31.09 14.83
N ASN C 758 2.18 30.66 13.57
CA ASN C 758 2.11 31.63 12.48
C ASN C 758 0.72 32.22 12.34
N LEU C 759 -0.32 31.43 12.60
CA LEU C 759 -1.68 31.96 12.54
C LEU C 759 -1.97 32.86 13.73
N ALA C 760 -1.47 32.51 14.91
CA ALA C 760 -1.67 33.37 16.08
C ALA C 760 -0.93 34.69 15.91
N ASN C 761 0.26 34.65 15.30
CA ASN C 761 0.97 35.88 14.99
C ASN C 761 0.15 36.75 14.04
N ALA C 762 -0.43 36.15 13.01
CA ALA C 762 -1.19 36.92 12.03
C ALA C 762 -2.44 37.54 12.65
N GLN C 763 -3.08 36.84 13.58
CA GLN C 763 -4.26 37.40 14.22
C GLN C 763 -3.92 38.61 15.07
N GLU C 764 -2.89 38.49 15.91
CA GLU C 764 -2.46 39.62 16.72
C GLU C 764 -1.93 40.75 15.85
N LEU C 765 -1.18 40.40 14.80
CA LEU C 765 -0.63 41.42 13.92
C LEU C 765 -1.72 42.18 13.19
N THR C 766 -2.79 41.48 12.80
CA THR C 766 -3.92 42.13 12.15
C THR C 766 -4.71 42.98 13.13
N LYS C 767 -4.97 42.46 14.32
CA LYS C 767 -5.74 43.23 15.31
C LYS C 767 -5.02 44.50 15.70
N ASP C 768 -3.69 44.43 15.85
CA ASP C 768 -2.94 45.59 16.28
C ASP C 768 -2.99 46.72 15.25
N GLU C 769 -2.93 46.38 13.96
CA GLU C 769 -2.96 47.44 12.94
C GLU C 769 -4.35 48.05 12.83
N GLN C 770 -5.39 47.26 13.12
CA GLN C 770 -6.75 47.81 13.07
C GLN C 770 -6.99 48.79 14.20
N GLU C 771 -6.55 48.45 15.41
CA GLU C 771 -6.75 49.36 16.53
C GLU C 771 -5.78 50.54 16.45
N GLU C 772 -4.58 50.33 15.92
CA GLU C 772 -3.67 51.45 15.71
C GLU C 772 -4.24 52.44 14.71
N GLU C 773 -4.82 51.94 13.62
CA GLU C 773 -5.42 52.81 12.63
C GLU C 773 -6.62 53.56 13.21
N GLU C 774 -7.44 52.88 14.01
CA GLU C 774 -8.57 53.54 14.64
C GLU C 774 -8.11 54.60 15.64
N ALA C 775 -7.11 54.27 16.46
CA ALA C 775 -6.63 55.22 17.45
C ALA C 775 -5.99 56.43 16.78
N ALA C 776 -5.23 56.22 15.72
CA ALA C 776 -4.57 57.33 15.04
C ALA C 776 -5.58 58.27 14.40
N ASN C 777 -6.65 57.72 13.83
CA ASN C 777 -7.68 58.57 13.22
C ASN C 777 -8.36 59.44 14.27
N GLN C 778 -8.64 58.88 15.45
CA GLN C 778 -9.23 59.69 16.52
C GLN C 778 -8.29 60.79 16.98
N LYS C 779 -7.00 60.48 17.09
CA LYS C 779 -6.02 61.49 17.45
C LYS C 779 -5.93 62.57 16.38
N LEU C 780 -5.94 62.17 15.11
CA LEU C 780 -5.84 63.14 14.03
C LEU C 780 -7.05 64.07 14.01
N ALA C 781 -8.25 63.51 14.21
CA ALA C 781 -9.45 64.34 14.23
C ALA C 781 -9.40 65.34 15.39
N LEU C 782 -8.86 64.91 16.53
CA LEU C 782 -8.69 65.85 17.64
C LEU C 782 -7.72 66.96 17.28
N GLN C 783 -6.62 66.63 16.60
CA GLN C 783 -5.70 67.66 16.15
C GLN C 783 -6.32 68.55 15.09
N LYS C 784 -7.29 68.03 14.34
CA LYS C 784 -7.98 68.84 13.34
C LYS C 784 -8.78 69.96 14.00
N ALA C 785 -9.25 69.73 15.23
CA ALA C 785 -10.02 70.76 15.92
C ALA C 785 -9.18 72.00 16.21
N LYS C 786 -7.93 71.80 16.62
CA LYS C 786 -7.05 72.94 16.88
C LYS C 786 -6.81 73.75 15.60
N GLU C 787 -6.71 73.06 14.46
CA GLU C 787 -6.52 73.75 13.19
C GLU C 787 -7.73 74.61 12.84
N VAL C 788 -8.93 74.10 13.11
CA VAL C 788 -10.15 74.84 12.87
C VAL C 788 -10.60 75.61 14.12
N ALA C 789 -9.79 75.63 15.17
CA ALA C 789 -10.18 76.29 16.41
C ALA C 789 -10.32 77.79 16.24
N GLU C 790 -9.70 78.35 15.20
CA GLU C 790 -9.77 79.79 14.99
C GLU C 790 -11.21 80.23 14.74
N VAL C 791 -11.99 79.42 14.01
CA VAL C 791 -13.38 79.77 13.74
C VAL C 791 -14.36 79.06 14.66
N SER C 792 -13.94 78.01 15.35
CA SER C 792 -14.84 77.25 16.21
C SER C 792 -15.11 78.00 17.51
N ASN C 809 -20.71 47.04 11.87
CA ASN C 809 -21.23 46.01 12.76
C ASN C 809 -20.49 45.99 14.10
N GLN C 810 -20.70 44.93 14.88
CA GLN C 810 -20.05 44.74 16.15
C GLN C 810 -19.09 43.56 16.07
N LYS C 811 -17.83 43.81 16.39
CA LYS C 811 -16.84 42.75 16.39
C LYS C 811 -17.05 41.85 17.60
N PRO C 812 -17.06 40.53 17.42
CA PRO C 812 -17.21 39.64 18.58
C PRO C 812 -16.09 39.86 19.59
N ALA C 813 -16.45 39.76 20.87
CA ALA C 813 -15.52 40.10 21.94
C ALA C 813 -14.41 39.05 22.02
N LYS C 814 -13.30 39.32 21.33
CA LYS C 814 -12.11 38.46 21.34
C LYS C 814 -12.55 37.03 21.04
N SER C 815 -12.06 36.04 21.78
CA SER C 815 -12.37 34.62 21.62
C SER C 815 -11.72 33.92 22.80
N VAL C 816 -11.98 32.61 22.92
CA VAL C 816 -11.44 31.87 24.05
C VAL C 816 -9.91 31.87 24.00
N TRP C 817 -9.34 31.78 22.80
CA TRP C 817 -7.89 31.84 22.66
C TRP C 817 -7.36 33.24 23.00
N GLU C 818 -7.99 34.28 22.45
CA GLU C 818 -7.50 35.63 22.68
C GLU C 818 -7.66 36.05 24.14
N GLN C 819 -8.81 35.75 24.73
CA GLN C 819 -9.04 36.16 26.11
C GLN C 819 -8.04 35.50 27.06
N ARG C 820 -7.80 34.20 26.90
CA ARG C 820 -6.80 33.54 27.73
C ARG C 820 -5.41 34.06 27.44
N THR C 821 -5.09 34.29 26.16
CA THR C 821 -3.75 34.75 25.80
C THR C 821 -3.48 36.13 26.38
N SER C 822 -4.48 37.00 26.38
CA SER C 822 -4.30 38.32 26.99
C SER C 822 -4.06 38.20 28.49
N GLU C 823 -4.78 37.30 29.16
CA GLU C 823 -4.62 37.16 30.60
C GLU C 823 -3.22 36.69 30.97
N MET C 824 -2.70 35.70 30.25
CA MET C 824 -1.35 35.23 30.54
C MET C 824 -0.33 36.33 30.33
N ARG C 825 -0.58 37.22 29.37
CA ARG C 825 0.29 38.36 29.17
C ARG C 825 0.30 39.27 30.39
N LYS C 826 -0.87 39.53 30.97
CA LYS C 826 -0.94 40.37 32.16
C LYS C 826 -0.28 39.69 33.34
N GLN C 827 -0.59 38.41 33.58
CA GLN C 827 -0.05 37.72 34.75
C GLN C 827 1.46 37.57 34.66
N ASN C 828 1.99 37.25 33.48
CA ASN C 828 3.44 37.18 33.32
C ASN C 828 4.07 38.56 33.50
N LEU C 829 3.46 39.59 32.92
CA LEU C 829 4.01 40.94 33.04
C LEU C 829 3.86 41.48 34.46
N LEU C 830 2.73 41.18 35.10
CA LEU C 830 2.52 41.64 36.47
C LEU C 830 3.59 41.07 37.41
N ALA C 831 3.89 39.78 37.28
CA ALA C 831 4.99 39.20 38.04
C ALA C 831 6.33 39.70 37.52
N SER C 832 6.45 39.89 36.21
CA SER C 832 7.67 40.36 35.57
C SER C 832 8.87 39.48 35.91
N ASN C 1273 -59.46 39.67 10.49
CA ASN C 1273 -58.83 38.38 10.23
C ASN C 1273 -59.17 37.38 11.31
N PRO C 1274 -60.41 36.86 11.29
CA PRO C 1274 -60.83 35.94 12.36
C PRO C 1274 -60.14 34.59 12.30
N LEU C 1275 -59.90 34.07 11.10
CA LEU C 1275 -59.24 32.77 10.97
C LEU C 1275 -57.79 32.85 11.40
N ARG C 1276 -57.10 33.94 11.05
CA ARG C 1276 -55.66 34.03 11.31
C ARG C 1276 -55.36 34.00 12.80
N ARG C 1277 -56.18 34.69 13.61
CA ARG C 1277 -55.96 34.67 15.05
C ARG C 1277 -56.14 33.27 15.61
N LEU C 1278 -57.03 32.48 14.99
CA LEU C 1278 -57.14 31.07 15.35
C LEU C 1278 -55.88 30.31 14.96
N CYS C 1279 -55.46 30.43 13.69
CA CYS C 1279 -54.30 29.70 13.21
C CYS C 1279 -53.06 30.07 14.02
N HIS C 1280 -52.95 31.33 14.43
CA HIS C 1280 -51.84 31.72 15.29
C HIS C 1280 -51.97 31.07 16.67
N TYR C 1281 -53.19 30.73 17.08
CA TYR C 1281 -53.41 30.18 18.41
C TYR C 1281 -52.92 28.73 18.52
N ILE C 1282 -53.21 27.91 17.51
CA ILE C 1282 -52.74 26.52 17.55
C ILE C 1282 -51.21 26.48 17.58
N LEU C 1283 -50.58 27.34 16.79
CA LEU C 1283 -49.12 27.35 16.74
C LEU C 1283 -48.53 27.74 18.09
N ASN C 1284 -49.22 28.60 18.84
CA ASN C 1284 -48.75 28.97 20.17
C ASN C 1284 -48.84 27.80 21.13
N LEU C 1285 -49.85 26.95 20.98
CA LEU C 1285 -50.10 25.87 21.93
C LEU C 1285 -48.90 24.95 22.03
N ARG C 1286 -48.33 24.85 23.23
CA ARG C 1286 -47.13 24.05 23.44
C ARG C 1286 -47.37 22.58 23.12
N TYR C 1287 -48.59 22.09 23.35
CA TYR C 1287 -48.89 20.71 23.03
C TYR C 1287 -48.76 20.44 21.53
N PHE C 1288 -49.07 21.44 20.70
CA PHE C 1288 -48.95 21.26 19.25
C PHE C 1288 -47.50 21.09 18.84
N GLU C 1289 -46.61 21.98 19.30
CA GLU C 1289 -45.21 21.87 18.93
C GLU C 1289 -44.58 20.64 19.57
N MET C 1290 -45.02 20.27 20.76
CA MET C 1290 -44.53 19.03 21.36
C MET C 1290 -45.07 17.81 20.62
N CYS C 1291 -46.31 17.89 20.12
CA CYS C 1291 -46.86 16.79 19.35
C CYS C 1291 -46.12 16.61 18.03
N ILE C 1292 -45.84 17.71 17.33
CA ILE C 1292 -45.20 17.61 16.01
C ILE C 1292 -43.78 17.11 16.16
N LEU C 1293 -43.11 17.44 17.27
CA LEU C 1293 -41.78 16.88 17.53
C LEU C 1293 -41.85 15.36 17.67
N MET C 1294 -42.88 14.85 18.34
CA MET C 1294 -43.03 13.41 18.47
C MET C 1294 -43.27 12.75 17.12
N VAL C 1295 -44.06 13.41 16.26
CA VAL C 1295 -44.33 12.87 14.93
C VAL C 1295 -43.04 12.82 14.11
N ILE C 1296 -42.20 13.85 14.25
CA ILE C 1296 -40.90 13.84 13.57
C ILE C 1296 -40.06 12.67 14.06
N ALA C 1297 -40.07 12.42 15.37
CA ALA C 1297 -39.31 11.30 15.91
C ALA C 1297 -39.82 9.97 15.38
N MET C 1298 -41.14 9.81 15.30
CA MET C 1298 -41.70 8.56 14.78
C MET C 1298 -41.46 8.42 13.28
N SER C 1299 -41.49 9.54 12.56
CA SER C 1299 -41.26 9.50 11.12
C SER C 1299 -39.85 9.02 10.81
N SER C 1300 -38.86 9.47 11.59
CA SER C 1300 -37.49 9.05 11.36
C SER C 1300 -37.31 7.55 11.61
N ILE C 1301 -37.94 7.03 12.65
CA ILE C 1301 -37.79 5.62 12.98
C ILE C 1301 -38.38 4.75 11.87
N ALA C 1302 -39.47 5.22 11.24
CA ALA C 1302 -40.07 4.46 10.15
C ALA C 1302 -39.11 4.30 8.98
N LEU C 1303 -38.32 5.34 8.69
CA LEU C 1303 -37.37 5.29 7.59
C LEU C 1303 -36.25 4.28 7.86
N ALA C 1304 -36.02 3.97 9.13
CA ALA C 1304 -34.98 3.03 9.51
C ALA C 1304 -35.43 1.59 9.51
N ALA C 1305 -36.73 1.33 9.68
CA ALA C 1305 -37.23 -0.03 9.68
C ALA C 1305 -37.38 -0.59 8.28
N GLU C 1306 -37.57 0.27 7.27
CA GLU C 1306 -37.90 -0.19 5.93
C GLU C 1306 -36.83 -1.14 5.39
N ASP C 1307 -37.30 -2.18 4.70
CA ASP C 1307 -36.42 -3.18 4.14
C ASP C 1307 -36.03 -2.78 2.73
N PRO C 1308 -34.76 -2.48 2.46
CA PRO C 1308 -34.37 -2.10 1.10
C PRO C 1308 -34.35 -3.26 0.13
N VAL C 1309 -33.92 -4.43 0.60
CA VAL C 1309 -33.71 -5.58 -0.28
C VAL C 1309 -35.04 -6.05 -0.87
N GLN C 1310 -36.07 -6.12 -0.02
CA GLN C 1310 -37.38 -6.62 -0.45
C GLN C 1310 -38.32 -5.44 -0.66
N PRO C 1311 -38.57 -5.01 -1.90
CA PRO C 1311 -39.57 -3.95 -2.09
C PRO C 1311 -40.96 -4.37 -1.66
N ASN C 1312 -41.29 -5.65 -1.83
CA ASN C 1312 -42.61 -6.18 -1.50
C ASN C 1312 -42.63 -6.90 -0.16
N ALA C 1313 -41.72 -6.57 0.76
CA ALA C 1313 -41.71 -7.21 2.06
C ALA C 1313 -43.00 -6.88 2.81
N PRO C 1314 -43.49 -7.80 3.65
CA PRO C 1314 -44.66 -7.48 4.46
C PRO C 1314 -44.46 -6.26 5.34
N ARG C 1315 -43.24 -6.07 5.85
CA ARG C 1315 -42.97 -4.91 6.69
C ARG C 1315 -43.13 -3.60 5.93
N ASN C 1316 -42.63 -3.56 4.68
CA ASN C 1316 -42.75 -2.34 3.89
C ASN C 1316 -44.20 -2.02 3.58
N ASN C 1317 -45.03 -3.06 3.40
CA ASN C 1317 -46.45 -2.84 3.16
C ASN C 1317 -47.12 -2.18 4.36
N VAL C 1318 -46.77 -2.63 5.57
CA VAL C 1318 -47.33 -2.01 6.77
C VAL C 1318 -46.81 -0.58 6.92
N LEU C 1319 -45.52 -0.38 6.72
CA LEU C 1319 -44.92 0.94 6.89
C LEU C 1319 -45.45 1.94 5.87
N ARG C 1320 -45.92 1.45 4.71
CA ARG C 1320 -46.43 2.35 3.69
C ARG C 1320 -47.65 3.12 4.19
N TYR C 1321 -48.52 2.46 4.96
CA TYR C 1321 -49.66 3.16 5.53
C TYR C 1321 -49.22 4.26 6.48
N PHE C 1322 -48.12 4.06 7.20
CA PHE C 1322 -47.62 5.09 8.10
C PHE C 1322 -47.15 6.31 7.34
N ASP C 1323 -46.63 6.13 6.13
CA ASP C 1323 -46.15 7.27 5.36
C ASP C 1323 -47.30 8.22 5.02
N TYR C 1324 -48.51 7.68 4.81
CA TYR C 1324 -49.65 8.54 4.52
C TYR C 1324 -49.96 9.46 5.68
N VAL C 1325 -49.90 8.94 6.91
CA VAL C 1325 -50.25 9.73 8.09
C VAL C 1325 -49.24 10.85 8.31
N PHE C 1326 -47.94 10.53 8.21
CA PHE C 1326 -46.91 11.52 8.51
C PHE C 1326 -46.95 12.68 7.52
N THR C 1327 -47.17 12.38 6.24
CA THR C 1327 -47.37 13.45 5.27
C THR C 1327 -48.60 14.28 5.61
N GLY C 1328 -49.68 13.62 6.03
CA GLY C 1328 -50.89 14.34 6.39
C GLY C 1328 -50.65 15.34 7.51
N VAL C 1329 -49.87 14.94 8.52
CA VAL C 1329 -49.55 15.86 9.61
C VAL C 1329 -48.71 17.02 9.09
N PHE C 1330 -47.75 16.73 8.21
CA PHE C 1330 -46.88 17.79 7.68
C PHE C 1330 -47.64 18.69 6.71
N THR C 1331 -48.65 18.15 6.00
CA THR C 1331 -49.48 19.00 5.17
C THR C 1331 -50.28 19.99 6.01
N PHE C 1332 -50.87 19.52 7.11
CA PHE C 1332 -51.69 20.39 7.94
C PHE C 1332 -50.87 21.52 8.55
N GLU C 1333 -49.66 21.21 9.04
CA GLU C 1333 -48.85 22.25 9.65
C GLU C 1333 -48.30 23.21 8.60
N MET C 1334 -48.16 22.74 7.35
CA MET C 1334 -47.69 23.62 6.29
C MET C 1334 -48.70 24.72 5.97
N VAL C 1335 -49.97 24.33 5.78
CA VAL C 1335 -50.96 25.31 5.34
C VAL C 1335 -51.21 26.35 6.42
N ILE C 1336 -51.32 25.92 7.68
CA ILE C 1336 -51.59 26.88 8.75
C ILE C 1336 -50.41 27.82 8.94
N LYS C 1337 -49.20 27.33 8.67
CA LYS C 1337 -48.04 28.22 8.71
C LYS C 1337 -48.08 29.21 7.55
N MET C 1338 -48.60 28.78 6.39
CA MET C 1338 -48.84 29.73 5.31
C MET C 1338 -49.98 30.67 5.63
N ILE C 1339 -51.02 30.18 6.32
CA ILE C 1339 -52.15 31.04 6.66
C ILE C 1339 -51.76 32.07 7.72
N ASP C 1340 -51.08 31.63 8.77
CA ASP C 1340 -50.68 32.55 9.82
C ASP C 1340 -49.69 33.59 9.30
N LEU C 1341 -48.72 33.16 8.52
CA LEU C 1341 -47.78 34.05 7.87
C LEU C 1341 -48.34 34.43 6.50
N GLY C 1342 -47.52 35.01 5.63
CA GLY C 1342 -47.93 35.28 4.27
C GLY C 1342 -47.00 34.68 3.26
N LEU C 1343 -47.55 34.15 2.16
CA LEU C 1343 -46.70 33.66 1.07
C LEU C 1343 -45.93 34.82 0.44
N VAL C 1344 -46.59 35.95 0.23
CA VAL C 1344 -45.94 37.09 -0.41
C VAL C 1344 -44.86 37.66 0.51
N LEU C 1345 -43.86 38.29 -0.12
CA LEU C 1345 -42.67 38.76 0.58
C LEU C 1345 -42.95 40.10 1.28
N HIS C 1346 -43.70 40.03 2.38
CA HIS C 1346 -44.02 41.21 3.18
C HIS C 1346 -43.15 41.33 4.41
N GLN C 1347 -41.91 40.82 4.36
CA GLN C 1347 -40.89 40.83 5.41
C GLN C 1347 -41.23 39.84 6.53
N GLY C 1348 -42.40 39.20 6.49
CA GLY C 1348 -42.70 38.11 7.40
C GLY C 1348 -43.08 36.87 6.61
N ALA C 1349 -42.57 36.79 5.38
CA ALA C 1349 -43.00 35.77 4.44
C ALA C 1349 -42.67 34.38 4.93
N TYR C 1350 -43.58 33.43 4.68
CA TYR C 1350 -43.30 32.04 5.03
C TYR C 1350 -42.13 31.49 4.22
N PHE C 1351 -42.08 31.79 2.93
CA PHE C 1351 -40.94 31.39 2.10
C PHE C 1351 -39.67 32.15 2.41
N ARG C 1352 -39.74 33.20 3.24
CA ARG C 1352 -38.53 33.94 3.56
C ARG C 1352 -37.56 33.12 4.40
N ASP C 1353 -38.09 32.35 5.36
CA ASP C 1353 -37.23 31.54 6.21
C ASP C 1353 -36.75 30.30 5.46
N LEU C 1354 -35.44 30.04 5.55
CA LEU C 1354 -34.83 28.98 4.75
C LEU C 1354 -35.39 27.62 5.09
N TRP C 1355 -35.54 27.33 6.39
CA TRP C 1355 -36.05 26.02 6.80
C TRP C 1355 -37.46 25.78 6.28
N ASN C 1356 -38.21 26.85 6.01
CA ASN C 1356 -39.56 26.68 5.48
C ASN C 1356 -39.53 26.06 4.08
N ILE C 1357 -38.57 26.47 3.26
CA ILE C 1357 -38.38 25.80 1.97
C ILE C 1357 -38.05 24.33 2.18
N LEU C 1358 -37.19 24.05 3.16
CA LEU C 1358 -36.85 22.66 3.46
C LEU C 1358 -38.09 21.88 3.87
N ASP C 1359 -38.96 22.48 4.68
CA ASP C 1359 -40.23 21.85 5.00
C ASP C 1359 -41.10 21.72 3.75
N PHE C 1360 -41.08 22.73 2.89
CA PHE C 1360 -41.92 22.70 1.69
C PHE C 1360 -41.50 21.58 0.75
N ILE C 1361 -40.20 21.32 0.64
CA ILE C 1361 -39.72 20.29 -0.28
C ILE C 1361 -40.18 18.91 0.15
N VAL C 1362 -40.09 18.62 1.45
CA VAL C 1362 -40.41 17.27 1.94
C VAL C 1362 -41.87 16.94 1.66
N VAL C 1363 -42.78 17.87 1.99
CA VAL C 1363 -44.20 17.62 1.80
C VAL C 1363 -44.57 17.61 0.32
N SER C 1364 -43.98 18.50 -0.48
CA SER C 1364 -44.31 18.54 -1.91
C SER C 1364 -43.87 17.27 -2.61
N GLY C 1365 -42.67 16.78 -2.30
CA GLY C 1365 -42.21 15.55 -2.92
C GLY C 1365 -43.08 14.35 -2.58
N ALA C 1366 -43.53 14.28 -1.32
CA ALA C 1366 -44.42 13.20 -0.92
C ALA C 1366 -45.75 13.27 -1.66
N LEU C 1367 -46.31 14.48 -1.81
CA LEU C 1367 -47.57 14.63 -2.52
C LEU C 1367 -47.42 14.28 -3.99
N VAL C 1368 -46.35 14.77 -4.64
CA VAL C 1368 -46.14 14.48 -6.05
C VAL C 1368 -45.92 12.99 -6.27
N ALA C 1369 -45.17 12.35 -5.37
CA ALA C 1369 -44.94 10.91 -5.48
C ALA C 1369 -46.25 10.14 -5.46
N PHE C 1370 -47.26 10.66 -4.75
CA PHE C 1370 -48.57 10.01 -4.74
C PHE C 1370 -49.26 10.16 -6.09
N ALA C 1371 -49.11 11.32 -6.73
CA ALA C 1371 -49.78 11.56 -8.00
C ALA C 1371 -49.28 10.60 -9.08
N PHE C 1372 -47.96 10.42 -9.17
CA PHE C 1372 -47.41 9.48 -10.16
C PHE C 1372 -47.85 8.06 -9.87
N THR C 1373 -47.85 7.67 -8.58
CA THR C 1373 -48.32 6.34 -8.22
C THR C 1373 -49.82 6.21 -8.45
N GLY C 1374 -50.56 7.29 -8.25
CA GLY C 1374 -52.01 7.25 -8.38
C GLY C 1374 -52.51 6.87 -9.75
N ASN C 1375 -51.97 7.50 -10.79
CA ASN C 1375 -52.37 7.22 -12.15
C ASN C 1375 -52.16 5.75 -12.45
N SER C 1376 -50.91 5.32 -12.45
CA SER C 1376 -50.64 3.90 -12.64
C SER C 1376 -49.56 3.55 -11.65
N LYS C 1377 -49.74 2.46 -10.92
CA LYS C 1377 -48.79 2.11 -9.87
C LYS C 1377 -47.36 1.93 -10.36
N GLY C 1378 -47.16 1.23 -11.48
CA GLY C 1378 -45.80 0.98 -11.91
C GLY C 1378 -45.43 1.54 -13.28
N LYS C 1379 -46.08 2.65 -13.68
CA LYS C 1379 -45.78 3.23 -14.98
C LYS C 1379 -44.35 3.78 -15.04
N ASP C 1380 -43.93 4.49 -13.97
CA ASP C 1380 -42.61 5.10 -13.91
C ASP C 1380 -42.04 4.85 -12.52
N ILE C 1381 -41.29 3.74 -12.39
CA ILE C 1381 -40.73 3.37 -11.09
C ILE C 1381 -39.49 4.20 -10.77
N ASN C 1382 -38.79 4.70 -11.79
CA ASN C 1382 -37.51 5.34 -11.57
C ASN C 1382 -37.67 6.65 -10.80
N THR C 1383 -38.56 7.53 -11.27
CA THR C 1383 -38.67 8.85 -10.66
C THR C 1383 -39.35 8.80 -9.30
N ILE C 1384 -40.33 7.91 -9.13
CA ILE C 1384 -40.99 7.79 -7.84
C ILE C 1384 -40.01 7.27 -6.80
N LYS C 1385 -39.13 6.34 -7.19
CA LYS C 1385 -38.10 5.86 -6.27
C LYS C 1385 -37.16 6.99 -5.89
N SER C 1386 -36.85 7.88 -6.83
CA SER C 1386 -36.02 9.04 -6.53
C SER C 1386 -36.73 9.98 -5.55
N LEU C 1387 -38.04 10.19 -5.72
CA LEU C 1387 -38.76 11.11 -4.85
C LEU C 1387 -38.90 10.56 -3.44
N ARG C 1388 -38.97 9.23 -3.28
CA ARG C 1388 -39.07 8.65 -1.95
C ARG C 1388 -37.84 8.96 -1.11
N VAL C 1389 -36.70 9.22 -1.75
CA VAL C 1389 -35.47 9.51 -1.02
C VAL C 1389 -35.56 10.82 -0.26
N LEU C 1390 -36.40 11.76 -0.71
CA LEU C 1390 -36.47 13.06 -0.05
C LEU C 1390 -36.99 12.97 1.38
N ARG C 1391 -37.56 11.84 1.78
CA ARG C 1391 -38.03 11.69 3.15
C ARG C 1391 -36.92 11.82 4.17
N VAL C 1392 -35.67 11.60 3.76
CA VAL C 1392 -34.54 11.66 4.68
C VAL C 1392 -34.31 13.05 5.25
N LEU C 1393 -35.08 14.04 4.81
CA LEU C 1393 -35.00 15.39 5.34
C LEU C 1393 -35.85 15.58 6.59
N ARG C 1394 -36.65 14.58 6.95
CA ARG C 1394 -37.46 14.68 8.17
C ARG C 1394 -36.64 14.92 9.42
N PRO C 1395 -35.52 14.21 9.67
CA PRO C 1395 -34.72 14.50 10.87
C PRO C 1395 -34.23 15.94 10.94
N LEU C 1396 -33.94 16.58 9.80
CA LEU C 1396 -33.42 17.94 9.83
C LEU C 1396 -34.45 18.94 10.29
N LYS C 1397 -35.74 18.60 10.26
CA LYS C 1397 -36.76 19.49 10.80
C LYS C 1397 -36.65 19.66 12.30
N THR C 1398 -35.86 18.82 12.97
CA THR C 1398 -35.68 18.93 14.41
C THR C 1398 -34.78 20.11 14.77
N ILE C 1399 -33.84 20.44 13.89
CA ILE C 1399 -32.81 21.43 14.23
C ILE C 1399 -33.43 22.78 14.54
N LYS C 1400 -34.37 23.23 13.72
CA LYS C 1400 -34.95 24.55 13.93
C LYS C 1400 -35.73 24.61 15.23
N ARG C 1401 -36.50 23.56 15.54
CA ARG C 1401 -37.40 23.62 16.68
C ARG C 1401 -36.65 23.55 18.00
N LEU C 1402 -35.67 22.66 18.12
CA LEU C 1402 -34.92 22.54 19.36
C LEU C 1402 -33.98 23.72 19.49
N PRO C 1403 -34.08 24.52 20.56
CA PRO C 1403 -33.24 25.73 20.65
C PRO C 1403 -31.76 25.43 20.75
N LYS C 1404 -31.37 24.48 21.60
CA LYS C 1404 -29.96 24.18 21.79
C LYS C 1404 -29.36 23.41 20.62
N LEU C 1405 -30.17 22.70 19.84
CA LEU C 1405 -29.64 22.06 18.64
C LEU C 1405 -29.37 23.08 17.55
N LYS C 1406 -30.23 24.10 17.44
CA LYS C 1406 -29.97 25.19 16.52
C LYS C 1406 -28.72 25.95 16.89
N ALA C 1407 -28.48 26.15 18.18
CA ALA C 1407 -27.30 26.89 18.63
C ALA C 1407 -26.02 26.16 18.24
N VAL C 1408 -26.00 24.83 18.38
CA VAL C 1408 -24.84 24.06 17.95
C VAL C 1408 -24.67 24.15 16.45
N PHE C 1409 -25.78 24.14 15.71
CA PHE C 1409 -25.73 24.24 14.26
C PHE C 1409 -25.13 25.57 13.82
N ASP C 1410 -25.48 26.65 14.49
CA ASP C 1410 -24.93 27.95 14.13
C ASP C 1410 -23.43 28.03 14.38
N CYS C 1411 -22.95 27.34 15.42
CA CYS C 1411 -21.52 27.32 15.69
C CYS C 1411 -20.76 26.62 14.58
N VAL C 1412 -21.31 25.53 14.05
CA VAL C 1412 -20.66 24.83 12.94
C VAL C 1412 -20.61 25.71 11.71
N VAL C 1413 -21.70 26.41 11.41
CA VAL C 1413 -21.71 27.34 10.28
C VAL C 1413 -20.76 28.49 10.52
N ASN C 1414 -20.63 28.93 11.77
CA ASN C 1414 -19.69 30.00 12.09
C ASN C 1414 -18.26 29.57 11.81
N SER C 1415 -17.93 28.31 12.10
CA SER C 1415 -16.58 27.83 11.83
C SER C 1415 -16.28 27.80 10.33
N LEU C 1416 -17.29 27.45 9.51
CA LEU C 1416 -17.09 27.45 8.07
C LEU C 1416 -16.78 28.84 7.54
N LYS C 1417 -17.42 29.87 8.12
CA LYS C 1417 -17.16 31.23 7.66
C LYS C 1417 -15.71 31.64 7.92
N ASN C 1418 -15.17 31.27 9.09
CA ASN C 1418 -13.81 31.65 9.42
C ASN C 1418 -12.79 31.02 8.48
N VAL C 1419 -13.00 29.77 8.11
CA VAL C 1419 -12.00 29.02 7.34
C VAL C 1419 -12.33 29.05 5.86
N PHE C 1420 -13.33 29.84 5.47
CA PHE C 1420 -13.70 29.88 4.06
C PHE C 1420 -12.58 30.48 3.21
N ASN C 1421 -11.96 31.55 3.69
CA ASN C 1421 -10.90 32.20 2.90
C ASN C 1421 -9.71 31.26 2.70
N ILE C 1422 -9.33 30.51 3.73
CA ILE C 1422 -8.27 29.52 3.57
C ILE C 1422 -8.76 28.36 2.70
N LEU C 1423 -10.04 28.03 2.78
CA LEU C 1423 -10.56 26.93 1.96
C LEU C 1423 -10.45 27.25 0.47
N ILE C 1424 -10.64 28.52 0.10
CA ILE C 1424 -10.46 28.91 -1.30
C ILE C 1424 -9.01 28.77 -1.73
N VAL C 1425 -8.09 29.15 -0.84
CA VAL C 1425 -6.66 28.97 -1.14
C VAL C 1425 -6.32 27.49 -1.23
N TYR C 1426 -6.95 26.67 -0.39
CA TYR C 1426 -6.71 25.24 -0.43
C TYR C 1426 -7.10 24.64 -1.78
N MET C 1427 -8.24 25.06 -2.31
CA MET C 1427 -8.71 24.51 -3.58
C MET C 1427 -7.87 25.00 -4.75
N LEU C 1428 -7.42 26.26 -4.70
CA LEU C 1428 -6.56 26.76 -5.76
C LEU C 1428 -5.25 26.00 -5.82
N PHE C 1429 -4.65 25.73 -4.66
CA PHE C 1429 -3.42 24.94 -4.63
C PHE C 1429 -3.67 23.51 -5.09
N MET C 1430 -4.79 22.91 -4.68
CA MET C 1430 -5.10 21.56 -5.11
C MET C 1430 -5.42 21.52 -6.60
N PHE C 1431 -6.00 22.59 -7.13
CA PHE C 1431 -6.23 22.67 -8.57
C PHE C 1431 -4.93 22.64 -9.34
N ILE C 1432 -3.92 23.36 -8.85
CA ILE C 1432 -2.63 23.40 -9.52
C ILE C 1432 -1.99 22.02 -9.55
N PHE C 1433 -2.05 21.29 -8.43
CA PHE C 1433 -1.52 19.94 -8.40
C PHE C 1433 -2.28 19.02 -9.35
N ALA C 1434 -3.59 19.20 -9.46
CA ALA C 1434 -4.39 18.36 -10.35
C ALA C 1434 -4.01 18.57 -11.81
N VAL C 1435 -3.80 19.83 -12.21
CA VAL C 1435 -3.43 20.13 -13.59
C VAL C 1435 -2.04 19.57 -13.90
N VAL C 1436 -1.11 19.70 -12.95
CA VAL C 1436 0.22 19.13 -13.15
C VAL C 1436 0.16 17.62 -13.23
N ALA C 1437 -0.67 17.00 -12.39
CA ALA C 1437 -0.79 15.55 -12.40
C ALA C 1437 -1.41 15.05 -13.71
N VAL C 1438 -2.32 15.82 -14.29
CA VAL C 1438 -2.89 15.43 -15.57
C VAL C 1438 -1.82 15.37 -16.65
N GLN C 1439 -0.99 16.41 -16.72
CA GLN C 1439 0.04 16.44 -17.76
C GLN C 1439 1.02 15.28 -17.59
N LEU C 1440 1.31 14.89 -16.35
CA LEU C 1440 2.29 13.83 -16.12
C LEU C 1440 1.73 12.46 -16.46
N PHE C 1441 0.50 12.16 -16.04
CA PHE C 1441 -0.02 10.79 -16.09
C PHE C 1441 -1.29 10.67 -16.92
N LYS C 1442 -1.42 11.46 -17.99
CA LYS C 1442 -2.62 11.39 -18.81
C LYS C 1442 -2.46 10.30 -19.86
N GLY C 1443 -3.31 9.28 -19.78
CA GLY C 1443 -3.28 8.19 -20.74
C GLY C 1443 -2.29 7.08 -20.43
N LYS C 1444 -1.48 7.23 -19.39
CA LYS C 1444 -0.50 6.23 -19.03
C LYS C 1444 -0.99 5.26 -17.98
N PHE C 1445 -2.22 5.40 -17.52
CA PHE C 1445 -2.77 4.49 -16.53
C PHE C 1445 -3.58 3.39 -17.19
N PHE C 1446 -2.97 2.68 -18.12
CA PHE C 1446 -3.59 1.56 -18.81
C PHE C 1446 -2.76 0.32 -18.55
N HIS C 1447 -3.44 -0.82 -18.48
CA HIS C 1447 -2.72 -2.08 -18.32
C HIS C 1447 -3.53 -3.19 -18.96
N CYS C 1448 -2.84 -4.27 -19.28
CA CYS C 1448 -3.46 -5.49 -19.79
C CYS C 1448 -3.37 -6.53 -18.69
N THR C 1449 -4.42 -7.35 -18.58
CA THR C 1449 -4.41 -8.39 -17.55
C THR C 1449 -3.25 -9.35 -17.74
N ASP C 1450 -2.91 -9.65 -18.99
CA ASP C 1450 -1.68 -10.35 -19.27
C ASP C 1450 -0.50 -9.38 -19.15
N GLU C 1451 0.47 -9.75 -18.32
CA GLU C 1451 1.59 -8.85 -18.04
C GLU C 1451 2.41 -8.58 -19.30
N SER C 1452 2.64 -9.61 -20.13
CA SER C 1452 3.54 -9.47 -21.26
C SER C 1452 3.03 -8.49 -22.30
N LYS C 1453 1.73 -8.51 -22.57
CA LYS C 1453 1.16 -7.63 -23.59
C LYS C 1453 1.11 -6.20 -23.07
N GLU C 1454 1.69 -5.28 -23.83
CA GLU C 1454 1.80 -3.88 -23.44
C GLU C 1454 1.17 -2.93 -24.45
N PHE C 1455 0.26 -3.42 -25.28
CA PHE C 1455 -0.48 -2.58 -26.21
C PHE C 1455 -1.89 -3.13 -26.36
N GLU C 1456 -2.82 -2.28 -26.79
CA GLU C 1456 -4.22 -2.71 -26.86
C GLU C 1456 -4.40 -3.80 -27.91
N LYS C 1457 -3.72 -3.68 -29.05
CA LYS C 1457 -3.86 -4.68 -30.10
C LYS C 1457 -3.33 -6.04 -29.63
N ASP C 1458 -2.22 -6.05 -28.90
CA ASP C 1458 -1.69 -7.31 -28.38
C ASP C 1458 -2.60 -7.92 -27.34
N CYS C 1459 -3.24 -7.09 -26.51
CA CYS C 1459 -4.09 -7.59 -25.44
C CYS C 1459 -5.43 -8.07 -25.97
N ARG C 1460 -5.42 -9.16 -26.73
CA ARG C 1460 -6.63 -9.78 -27.22
C ARG C 1460 -6.49 -11.29 -27.08
N GLY C 1461 -7.62 -11.97 -27.00
CA GLY C 1461 -7.60 -13.42 -26.90
C GLY C 1461 -7.56 -13.88 -25.46
N LYS C 1462 -7.07 -15.10 -25.29
CA LYS C 1462 -6.95 -15.72 -23.98
C LYS C 1462 -5.48 -15.94 -23.62
N TYR C 1463 -5.22 -16.00 -22.33
CA TYR C 1463 -3.88 -16.28 -21.82
C TYR C 1463 -3.97 -17.28 -20.68
N LEU C 1464 -2.83 -17.84 -20.32
CA LEU C 1464 -2.75 -18.84 -19.25
C LEU C 1464 -2.36 -18.17 -17.95
N LEU C 1465 -3.18 -18.35 -16.93
CA LEU C 1465 -2.92 -17.82 -15.60
C LEU C 1465 -2.42 -18.96 -14.72
N TYR C 1466 -1.20 -18.84 -14.24
CA TYR C 1466 -0.55 -19.91 -13.47
C TYR C 1466 -0.75 -19.65 -11.98
N GLU C 1467 -1.78 -20.26 -11.43
CA GLU C 1467 -1.92 -20.33 -9.98
C GLU C 1467 -1.21 -21.57 -9.44
N LYS C 1468 -1.21 -21.71 -8.13
CA LYS C 1468 -0.46 -22.79 -7.51
C LYS C 1468 -1.05 -24.14 -7.87
N ASN C 1469 -0.23 -24.97 -8.52
CA ASN C 1469 -0.59 -26.34 -8.90
C ASN C 1469 -1.84 -26.40 -9.76
N GLU C 1470 -2.10 -25.35 -10.55
CA GLU C 1470 -3.26 -25.33 -11.42
C GLU C 1470 -3.07 -24.24 -12.47
N VAL C 1471 -3.48 -24.54 -13.70
CA VAL C 1471 -3.39 -23.61 -14.82
C VAL C 1471 -4.81 -23.28 -15.28
N LYS C 1472 -5.08 -21.99 -15.46
CA LYS C 1472 -6.40 -21.54 -15.88
C LYS C 1472 -6.26 -20.62 -17.08
N ALA C 1473 -7.22 -20.73 -18.00
CA ALA C 1473 -7.28 -19.84 -19.15
C ALA C 1473 -8.21 -18.68 -18.85
N ARG C 1474 -7.71 -17.46 -19.07
CA ARG C 1474 -8.47 -16.25 -18.80
C ARG C 1474 -8.38 -15.32 -20.01
N ASP C 1475 -9.38 -14.46 -20.15
CA ASP C 1475 -9.42 -13.51 -21.24
C ASP C 1475 -8.46 -12.36 -21.00
N ARG C 1476 -7.95 -11.81 -22.09
CA ARG C 1476 -7.10 -10.63 -22.05
C ARG C 1476 -7.97 -9.39 -22.20
N GLU C 1477 -7.82 -8.44 -21.28
CA GLU C 1477 -8.60 -7.22 -21.30
C GLU C 1477 -7.68 -6.01 -21.16
N TRP C 1478 -7.92 -5.02 -22.00
CA TRP C 1478 -7.25 -3.73 -21.92
C TRP C 1478 -8.13 -2.80 -21.10
N LYS C 1479 -7.76 -2.59 -19.84
CA LYS C 1479 -8.60 -1.83 -18.92
C LYS C 1479 -7.77 -0.75 -18.25
N LYS C 1480 -8.47 0.28 -17.79
CA LYS C 1480 -7.86 1.39 -17.09
C LYS C 1480 -7.80 1.11 -15.59
N TYR C 1481 -6.88 1.78 -14.91
CA TYR C 1481 -6.78 1.65 -13.47
C TYR C 1481 -7.95 2.34 -12.79
N GLU C 1482 -8.23 1.91 -11.56
CA GLU C 1482 -9.43 2.39 -10.87
C GLU C 1482 -9.38 3.89 -10.65
N PHE C 1483 -8.24 4.41 -10.20
CA PHE C 1483 -8.05 5.83 -9.95
C PHE C 1483 -6.92 6.32 -10.85
N HIS C 1484 -7.20 7.36 -11.64
CA HIS C 1484 -6.26 7.78 -12.67
C HIS C 1484 -6.35 9.30 -12.81
N TYR C 1485 -5.57 9.82 -13.76
CA TYR C 1485 -5.57 11.24 -14.09
C TYR C 1485 -5.78 11.38 -15.59
N ASP C 1486 -7.03 11.35 -16.04
CA ASP C 1486 -7.34 11.58 -17.44
C ASP C 1486 -7.96 12.94 -17.70
N ASN C 1487 -8.41 13.62 -16.65
CA ASN C 1487 -8.86 15.00 -16.75
C ASN C 1487 -8.78 15.61 -15.37
N VAL C 1488 -9.07 16.92 -15.29
CA VAL C 1488 -8.90 17.62 -14.02
C VAL C 1488 -9.89 17.10 -12.98
N LEU C 1489 -11.08 16.67 -13.42
CA LEU C 1489 -12.05 16.14 -12.47
C LEU C 1489 -11.66 14.76 -11.94
N TRP C 1490 -11.08 13.91 -12.78
CA TRP C 1490 -10.58 12.63 -12.32
C TRP C 1490 -9.31 12.77 -11.51
N ALA C 1491 -8.50 13.79 -11.79
CA ALA C 1491 -7.31 14.04 -10.99
C ALA C 1491 -7.65 14.48 -9.58
N LEU C 1492 -8.66 15.34 -9.43
CA LEU C 1492 -9.04 15.82 -8.11
C LEU C 1492 -9.56 14.70 -7.23
N LEU C 1493 -10.33 13.78 -7.81
CA LEU C 1493 -10.81 12.64 -7.04
C LEU C 1493 -9.66 11.75 -6.59
N THR C 1494 -8.67 11.54 -7.46
CA THR C 1494 -7.52 10.72 -7.09
C THR C 1494 -6.69 11.39 -6.01
N LEU C 1495 -6.48 12.71 -6.11
CA LEU C 1495 -5.70 13.41 -5.10
C LEU C 1495 -6.46 13.49 -3.78
N PHE C 1496 -7.79 13.60 -3.83
CA PHE C 1496 -8.57 13.59 -2.61
C PHE C 1496 -8.43 12.25 -1.89
N THR C 1497 -8.40 11.16 -2.64
CA THR C 1497 -8.18 9.85 -2.04
C THR C 1497 -6.82 9.80 -1.36
N VAL C 1498 -5.80 10.39 -1.98
CA VAL C 1498 -4.46 10.44 -1.40
C VAL C 1498 -4.44 11.31 -0.16
N SER C 1499 -5.21 12.41 -0.15
CA SER C 1499 -5.25 13.28 1.01
C SER C 1499 -5.81 12.55 2.23
N THR C 1500 -6.87 11.75 2.04
CA THR C 1500 -7.37 10.93 3.13
C THR C 1500 -6.40 9.82 3.52
N GLY C 1501 -5.39 9.56 2.70
CA GLY C 1501 -4.32 8.65 3.03
C GLY C 1501 -4.57 7.20 2.67
N GLU C 1502 -5.74 6.87 2.13
CA GLU C 1502 -6.09 5.48 1.89
C GLU C 1502 -5.83 5.11 0.44
N GLY C 1503 -5.01 4.08 0.23
CA GLY C 1503 -4.76 3.56 -1.09
C GLY C 1503 -3.70 4.28 -1.89
N TRP C 1504 -3.06 5.30 -1.34
CA TRP C 1504 -2.05 6.02 -2.11
C TRP C 1504 -0.82 5.20 -2.42
N PRO C 1505 -0.43 4.17 -1.63
CA PRO C 1505 0.67 3.32 -2.10
C PRO C 1505 0.41 2.66 -3.44
N GLN C 1506 -0.83 2.28 -3.70
CA GLN C 1506 -1.16 1.74 -5.02
C GLN C 1506 -1.11 2.81 -6.09
N VAL C 1507 -1.59 4.02 -5.78
CA VAL C 1507 -1.51 5.12 -6.73
C VAL C 1507 -0.07 5.47 -7.01
N LEU C 1508 0.79 5.42 -5.99
CA LEU C 1508 2.21 5.67 -6.20
C LEU C 1508 2.83 4.58 -7.07
N LYS C 1509 2.44 3.33 -6.87
CA LYS C 1509 2.98 2.25 -7.68
C LYS C 1509 2.60 2.42 -9.14
N HIS C 1510 1.36 2.81 -9.41
CA HIS C 1510 0.94 3.04 -10.79
C HIS C 1510 1.66 4.22 -11.40
N SER C 1511 2.02 5.21 -10.58
CA SER C 1511 2.65 6.42 -11.10
C SER C 1511 4.09 6.17 -11.52
N VAL C 1512 4.80 5.31 -10.78
CA VAL C 1512 6.20 5.07 -11.11
C VAL C 1512 6.33 4.07 -12.25
N ASP C 1513 5.32 3.22 -12.44
CA ASP C 1513 5.36 2.21 -13.49
C ASP C 1513 4.87 2.71 -14.83
N ALA C 1514 4.33 3.91 -14.91
CA ALA C 1514 3.78 4.42 -16.16
C ALA C 1514 4.91 4.73 -17.15
N THR C 1515 4.69 4.37 -18.41
CA THR C 1515 5.73 4.50 -19.42
C THR C 1515 5.34 5.56 -20.42
N PHE C 1516 4.24 5.40 -21.16
CA PHE C 1516 3.89 6.31 -22.24
C PHE C 1516 2.40 6.23 -22.48
N GLU C 1517 1.89 7.21 -23.23
CA GLU C 1517 0.47 7.26 -23.51
C GLU C 1517 0.06 6.07 -24.36
N ASN C 1518 -1.05 5.44 -23.99
CA ASN C 1518 -1.60 4.26 -24.65
C ASN C 1518 -0.67 3.06 -24.62
N GLN C 1519 0.23 3.01 -23.64
CA GLN C 1519 1.15 1.89 -23.47
C GLN C 1519 1.08 1.39 -22.04
N GLY C 1520 1.37 0.11 -21.85
CA GLY C 1520 1.21 -0.53 -20.57
C GLY C 1520 2.30 -0.16 -19.59
N PRO C 1521 2.20 -0.66 -18.36
CA PRO C 1521 3.18 -0.31 -17.34
C PRO C 1521 4.46 -1.12 -17.47
N SER C 1522 5.52 -0.59 -16.87
CA SER C 1522 6.79 -1.31 -16.73
C SER C 1522 7.35 -1.03 -15.35
N PRO C 1523 7.61 -2.06 -14.55
CA PRO C 1523 7.99 -1.84 -13.15
C PRO C 1523 9.20 -0.95 -12.95
N GLY C 1524 9.06 0.06 -12.10
CA GLY C 1524 10.17 0.92 -11.76
C GLY C 1524 10.66 1.82 -12.87
N TYR C 1525 9.82 2.11 -13.85
CA TYR C 1525 10.25 2.91 -15.00
C TYR C 1525 10.66 4.31 -14.58
N ARG C 1526 9.74 5.07 -14.01
CA ARG C 1526 10.00 6.44 -13.57
C ARG C 1526 9.94 6.49 -12.05
N MET C 1527 11.08 6.31 -11.40
CA MET C 1527 11.13 6.33 -9.95
C MET C 1527 11.32 7.74 -9.40
N GLU C 1528 11.44 8.74 -10.26
CA GLU C 1528 11.53 10.12 -9.84
C GLU C 1528 10.17 10.76 -9.63
N MET C 1529 9.09 10.05 -9.98
CA MET C 1529 7.74 10.53 -9.76
C MET C 1529 7.32 10.41 -8.31
N SER C 1530 8.12 9.76 -7.47
CA SER C 1530 7.84 9.72 -6.04
C SER C 1530 7.91 11.11 -5.44
N ILE C 1531 8.67 12.02 -6.04
CA ILE C 1531 8.77 13.38 -5.54
C ILE C 1531 7.44 14.09 -5.62
N PHE C 1532 6.58 13.71 -6.56
CA PHE C 1532 5.26 14.34 -6.66
C PHE C 1532 4.43 14.06 -5.41
N TYR C 1533 4.48 12.82 -4.91
CA TYR C 1533 3.63 12.45 -3.78
C TYR C 1533 4.25 12.86 -2.45
N VAL C 1534 5.57 12.95 -2.39
CA VAL C 1534 6.21 13.44 -1.17
C VAL C 1534 5.94 14.93 -0.99
N VAL C 1535 6.06 15.71 -2.06
CA VAL C 1535 5.74 17.13 -1.98
C VAL C 1535 4.26 17.34 -1.71
N TYR C 1536 3.40 16.48 -2.28
CA TYR C 1536 1.97 16.62 -2.06
C TYR C 1536 1.61 16.42 -0.59
N PHE C 1537 2.20 15.41 0.05
CA PHE C 1537 1.94 15.18 1.47
C PHE C 1537 2.40 16.35 2.33
N VAL C 1538 3.55 16.94 2.01
CA VAL C 1538 4.03 18.04 2.84
C VAL C 1538 3.05 19.19 2.81
N VAL C 1539 2.50 19.51 1.63
CA VAL C 1539 1.65 20.68 1.49
C VAL C 1539 0.25 20.43 2.06
N PHE C 1540 -0.50 19.49 1.49
CA PHE C 1540 -1.90 19.42 1.88
C PHE C 1540 -2.17 18.62 3.15
N PRO C 1541 -1.80 17.34 3.25
CA PRO C 1541 -2.13 16.60 4.49
C PRO C 1541 -1.39 17.10 5.70
N PHE C 1542 -0.10 17.43 5.54
CA PHE C 1542 0.69 17.83 6.69
C PHE C 1542 0.48 19.29 7.05
N PHE C 1543 0.45 20.18 6.05
CA PHE C 1543 0.51 21.61 6.32
C PHE C 1543 -0.85 22.29 6.29
N PHE C 1544 -1.60 22.15 5.20
CA PHE C 1544 -2.90 22.83 5.12
C PHE C 1544 -3.88 22.30 6.15
N VAL C 1545 -3.92 20.98 6.36
CA VAL C 1545 -4.89 20.43 7.31
C VAL C 1545 -4.64 20.95 8.71
N ASN C 1546 -3.37 21.09 9.10
CA ASN C 1546 -3.09 21.61 10.44
C ASN C 1546 -3.33 23.11 10.53
N ILE C 1547 -3.40 23.81 9.40
CA ILE C 1547 -3.89 25.19 9.43
C ILE C 1547 -5.39 25.22 9.71
N PHE C 1548 -6.13 24.28 9.12
CA PHE C 1548 -7.56 24.20 9.41
C PHE C 1548 -7.80 23.91 10.89
N VAL C 1549 -7.01 23.00 11.46
CA VAL C 1549 -7.16 22.72 12.89
C VAL C 1549 -6.76 23.92 13.73
N ALA C 1550 -5.65 24.57 13.37
CA ALA C 1550 -5.20 25.73 14.12
C ALA C 1550 -6.18 26.89 14.00
N LEU C 1551 -6.66 27.15 12.79
CA LEU C 1551 -7.53 28.32 12.58
C LEU C 1551 -8.80 28.22 13.39
N ILE C 1552 -9.37 27.03 13.55
CA ILE C 1552 -10.58 26.87 14.35
C ILE C 1552 -10.27 27.04 15.83
N ILE C 1553 -9.12 26.55 16.28
CA ILE C 1553 -8.76 26.69 17.69
C ILE C 1553 -8.62 28.16 18.06
N ILE C 1554 -7.94 28.94 17.21
CA ILE C 1554 -7.67 30.33 17.54
C ILE C 1554 -8.91 31.21 17.45
N THR C 1555 -9.88 30.88 16.60
CA THR C 1555 -11.04 31.72 16.39
C THR C 1555 -12.30 31.19 17.07
N PHE C 1556 -12.20 30.19 17.92
CA PHE C 1556 -13.37 29.63 18.57
C PHE C 1556 -13.96 30.61 19.58
N GLN C 1557 -15.28 30.74 19.56
CA GLN C 1557 -16.00 31.70 20.39
C GLN C 1557 -16.59 31.02 21.62
N GLU C 1558 -16.90 31.85 22.62
CA GLU C 1558 -17.41 31.34 23.89
C GLU C 1558 -18.79 30.72 23.73
N GLN C 1559 -19.14 29.83 24.66
CA GLN C 1559 -20.43 29.15 24.64
C GLN C 1559 -21.46 30.05 25.30
N GLY C 1560 -22.10 30.89 24.50
CA GLY C 1560 -23.11 31.78 25.06
C GLY C 1560 -22.52 32.67 26.13
N ASP C 1561 -23.04 32.52 27.34
CA ASP C 1561 -22.61 33.20 28.55
C ASP C 1561 -22.89 34.71 28.52
N LYS C 1562 -23.81 35.20 27.69
CA LYS C 1562 -24.13 36.63 27.56
C LYS C 1562 -22.87 37.38 27.13
N MET C 1563 -22.56 38.53 27.73
CA MET C 1563 -21.53 39.42 27.20
C MET C 1563 -20.17 39.17 27.84
N MET C 1564 -20.09 39.26 29.18
CA MET C 1564 -18.91 38.84 29.93
C MET C 1564 -17.73 39.81 29.92
N GLU C 1565 -17.94 41.09 29.56
CA GLU C 1565 -16.98 42.10 29.98
C GLU C 1565 -17.58 43.12 30.94
N GLU C 1566 -18.90 43.07 31.17
CA GLU C 1566 -19.52 43.99 32.13
C GLU C 1566 -18.95 43.78 33.52
N TYR C 1567 -18.75 42.52 33.91
CA TYR C 1567 -18.11 42.22 35.18
C TYR C 1567 -16.61 42.45 35.08
N SER C 1568 -16.04 43.11 36.09
CA SER C 1568 -14.65 43.54 36.01
C SER C 1568 -13.69 42.37 36.18
N LEU C 1569 -14.04 41.39 37.02
CA LEU C 1569 -13.08 40.36 37.40
C LEU C 1569 -12.84 39.35 36.28
N GLU C 1570 -13.88 38.56 35.98
CA GLU C 1570 -13.79 37.52 34.96
C GLU C 1570 -12.56 36.67 35.17
N LYS C 1571 -11.88 36.31 34.10
CA LYS C 1571 -10.57 35.65 34.21
C LYS C 1571 -10.73 34.33 34.98
N ASN C 1572 -9.75 33.94 35.80
CA ASN C 1572 -9.80 32.70 36.57
C ASN C 1572 -10.28 32.93 37.99
N GLU C 1573 -10.47 34.19 38.38
CA GLU C 1573 -10.95 34.50 39.72
C GLU C 1573 -12.34 33.93 39.97
N ARG C 1574 -13.11 33.72 38.90
CA ARG C 1574 -14.43 33.10 39.04
C ARG C 1574 -14.34 31.68 39.55
N ALA C 1575 -13.49 30.85 38.93
CA ALA C 1575 -13.52 29.42 39.20
C ALA C 1575 -13.07 29.12 40.63
N CYS C 1576 -12.06 29.83 41.11
CA CYS C 1576 -11.65 29.64 42.50
C CYS C 1576 -12.73 30.09 43.47
N ILE C 1577 -13.29 31.29 43.25
CA ILE C 1577 -14.35 31.77 44.13
C ILE C 1577 -15.61 30.93 43.99
N ASP C 1578 -15.90 30.46 42.77
CA ASP C 1578 -17.06 29.59 42.57
C ASP C 1578 -16.91 28.32 43.42
N PHE C 1579 -15.71 27.76 43.45
CA PHE C 1579 -15.47 26.60 44.31
C PHE C 1579 -15.66 26.96 45.78
N ALA C 1580 -15.18 28.13 46.20
CA ALA C 1580 -15.36 28.56 47.58
C ALA C 1580 -16.83 28.73 47.92
N ILE C 1581 -17.66 29.09 46.92
CA ILE C 1581 -19.09 29.22 47.16
C ILE C 1581 -19.70 27.89 47.57
N SER C 1582 -19.37 26.82 46.85
CA SER C 1582 -19.93 25.50 47.11
C SER C 1582 -18.79 24.56 47.50
N ALA C 1583 -18.64 24.32 48.80
CA ALA C 1583 -17.61 23.42 49.29
C ALA C 1583 -18.07 22.82 50.61
N LYS C 1584 -17.52 21.66 50.93
CA LYS C 1584 -17.83 20.96 52.16
C LYS C 1584 -16.61 20.13 52.57
N PRO C 1585 -16.28 20.10 53.86
CA PRO C 1585 -15.18 19.24 54.32
C PRO C 1585 -15.52 17.77 54.17
N LEU C 1586 -14.54 16.99 53.70
CA LEU C 1586 -14.71 15.56 53.54
C LEU C 1586 -14.90 14.92 54.91
N THR C 1587 -16.12 14.45 55.19
CA THR C 1587 -16.43 13.91 56.50
C THR C 1587 -15.67 12.61 56.74
N ARG C 1588 -14.83 12.62 57.77
CA ARG C 1588 -14.21 11.41 58.28
C ARG C 1588 -14.91 11.06 59.59
N HIS C 1589 -15.28 9.79 59.74
CA HIS C 1589 -16.32 9.40 60.68
C HIS C 1589 -16.03 9.83 62.11
N MET C 1590 -14.95 9.31 62.70
CA MET C 1590 -14.68 9.43 64.13
C MET C 1590 -15.93 9.09 64.92
N PRO C 1591 -16.42 7.85 64.85
CA PRO C 1591 -17.73 7.55 65.45
C PRO C 1591 -17.76 7.61 66.97
N GLN C 1592 -16.77 6.99 67.63
CA GLN C 1592 -16.68 6.89 69.09
C GLN C 1592 -17.83 6.12 69.71
N ASN C 1593 -18.61 5.39 68.91
CA ASN C 1593 -19.62 4.51 69.49
C ASN C 1593 -18.95 3.42 70.32
N LYS C 1594 -17.88 2.83 69.80
CA LYS C 1594 -17.04 1.89 70.53
C LYS C 1594 -15.60 2.21 70.16
N GLN C 1595 -14.90 2.93 71.04
CA GLN C 1595 -13.51 3.30 70.77
C GLN C 1595 -12.63 2.06 70.63
N SER C 1596 -12.84 1.07 71.49
CA SER C 1596 -11.97 -0.11 71.49
C SER C 1596 -12.15 -0.93 70.22
N PHE C 1597 -13.39 -1.14 69.78
CA PHE C 1597 -13.63 -2.03 68.65
C PHE C 1597 -13.92 -1.29 67.35
N GLN C 1598 -15.00 -0.50 67.32
CA GLN C 1598 -15.48 0.01 66.05
C GLN C 1598 -14.58 1.11 65.51
N TYR C 1599 -14.19 2.06 66.34
CA TYR C 1599 -13.28 3.11 65.89
C TYR C 1599 -11.91 2.54 65.57
N ARG C 1600 -11.45 1.56 66.38
CA ARG C 1600 -10.16 0.92 66.12
C ARG C 1600 -10.16 0.20 64.77
N MET C 1601 -11.21 -0.56 64.47
CA MET C 1601 -11.22 -1.27 63.20
C MET C 1601 -11.33 -0.29 62.04
N TRP C 1602 -11.96 0.87 62.28
CA TRP C 1602 -11.94 1.96 61.32
C TRP C 1602 -10.51 2.40 61.00
N GLN C 1603 -9.71 2.69 62.02
CA GLN C 1603 -8.38 3.25 61.76
C GLN C 1603 -7.53 2.27 60.98
N PHE C 1604 -7.82 0.97 61.09
CA PHE C 1604 -7.11 -0.02 60.28
C PHE C 1604 -7.50 0.11 58.81
N VAL C 1605 -8.77 0.37 58.53
CA VAL C 1605 -9.23 0.50 57.15
C VAL C 1605 -8.56 1.71 56.48
N VAL C 1606 -8.34 2.78 57.25
CA VAL C 1606 -7.67 3.96 56.72
C VAL C 1606 -6.16 3.88 56.88
N SER C 1607 -5.66 2.87 57.59
CA SER C 1607 -4.24 2.77 57.83
C SER C 1607 -3.47 2.48 56.55
N PRO C 1608 -2.28 3.07 56.40
CA PRO C 1608 -1.48 2.85 55.19
C PRO C 1608 -1.17 1.39 54.93
N PRO C 1609 -0.90 0.55 55.95
CA PRO C 1609 -0.66 -0.87 55.64
C PRO C 1609 -1.81 -1.54 54.92
N PHE C 1610 -3.05 -1.16 55.22
CA PHE C 1610 -4.18 -1.73 54.49
C PHE C 1610 -4.22 -1.23 53.05
N GLU C 1611 -3.99 0.07 52.84
CA GLU C 1611 -4.11 0.65 51.51
C GLU C 1611 -3.08 0.05 50.55
N TYR C 1612 -1.83 -0.07 51.00
CA TYR C 1612 -0.80 -0.64 50.15
C TYR C 1612 -1.01 -2.13 49.95
N THR C 1613 -1.66 -2.80 50.91
CA THR C 1613 -2.09 -4.17 50.69
C THR C 1613 -3.12 -4.24 49.57
N ILE C 1614 -4.03 -3.27 49.52
CA ILE C 1614 -5.03 -3.23 48.47
C ILE C 1614 -4.38 -3.08 47.11
N MET C 1615 -3.44 -2.14 47.00
CA MET C 1615 -2.74 -1.91 45.74
C MET C 1615 -1.93 -3.14 45.32
N ALA C 1616 -1.31 -3.81 46.28
CA ALA C 1616 -0.52 -5.00 45.96
C ALA C 1616 -1.40 -6.11 45.41
N MET C 1617 -2.58 -6.32 45.99
CA MET C 1617 -3.44 -7.40 45.51
C MET C 1617 -3.99 -7.11 44.12
N ILE C 1618 -4.41 -5.86 43.87
CA ILE C 1618 -4.92 -5.51 42.55
C ILE C 1618 -3.84 -5.65 41.50
N ALA C 1619 -2.60 -5.30 41.84
CA ALA C 1619 -1.49 -5.50 40.90
C ALA C 1619 -1.27 -6.99 40.65
N LEU C 1620 -1.26 -7.79 41.71
CA LEU C 1620 -1.09 -9.23 41.53
C LEU C 1620 -2.29 -9.84 40.81
N ASN C 1621 -3.50 -9.36 41.12
CA ASN C 1621 -4.69 -9.88 40.46
C ASN C 1621 -4.66 -9.64 38.96
N THR C 1622 -4.16 -8.49 38.53
CA THR C 1622 -4.08 -8.20 37.10
C THR C 1622 -3.14 -9.14 36.39
N ILE C 1623 -1.99 -9.45 37.01
CA ILE C 1623 -1.02 -10.35 36.40
C ILE C 1623 -1.61 -11.74 36.24
N VAL C 1624 -2.53 -12.11 37.14
CA VAL C 1624 -3.21 -13.40 37.01
C VAL C 1624 -4.02 -13.44 35.72
N LEU C 1625 -4.71 -12.35 35.40
CA LEU C 1625 -5.47 -12.28 34.15
C LEU C 1625 -4.58 -12.20 32.93
N MET C 1626 -3.28 -11.94 33.11
CA MET C 1626 -2.36 -11.81 32.00
C MET C 1626 -1.63 -13.11 31.67
N MET C 1627 -1.77 -14.16 32.47
CA MET C 1627 -1.03 -15.39 32.26
C MET C 1627 -1.82 -16.44 31.50
N LYS C 1628 -3.02 -16.12 31.05
CA LYS C 1628 -3.72 -17.04 30.16
C LYS C 1628 -3.02 -17.10 28.82
N PHE C 1629 -2.92 -18.32 28.27
CA PHE C 1629 -2.38 -18.44 26.93
C PHE C 1629 -2.90 -19.70 26.27
N TYR C 1630 -2.77 -19.74 24.95
CA TYR C 1630 -3.30 -20.84 24.15
C TYR C 1630 -2.44 -22.08 24.34
N GLY C 1631 -3.08 -23.22 24.54
CA GLY C 1631 -2.36 -24.46 24.72
C GLY C 1631 -1.87 -24.73 26.12
N ALA C 1632 -2.31 -23.96 27.10
CA ALA C 1632 -1.87 -24.18 28.47
C ALA C 1632 -2.43 -25.49 29.01
N SER C 1633 -1.64 -26.15 29.84
CA SER C 1633 -2.02 -27.44 30.40
C SER C 1633 -3.21 -27.29 31.35
N VAL C 1634 -3.97 -28.37 31.49
CA VAL C 1634 -5.12 -28.38 32.39
C VAL C 1634 -4.69 -28.11 33.82
N ALA C 1635 -3.45 -28.50 34.16
CA ALA C 1635 -2.90 -28.11 35.45
C ALA C 1635 -2.71 -26.60 35.52
N TYR C 1636 -2.22 -26.00 34.44
CA TYR C 1636 -2.02 -24.55 34.42
C TYR C 1636 -3.36 -23.82 34.49
N GLU C 1637 -4.34 -24.26 33.70
CA GLU C 1637 -5.65 -23.63 33.72
C GLU C 1637 -6.28 -23.73 35.10
N ASN C 1638 -6.15 -24.89 35.75
CA ASN C 1638 -6.67 -25.04 37.10
C ASN C 1638 -5.93 -24.15 38.09
N ALA C 1639 -4.61 -24.05 37.96
CA ALA C 1639 -3.83 -23.23 38.89
C ALA C 1639 -4.23 -21.77 38.78
N LEU C 1640 -4.44 -21.28 37.56
CA LEU C 1640 -4.90 -19.91 37.39
C LEU C 1640 -6.27 -19.70 38.01
N ARG C 1641 -7.17 -20.67 37.85
CA ARG C 1641 -8.51 -20.56 38.40
C ARG C 1641 -8.50 -20.60 39.92
N VAL C 1642 -7.55 -21.33 40.51
CA VAL C 1642 -7.45 -21.38 41.97
C VAL C 1642 -7.08 -20.01 42.53
N PHE C 1643 -6.14 -19.32 41.88
CA PHE C 1643 -5.75 -18.00 42.35
C PHE C 1643 -6.91 -17.02 42.28
N ASN C 1644 -7.84 -17.23 41.35
CA ASN C 1644 -9.05 -16.40 41.29
C ASN C 1644 -9.84 -16.53 42.58
N ILE C 1645 -9.99 -17.75 43.09
CA ILE C 1645 -10.77 -17.97 44.30
C ILE C 1645 -10.10 -17.32 45.49
N VAL C 1646 -8.77 -17.32 45.52
CA VAL C 1646 -8.04 -16.69 46.62
C VAL C 1646 -8.27 -15.18 46.60
N PHE C 1647 -8.15 -14.56 45.43
CA PHE C 1647 -8.30 -13.12 45.34
C PHE C 1647 -9.73 -12.68 45.61
N THR C 1648 -10.71 -13.37 45.01
CA THR C 1648 -12.10 -12.96 45.21
C THR C 1648 -12.51 -13.08 46.66
N SER C 1649 -11.85 -13.95 47.42
CA SER C 1649 -12.08 -14.02 48.85
C SER C 1649 -11.55 -12.78 49.54
N LEU C 1650 -10.28 -12.43 49.31
CA LEU C 1650 -9.70 -11.26 49.96
C LEU C 1650 -10.43 -9.99 49.54
N PHE C 1651 -10.77 -9.88 48.27
CA PHE C 1651 -11.50 -8.71 47.80
C PHE C 1651 -12.89 -8.65 48.41
N SER C 1652 -13.40 -9.76 48.90
CA SER C 1652 -14.68 -9.72 49.58
C SER C 1652 -14.48 -9.28 51.02
N LEU C 1653 -13.34 -9.61 51.63
CA LEU C 1653 -13.06 -9.15 52.99
C LEU C 1653 -12.94 -7.63 53.05
N GLU C 1654 -12.35 -7.02 52.05
CA GLU C 1654 -12.19 -5.57 52.05
C GLU C 1654 -13.56 -4.92 52.06
N CYS C 1655 -14.50 -5.43 51.29
CA CYS C 1655 -15.86 -4.89 51.29
C CYS C 1655 -16.52 -5.11 52.64
N VAL C 1656 -16.37 -6.30 53.21
CA VAL C 1656 -16.95 -6.58 54.53
C VAL C 1656 -16.29 -5.69 55.58
N LEU C 1657 -14.97 -5.54 55.51
CA LEU C 1657 -14.25 -4.74 56.50
C LEU C 1657 -14.61 -3.26 56.38
N LYS C 1658 -14.71 -2.73 55.16
CA LYS C 1658 -15.06 -1.32 55.01
C LYS C 1658 -16.49 -1.04 55.44
N VAL C 1659 -17.42 -1.95 55.12
CA VAL C 1659 -18.83 -1.67 55.39
C VAL C 1659 -19.06 -1.52 56.89
N MET C 1660 -18.48 -2.41 57.69
CA MET C 1660 -18.62 -2.31 59.14
C MET C 1660 -17.98 -1.04 59.67
N ALA C 1661 -16.77 -0.72 59.18
CA ALA C 1661 -16.07 0.49 59.66
C ALA C 1661 -16.77 1.76 59.20
N PHE C 1662 -17.10 1.84 57.90
CA PHE C 1662 -17.73 3.06 57.40
C PHE C 1662 -19.21 3.12 57.77
N GLY C 1663 -19.85 1.98 57.96
CA GLY C 1663 -21.28 2.01 58.16
C GLY C 1663 -22.03 1.61 56.90
N ILE C 1664 -23.27 1.14 57.09
CA ILE C 1664 -24.05 0.67 55.96
C ILE C 1664 -24.30 1.80 54.97
N LEU C 1665 -24.63 2.99 55.48
CA LEU C 1665 -25.09 4.08 54.62
C LEU C 1665 -23.94 4.92 54.08
N ASN C 1666 -23.01 5.33 54.94
CA ASN C 1666 -21.96 6.22 54.48
C ASN C 1666 -21.07 5.55 53.43
N TYR C 1667 -20.79 4.26 53.62
CA TYR C 1667 -19.97 3.54 52.65
C TYR C 1667 -20.61 3.54 51.28
N PHE C 1668 -21.93 3.32 51.21
CA PHE C 1668 -22.64 3.21 49.95
C PHE C 1668 -22.91 4.56 49.30
N ARG C 1669 -22.24 5.62 49.74
CA ARG C 1669 -22.38 6.94 49.14
C ARG C 1669 -21.20 7.34 48.27
N ASP C 1670 -20.22 6.45 48.12
CA ASP C 1670 -19.03 6.70 47.31
C ASP C 1670 -19.06 5.81 46.08
N ALA C 1671 -18.82 6.43 44.91
CA ALA C 1671 -19.00 5.73 43.64
C ALA C 1671 -18.11 4.50 43.55
N TRP C 1672 -16.86 4.61 44.02
CA TRP C 1672 -15.96 3.46 43.97
C TRP C 1672 -16.44 2.32 44.85
N ASN C 1673 -17.09 2.64 45.98
CA ASN C 1673 -17.55 1.60 46.89
C ASN C 1673 -18.63 0.73 46.25
N ILE C 1674 -19.59 1.35 45.55
CA ILE C 1674 -20.57 0.57 44.79
C ILE C 1674 -19.87 -0.19 43.67
N PHE C 1675 -18.97 0.49 42.96
CA PHE C 1675 -18.22 -0.16 41.89
C PHE C 1675 -17.46 -1.37 42.42
N ASP C 1676 -16.83 -1.21 43.58
CA ASP C 1676 -16.15 -2.34 44.22
C ASP C 1676 -17.17 -3.40 44.64
N PHE C 1677 -18.31 -2.98 45.18
CA PHE C 1677 -19.30 -3.94 45.67
C PHE C 1677 -19.92 -4.75 44.54
N VAL C 1678 -20.25 -4.11 43.41
CA VAL C 1678 -20.83 -4.85 42.31
C VAL C 1678 -19.81 -5.82 41.73
N THR C 1679 -18.53 -5.44 41.77
CA THR C 1679 -17.49 -6.32 41.24
C THR C 1679 -17.35 -7.59 42.07
N VAL C 1680 -17.31 -7.46 43.40
CA VAL C 1680 -17.18 -8.65 44.25
C VAL C 1680 -18.44 -9.51 44.15
N LEU C 1681 -19.62 -8.86 44.11
CA LEU C 1681 -20.86 -9.62 44.00
C LEU C 1681 -20.93 -10.40 42.69
N GLY C 1682 -20.46 -9.79 41.60
CA GLY C 1682 -20.49 -10.48 40.33
C GLY C 1682 -19.56 -11.68 40.29
N SER C 1683 -18.33 -11.50 40.81
CA SER C 1683 -17.36 -12.59 40.78
C SER C 1683 -17.79 -13.75 41.68
N ILE C 1684 -18.26 -13.44 42.89
CA ILE C 1684 -18.66 -14.49 43.81
C ILE C 1684 -19.84 -15.27 43.26
N THR C 1685 -20.65 -14.63 42.41
CA THR C 1685 -21.82 -15.30 41.84
C THR C 1685 -21.40 -16.49 40.98
N ASP C 1686 -20.45 -16.29 40.07
CA ASP C 1686 -20.06 -17.33 39.15
C ASP C 1686 -19.49 -18.55 39.85
N ILE C 1687 -18.72 -18.32 40.92
CA ILE C 1687 -18.01 -19.42 41.58
C ILE C 1687 -18.99 -20.45 42.13
N LEU C 1688 -20.06 -19.99 42.77
CA LEU C 1688 -21.04 -20.92 43.33
C LEU C 1688 -21.73 -21.72 42.24
N VAL C 1689 -22.07 -21.07 41.12
CA VAL C 1689 -22.76 -21.76 40.03
C VAL C 1689 -21.93 -22.90 39.46
N THR C 1690 -20.61 -22.72 39.40
CA THR C 1690 -19.75 -23.76 38.86
C THR C 1690 -19.85 -25.04 39.67
N GLU C 1691 -19.83 -24.93 41.00
CA GLU C 1691 -19.93 -26.11 41.85
C GLU C 1691 -21.37 -26.60 42.01
N PHE C 1692 -22.33 -25.68 41.98
CA PHE C 1692 -23.74 -26.03 42.21
C PHE C 1692 -24.40 -26.43 40.89
N LEU C 1699 -21.48 -17.95 31.45
CA LEU C 1699 -20.10 -17.51 31.26
C LEU C 1699 -19.77 -16.37 32.21
N SER C 1700 -18.52 -16.32 32.66
CA SER C 1700 -18.06 -15.30 33.59
C SER C 1700 -17.32 -14.20 32.82
N PHE C 1701 -18.10 -13.39 32.10
CA PHE C 1701 -17.57 -12.18 31.50
C PHE C 1701 -17.77 -10.97 32.39
N LEU C 1702 -18.53 -11.10 33.47
CA LEU C 1702 -18.73 -10.03 34.44
C LEU C 1702 -17.61 -9.98 35.46
N ARG C 1703 -16.67 -10.92 35.39
CA ARG C 1703 -15.43 -10.81 36.14
C ARG C 1703 -14.44 -9.89 35.44
N LEU C 1704 -14.74 -9.50 34.20
CA LEU C 1704 -13.97 -8.45 33.55
C LEU C 1704 -14.26 -7.09 34.17
N PHE C 1705 -15.27 -6.99 35.03
CA PHE C 1705 -15.36 -5.85 35.94
C PHE C 1705 -14.16 -5.82 36.88
N ARG C 1706 -13.70 -7.00 37.31
CA ARG C 1706 -12.48 -7.08 38.10
C ARG C 1706 -11.28 -6.59 37.31
N ALA C 1707 -11.29 -6.78 35.99
CA ALA C 1707 -10.23 -6.22 35.16
C ALA C 1707 -10.22 -4.70 35.26
N ALA C 1708 -11.37 -4.09 35.55
CA ALA C 1708 -11.45 -2.64 35.69
C ALA C 1708 -10.92 -2.15 37.04
N ARG C 1709 -10.56 -3.05 37.96
CA ARG C 1709 -9.96 -2.62 39.22
C ARG C 1709 -8.64 -1.89 39.01
N LEU C 1710 -7.95 -2.17 37.91
CA LEU C 1710 -6.68 -1.49 37.63
C LEU C 1710 -6.87 0.01 37.53
N ILE C 1711 -8.10 0.46 37.24
CA ILE C 1711 -8.38 1.88 37.16
C ILE C 1711 -8.16 2.55 38.51
N LYS C 1712 -8.37 1.82 39.61
CA LYS C 1712 -8.16 2.39 40.94
C LYS C 1712 -6.73 2.86 41.14
N LEU C 1713 -5.76 2.27 40.44
CA LEU C 1713 -4.37 2.71 40.54
C LEU C 1713 -4.18 4.11 39.97
N LEU C 1714 -5.12 4.59 39.15
CA LEU C 1714 -4.97 5.91 38.54
C LEU C 1714 -5.01 7.02 39.59
N ARG C 1715 -5.76 6.80 40.67
CA ARG C 1715 -5.94 7.84 41.68
C ARG C 1715 -4.62 8.24 42.33
N GLN C 1716 -3.64 7.34 42.32
CA GLN C 1716 -2.32 7.69 42.88
C GLN C 1716 -1.61 8.72 42.01
N GLY C 1717 -1.69 8.58 40.69
CA GLY C 1717 -1.14 9.56 39.80
C GLY C 1717 -2.08 10.73 39.62
N TYR C 1718 -1.69 11.90 40.12
CA TYR C 1718 -2.62 13.03 40.18
C TYR C 1718 -2.86 13.64 38.80
N THR C 1719 -1.80 14.06 38.12
CA THR C 1719 -1.96 14.83 36.88
C THR C 1719 -2.71 14.05 35.81
N ILE C 1720 -2.59 12.72 35.81
CA ILE C 1720 -3.39 11.91 34.89
C ILE C 1720 -4.85 11.93 35.30
N ARG C 1721 -5.13 11.79 36.60
CA ARG C 1721 -6.51 11.71 37.07
C ARG C 1721 -7.27 13.00 36.77
N ILE C 1722 -6.63 14.15 37.01
CA ILE C 1722 -7.28 15.43 36.73
C ILE C 1722 -7.51 15.61 35.24
N LEU C 1723 -6.51 15.24 34.44
CA LEU C 1723 -6.63 15.39 32.99
C LEU C 1723 -7.72 14.49 32.42
N LEU C 1724 -7.80 13.24 32.89
CA LEU C 1724 -8.84 12.35 32.42
C LEU C 1724 -10.22 12.80 32.90
N TRP C 1725 -10.30 13.26 34.15
CA TRP C 1725 -11.61 13.63 34.70
C TRP C 1725 -12.14 14.89 34.04
N THR C 1726 -11.29 15.90 33.83
CA THR C 1726 -11.75 17.16 33.27
C THR C 1726 -12.30 16.98 31.86
N PHE C 1727 -11.62 16.17 31.04
CA PHE C 1727 -12.10 15.96 29.68
C PHE C 1727 -13.41 15.18 29.66
N VAL C 1728 -13.56 14.23 30.58
CA VAL C 1728 -14.81 13.47 30.65
C VAL C 1728 -15.96 14.39 31.04
N GLN C 1729 -15.74 15.29 32.00
CA GLN C 1729 -16.78 16.24 32.38
C GLN C 1729 -17.16 17.14 31.22
N SER C 1730 -16.21 17.47 30.35
CA SER C 1730 -16.50 18.36 29.24
C SER C 1730 -17.40 17.69 28.21
N PHE C 1731 -17.26 16.37 28.05
CA PHE C 1731 -18.13 15.66 27.13
C PHE C 1731 -19.57 15.62 27.62
N LYS C 1732 -19.76 15.66 28.95
CA LYS C 1732 -21.11 15.70 29.49
C LYS C 1732 -21.74 17.08 29.33
N ALA C 1733 -20.94 18.14 29.36
CA ALA C 1733 -21.47 19.48 29.20
C ALA C 1733 -21.76 19.84 27.76
N LEU C 1734 -21.45 18.96 26.81
CA LEU C 1734 -21.68 19.18 25.39
C LEU C 1734 -22.46 18.02 24.79
N PRO C 1735 -23.72 17.83 25.19
CA PRO C 1735 -24.47 16.68 24.66
C PRO C 1735 -25.00 16.92 23.26
N TYR C 1736 -25.40 18.14 22.93
CA TYR C 1736 -26.00 18.39 21.63
C TYR C 1736 -24.96 18.38 20.52
N VAL C 1737 -23.70 18.68 20.83
CA VAL C 1737 -22.66 18.57 19.82
C VAL C 1737 -22.50 17.12 19.38
N CYS C 1738 -22.61 16.18 20.32
CA CYS C 1738 -22.59 14.77 19.96
C CYS C 1738 -23.84 14.39 19.18
N LEU C 1739 -24.96 15.03 19.48
CA LEU C 1739 -26.20 14.73 18.77
C LEU C 1739 -26.11 15.11 17.30
N LEU C 1740 -25.43 16.21 16.99
CA LEU C 1740 -25.28 16.62 15.59
C LEU C 1740 -24.51 15.58 14.79
N ILE C 1741 -23.47 14.99 15.38
CA ILE C 1741 -22.74 13.93 14.69
C ILE C 1741 -23.63 12.72 14.49
N ALA C 1742 -24.49 12.42 15.46
CA ALA C 1742 -25.39 11.28 15.34
C ALA C 1742 -26.39 11.48 14.21
N MET C 1743 -26.86 12.72 14.01
CA MET C 1743 -27.78 12.98 12.91
C MET C 1743 -27.11 12.83 11.55
N LEU C 1744 -25.83 13.22 11.46
CA LEU C 1744 -25.12 13.02 10.20
C LEU C 1744 -25.03 11.55 9.84
N PHE C 1745 -24.77 10.69 10.82
CA PHE C 1745 -24.76 9.25 10.57
C PHE C 1745 -26.15 8.74 10.25
N PHE C 1746 -27.17 9.31 10.88
CA PHE C 1746 -28.54 8.88 10.61
C PHE C 1746 -28.95 9.20 9.18
N ILE C 1747 -28.75 10.45 8.76
CA ILE C 1747 -29.17 10.87 7.43
C ILE C 1747 -28.41 10.11 6.36
N TYR C 1748 -27.10 9.96 6.53
CA TYR C 1748 -26.31 9.25 5.53
C TYR C 1748 -26.58 7.76 5.54
N ALA C 1749 -27.07 7.21 6.64
CA ALA C 1749 -27.42 5.80 6.67
C ALA C 1749 -28.70 5.53 5.89
N ILE C 1750 -29.72 6.38 6.07
CA ILE C 1750 -30.99 6.17 5.38
C ILE C 1750 -30.82 6.36 3.88
N ILE C 1751 -30.03 7.35 3.46
CA ILE C 1751 -29.78 7.55 2.04
C ILE C 1751 -29.09 6.33 1.45
N GLY C 1752 -28.18 5.72 2.20
CA GLY C 1752 -27.48 4.55 1.70
C GLY C 1752 -28.39 3.37 1.50
N MET C 1753 -29.33 3.14 2.43
CA MET C 1753 -30.22 2.00 2.32
C MET C 1753 -31.11 2.12 1.09
N GLN C 1754 -31.65 3.31 0.85
CA GLN C 1754 -32.60 3.47 -0.26
C GLN C 1754 -31.88 3.42 -1.61
N VAL C 1755 -30.68 3.97 -1.68
CA VAL C 1755 -29.99 4.06 -2.97
C VAL C 1755 -29.16 2.80 -3.23
N PHE C 1756 -28.32 2.40 -2.27
CA PHE C 1756 -27.36 1.33 -2.47
C PHE C 1756 -27.79 0.02 -1.83
N GLY C 1757 -29.00 -0.07 -1.30
CA GLY C 1757 -29.41 -1.28 -0.60
C GLY C 1757 -29.61 -2.47 -1.52
N ASN C 1758 -30.04 -2.21 -2.76
CA ASN C 1758 -30.44 -3.30 -3.64
C ASN C 1758 -29.27 -4.14 -4.14
N ILE C 1759 -28.05 -3.62 -4.04
CA ILE C 1759 -26.90 -4.31 -4.61
C ILE C 1759 -26.77 -5.70 -4.02
N GLY C 1760 -26.52 -6.68 -4.88
CA GLY C 1760 -26.43 -8.05 -4.41
C GLY C 1760 -25.05 -8.37 -3.87
N ILE C 1761 -25.02 -9.28 -2.90
CA ILE C 1761 -23.79 -9.71 -2.25
C ILE C 1761 -23.49 -11.17 -2.49
N ASP C 1762 -24.45 -11.94 -3.00
CA ASP C 1762 -24.24 -13.38 -3.17
C ASP C 1762 -23.25 -13.66 -4.29
N VAL C 1763 -22.96 -12.65 -5.11
CA VAL C 1763 -22.06 -12.85 -6.25
C VAL C 1763 -20.67 -13.20 -5.76
N GLU C 1764 -20.16 -14.33 -6.23
CA GLU C 1764 -18.78 -14.73 -5.97
C GLU C 1764 -18.34 -15.65 -7.09
N ASP C 1765 -17.07 -15.53 -7.47
CA ASP C 1765 -16.56 -16.25 -8.62
C ASP C 1765 -15.09 -16.58 -8.41
N GLU C 1766 -14.58 -17.46 -9.28
CA GLU C 1766 -13.17 -17.84 -9.21
C GLU C 1766 -12.26 -16.65 -9.48
N ASP C 1767 -12.76 -15.63 -10.18
CA ASP C 1767 -11.99 -14.42 -10.40
C ASP C 1767 -11.60 -13.76 -9.09
N SER C 1768 -12.58 -13.59 -8.19
CA SER C 1768 -12.34 -13.14 -6.82
C SER C 1768 -11.52 -11.86 -6.76
N ASP C 1769 -11.91 -10.89 -7.59
CA ASP C 1769 -11.28 -9.58 -7.57
C ASP C 1769 -11.77 -8.87 -6.31
N GLU C 1770 -11.05 -9.06 -5.21
CA GLU C 1770 -11.54 -8.60 -3.92
C GLU C 1770 -11.65 -7.09 -3.86
N ASP C 1771 -10.74 -6.37 -4.50
CA ASP C 1771 -10.84 -4.92 -4.57
C ASP C 1771 -12.07 -4.49 -5.35
N GLU C 1772 -12.46 -5.29 -6.34
CA GLU C 1772 -13.63 -4.96 -7.16
C GLU C 1772 -14.91 -5.03 -6.34
N PHE C 1773 -15.04 -6.04 -5.49
CA PHE C 1773 -16.27 -6.31 -4.73
C PHE C 1773 -15.99 -6.13 -3.25
N GLN C 1774 -16.44 -5.00 -2.69
CA GLN C 1774 -16.33 -4.74 -1.26
C GLN C 1774 -17.69 -4.69 -0.58
N ILE C 1775 -18.76 -4.98 -1.31
CA ILE C 1775 -20.10 -5.05 -0.76
C ILE C 1775 -20.37 -6.53 -0.52
N THR C 1776 -20.15 -6.99 0.72
CA THR C 1776 -20.24 -8.40 1.03
C THR C 1776 -21.20 -8.65 2.18
N GLU C 1777 -21.20 -9.88 2.70
CA GLU C 1777 -22.04 -10.22 3.84
C GLU C 1777 -21.75 -9.32 5.03
N HIS C 1778 -20.49 -8.98 5.25
CA HIS C 1778 -20.10 -8.15 6.38
C HIS C 1778 -20.27 -6.67 6.14
N ASN C 1779 -20.03 -6.22 4.91
CA ASN C 1779 -20.05 -4.81 4.55
C ASN C 1779 -21.15 -4.60 3.51
N ASN C 1780 -22.25 -3.98 3.92
CA ASN C 1780 -23.36 -3.71 3.00
C ASN C 1780 -24.29 -2.68 3.61
N PHE C 1781 -25.29 -2.29 2.81
CA PHE C 1781 -26.29 -1.30 3.21
C PHE C 1781 -27.64 -1.93 3.51
N ARG C 1782 -27.67 -3.24 3.77
CA ARG C 1782 -28.95 -3.96 3.77
C ARG C 1782 -29.84 -3.56 4.94
N THR C 1783 -29.26 -3.35 6.12
CA THR C 1783 -30.05 -2.96 7.28
C THR C 1783 -29.54 -1.63 7.82
N PHE C 1784 -30.29 -1.06 8.77
CA PHE C 1784 -29.86 0.19 9.37
C PHE C 1784 -28.54 0.01 10.10
N PHE C 1785 -28.40 -1.07 10.85
CA PHE C 1785 -27.16 -1.28 11.61
C PHE C 1785 -26.01 -1.68 10.69
N GLN C 1786 -26.28 -2.50 9.68
CA GLN C 1786 -25.26 -2.81 8.70
C GLN C 1786 -24.85 -1.57 7.92
N ALA C 1787 -25.73 -0.57 7.81
CA ALA C 1787 -25.37 0.68 7.17
C ALA C 1787 -24.48 1.53 8.06
N LEU C 1788 -24.79 1.58 9.36
CA LEU C 1788 -24.00 2.39 10.29
C LEU C 1788 -22.57 1.87 10.39
N MET C 1789 -22.39 0.56 10.38
CA MET C 1789 -21.05 0.00 10.41
C MET C 1789 -20.25 0.41 9.17
N LEU C 1790 -20.91 0.43 8.01
CA LEU C 1790 -20.24 0.87 6.80
C LEU C 1790 -19.79 2.32 6.90
N LEU C 1791 -20.61 3.18 7.50
CA LEU C 1791 -20.27 4.59 7.66
C LEU C 1791 -19.30 4.82 8.79
N PHE C 1792 -19.11 3.87 9.68
CA PHE C 1792 -18.07 3.95 10.69
C PHE C 1792 -16.74 3.41 10.19
N ARG C 1793 -16.77 2.35 9.38
CA ARG C 1793 -15.56 1.89 8.73
C ARG C 1793 -14.98 2.96 7.81
N SER C 1794 -15.85 3.63 7.05
CA SER C 1794 -15.40 4.67 6.15
C SER C 1794 -14.90 5.90 6.91
N ALA C 1795 -15.53 6.20 8.05
CA ALA C 1795 -15.08 7.34 8.85
C ALA C 1795 -13.66 7.12 9.36
N THR C 1796 -13.35 5.91 9.80
CA THR C 1796 -11.98 5.56 10.13
C THR C 1796 -11.11 5.41 8.89
N GLY C 1797 -11.71 5.24 7.73
CA GLY C 1797 -10.98 5.25 6.48
C GLY C 1797 -10.56 3.92 5.92
N GLU C 1798 -11.10 2.81 6.43
CA GLU C 1798 -10.67 1.50 5.97
C GLU C 1798 -11.17 1.24 4.55
N ALA C 1799 -10.33 1.58 3.56
CA ALA C 1799 -10.60 1.31 2.15
C ALA C 1799 -11.94 1.89 1.70
N TRP C 1800 -12.25 3.10 2.16
CA TRP C 1800 -13.51 3.73 1.77
C TRP C 1800 -13.58 3.98 0.27
N HIS C 1801 -12.43 4.16 -0.39
CA HIS C 1801 -12.44 4.43 -1.82
C HIS C 1801 -12.87 3.19 -2.61
N ASN C 1802 -12.53 2.01 -2.13
CA ASN C 1802 -12.95 0.79 -2.81
C ASN C 1802 -14.43 0.52 -2.59
N ILE C 1803 -14.97 0.94 -1.44
CA ILE C 1803 -16.42 0.82 -1.23
C ILE C 1803 -17.17 1.75 -2.16
N MET C 1804 -16.62 2.95 -2.40
CA MET C 1804 -17.29 3.90 -3.28
C MET C 1804 -17.38 3.33 -4.70
N LEU C 1805 -16.30 2.68 -5.16
CA LEU C 1805 -16.33 2.09 -6.50
C LEU C 1805 -17.29 0.93 -6.57
N SER C 1806 -17.42 0.17 -5.49
CA SER C 1806 -18.29 -1.01 -5.49
C SER C 1806 -19.76 -0.61 -5.57
N CYS C 1807 -20.09 0.63 -5.20
CA CYS C 1807 -21.46 1.10 -5.19
C CYS C 1807 -21.87 1.78 -6.49
N LEU C 1808 -21.00 1.85 -7.49
CA LEU C 1808 -21.31 2.56 -8.71
C LEU C 1808 -22.31 1.77 -9.56
N SER C 1809 -22.60 2.29 -10.75
CA SER C 1809 -23.67 1.74 -11.57
C SER C 1809 -23.27 0.38 -12.16
N GLY C 1810 -24.27 -0.31 -12.70
CA GLY C 1810 -24.04 -1.55 -13.41
C GLY C 1810 -23.54 -2.69 -12.56
N LYS C 1811 -24.14 -2.89 -11.39
CA LYS C 1811 -23.80 -3.97 -10.50
C LYS C 1811 -24.94 -4.97 -10.43
N PRO C 1812 -24.65 -6.25 -10.18
CA PRO C 1812 -25.73 -7.23 -10.05
C PRO C 1812 -26.65 -6.89 -8.89
N CYS C 1813 -27.94 -7.16 -9.08
CA CYS C 1813 -28.93 -6.91 -8.04
C CYS C 1813 -29.21 -8.18 -7.24
N ASP C 1814 -29.92 -8.01 -6.13
CA ASP C 1814 -30.22 -9.15 -5.29
C ASP C 1814 -31.24 -10.06 -5.96
N LYS C 1815 -31.26 -11.33 -5.52
CA LYS C 1815 -32.17 -12.30 -6.10
C LYS C 1815 -33.62 -11.92 -5.86
N ASN C 1816 -33.91 -11.36 -4.69
CA ASN C 1816 -35.26 -10.95 -4.31
C ASN C 1816 -35.46 -9.45 -4.41
N SER C 1817 -34.54 -8.72 -5.05
CA SER C 1817 -34.67 -7.28 -5.15
C SER C 1817 -35.79 -6.88 -6.12
N GLY C 1818 -36.27 -7.81 -6.92
CA GLY C 1818 -37.29 -7.50 -7.91
C GLY C 1818 -36.75 -6.97 -9.22
N ILE C 1819 -35.43 -6.87 -9.37
CA ILE C 1819 -34.81 -6.43 -10.61
C ILE C 1819 -34.01 -7.60 -11.16
N LEU C 1820 -34.32 -8.00 -12.40
CA LEU C 1820 -33.72 -9.19 -12.99
C LEU C 1820 -32.52 -8.88 -13.88
N THR C 1821 -32.12 -7.62 -13.98
CA THR C 1821 -31.00 -7.23 -14.81
C THR C 1821 -29.93 -6.56 -13.96
N ARG C 1822 -28.72 -6.45 -14.54
CA ARG C 1822 -27.59 -5.87 -13.83
C ARG C 1822 -27.70 -4.35 -13.87
N GLU C 1823 -28.72 -3.85 -13.17
CA GLU C 1823 -28.96 -2.41 -13.06
C GLU C 1823 -29.15 -2.07 -11.58
N CYS C 1824 -28.04 -1.87 -10.88
CA CYS C 1824 -28.04 -1.52 -9.47
C CYS C 1824 -26.82 -0.66 -9.16
N GLY C 1825 -26.93 0.11 -8.09
CA GLY C 1825 -25.93 1.13 -7.81
C GLY C 1825 -26.23 2.42 -8.55
N ASN C 1826 -25.54 3.48 -8.13
CA ASN C 1826 -25.76 4.80 -8.69
C ASN C 1826 -24.41 5.48 -8.91
N GLU C 1827 -24.40 6.49 -9.79
CA GLU C 1827 -23.26 7.39 -9.92
C GLU C 1827 -23.29 8.46 -8.85
N PHE C 1828 -24.29 8.42 -7.98
CA PHE C 1828 -24.35 9.23 -6.78
C PHE C 1828 -23.34 8.79 -5.73
N ALA C 1829 -22.68 7.65 -5.95
CA ALA C 1829 -21.72 7.14 -4.99
C ALA C 1829 -20.51 8.06 -4.89
N TYR C 1830 -20.18 8.79 -5.96
CA TYR C 1830 -19.09 9.75 -5.88
C TYR C 1830 -19.42 10.85 -4.88
N PHE C 1831 -20.59 11.48 -5.00
CA PHE C 1831 -20.96 12.54 -4.09
C PHE C 1831 -21.27 11.99 -2.70
N TYR C 1832 -21.80 10.77 -2.63
CA TYR C 1832 -22.20 10.21 -1.34
C TYR C 1832 -21.00 10.06 -0.41
N PHE C 1833 -19.89 9.51 -0.93
CA PHE C 1833 -18.76 9.23 -0.06
C PHE C 1833 -17.84 10.42 0.09
N VAL C 1834 -17.64 11.19 -0.97
CA VAL C 1834 -16.74 12.34 -0.90
C VAL C 1834 -17.27 13.37 0.09
N SER C 1835 -18.57 13.63 0.06
CA SER C 1835 -19.14 14.60 0.99
C SER C 1835 -19.14 14.07 2.41
N PHE C 1836 -19.32 12.76 2.59
CA PHE C 1836 -19.33 12.19 3.93
C PHE C 1836 -17.98 12.36 4.62
N ILE C 1837 -16.89 12.11 3.88
CA ILE C 1837 -15.57 12.22 4.49
C ILE C 1837 -15.28 13.65 4.90
N PHE C 1838 -15.72 14.62 4.11
CA PHE C 1838 -15.55 16.02 4.49
C PHE C 1838 -16.40 16.37 5.69
N LEU C 1839 -17.67 15.97 5.69
CA LEU C 1839 -18.58 16.36 6.77
C LEU C 1839 -18.26 15.63 8.06
N CYS C 1840 -17.90 14.35 7.98
CA CYS C 1840 -17.56 13.61 9.18
C CYS C 1840 -16.32 14.18 9.85
N SER C 1841 -15.30 14.51 9.05
CA SER C 1841 -14.07 15.08 9.62
C SER C 1841 -14.30 16.49 10.15
N PHE C 1842 -15.16 17.27 9.49
CA PHE C 1842 -15.42 18.63 9.96
C PHE C 1842 -16.22 18.62 11.26
N LEU C 1843 -17.27 17.81 11.33
CA LEU C 1843 -18.09 17.77 12.54
C LEU C 1843 -17.31 17.18 13.71
N MET C 1844 -16.50 16.17 13.45
CA MET C 1844 -15.67 15.60 14.52
C MET C 1844 -14.64 16.61 15.00
N LEU C 1845 -14.08 17.41 14.09
CA LEU C 1845 -13.11 18.43 14.48
C LEU C 1845 -13.75 19.49 15.36
N ASN C 1846 -14.97 19.90 15.04
CA ASN C 1846 -15.65 20.89 15.88
C ASN C 1846 -15.94 20.33 17.26
N LEU C 1847 -16.21 19.03 17.35
CA LEU C 1847 -16.36 18.39 18.66
C LEU C 1847 -15.06 18.46 19.44
N PHE C 1848 -13.93 18.23 18.77
CA PHE C 1848 -12.64 18.25 19.46
C PHE C 1848 -12.34 19.63 20.03
N VAL C 1849 -12.49 20.67 19.22
CA VAL C 1849 -12.16 22.02 19.67
C VAL C 1849 -13.11 22.47 20.76
N ALA C 1850 -14.38 22.07 20.69
CA ALA C 1850 -15.32 22.45 21.73
C ALA C 1850 -14.92 21.87 23.08
N VAL C 1851 -14.50 20.60 23.10
CA VAL C 1851 -14.05 19.98 24.34
C VAL C 1851 -12.70 20.57 24.78
N ILE C 1852 -11.80 20.80 23.82
CA ILE C 1852 -10.50 21.39 24.17
C ILE C 1852 -10.68 22.79 24.73
N MET C 1853 -11.47 23.63 24.04
CA MET C 1853 -11.54 25.02 24.42
C MET C 1853 -12.43 25.22 25.65
N ASP C 1854 -13.14 24.18 26.08
CA ASP C 1854 -13.87 24.24 27.34
C ASP C 1854 -12.93 24.15 28.53
N ASN C 1855 -11.88 23.34 28.42
CA ASN C 1855 -10.89 23.18 29.49
C ASN C 1855 -9.63 23.98 29.22
N PHE C 1856 -9.73 25.09 28.50
CA PHE C 1856 -8.52 25.78 28.05
C PHE C 1856 -7.82 26.46 29.21
N GLU C 1857 -8.56 26.80 30.27
CA GLU C 1857 -7.91 27.34 31.47
C GLU C 1857 -6.99 26.31 32.10
N TYR C 1858 -7.41 25.05 32.17
CA TYR C 1858 -6.56 24.02 32.76
C TYR C 1858 -5.36 23.70 31.88
N LEU C 1859 -5.57 23.63 30.56
CA LEU C 1859 -4.48 23.24 29.68
C LEU C 1859 -3.36 24.29 29.68
N THR C 1860 -3.73 25.56 29.77
CA THR C 1860 -2.75 26.64 29.84
C THR C 1860 -2.46 27.06 31.27
N ARG C 1861 -2.61 26.17 32.24
CA ARG C 1861 -2.36 26.49 33.63
C ARG C 1861 -0.87 26.63 33.88
N ASP C 1862 -0.53 27.36 34.94
CA ASP C 1862 0.83 27.46 35.43
C ASP C 1862 0.82 27.15 36.92
N SER C 1863 1.75 26.31 37.36
CA SER C 1863 1.76 25.88 38.76
C SER C 1863 2.00 27.05 39.71
N SER C 1864 2.72 28.08 39.24
CA SER C 1864 3.02 29.21 40.10
C SER C 1864 1.76 29.97 40.48
N ILE C 1865 0.87 30.20 39.52
CA ILE C 1865 -0.33 31.00 39.73
C ILE C 1865 -1.43 30.10 40.25
N LEU C 1866 -2.23 30.61 41.19
CA LEU C 1866 -3.29 29.83 41.80
C LEU C 1866 -4.33 29.40 40.77
N GLY C 1867 -4.88 28.21 40.96
CA GLY C 1867 -5.90 27.67 40.09
C GLY C 1867 -6.85 26.75 40.82
N PRO C 1868 -7.99 26.44 40.19
CA PRO C 1868 -8.99 25.59 40.83
C PRO C 1868 -8.45 24.20 41.19
N HIS C 1869 -7.50 23.72 40.39
CA HIS C 1869 -6.92 22.40 40.66
C HIS C 1869 -6.16 22.41 41.98
N HIS C 1870 -5.51 23.52 42.31
CA HIS C 1870 -4.80 23.62 43.58
C HIS C 1870 -5.74 23.50 44.77
N LEU C 1871 -6.95 24.07 44.65
CA LEU C 1871 -7.82 24.21 45.82
C LEU C 1871 -8.24 22.88 46.39
N ASP C 1872 -8.18 21.80 45.61
CA ASP C 1872 -8.52 20.49 46.15
C ASP C 1872 -7.48 20.02 47.16
N GLU C 1873 -6.24 20.48 47.03
CA GLU C 1873 -5.22 20.15 48.04
C GLU C 1873 -5.59 20.72 49.39
N TYR C 1874 -6.26 21.86 49.42
CA TYR C 1874 -6.71 22.46 50.68
C TYR C 1874 -7.73 21.56 51.37
N VAL C 1875 -8.57 20.87 50.59
CA VAL C 1875 -9.65 20.09 51.16
C VAL C 1875 -9.11 18.89 51.93
N ARG C 1876 -8.19 18.13 51.33
CA ARG C 1876 -7.69 16.94 52.00
C ARG C 1876 -6.91 17.29 53.26
N VAL C 1877 -6.15 18.38 53.24
CA VAL C 1877 -5.41 18.80 54.42
C VAL C 1877 -6.37 19.20 55.53
N TRP C 1878 -7.41 19.95 55.19
CA TRP C 1878 -8.40 20.36 56.18
C TRP C 1878 -9.13 19.16 56.76
N ALA C 1879 -9.26 18.09 55.98
CA ALA C 1879 -9.95 16.89 56.47
C ALA C 1879 -9.16 16.22 57.60
N GLU C 1880 -7.83 16.31 57.55
CA GLU C 1880 -7.01 15.62 58.55
C GLU C 1880 -6.83 16.47 59.80
N TYR C 1881 -6.53 17.76 59.64
CA TYR C 1881 -6.36 18.62 60.79
C TYR C 1881 -7.66 18.78 61.57
N ASP C 1882 -8.80 18.67 60.87
CA ASP C 1882 -10.12 18.54 61.47
C ASP C 1882 -10.62 17.14 61.15
N PRO C 1883 -10.17 16.12 61.88
CA PRO C 1883 -10.54 14.74 61.49
C PRO C 1883 -12.03 14.49 61.51
N ALA C 1884 -12.78 15.12 62.40
CA ALA C 1884 -14.22 14.90 62.45
C ALA C 1884 -14.97 15.72 61.41
N ALA C 1885 -14.31 16.65 60.72
CA ALA C 1885 -14.97 17.58 59.81
C ALA C 1885 -16.09 18.33 60.53
N TRP C 1886 -15.74 18.92 61.68
CA TRP C 1886 -16.70 19.74 62.41
C TRP C 1886 -17.13 20.94 61.58
N GLY C 1887 -16.24 21.43 60.71
CA GLY C 1887 -16.40 22.70 60.06
C GLY C 1887 -15.76 23.85 60.81
N ARG C 1888 -15.25 23.60 62.01
CA ARG C 1888 -14.57 24.61 62.81
C ARG C 1888 -13.21 24.05 63.22
N MET C 1889 -12.16 24.83 63.03
CA MET C 1889 -10.81 24.40 63.39
C MET C 1889 -10.10 25.51 64.15
N PRO C 1890 -9.64 25.23 65.37
CA PRO C 1890 -8.90 26.26 66.13
C PRO C 1890 -7.65 26.71 65.39
N TYR C 1891 -7.29 27.99 65.58
CA TYR C 1891 -6.31 28.62 64.71
C TYR C 1891 -4.90 28.09 64.90
N LEU C 1892 -4.61 27.41 66.02
CA LEU C 1892 -3.27 26.87 66.20
C LEU C 1892 -2.98 25.79 65.16
N ASP C 1893 -4.02 25.09 64.71
CA ASP C 1893 -3.86 24.14 63.62
C ASP C 1893 -3.70 24.86 62.29
N MET C 1894 -4.27 26.06 62.16
CA MET C 1894 -4.28 26.76 60.88
C MET C 1894 -2.89 27.17 60.43
N TYR C 1895 -2.07 27.71 61.34
CA TYR C 1895 -0.74 28.13 60.92
C TYR C 1895 0.08 26.94 60.46
N GLN C 1896 -0.04 25.81 61.16
CA GLN C 1896 0.65 24.60 60.74
C GLN C 1896 0.13 24.11 59.39
N MET C 1897 -1.16 24.32 59.12
CA MET C 1897 -1.74 23.97 57.82
C MET C 1897 -1.09 24.77 56.69
N LEU C 1898 -0.92 26.07 56.90
CA LEU C 1898 -0.33 26.91 55.86
C LEU C 1898 1.13 26.55 55.61
N ARG C 1899 1.85 26.14 56.66
CA ARG C 1899 3.22 25.69 56.49
C ARG C 1899 3.29 24.44 55.62
N HIS C 1900 2.33 23.52 55.81
CA HIS C 1900 2.39 22.23 55.12
C HIS C 1900 2.21 22.37 53.62
N MET C 1901 1.30 23.24 53.19
CA MET C 1901 0.98 23.39 51.79
C MET C 1901 1.90 24.39 51.11
N SER C 1902 2.32 24.07 49.89
CA SER C 1902 3.23 24.89 49.13
C SER C 1902 2.50 26.12 48.57
N PRO C 1903 3.23 27.16 48.21
CA PRO C 1903 2.60 28.30 47.55
C PRO C 1903 2.02 27.87 46.22
N PRO C 1904 1.04 28.63 45.69
CA PRO C 1904 0.52 29.88 46.26
C PRO C 1904 -0.64 29.67 47.23
N LEU C 1905 -1.10 28.43 47.39
CA LEU C 1905 -2.22 28.17 48.29
C LEU C 1905 -1.78 28.25 49.74
N GLY C 1906 -0.58 27.72 50.06
CA GLY C 1906 -0.09 27.70 51.41
C GLY C 1906 1.21 28.48 51.53
N LEU C 1907 1.67 28.61 52.77
CA LEU C 1907 2.90 29.35 53.03
C LEU C 1907 4.13 28.64 52.47
N GLY C 1908 4.17 27.32 52.61
CA GLY C 1908 5.36 26.59 52.21
C GLY C 1908 6.34 26.43 53.36
N LYS C 1909 7.18 25.39 53.25
CA LYS C 1909 8.09 25.07 54.34
C LYS C 1909 9.16 26.14 54.51
N LYS C 1910 9.70 26.67 53.41
CA LYS C 1910 10.84 27.57 53.46
C LYS C 1910 10.43 29.04 53.49
N CYS C 1911 9.15 29.35 53.69
CA CYS C 1911 8.73 30.73 53.72
C CYS C 1911 9.34 31.45 54.93
N PRO C 1912 9.74 32.70 54.79
CA PRO C 1912 10.16 33.48 55.96
C PRO C 1912 9.00 33.61 56.93
N ALA C 1913 9.32 33.55 58.23
CA ALA C 1913 8.28 33.63 59.25
C ALA C 1913 7.59 34.99 59.22
N ARG C 1914 8.37 36.06 59.09
CA ARG C 1914 7.79 37.41 59.04
C ARG C 1914 7.01 37.63 57.75
N VAL C 1915 7.52 37.12 56.63
CA VAL C 1915 6.78 37.20 55.38
C VAL C 1915 5.51 36.36 55.47
N ALA C 1916 5.60 35.20 56.11
CA ALA C 1916 4.40 34.38 56.35
C ALA C 1916 3.38 35.13 57.17
N TYR C 1917 3.84 35.92 58.15
CA TYR C 1917 2.92 36.73 58.95
C TYR C 1917 2.27 37.82 58.09
N LYS C 1918 2.97 38.30 57.07
CA LYS C 1918 2.41 39.33 56.21
C LYS C 1918 1.16 38.83 55.49
N ARG C 1919 1.21 37.61 54.96
CA ARG C 1919 0.04 37.04 54.32
C ARG C 1919 -1.07 36.80 55.34
N LEU C 1920 -0.71 36.47 56.57
CA LEU C 1920 -1.70 36.26 57.61
C LEU C 1920 -2.50 37.52 57.88
N LEU C 1921 -1.83 38.68 57.90
CA LEU C 1921 -2.57 39.94 57.99
C LEU C 1921 -3.38 40.18 56.73
N ARG C 1922 -2.88 39.75 55.58
CA ARG C 1922 -3.61 39.94 54.32
C ARG C 1922 -4.95 39.22 54.35
N MET C 1923 -5.07 38.20 55.21
CA MET C 1923 -6.33 37.47 55.31
C MET C 1923 -7.46 38.37 55.82
N ASP C 1924 -7.20 39.13 56.88
CA ASP C 1924 -8.13 40.16 57.37
C ASP C 1924 -9.54 39.60 57.59
N LEU C 1925 -9.61 38.49 58.31
CA LEU C 1925 -10.89 37.84 58.59
C LEU C 1925 -11.13 37.82 60.09
N PRO C 1926 -12.39 37.99 60.52
CA PRO C 1926 -12.67 37.95 61.97
C PRO C 1926 -12.27 36.63 62.59
N VAL C 1927 -11.78 36.70 63.83
CA VAL C 1927 -11.33 35.54 64.57
C VAL C 1927 -12.42 35.12 65.55
N ALA C 1928 -12.83 33.85 65.50
CA ALA C 1928 -13.78 33.34 66.47
C ALA C 1928 -13.13 33.18 67.83
N ASP C 1929 -13.90 33.48 68.88
CA ASP C 1929 -13.38 33.40 70.24
C ASP C 1929 -13.14 31.97 70.70
N ASP C 1930 -13.70 30.98 70.00
CA ASP C 1930 -13.40 29.58 70.26
C ASP C 1930 -12.10 29.13 69.61
N ASN C 1931 -11.30 30.06 69.11
CA ASN C 1931 -10.05 29.88 68.37
C ASN C 1931 -10.31 29.38 66.95
N THR C 1932 -11.54 29.06 66.59
CA THR C 1932 -11.81 28.40 65.32
C THR C 1932 -11.80 29.39 64.16
N VAL C 1933 -11.52 28.85 62.97
CA VAL C 1933 -11.63 29.59 61.71
C VAL C 1933 -12.59 28.82 60.81
N HIS C 1934 -13.54 29.53 60.21
CA HIS C 1934 -14.52 28.86 59.37
C HIS C 1934 -13.86 28.26 58.13
N PHE C 1935 -14.37 27.10 57.71
CA PHE C 1935 -13.81 26.43 56.54
C PHE C 1935 -13.99 27.27 55.28
N ASN C 1936 -15.22 27.73 55.04
CA ASN C 1936 -15.48 28.49 53.82
C ASN C 1936 -14.83 29.87 53.87
N SER C 1937 -14.89 30.53 55.03
CA SER C 1937 -14.32 31.87 55.14
C SER C 1937 -12.80 31.86 54.96
N THR C 1938 -12.13 30.86 55.54
CA THR C 1938 -10.67 30.78 55.44
C THR C 1938 -10.22 30.49 54.02
N LEU C 1939 -10.90 29.59 53.31
CA LEU C 1939 -10.51 29.25 51.95
C LEU C 1939 -10.61 30.47 51.04
N MET C 1940 -11.55 31.37 51.34
CA MET C 1940 -11.74 32.55 50.52
C MET C 1940 -10.51 33.45 50.52
N ALA C 1941 -9.99 33.76 51.71
CA ALA C 1941 -8.92 34.74 51.82
C ALA C 1941 -7.62 34.23 51.24
N LEU C 1942 -7.37 32.92 51.36
CA LEU C 1942 -6.17 32.35 50.78
C LEU C 1942 -6.13 32.55 49.27
N ILE C 1943 -7.28 32.37 48.62
CA ILE C 1943 -7.39 32.67 47.19
C ILE C 1943 -7.17 34.16 46.94
N ARG C 1944 -7.79 35.01 47.76
CA ARG C 1944 -7.68 36.45 47.55
C ARG C 1944 -6.25 36.93 47.71
N THR C 1945 -5.54 36.40 48.70
CA THR C 1945 -4.15 36.80 48.93
C THR C 1945 -3.25 36.40 47.76
N ALA C 1946 -3.43 35.19 47.24
CA ALA C 1946 -2.55 34.70 46.19
C ALA C 1946 -2.81 35.39 44.86
N LEU C 1947 -4.08 35.56 44.50
CA LEU C 1947 -4.45 36.11 43.20
C LEU C 1947 -4.57 37.63 43.21
N ASP C 1948 -4.38 38.27 44.36
CA ASP C 1948 -4.43 39.73 44.48
C ASP C 1948 -5.75 40.29 43.94
N ILE C 1949 -6.85 39.67 44.34
CA ILE C 1949 -8.17 40.05 43.85
C ILE C 1949 -8.64 41.28 44.61
N LYS C 1950 -8.35 42.46 44.06
CA LYS C 1950 -8.73 43.74 44.66
C LYS C 1950 -8.31 43.82 46.12
N ILE C 1951 -7.08 43.40 46.41
CA ILE C 1951 -6.55 43.55 47.75
C ILE C 1951 -6.38 45.02 48.06
N ALA C 1952 -7.05 45.48 49.10
CA ALA C 1952 -7.07 46.91 49.42
C ALA C 1952 -5.74 47.35 50.02
N LYS C 1953 -5.43 48.64 49.82
CA LYS C 1953 -4.27 49.23 50.46
C LYS C 1953 -4.43 49.37 51.97
N GLY C 1954 -5.65 49.22 52.48
CA GLY C 1954 -5.93 49.34 53.89
C GLY C 1954 -6.80 50.54 54.20
N GLY C 1955 -7.20 50.62 55.47
CA GLY C 1955 -8.00 51.74 55.92
C GLY C 1955 -9.38 51.75 55.29
N ALA C 1956 -9.76 52.91 54.75
CA ALA C 1956 -11.10 53.06 54.16
C ALA C 1956 -11.29 52.15 52.96
N ASP C 1957 -10.19 51.79 52.29
CA ASP C 1957 -10.30 50.92 51.12
C ASP C 1957 -10.88 49.56 51.49
N LYS C 1958 -10.42 48.99 52.61
CA LYS C 1958 -10.96 47.70 53.04
C LYS C 1958 -12.46 47.79 53.32
N GLN C 1959 -12.91 48.94 53.82
CA GLN C 1959 -14.34 49.16 54.03
C GLN C 1959 -15.12 49.14 52.72
N GLN C 1960 -14.49 49.54 51.62
CA GLN C 1960 -15.16 49.65 50.33
C GLN C 1960 -15.05 48.38 49.49
N MET C 1961 -13.89 47.73 49.46
CA MET C 1961 -13.74 46.50 48.70
C MET C 1961 -14.66 45.39 49.19
N ASP C 1962 -14.82 45.24 50.51
CA ASP C 1962 -15.77 44.27 51.02
C ASP C 1962 -17.18 44.59 50.56
N ALA C 1963 -17.55 45.88 50.57
CA ALA C 1963 -18.82 46.29 49.97
C ALA C 1963 -18.82 46.04 48.47
N GLU C 1964 -17.69 46.30 47.82
CA GLU C 1964 -17.61 46.10 46.37
C GLU C 1964 -17.65 44.63 46.01
N LEU C 1965 -16.70 43.84 46.53
CA LEU C 1965 -16.58 42.44 46.13
C LEU C 1965 -17.88 41.68 46.34
N ARG C 1966 -18.54 41.90 47.49
CA ARG C 1966 -19.82 41.25 47.73
C ARG C 1966 -20.84 41.60 46.66
N LYS C 1967 -20.72 42.80 46.07
CA LYS C 1967 -21.65 43.17 45.00
C LYS C 1967 -21.30 42.47 43.69
N GLU C 1968 -20.01 42.30 43.39
CA GLU C 1968 -19.63 41.52 42.22
C GLU C 1968 -20.15 40.10 42.30
N MET C 1969 -19.90 39.42 43.42
CA MET C 1969 -20.39 38.05 43.57
C MET C 1969 -21.92 38.02 43.53
N MET C 1970 -22.56 39.04 44.11
CA MET C 1970 -24.00 39.19 43.96
C MET C 1970 -24.36 39.44 42.49
N ALA C 1971 -23.59 40.28 41.81
CA ALA C 1971 -23.86 40.54 40.40
C ALA C 1971 -23.66 39.29 39.55
N ILE C 1972 -22.59 38.54 39.84
CA ILE C 1972 -22.32 37.33 39.07
C ILE C 1972 -23.42 36.31 39.30
N TRP C 1973 -23.76 36.04 40.57
CA TRP C 1973 -24.83 35.11 40.89
C TRP C 1973 -25.69 35.70 41.99
N PRO C 1974 -26.97 35.91 41.73
CA PRO C 1974 -27.90 36.27 42.82
C PRO C 1974 -28.49 35.02 43.46
N ASN C 1975 -28.15 33.86 42.91
CA ASN C 1975 -28.71 32.61 43.41
C ASN C 1975 -28.12 32.25 44.77
N LEU C 1976 -26.87 32.65 45.02
CA LEU C 1976 -26.23 32.35 46.29
C LEU C 1976 -26.98 32.98 47.45
N SER C 1977 -27.15 32.21 48.53
CA SER C 1977 -27.84 32.69 49.71
C SER C 1977 -27.10 33.86 50.33
N GLN C 1978 -27.84 34.88 50.75
CA GLN C 1978 -27.24 36.05 51.36
C GLN C 1978 -26.51 35.71 52.65
N LYS C 1979 -27.13 34.86 53.49
CA LYS C 1979 -26.46 34.42 54.70
C LYS C 1979 -25.20 33.64 54.38
N THR C 1980 -25.28 32.74 53.39
CA THR C 1980 -24.09 32.02 52.95
C THR C 1980 -23.09 32.97 52.32
N LEU C 1981 -23.57 33.97 51.59
CA LEU C 1981 -22.66 34.99 51.03
C LEU C 1981 -21.93 35.73 52.14
N ASP C 1982 -22.65 36.10 53.20
CA ASP C 1982 -22.00 36.70 54.35
C ASP C 1982 -21.15 35.70 55.11
N LEU C 1983 -21.42 34.40 54.93
CA LEU C 1983 -20.60 33.38 55.57
C LEU C 1983 -19.22 33.32 54.92
N LEU C 1984 -19.17 33.31 53.59
CA LEU C 1984 -17.88 33.30 52.90
C LEU C 1984 -17.11 34.59 53.16
N VAL C 1985 -17.77 35.74 52.99
CA VAL C 1985 -17.19 37.04 53.26
C VAL C 1985 -18.02 37.68 54.37
N THR C 1986 -17.44 37.79 55.55
CA THR C 1986 -18.19 38.36 56.67
C THR C 1986 -18.44 39.85 56.42
N PRO C 1987 -19.61 40.34 56.81
CA PRO C 1987 -19.83 41.79 56.82
C PRO C 1987 -18.83 42.47 57.74
N HIS C 1988 -18.35 43.64 57.32
CA HIS C 1988 -17.24 44.27 58.02
C HIS C 1988 -17.64 44.61 59.45
N LYS C 1989 -16.85 44.12 60.40
CA LYS C 1989 -17.06 44.39 61.82
C LYS C 1989 -15.71 44.71 62.44
N SER C 1990 -15.46 46.00 62.66
CA SER C 1990 -14.20 46.41 63.28
C SER C 1990 -14.09 45.89 64.71
N THR C 1991 -15.22 45.58 65.35
CA THR C 1991 -15.19 45.01 66.69
C THR C 1991 -14.50 43.65 66.70
N ASP C 1992 -14.79 42.81 65.71
CA ASP C 1992 -14.17 41.50 65.63
C ASP C 1992 -12.72 41.64 65.18
N LEU C 1993 -11.81 41.04 65.95
CA LEU C 1993 -10.40 41.10 65.62
C LEU C 1993 -10.11 40.28 64.37
N THR C 1994 -9.28 40.85 63.49
CA THR C 1994 -8.95 40.18 62.24
C THR C 1994 -7.98 39.02 62.49
N VAL C 1995 -7.87 38.14 61.49
CA VAL C 1995 -6.88 37.07 61.56
C VAL C 1995 -5.48 37.66 61.70
N GLY C 1996 -5.25 38.81 61.07
CA GLY C 1996 -3.98 39.47 61.24
C GLY C 1996 -3.69 39.86 62.67
N LYS C 1997 -4.74 40.28 63.40
CA LYS C 1997 -4.54 40.87 64.72
C LYS C 1997 -3.84 39.90 65.68
N ILE C 1998 -4.28 38.64 65.71
CA ILE C 1998 -3.61 37.66 66.56
C ILE C 1998 -2.18 37.45 66.09
N TYR C 1999 -1.98 37.35 64.78
CA TYR C 1999 -0.64 37.16 64.25
C TYR C 1999 0.17 38.45 64.28
N ALA C 2000 -0.50 39.60 64.18
CA ALA C 2000 0.20 40.87 64.31
C ALA C 2000 0.80 41.02 65.70
N ALA C 2001 0.23 40.32 66.69
CA ALA C 2001 0.80 40.34 68.03
C ALA C 2001 2.23 39.80 68.03
N MET C 2002 2.48 38.76 67.23
CA MET C 2002 3.83 38.19 67.17
C MET C 2002 4.74 39.01 66.26
N MET C 2003 4.32 39.24 65.01
CA MET C 2003 5.25 39.74 63.99
C MET C 2003 5.75 41.14 64.34
N ILE C 2004 4.84 42.03 64.77
CA ILE C 2004 5.26 43.39 65.10
C ILE C 2004 6.11 43.39 66.36
N MET C 2005 5.75 42.58 67.35
CA MET C 2005 6.53 42.52 68.57
C MET C 2005 7.83 41.77 68.37
N GLU C 2006 7.83 40.71 67.54
CA GLU C 2006 9.06 39.94 67.34
C GLU C 2006 10.13 40.78 66.64
N TYR C 2007 9.70 41.69 65.76
CA TYR C 2007 10.64 42.68 65.24
C TYR C 2007 11.14 43.58 66.35
N TYR C 2008 10.25 43.97 67.26
CA TYR C 2008 10.67 44.73 68.43
C TYR C 2008 11.35 43.85 69.47
N ARG C 2009 10.95 42.58 69.57
CA ARG C 2009 11.53 41.69 70.57
C ARG C 2009 13.02 41.48 70.32
N GLN C 2010 13.41 41.24 69.06
CA GLN C 2010 14.82 41.21 68.73
C GLN C 2010 15.46 42.57 68.98
N SER C 2011 14.75 43.64 68.65
CA SER C 2011 15.22 44.98 68.97
C SER C 2011 15.22 45.22 70.47
N LYS C 2012 14.27 44.61 71.20
CA LYS C 2012 14.21 44.78 72.65
C LYS C 2012 15.49 44.29 73.32
N ALA C 2013 16.00 43.13 72.89
CA ALA C 2013 17.29 42.67 73.36
C ALA C 2013 18.39 43.64 72.94
N LYS C 2014 18.33 44.13 71.69
CA LYS C 2014 19.30 45.11 71.24
C LYS C 2014 19.08 46.47 71.89
N LYS C 2015 17.83 46.81 72.21
CA LYS C 2015 17.57 48.08 72.90
C LYS C 2015 18.27 48.12 74.27
N LEU C 2016 18.12 47.05 75.05
CA LEU C 2016 18.83 46.98 76.32
C LEU C 2016 20.33 46.91 76.11
N GLN C 2017 20.76 46.25 75.03
CA GLN C 2017 22.17 46.22 74.68
C GLN C 2017 22.69 47.62 74.36
N ALA C 2018 21.92 48.40 73.59
CA ALA C 2018 22.44 49.66 73.05
C ALA C 2018 22.99 50.55 74.14
N MET C 2019 22.30 50.64 75.28
CA MET C 2019 22.85 51.34 76.42
C MET C 2019 23.90 50.51 77.15
N ARG C 2020 23.81 49.18 77.08
CA ARG C 2020 24.61 48.35 77.98
C ARG C 2020 26.10 48.43 77.68
N GLU C 2021 26.51 48.24 76.42
CA GLU C 2021 27.91 48.46 76.09
C GLU C 2021 28.28 49.94 76.18
N GLU C 2022 27.32 50.83 75.93
CA GLU C 2022 27.56 52.25 76.17
C GLU C 2022 27.79 52.51 77.65
N GLN C 2023 27.02 51.84 78.52
CA GLN C 2023 27.23 52.00 79.95
C GLN C 2023 28.59 51.49 80.38
N ASP C 2024 29.01 50.32 79.85
CA ASP C 2024 30.33 49.80 80.16
C ASP C 2024 31.43 50.71 79.62
N ARG C 2025 31.24 51.23 78.41
CA ARG C 2025 32.23 52.08 77.76
C ARG C 2025 32.33 53.44 78.47
C1 NAG D . -4.80 -14.69 -49.80
C2 NAG D . -5.12 -15.87 -50.70
C3 NAG D . -5.48 -15.37 -52.09
C4 NAG D . -6.54 -14.28 -52.04
C5 NAG D . -6.25 -13.24 -50.95
C6 NAG D . -7.45 -12.36 -50.67
C7 NAG D . -4.16 -18.13 -50.84
C8 NAG D . -2.89 -18.92 -50.91
N2 NAG D . -4.00 -16.80 -50.75
O3 NAG D . -5.96 -16.46 -52.87
O4 NAG D . -6.49 -13.59 -53.30
O5 NAG D . -5.92 -13.86 -49.70
O6 NAG D . -8.59 -13.14 -50.35
O7 NAG D . -5.26 -18.65 -50.86
C1 NAG D . -7.73 -13.56 -54.02
C2 NAG D . -7.52 -12.56 -55.17
C3 NAG D . -8.75 -12.50 -56.08
C4 NAG D . -9.18 -13.90 -56.51
C5 NAG D . -9.33 -14.79 -55.29
C6 NAG D . -9.66 -16.23 -55.64
C7 NAG D . -7.73 -10.34 -53.96
C8 NAG D . -9.11 -10.71 -53.45
N2 NAG D . -7.08 -11.24 -54.73
O3 NAG D . -8.43 -11.72 -57.22
O4 NAG D . -10.43 -13.82 -57.19
O5 NAG D . -8.11 -14.83 -54.53
O6 NAG D . -10.67 -16.76 -54.80
O7 NAG D . -7.22 -9.27 -53.68
C1 NAG D . -10.27 -14.04 -58.61
C2 NAG D . -11.56 -13.58 -59.30
C3 NAG D . -11.31 -12.31 -60.11
C4 NAG D . -10.22 -12.51 -61.16
C5 NAG D . -9.10 -13.38 -60.58
C6 NAG D . -7.72 -12.93 -61.01
C7 NAG D . -12.87 -15.62 -59.67
C8 NAG D . -13.35 -16.61 -60.69
N2 NAG D . -12.11 -14.63 -60.15
O3 NAG D . -10.97 -11.24 -59.24
O4 NAG D . -10.75 -13.13 -62.32
O5 NAG D . -9.15 -13.33 -59.16
O6 NAG D . -7.28 -13.62 -62.16
O7 NAG D . -13.17 -15.70 -58.48
C1 NAG E . 40.89 -38.09 -21.20
C2 NAG E . 42.01 -38.68 -22.03
C3 NAG E . 43.37 -38.12 -21.62
C4 NAG E . 43.33 -36.60 -21.51
C5 NAG E . 42.11 -36.13 -20.73
C6 NAG E . 41.93 -34.63 -20.74
C7 NAG E . 42.59 -40.93 -22.85
C8 NAG E . 42.50 -42.40 -22.58
N2 NAG E . 42.01 -40.13 -21.94
O3 NAG E . 44.31 -38.50 -22.61
O4 NAG E . 44.49 -36.05 -20.88
O5 NAG E . 40.92 -36.69 -21.29
O6 NAG E . 40.56 -34.27 -20.77
O7 NAG E . 43.16 -40.48 -23.84
C1 NAG E . 45.42 -37.00 -20.29
C2 NAG E . 46.77 -36.31 -20.25
C3 NAG E . 47.59 -36.77 -19.04
C4 NAG E . 47.32 -38.23 -18.70
C5 NAG E . 45.82 -38.52 -18.53
C6 NAG E . 45.44 -38.77 -17.10
C7 NAG E . 47.66 -35.63 -22.44
C8 NAG E . 47.00 -34.30 -22.19
N2 NAG E . 47.51 -36.54 -21.49
O3 NAG E . 47.26 -35.94 -17.92
O4 NAG E . 47.84 -39.07 -19.73
O5 NAG E . 45.05 -37.39 -18.98
O6 NAG E . 46.52 -39.31 -16.35
O7 NAG E . 48.28 -35.86 -23.47
C1 NAG F . 9.73 -14.69 -45.55
C2 NAG F . 8.77 -14.29 -44.45
C3 NAG F . 8.00 -13.03 -44.85
C4 NAG F . 8.94 -11.93 -45.30
C5 NAG F . 9.94 -12.45 -46.32
C6 NAG F . 11.02 -11.45 -46.67
C7 NAG F . 7.20 -15.46 -42.97
C8 NAG F . 6.27 -16.63 -42.82
N2 NAG F . 7.85 -15.36 -44.13
O3 NAG F . 7.22 -12.58 -43.74
O4 NAG F . 8.18 -10.90 -45.92
O5 NAG F . 10.61 -13.62 -45.83
O6 NAG F . 12.31 -11.99 -46.42
O7 NAG F . 7.36 -14.65 -42.07
C1 NAG F . 8.18 -9.68 -45.16
C2 NAG F . 7.81 -8.57 -46.13
C3 NAG F . 7.71 -7.22 -45.40
C4 NAG F . 6.86 -7.33 -44.13
C5 NAG F . 7.28 -8.54 -43.31
C6 NAG F . 6.38 -8.81 -42.13
C7 NAG F . 8.44 -8.58 -48.51
C8 NAG F . 9.56 -8.46 -49.49
N2 NAG F . 8.77 -8.48 -47.22
O3 NAG F . 7.12 -6.32 -46.33
O4 NAG F . 7.06 -6.21 -43.28
O5 NAG F . 7.26 -9.73 -44.12
O6 NAG F . 7.12 -8.91 -40.93
O7 NAG F . 7.28 -8.77 -48.86
C1 NAG F . 6.80 -4.89 -43.83
C2 NAG F . 5.29 -4.55 -43.76
C3 NAG F . 4.86 -4.11 -42.35
C4 NAG F . 5.81 -3.09 -41.73
C5 NAG F . 6.89 -2.70 -42.73
C6 NAG F . 7.93 -1.76 -42.15
C7 NAG F . 4.00 -3.78 -45.71
C8 NAG F . 3.74 -2.64 -46.65
N2 NAG F . 4.91 -3.55 -44.76
O3 NAG F . 4.78 -5.25 -41.51
O4 NAG F . 5.09 -1.94 -41.31
O5 NAG F . 7.59 -3.88 -43.13
O6 NAG F . 8.43 -2.26 -40.92
O7 NAG F . 3.40 -4.85 -45.80
C1 NAG F . 5.21 -1.79 -39.88
C2 NAG F . 4.01 -2.47 -39.20
C3 NAG F . 4.46 -3.65 -38.33
C4 NAG F . 5.56 -3.24 -37.34
C5 NAG F . 6.54 -2.27 -37.99
C6 NAG F . 7.98 -2.58 -37.65
C7 NAG F . 2.27 -0.75 -38.92
C8 NAG F . 1.59 0.16 -37.97
N2 NAG F . 3.24 -1.52 -38.41
O3 NAG F . 4.94 -4.70 -39.15
O4 NAG F . 4.97 -2.61 -36.20
O5 NAG F . 6.41 -2.36 -39.41
O6 NAG F . 8.87 -1.80 -38.45
O7 NAG F . 1.98 -0.80 -40.11
C1 NAG G . 20.98 -52.07 -50.47
C2 NAG G . 19.96 -53.21 -50.64
C3 NAG G . 20.69 -54.55 -50.75
C4 NAG G . 21.81 -54.52 -51.78
C5 NAG G . 22.71 -53.30 -51.57
C6 NAG G . 23.70 -53.07 -52.70
C7 NAG G . 17.89 -53.95 -49.53
C8 NAG G . 17.05 -53.85 -48.29
N2 NAG G . 19.02 -53.23 -49.54
O3 NAG G . 19.76 -55.58 -51.10
O4 NAG G . 22.60 -55.69 -51.63
O5 NAG G . 21.91 -52.11 -51.52
O6 NAG G . 23.69 -51.72 -53.13
O7 NAG G . 17.55 -54.64 -50.49
C1 NAG G . 22.90 -56.39 -52.86
C2 NAG G . 24.35 -56.87 -52.78
C3 NAG G . 24.71 -57.65 -54.05
C4 NAG G . 23.72 -58.77 -54.27
C5 NAG G . 22.29 -58.23 -54.29
C6 NAG G . 21.25 -59.32 -54.40
C7 NAG G . 25.94 -55.55 -51.46
C8 NAG G . 25.73 -56.55 -50.36
N2 NAG G . 25.26 -55.76 -52.59
O3 NAG G . 26.03 -58.18 -53.91
O4 NAG G . 23.99 -59.41 -55.52
O5 NAG G . 22.03 -57.52 -53.07
O6 NAG G . 19.97 -58.84 -54.01
O7 NAG G . 26.71 -54.59 -51.33
C1 NAG H . 21.29 -65.07 -16.59
C2 NAG H . 22.24 -64.75 -15.46
C3 NAG H . 23.61 -65.34 -15.78
C4 NAG H . 23.48 -66.83 -16.08
C5 NAG H . 22.32 -67.14 -17.02
C6 NAG H . 21.98 -68.62 -17.08
C7 NAG H . 22.74 -62.41 -16.12
C8 NAG H . 22.76 -60.99 -15.66
N2 NAG H . 22.34 -63.31 -15.22
O3 NAG H . 24.48 -65.14 -14.67
O4 NAG H . 24.67 -67.26 -16.72
O5 NAG H . 21.11 -66.47 -16.65
O6 NAG H . 22.31 -69.26 -15.85
O7 NAG H . 23.08 -62.73 -17.26
C1 NAG H . 25.38 -68.25 -15.95
C2 NAG H . 26.62 -68.66 -16.74
C3 NAG H . 27.45 -69.66 -15.96
C4 NAG H . 27.75 -69.14 -14.56
C5 NAG H . 26.45 -68.70 -13.87
C6 NAG H . 26.69 -68.05 -12.53
C7 NAG H . 26.70 -68.72 -19.20
C8 NAG H . 26.22 -69.41 -20.44
N2 NAG H . 26.25 -69.21 -18.04
O3 NAG H . 28.67 -69.91 -16.65
O4 NAG H . 28.36 -70.17 -13.78
O5 NAG H . 25.77 -67.74 -14.69
O6 NAG H . 25.48 -67.53 -11.99
O7 NAG H . 27.48 -67.76 -19.24
CA CA I . 24.76 -12.34 -8.07
C1 NAG J . 3.54 -47.21 -52.72
C2 NAG J . 2.85 -48.50 -52.27
C3 NAG J . 2.25 -49.22 -53.48
C4 NAG J . 1.31 -48.29 -54.24
C5 NAG J . 2.05 -47.01 -54.62
C6 NAG J . 1.16 -45.98 -55.27
C7 NAG J . 3.73 -49.60 -50.27
C8 NAG J . 2.63 -48.90 -49.52
N2 NAG J . 3.78 -49.38 -51.58
O3 NAG J . 1.54 -50.37 -53.04
O4 NAG J . 0.83 -48.92 -55.40
O5 NAG J . 2.60 -46.39 -53.44
O6 NAG J . 1.12 -44.78 -54.51
O7 NAG J . 4.53 -50.35 -49.70
C1 CLR K . -0.71 10.92 9.14
C2 CLR K . 0.04 10.81 10.46
C3 CLR K . 0.63 12.14 10.92
C4 CLR K . 0.24 13.24 9.96
C5 CLR K . -1.21 13.18 9.65
C6 CLR K . -1.86 14.35 9.61
C7 CLR K . -2.89 14.53 8.54
C8 CLR K . -3.66 13.23 8.49
C9 CLR K . -2.81 12.03 8.17
C10 CLR K . -1.87 11.86 9.36
C11 CLR K . -3.73 10.81 7.98
C12 CLR K . -5.19 10.98 7.52
C13 CLR K . -5.79 12.36 7.75
C14 CLR K . -4.68 13.30 7.42
C15 CLR K . -5.29 14.66 7.28
C16 CLR K . -6.56 14.30 6.55
C17 CLR K . -6.87 12.83 6.79
C18 CLR K . -6.25 12.54 9.18
C19 CLR K . -2.72 11.32 10.51
C20 CLR K . -8.30 12.70 7.30
C21 CLR K . -8.99 11.47 6.75
C22 CLR K . -9.10 13.96 6.95
C23 CLR K . -10.05 13.85 5.75
C24 CLR K . -9.49 14.58 4.54
C25 CLR K . -10.33 15.75 4.07
C26 CLR K . -11.48 16.03 5.01
C27 CLR K . -9.47 16.98 3.90
O1 CLR K . 0.10 12.54 12.17
O12 PT5 L . 4.04 39.62 -0.75
P1 PT5 L . 3.33 39.59 0.57
O13 PT5 L . 1.81 39.20 0.31
O11 PT5 L . 3.92 38.76 1.68
O6 PT5 L . 1.11 41.94 -1.04
O1 PT5 L . 3.13 41.07 1.14
C1 PT5 L . 3.12 42.12 0.20
C6 PT5 L . 1.71 42.66 0.03
C2 PT5 L . 4.13 43.16 0.67
O2 PT5 L . 3.86 43.49 2.04
C3 PT5 L . 4.12 44.41 -0.21
O3 PT5 L . 4.33 45.57 0.61
C4 PT5 L . 2.85 44.62 -1.06
O4 PT5 L . 2.96 43.97 -2.33
P4 PT5 L . 3.82 44.58 -3.53
O41 PT5 L . 4.17 45.98 -3.11
O42 PT5 L . 4.98 43.60 -3.65
O43 PT5 L . 2.85 44.53 -4.69
C5 PT5 L . 1.60 44.12 -0.36
O5 PT5 L . 1.34 44.88 0.81
P5 PT5 L . 0.05 45.82 0.95
O52 PT5 L . -0.15 45.94 2.43
O51 PT5 L . 0.47 47.09 0.27
O53 PT5 L . -1.02 45.06 0.21
C7 PT5 L . 1.51 37.86 0.01
C8 PT5 L . 0.94 37.83 -1.39
C9 PT5 L . 1.57 36.70 -2.20
O16 PT5 L . -0.47 37.70 -1.38
C10 PT5 L . -1.15 36.87 -0.41
O17 PT5 L . -1.45 37.27 0.69
O18 PT5 L . 1.52 36.98 -3.60
C11 PT5 L . 0.83 36.12 -4.55
O19 PT5 L . 0.37 36.63 -5.55
C12 PT5 L . -1.62 35.51 -0.79
C13 PT5 L . -2.99 35.34 -0.17
C14 PT5 L . -3.00 33.99 0.48
C15 PT5 L . -1.74 33.30 0.09
C16 PT5 L . -1.31 32.33 0.88
C17 PT5 L . -2.10 32.00 2.10
C18 PT5 L . -1.41 30.84 2.74
C19 PT5 L . -0.41 30.28 2.09
C20 PT5 L . 0.26 29.13 2.77
C21 PT5 L . 0.89 28.23 1.75
C22 PT5 L . 2.21 28.15 1.74
C23 PT5 L . 2.85 27.23 0.75
C24 PT5 L . 2.30 25.87 1.09
C31 PT5 L . 0.70 34.64 -4.29
C32 PT5 L . 2.06 33.93 -4.41
C33 PT5 L . 2.09 32.72 -3.46
C34 PT5 L . 2.69 33.07 -2.12
C35 PT5 L . 2.02 32.31 -1.00
C36 PT5 L . 2.95 31.28 -0.37
C37 PT5 L . 4.14 31.97 0.30
C38 PT5 L . 4.34 31.49 1.73
C39 PT5 L . 5.80 31.16 2.02
C40 PT5 L . 6.00 29.67 2.13
C25 PT5 L . 3.11 24.91 1.53
C26 PT5 L . 4.58 25.16 1.71
C27 PT5 L . 4.96 24.86 3.14
C28 PT5 L . 5.28 23.39 3.35
C29 PT5 L . 5.67 23.16 4.80
C30 PT5 L . 5.86 24.50 5.47
C41 PT5 L . 5.83 29.19 3.56
C42 PT5 L . 6.95 28.26 3.98
CA CA M . -5.36 6.49 7.92
C1 NAG N . -25.02 -30.19 1.19
C2 NAG N . -25.69 -31.33 0.45
C3 NAG N . -27.20 -31.22 0.56
C4 NAG N . -27.60 -31.15 2.03
C5 NAG N . -26.85 -30.03 2.74
C6 NAG N . -27.10 -30.01 4.23
C7 NAG N . -24.71 -32.45 -1.52
C8 NAG N . -24.36 -32.32 -2.96
N2 NAG N . -25.29 -31.37 -0.96
O3 NAG N . -27.81 -32.35 -0.05
O4 NAG N . -29.00 -30.92 2.15
O5 NAG N . -25.43 -30.19 2.55
O6 NAG N . -28.20 -30.82 4.59
O7 NAG N . -24.50 -33.47 -0.88
CAA Y01 O . 11.01 16.33 3.39
CBA Y01 O . 10.27 15.02 3.53
CAB Y01 O . 9.65 14.90 4.91
CAN Y01 O . 11.18 13.82 3.22
CAJ Y01 O . 10.83 13.02 2.00
CAO Y01 O . 11.96 12.18 1.49
CBB Y01 O . 12.42 12.48 0.06
CAC Y01 O . 13.59 13.46 0.06
CBE Y01 O . 12.72 11.17 -0.69
CAP Y01 O . 11.58 10.13 -0.47
CAQ Y01 O . 11.41 9.36 -1.79
CBG Y01 O . 12.68 9.70 -2.57
CBI Y01 O . 12.94 11.18 -2.23
CAE Y01 O . 11.94 12.11 -2.91
CAU Y01 O . 14.37 11.47 -2.72
CAS Y01 O . 14.52 11.17 -4.22
CBF Y01 O . 14.12 9.74 -4.61
CBD Y01 O . 12.75 9.37 -4.05
CAK Y01 O . 12.51 7.87 -4.26
CAI Y01 O . 12.85 7.44 -5.66
CAZ Y01 O . 13.65 8.11 -6.46
CAV Y01 O . 14.09 7.52 -7.79
CBH Y01 O . 14.21 9.49 -6.14
CAD Y01 O . 13.42 10.54 -6.93
CAT Y01 O . 15.69 9.50 -6.58
CAR Y01 O . 16.28 8.09 -6.77
CBC Y01 O . 15.58 7.33 -7.85
OAW Y01 O . 16.03 7.85 -9.15
CAY Y01 O . 16.28 6.97 -10.11
OAG Y01 O . 16.18 7.22 -11.28
CAM Y01 O . 16.70 5.64 -9.56
CAL Y01 O . 16.46 4.45 -10.46
CAX Y01 O . 15.83 3.26 -9.76
OAH Y01 O . 15.41 2.31 -10.47
OAF Y01 O . 15.76 3.27 -8.52
C1 CLR P . 8.17 15.43 -13.11
C2 CLR P . 8.93 14.36 -13.88
C3 CLR P . 10.41 14.64 -13.84
C4 CLR P . 10.86 14.61 -12.38
C5 CLR P . 10.11 15.63 -11.55
C6 CLR P . 10.78 16.49 -10.79
C7 CLR P . 10.16 17.56 -9.95
C8 CLR P . 8.65 17.40 -9.79
C9 CLR P . 8.03 16.96 -11.12
C10 CLR P . 8.60 15.61 -11.64
C11 CLR P . 6.50 16.96 -11.05
C12 CLR P . 5.94 18.31 -10.56
C13 CLR P . 6.50 18.71 -9.21
C14 CLR P . 8.04 18.71 -9.37
C15 CLR P . 8.53 19.38 -8.09
C16 CLR P . 7.47 20.47 -7.82
C17 CLR P . 6.29 20.19 -8.78
C18 CLR P . 6.03 17.76 -8.10
C19 CLR P . 8.08 14.43 -10.79
C20 CLR P . 4.96 20.62 -8.14
C21 CLR P . 3.78 20.61 -9.11
C22 CLR P . 5.12 22.01 -7.52
C23 CLR P . 3.95 22.95 -7.73
C24 CLR P . 3.06 23.08 -6.53
C25 CLR P . 3.05 24.44 -5.85
C26 CLR P . 3.75 24.40 -4.50
C27 CLR P . 3.67 25.51 -6.73
O1 CLR P . 11.12 13.67 -14.60
C1 CLR Q . 2.55 -17.98 27.06
C2 CLR Q . 2.72 -19.38 26.46
C3 CLR Q . 3.85 -19.43 25.45
C4 CLR Q . 5.13 -18.94 26.10
C5 CLR Q . 4.97 -17.59 26.75
C6 CLR Q . 5.80 -16.60 26.46
C7 CLR Q . 5.84 -15.28 27.16
C8 CLR Q . 4.95 -15.25 28.40
C9 CLR Q . 3.62 -15.96 28.10
C10 CLR Q . 3.83 -17.44 27.74
C11 CLR Q . 2.60 -15.77 29.24
C12 CLR Q . 2.47 -14.31 29.72
C13 CLR Q . 3.82 -13.72 30.10
C14 CLR Q . 4.69 -13.83 28.84
C15 CLR Q . 5.86 -12.91 29.11
C16 CLR Q . 5.16 -11.68 29.70
C17 CLR Q . 3.86 -12.19 30.39
C18 CLR Q . 4.43 -14.48 31.29
C19 CLR Q . 4.15 -18.29 28.98
C20 CLR Q . 3.76 -11.70 31.83
C21 CLR Q . 2.34 -11.40 32.27
C22 CLR Q . 4.67 -10.48 32.03
C23 CLR Q . 4.05 -9.33 32.76
C24 CLR Q . 4.55 -9.20 34.16
C25 CLR Q . 5.30 -7.90 34.48
C26 CLR Q . 4.38 -6.91 35.20
C27 CLR Q . 6.54 -8.17 35.30
O1 CLR Q . 4.03 -20.77 24.99
CAA Y01 R . -11.41 27.21 -13.00
CBA Y01 R . -12.52 26.25 -13.35
CAB Y01 R . -13.87 26.86 -13.00
CAN Y01 R . -12.47 25.86 -14.82
CAJ Y01 R . -13.67 25.12 -15.35
CAO Y01 R . -13.72 23.69 -14.92
CBB Y01 R . -12.88 22.73 -15.77
CAC Y01 R . -11.54 22.45 -15.10
CBE Y01 R . -13.67 21.44 -16.04
CAP Y01 R . -15.19 21.59 -15.74
CAQ Y01 R . -15.89 20.48 -16.53
CBG Y01 R . -14.78 19.76 -17.28
CBI Y01 R . -13.69 20.83 -17.47
CAE Y01 R . -14.09 21.91 -18.49
CAU Y01 R . -12.43 20.09 -17.92
CAS Y01 R . -12.70 19.38 -19.25
CBF Y01 R . -13.88 18.40 -19.19
CBD Y01 R . -15.13 18.99 -18.54
CAK Y01 R . -16.10 17.86 -18.23
CAI Y01 R . -16.11 16.80 -19.30
CAZ Y01 R . -15.40 16.84 -20.41
CAV Y01 R . -15.71 15.95 -21.59
CBH Y01 R . -14.23 17.80 -20.59
CAD Y01 R . -14.66 18.90 -21.57
CAT Y01 R . -13.02 17.03 -21.15
CAR Y01 R . -13.36 16.18 -22.38
CBC Y01 R . -14.49 15.23 -22.10
OAW Y01 R . -14.87 14.60 -23.37
CAY Y01 R . -15.06 13.29 -23.40
OAG Y01 R . -15.29 12.62 -22.43
CAM Y01 R . -14.96 12.75 -24.80
CAL Y01 R . -14.58 13.74 -25.86
CAX Y01 R . -14.68 13.21 -27.29
OAH Y01 R . -14.97 14.02 -28.20
OAF Y01 R . -14.46 12.01 -27.49
CAA Y01 S . -30.88 4.01 17.21
CBA Y01 S . -32.25 4.67 17.09
CAB Y01 S . -32.32 5.53 15.84
CAN Y01 S . -33.35 3.62 17.10
CAJ Y01 S . -32.99 2.32 16.45
CAO Y01 S . -33.69 2.11 15.15
CBB Y01 S . -33.31 0.82 14.42
CAC Y01 S . -31.85 0.50 14.66
CBE Y01 S . -34.25 -0.32 14.85
CAP Y01 S . -35.63 0.21 15.32
CAQ Y01 S . -36.67 -0.89 15.03
CBG Y01 S . -35.84 -2.06 14.52
CBI Y01 S . -34.63 -1.41 13.82
CAE Y01 S . -35.03 -0.76 12.49
CAU Y01 S . -33.61 -2.53 13.59
CAS Y01 S . -34.21 -3.68 12.79
CBF Y01 S . -35.50 -4.25 13.40
CBD Y01 S . -36.53 -3.14 13.70
CAK Y01 S . -37.70 -3.72 14.48
CAI Y01 S . -38.12 -5.07 13.99
CAZ Y01 S . -37.47 -5.79 13.08
CAV Y01 S . -38.05 -7.08 12.54
CBH Y01 S . -36.10 -5.39 12.54
CAD Y01 S . -36.27 -4.98 11.07
CAT Y01 S . -35.16 -6.61 12.64
CAR Y01 S . -35.77 -7.89 12.07
CBC Y01 S . -37.09 -8.23 12.71
OAW Y01 S . -37.69 -9.40 12.09
CAY Y01 S . -37.21 -9.86 10.93
OAG Y01 S . -36.28 -10.62 10.85
CAM Y01 S . -37.99 -9.36 9.75
CAL Y01 S . -39.47 -9.67 9.79
CAX Y01 S . -39.88 -10.88 8.97
OAH Y01 S . -41.03 -10.89 8.48
OAF Y01 S . -39.06 -11.80 8.82
C1 CLR T . -43.50 -8.47 12.27
C2 CLR T . -43.64 -9.80 11.53
C3 CLR T . -44.60 -9.71 10.36
C4 CLR T . -44.01 -8.71 9.38
C5 CLR T . -43.91 -7.40 10.10
C6 CLR T . -44.57 -6.36 9.60
C7 CLR T . -44.92 -5.17 10.44
C8 CLR T . -43.69 -4.86 11.23
C9 CLR T . -43.35 -6.02 12.14
C10 CLR T . -43.09 -7.31 11.37
C11 CLR T . -42.14 -5.66 13.00
C12 CLR T . -42.27 -4.34 13.75
C13 CLR T . -42.72 -3.22 12.83
C14 CLR T . -43.95 -3.68 12.13
C15 CLR T . -44.49 -2.45 11.43
C16 CLR T . -44.19 -1.36 12.46
C17 CLR T . -43.22 -1.94 13.47
C18 CLR T . -41.62 -2.86 11.85
C19 CLR T . -41.62 -7.41 11.01
C20 CLR T . -42.15 -0.91 13.74
C21 CLR T . -41.74 -0.89 15.20
C22 CLR T . -42.72 0.44 13.39
C23 CLR T . -42.15 1.46 14.33
C24 CLR T . -42.29 2.84 13.71
C25 CLR T . -42.72 3.78 14.81
C26 CLR T . -44.14 4.26 14.57
C27 CLR T . -42.58 3.12 16.17
O1 CLR T . -44.73 -10.99 9.72
C1 CLR U . -26.01 8.90 -13.57
C2 CLR U . -26.54 7.68 -14.30
C3 CLR U . -27.35 6.80 -13.37
C4 CLR U . -28.55 7.60 -12.90
C5 CLR U . -28.14 8.87 -12.19
C6 CLR U . -28.70 9.19 -11.03
C7 CLR U . -28.29 10.33 -10.16
C8 CLR U . -27.39 11.33 -10.85
C9 CLR U . -26.39 10.61 -11.77
C10 CLR U . -27.09 9.76 -12.87
C11 CLR U . -25.34 11.58 -12.34
C12 CLR U . -24.65 12.44 -11.27
C13 CLR U . -25.66 13.20 -10.42
C14 CLR U . -26.62 12.15 -9.83
C15 CLR U . -27.39 12.91 -8.76
C16 CLR U . -26.28 13.76 -8.10
C17 CLR U . -25.12 13.87 -9.12
C18 CLR U . -26.41 14.24 -11.27
C19 CLR U . -27.80 10.66 -13.90
C20 CLR U . -24.56 15.30 -9.20
C21 CLR U . -23.16 15.42 -8.62
C22 CLR U . -25.53 16.28 -8.49
C23 CLR U . -25.02 16.90 -7.22
C24 CLR U . -26.14 17.46 -6.38
C25 CLR U . -26.52 16.66 -5.15
C26 CLR U . -26.72 17.55 -3.94
C27 CLR U . -27.77 15.83 -5.40
O1 CLR U . -27.77 5.62 -14.04
P 3PE V . -27.85 -7.23 11.88
N 3PE V . -27.71 -9.90 9.93
O11 3PE V . -27.52 -7.60 13.40
O12 3PE V . -28.44 -5.85 11.80
O13 3PE V . -28.97 -8.29 11.44
O14 3PE V . -26.60 -7.54 11.11
C11 3PE V . -29.05 -9.61 11.98
C12 3PE V . -28.22 -10.58 11.14
C1 3PE V . -26.24 -8.14 13.72
C2 3PE V . -25.59 -7.16 14.65
C3 3PE V . -24.43 -6.56 13.90
O31 3PE V . -24.68 -5.18 13.67
O32 3PE V . -22.74 -4.96 12.54
C31 3PE V . -23.56 -4.41 13.22
C32 3PE V . -23.40 -2.96 13.62
C33 3PE V . -24.12 -2.79 14.93
C34 3PE V . -24.24 -1.32 15.24
C35 3PE V . -23.03 -0.61 14.68
C36 3PE V . -22.96 0.76 15.32
C37 3PE V . -21.89 1.59 14.65
C38 3PE V . -21.68 2.83 15.49
C39 3PE V . -21.67 4.07 14.64
C3A 3PE V . -21.09 5.21 15.45
C3B 3PE V . -21.83 6.47 15.07
C3C 3PE V . -21.89 7.48 16.19
C3D 3PE V . -23.35 7.82 16.46
C3E 3PE V . -24.26 7.08 15.48
C3F 3PE V . -25.62 6.74 16.07
C3G 3PE V . -26.70 6.82 15.00
C3H 3PE V . -28.09 6.70 15.59
C3I 3PE V . -28.21 5.42 16.39
O21 3PE V . -26.56 -6.15 14.86
O22 3PE V . -27.32 -7.06 16.83
C21 3PE V . -26.94 -6.07 16.24
C22 3PE V . -26.85 -4.73 16.93
C23 3PE V . -28.19 -4.42 17.56
C24 3PE V . -28.03 -3.19 18.45
C25 3PE V . -26.97 -2.27 17.87
C26 3PE V . -27.06 -0.90 18.54
C27 3PE V . -27.97 -0.99 19.76
CA CA W . -5.98 2.87 6.53
#